data_3Q09
#
_entry.id   3Q09
#
_cell.length_a   122.704
_cell.length_b   202.850
_cell.length_c   247.103
_cell.angle_alpha   90.00
_cell.angle_beta   90.00
_cell.angle_gamma   90.00
#
_symmetry.space_group_name_H-M   'P 21 21 21'
#
loop_
_entity.id
_entity.type
_entity.pdbx_description
1 polymer 'Chlorite dismutase'
2 non-polymer 'PROTOPORPHYRIN IX CONTAINING FE'
3 non-polymer 'NITRITE ION'
4 non-polymer 'CALCIUM ION'
5 water water
#
_entity_poly.entity_id   1
_entity_poly.type   'polypeptide(L)'
_entity_poly.pdbx_seq_one_letter_code
;MQPMQSMKIERGTILTQPGVFGVFTMFKLRPDWNKVPVAERKGAAEEVKKLIEKHKDNVLVDLYLTRGLETNSDFFFRIN
AYDLAKAQTFMREFRSTTVGKNADVFETLVGVTKPLNYISKDKSPGLNAGLSSATYSGPAPRYVIVIPVKKNAEWWNMSP
EERLKEMEVHTTPTLAYLVNVKRKLYHSTGLDDTDFITYFETDDLTAFNNLMLSLAQVKENKFHVRWGSPTTLGTIHSPE
DVIKALAD
;
_entity_poly.pdbx_strand_id   A,B,C,D,E,F,G,H,I,J,K,L,M,N,O,P,Q,R,S,T
#
loop_
_chem_comp.id
_chem_comp.type
_chem_comp.name
_chem_comp.formula
CA non-polymer 'CALCIUM ION' 'Ca 2'
HEM non-polymer 'PROTOPORPHYRIN IX CONTAINING FE' 'C34 H32 Fe N4 O4'
NO2 non-polymer 'NITRITE ION' 'N O2 -1'
#
# COMPACT_ATOMS: atom_id res chain seq x y z
N LYS A 8 48.87 -24.03 57.90
CA LYS A 8 49.94 -24.59 57.01
C LYS A 8 49.40 -24.93 55.60
N ILE A 9 50.18 -24.49 54.58
CA ILE A 9 49.76 -24.44 53.16
C ILE A 9 50.82 -25.07 52.25
N GLU A 10 50.58 -26.30 51.82
CA GLU A 10 51.45 -26.95 50.86
C GLU A 10 50.84 -26.71 49.52
N ARG A 11 51.67 -26.30 48.57
CA ARG A 11 51.25 -26.03 47.19
C ARG A 11 50.37 -27.14 46.63
N GLY A 12 50.86 -28.38 46.68
CA GLY A 12 50.16 -29.53 46.12
C GLY A 12 48.82 -29.88 46.73
N THR A 13 48.63 -29.53 47.99
CA THR A 13 47.34 -29.72 48.64
C THR A 13 46.31 -28.67 48.20
N ILE A 14 46.64 -27.40 48.40
CA ILE A 14 45.68 -26.36 48.15
C ILE A 14 45.21 -26.26 46.68
N LEU A 15 46.05 -26.69 45.73
CA LEU A 15 45.68 -26.61 44.32
C LEU A 15 44.77 -27.78 43.95
N THR A 16 44.60 -28.67 44.91
CA THR A 16 43.85 -29.89 44.69
C THR A 16 42.45 -29.92 45.35
N GLN A 17 42.24 -29.03 46.32
CA GLN A 17 41.12 -29.13 47.24
C GLN A 17 39.98 -28.19 46.93
N PRO A 18 38.74 -28.59 47.33
CA PRO A 18 37.59 -27.74 47.16
C PRO A 18 37.50 -26.69 48.25
N GLY A 19 36.76 -25.62 48.00
CA GLY A 19 36.61 -24.59 49.00
C GLY A 19 37.77 -23.60 49.03
N VAL A 20 38.59 -23.59 47.96
CA VAL A 20 39.75 -22.70 47.90
C VAL A 20 39.46 -21.45 47.04
N PHE A 21 39.79 -20.29 47.58
CA PHE A 21 39.51 -19.05 46.87
C PHE A 21 40.62 -18.73 45.91
N GLY A 22 40.25 -18.41 44.67
CA GLY A 22 41.17 -17.86 43.70
C GLY A 22 40.97 -16.37 43.55
N VAL A 23 42.07 -15.63 43.59
CA VAL A 23 41.99 -14.21 43.30
C VAL A 23 42.99 -13.80 42.23
N PHE A 24 42.52 -13.66 40.99
CA PHE A 24 43.37 -13.25 39.87
C PHE A 24 43.35 -11.74 39.79
N THR A 25 44.52 -11.13 39.75
CA THR A 25 44.60 -9.68 39.67
C THR A 25 45.69 -9.29 38.67
N MET A 26 45.21 -8.69 37.57
CA MET A 26 46.03 -8.18 36.47
C MET A 26 46.37 -6.71 36.71
N PHE A 27 47.67 -6.44 36.90
CA PHE A 27 48.22 -5.09 37.18
C PHE A 27 48.92 -4.41 35.99
N LYS A 28 48.81 -3.09 35.86
CA LYS A 28 49.51 -2.37 34.77
C LYS A 28 50.37 -1.23 35.29
N LEU A 29 51.66 -1.29 35.04
CA LEU A 29 52.61 -0.29 35.59
C LEU A 29 52.40 1.06 34.97
N ARG A 30 52.49 2.10 35.77
CA ARG A 30 52.28 3.41 35.24
C ARG A 30 53.56 3.94 34.64
N PRO A 31 53.45 4.95 33.76
CA PRO A 31 54.69 5.45 33.18
C PRO A 31 55.71 5.81 34.24
N ASP A 32 55.27 6.48 35.33
CA ASP A 32 56.18 7.07 36.33
C ASP A 32 57.07 6.05 37.09
N TRP A 33 56.89 4.79 36.75
CA TRP A 33 57.81 3.70 37.10
C TRP A 33 59.14 3.76 36.37
N ASN A 34 59.21 4.28 35.15
CA ASN A 34 60.51 4.34 34.45
C ASN A 34 61.33 5.46 35.01
N LYS A 35 60.80 6.12 36.04
CA LYS A 35 61.46 7.25 36.67
C LYS A 35 61.72 7.09 38.16
N VAL A 36 61.27 5.95 38.71
CA VAL A 36 61.80 5.40 39.94
C VAL A 36 63.24 4.95 39.58
N PRO A 37 64.26 5.33 40.37
CA PRO A 37 65.61 4.99 39.96
C PRO A 37 65.94 3.49 39.91
N VAL A 38 66.57 3.08 38.83
CA VAL A 38 67.18 1.77 38.73
C VAL A 38 68.00 1.62 40.00
N ALA A 39 67.66 0.66 40.84
CA ALA A 39 68.31 0.49 42.16
C ALA A 39 67.19 0.34 43.14
N GLU A 40 66.27 1.29 43.12
CA GLU A 40 65.00 1.19 43.81
C GLU A 40 64.13 0.17 43.08
N ARG A 41 64.17 0.21 41.75
CA ARG A 41 63.43 -0.72 40.93
C ARG A 41 63.94 -2.14 41.04
N LYS A 42 65.25 -2.32 41.13
CA LYS A 42 65.85 -3.68 41.20
C LYS A 42 65.68 -4.31 42.59
N GLY A 43 65.47 -3.46 43.61
CA GLY A 43 65.19 -3.91 44.96
C GLY A 43 63.71 -4.21 45.17
N ALA A 44 62.91 -3.92 44.16
CA ALA A 44 61.50 -4.29 44.11
C ALA A 44 61.29 -5.79 44.11
N ALA A 45 62.20 -6.54 43.50
CA ALA A 45 62.03 -7.98 43.43
C ALA A 45 62.19 -8.68 44.77
N GLU A 46 63.21 -8.34 45.54
CA GLU A 46 63.33 -8.87 46.91
C GLU A 46 62.15 -8.49 47.87
N GLU A 47 61.53 -7.34 47.64
CA GLU A 47 60.50 -6.85 48.52
C GLU A 47 59.32 -7.77 48.36
N VAL A 48 59.02 -8.14 47.10
CA VAL A 48 57.92 -9.06 46.81
C VAL A 48 58.22 -10.43 47.44
N LYS A 49 59.44 -10.91 47.18
CA LYS A 49 59.88 -12.20 47.59
C LYS A 49 59.72 -12.32 49.10
N LYS A 50 59.96 -11.21 49.80
CA LYS A 50 59.88 -11.18 51.26
C LYS A 50 58.45 -11.12 51.76
N LEU A 51 57.56 -10.58 50.93
CA LEU A 51 56.15 -10.49 51.26
C LEU A 51 55.51 -11.85 51.11
N ILE A 52 55.94 -12.57 50.08
CA ILE A 52 55.42 -13.93 49.91
C ILE A 52 55.80 -14.81 51.09
N GLU A 53 57.09 -14.76 51.52
CA GLU A 53 57.56 -15.53 52.69
C GLU A 53 56.79 -15.11 53.95
N LYS A 54 56.52 -13.81 54.07
CA LYS A 54 55.75 -13.30 55.18
C LYS A 54 54.38 -13.94 55.15
N HIS A 55 53.74 -14.03 54.01
CA HIS A 55 52.46 -14.65 54.01
C HIS A 55 52.44 -16.16 53.71
N LYS A 56 53.58 -16.83 53.92
CA LYS A 56 53.79 -18.31 53.73
C LYS A 56 52.57 -19.12 54.09
N ASP A 57 51.96 -18.79 55.22
CA ASP A 57 50.92 -19.61 55.83
C ASP A 57 49.53 -19.09 55.67
N ASN A 58 49.39 -18.02 54.90
CA ASN A 58 48.09 -17.43 54.70
C ASN A 58 47.60 -17.69 53.30
N VAL A 59 48.49 -17.59 52.32
CA VAL A 59 48.12 -17.66 50.91
C VAL A 59 49.17 -18.40 50.05
N LEU A 60 48.80 -18.81 48.86
CA LEU A 60 49.79 -19.31 47.93
C LEU A 60 49.81 -18.32 46.78
N VAL A 61 51.03 -17.91 46.42
CA VAL A 61 51.20 -16.81 45.47
C VAL A 61 51.83 -17.32 44.20
N ASP A 62 51.31 -16.83 43.08
CA ASP A 62 51.82 -17.12 41.76
C ASP A 62 51.91 -15.78 41.07
N LEU A 63 52.96 -15.57 40.29
CA LEU A 63 53.06 -14.29 39.59
C LEU A 63 53.52 -14.58 38.16
N TYR A 64 52.90 -13.90 37.17
CA TYR A 64 53.14 -14.20 35.74
C TYR A 64 53.49 -12.94 34.98
N LEU A 65 54.37 -13.04 33.99
CA LEU A 65 54.76 -11.86 33.22
C LEU A 65 53.84 -11.75 32.00
N THR A 66 53.21 -10.59 31.80
CA THR A 66 52.35 -10.35 30.61
C THR A 66 52.76 -9.16 29.73
N ARG A 67 53.69 -8.34 30.23
CA ARG A 67 54.27 -7.23 29.46
C ARG A 67 54.83 -7.70 28.12
N GLY A 68 54.52 -6.95 27.08
CA GLY A 68 54.94 -7.35 25.77
C GLY A 68 53.94 -8.28 25.14
N LEU A 69 53.01 -8.83 25.93
CA LEU A 69 52.04 -9.80 25.39
C LEU A 69 50.57 -9.41 25.58
N GLU A 70 50.33 -8.42 26.44
CA GLU A 70 48.97 -8.00 26.81
C GLU A 70 48.83 -6.48 26.92
N THR A 71 47.78 -5.91 26.33
CA THR A 71 47.51 -4.45 26.44
C THR A 71 47.26 -3.92 27.85
N ASN A 72 46.43 -4.62 28.62
CA ASN A 72 46.01 -4.16 29.92
C ASN A 72 46.61 -4.93 31.10
N SER A 73 47.80 -5.53 30.93
CA SER A 73 48.60 -5.94 32.09
C SER A 73 50.06 -6.03 31.73
N ASP A 74 50.93 -5.77 32.71
CA ASP A 74 52.36 -6.04 32.55
C ASP A 74 52.62 -7.31 33.29
N PHE A 75 51.81 -7.61 34.28
CA PHE A 75 51.96 -8.81 35.13
C PHE A 75 50.65 -9.12 35.85
N PHE A 76 50.47 -10.34 36.33
CA PHE A 76 49.29 -10.62 37.13
C PHE A 76 49.56 -11.68 38.17
N PHE A 77 48.81 -11.63 39.29
CA PHE A 77 48.95 -12.61 40.37
C PHE A 77 47.87 -13.67 40.31
N ARG A 78 48.20 -14.87 40.79
CA ARG A 78 47.15 -15.80 41.23
C ARG A 78 47.39 -16.19 42.69
N ILE A 79 46.40 -15.88 43.50
CA ILE A 79 46.46 -16.14 44.92
C ILE A 79 45.44 -17.22 45.24
N ASN A 80 45.88 -18.22 45.98
CA ASN A 80 44.95 -19.21 46.47
C ASN A 80 44.89 -19.12 47.98
N ALA A 81 43.68 -19.12 48.52
CA ALA A 81 43.53 -19.05 49.96
C ALA A 81 42.38 -19.90 50.48
N TYR A 82 42.48 -20.28 51.74
CA TYR A 82 41.34 -20.85 52.42
C TYR A 82 40.36 -19.73 52.91
N ASP A 83 40.82 -18.47 52.90
CA ASP A 83 40.09 -17.33 53.42
C ASP A 83 40.14 -16.17 52.46
N LEU A 84 39.02 -15.80 51.84
CA LEU A 84 39.11 -14.70 50.89
C LEU A 84 39.72 -13.47 51.59
N ALA A 85 39.34 -13.25 52.86
CA ALA A 85 39.88 -12.12 53.64
C ALA A 85 41.42 -12.03 53.66
N LYS A 86 42.07 -13.18 53.61
CA LYS A 86 43.51 -13.30 53.64
C LYS A 86 44.09 -13.06 52.27
N ALA A 87 43.38 -13.49 51.21
CA ALA A 87 43.75 -13.04 49.86
C ALA A 87 43.75 -11.52 49.82
N GLN A 88 42.65 -10.89 50.29
CA GLN A 88 42.53 -9.44 50.31
C GLN A 88 43.75 -8.80 50.99
N THR A 89 44.08 -9.27 52.20
CA THR A 89 45.17 -8.70 52.95
C THR A 89 46.44 -8.81 52.14
N PHE A 90 46.81 -10.01 51.71
CA PHE A 90 47.99 -10.08 50.90
C PHE A 90 47.94 -9.04 49.77
N MET A 91 46.82 -8.92 49.07
CA MET A 91 46.77 -8.12 47.86
C MET A 91 46.97 -6.65 48.24
N ARG A 92 46.32 -6.29 49.34
CA ARG A 92 46.34 -4.96 49.86
C ARG A 92 47.79 -4.61 50.18
N GLU A 93 48.53 -5.56 50.75
CA GLU A 93 49.94 -5.35 51.14
C GLU A 93 50.89 -5.35 49.96
N PHE A 94 50.52 -6.08 48.90
CA PHE A 94 51.32 -6.01 47.67
C PHE A 94 51.20 -4.64 47.04
N ARG A 95 50.00 -4.10 47.07
CA ARG A 95 49.79 -2.75 46.55
C ARG A 95 50.50 -1.67 47.38
N SER A 96 51.03 -2.02 48.54
CA SER A 96 51.85 -1.05 49.29
C SER A 96 53.36 -1.14 49.02
N THR A 97 53.69 -2.01 48.09
CA THR A 97 55.02 -2.41 47.77
C THR A 97 55.60 -1.40 46.78
N THR A 98 56.91 -1.36 46.57
CA THR A 98 57.44 -0.34 45.66
C THR A 98 56.76 -0.47 44.28
N VAL A 99 56.68 -1.71 43.80
CA VAL A 99 56.08 -2.03 42.52
C VAL A 99 54.59 -1.74 42.60
N GLY A 100 53.97 -2.14 43.72
CA GLY A 100 52.55 -1.93 43.95
C GLY A 100 52.16 -0.46 43.89
N LYS A 101 53.04 0.41 44.38
CA LYS A 101 52.81 1.87 44.34
C LYS A 101 52.88 2.50 42.95
N ASN A 102 53.60 1.85 42.02
CA ASN A 102 53.61 2.28 40.61
C ASN A 102 52.83 1.40 39.64
N ALA A 103 51.87 0.62 40.13
CA ALA A 103 50.97 -0.04 39.20
C ALA A 103 49.49 0.10 39.53
N ASP A 104 48.67 0.22 38.48
CA ASP A 104 47.21 0.26 38.58
C ASP A 104 46.61 -1.13 38.34
N VAL A 105 45.62 -1.52 39.12
CA VAL A 105 44.81 -2.73 38.85
C VAL A 105 43.93 -2.54 37.61
N PHE A 106 43.90 -3.53 36.75
CA PHE A 106 43.06 -3.44 35.54
C PHE A 106 42.04 -4.57 35.38
N GLU A 107 42.27 -5.69 36.04
CA GLU A 107 41.27 -6.70 36.16
C GLU A 107 41.45 -7.45 37.45
N THR A 108 40.33 -7.75 38.09
CA THR A 108 40.29 -8.65 39.22
C THR A 108 39.18 -9.65 39.01
N LEU A 109 39.54 -10.91 39.21
CA LEU A 109 38.59 -12.01 39.19
C LEU A 109 38.58 -12.78 40.52
N VAL A 110 37.45 -12.81 41.21
CA VAL A 110 37.35 -13.69 42.41
C VAL A 110 36.62 -15.01 42.14
N GLY A 111 37.04 -16.08 42.78
CA GLY A 111 36.39 -17.36 42.54
C GLY A 111 36.66 -18.38 43.63
N VAL A 112 35.97 -19.51 43.56
CA VAL A 112 36.14 -20.51 44.59
C VAL A 112 36.03 -21.88 43.96
N THR A 113 36.89 -22.75 44.41
CA THR A 113 36.98 -24.12 43.98
C THR A 113 35.83 -24.93 44.51
N LYS A 114 35.33 -25.88 43.73
CA LYS A 114 34.21 -26.69 44.24
C LYS A 114 34.42 -28.15 43.86
N PRO A 115 33.60 -29.07 44.41
CA PRO A 115 33.65 -30.41 43.83
C PRO A 115 33.12 -30.46 42.40
N LEU A 116 33.33 -31.59 41.73
CA LEU A 116 32.88 -31.80 40.39
C LEU A 116 31.35 -31.76 40.33
N ASN A 117 30.81 -30.97 39.40
CA ASN A 117 29.38 -30.88 39.24
C ASN A 117 28.86 -31.93 38.27
N TYR A 118 29.67 -32.19 37.20
CA TYR A 118 29.20 -33.01 36.10
C TYR A 118 29.93 -34.31 35.87
N ILE A 119 31.24 -34.21 35.72
CA ILE A 119 32.06 -35.36 35.35
C ILE A 119 32.68 -35.98 36.59
N SER A 120 31.78 -36.44 37.45
CA SER A 120 32.14 -37.11 38.70
C SER A 120 32.06 -38.63 38.53
N LYS A 121 32.50 -39.35 39.57
CA LYS A 121 32.44 -40.79 39.53
C LYS A 121 30.96 -41.27 39.47
N ASP A 122 30.09 -40.59 40.22
CA ASP A 122 28.65 -40.94 40.26
C ASP A 122 27.93 -40.65 38.94
N LYS A 123 28.01 -39.42 38.47
CA LYS A 123 27.24 -38.94 37.32
C LYS A 123 27.80 -39.32 35.97
N SER A 124 29.13 -39.39 35.87
CA SER A 124 29.76 -39.71 34.59
C SER A 124 31.01 -40.60 34.75
N PRO A 125 30.83 -41.84 35.24
CA PRO A 125 31.94 -42.71 35.64
C PRO A 125 33.01 -42.91 34.56
N GLY A 126 32.58 -43.10 33.31
CA GLY A 126 33.46 -43.40 32.19
C GLY A 126 34.47 -42.28 31.93
N LEU A 127 33.95 -41.06 31.76
CA LEU A 127 34.79 -39.89 31.59
C LEU A 127 35.55 -39.48 32.85
N ASN A 128 34.96 -39.66 34.04
CA ASN A 128 35.65 -39.29 35.26
C ASN A 128 36.94 -40.08 35.45
N ALA A 129 36.88 -41.39 35.20
CA ALA A 129 38.05 -42.26 35.11
C ALA A 129 39.12 -41.63 34.24
N GLY A 130 38.75 -41.33 32.98
CA GLY A 130 39.64 -40.78 31.95
C GLY A 130 40.29 -39.47 32.38
N LEU A 131 39.49 -38.60 32.98
CA LEU A 131 40.01 -37.37 33.56
C LEU A 131 40.98 -37.65 34.70
N SER A 132 40.51 -38.27 35.77
CA SER A 132 41.36 -38.45 36.96
C SER A 132 42.69 -39.15 36.63
N SER A 133 42.66 -40.13 35.71
CA SER A 133 43.84 -40.97 35.40
C SER A 133 44.57 -40.52 34.12
N ALA A 134 45.07 -39.30 34.17
CA ALA A 134 45.79 -38.66 33.06
C ALA A 134 46.61 -37.50 33.62
N THR A 135 47.73 -37.30 32.97
CA THR A 135 48.85 -36.70 33.61
C THR A 135 49.59 -36.09 32.44
N TYR A 136 50.03 -34.87 32.67
CA TYR A 136 50.71 -34.02 31.73
C TYR A 136 52.10 -34.52 31.40
N SER A 137 52.47 -34.50 30.12
CA SER A 137 53.81 -34.97 29.73
C SER A 137 54.70 -33.92 29.06
N GLY A 138 56.01 -34.16 29.14
CA GLY A 138 57.00 -33.39 28.40
C GLY A 138 57.33 -32.03 29.01
N PRO A 139 57.95 -31.13 28.18
CA PRO A 139 58.64 -29.93 28.70
C PRO A 139 57.77 -29.08 29.64
N ALA A 140 58.41 -28.54 30.67
CA ALA A 140 57.73 -27.79 31.72
C ALA A 140 57.06 -26.57 31.10
N PRO A 141 55.79 -26.29 31.45
CA PRO A 141 55.04 -25.21 30.78
C PRO A 141 55.65 -23.82 30.89
N ARG A 142 55.89 -23.18 29.75
CA ARG A 142 56.30 -21.78 29.71
C ARG A 142 55.13 -20.76 29.75
N TYR A 143 53.96 -21.14 29.27
CA TYR A 143 52.89 -20.19 29.10
C TYR A 143 51.74 -20.42 30.04
N VAL A 144 51.10 -19.33 30.49
CA VAL A 144 49.88 -19.44 31.28
C VAL A 144 48.76 -18.77 30.51
N ILE A 145 47.54 -19.26 30.66
CA ILE A 145 46.38 -18.58 30.10
C ILE A 145 45.27 -18.58 31.15
N VAL A 146 44.59 -17.45 31.30
CA VAL A 146 43.52 -17.31 32.24
C VAL A 146 42.31 -16.74 31.49
N ILE A 147 41.15 -17.39 31.64
CA ILE A 147 39.99 -17.11 30.78
C ILE A 147 38.69 -17.11 31.55
N PRO A 148 38.10 -15.91 31.77
CA PRO A 148 36.88 -15.97 32.54
C PRO A 148 35.73 -16.31 31.61
N VAL A 149 34.81 -17.13 32.10
CA VAL A 149 33.67 -17.59 31.32
C VAL A 149 32.32 -17.35 31.99
N LYS A 150 31.31 -16.90 31.23
CA LYS A 150 29.95 -16.68 31.77
C LYS A 150 29.01 -17.23 30.74
N LYS A 151 28.07 -18.04 31.21
CA LYS A 151 27.05 -18.65 30.37
C LYS A 151 25.68 -17.94 30.59
N ASN A 152 24.76 -18.02 29.64
CA ASN A 152 23.57 -17.18 29.71
C ASN A 152 22.49 -17.85 30.52
N ALA A 153 21.41 -17.10 30.77
CA ALA A 153 20.24 -17.56 31.55
C ALA A 153 19.65 -18.84 30.97
N GLU A 154 19.79 -19.01 29.68
CA GLU A 154 19.29 -20.16 28.97
C GLU A 154 19.99 -21.46 29.29
N TRP A 155 21.32 -21.38 29.44
CA TRP A 155 22.13 -22.48 29.88
C TRP A 155 21.61 -22.82 31.26
N TRP A 156 21.57 -21.83 32.14
CA TRP A 156 21.26 -22.08 33.51
C TRP A 156 19.85 -22.62 33.76
N ASN A 157 18.95 -22.35 32.83
CA ASN A 157 17.59 -22.84 32.93
C ASN A 157 17.38 -24.18 32.27
N MET A 158 18.42 -24.76 31.71
CA MET A 158 18.36 -26.14 31.25
C MET A 158 18.48 -27.03 32.44
N SER A 159 17.98 -28.27 32.29
CA SER A 159 17.96 -29.22 33.37
C SER A 159 19.34 -29.75 33.64
N PRO A 160 19.55 -30.17 34.88
CA PRO A 160 20.79 -30.86 35.22
C PRO A 160 21.14 -31.97 34.19
N GLU A 161 20.15 -32.76 33.78
CA GLU A 161 20.35 -33.80 32.79
C GLU A 161 20.84 -33.16 31.46
N GLU A 162 20.19 -32.09 30.99
CA GLU A 162 20.56 -31.47 29.71
C GLU A 162 21.98 -30.88 29.80
N ARG A 163 22.28 -30.25 30.93
CA ARG A 163 23.59 -29.60 31.11
C ARG A 163 24.74 -30.60 31.20
N LEU A 164 24.47 -31.73 31.89
CA LEU A 164 25.42 -32.81 32.01
C LEU A 164 25.77 -33.36 30.66
N LYS A 165 24.76 -33.57 29.81
CA LYS A 165 25.01 -34.08 28.47
C LYS A 165 26.00 -33.13 27.78
N GLU A 166 25.81 -31.84 27.99
CA GLU A 166 26.60 -30.84 27.27
C GLU A 166 28.07 -30.73 27.70
N MET A 167 28.27 -30.98 29.00
CA MET A 167 29.57 -31.06 29.65
C MET A 167 30.24 -32.40 29.35
N GLU A 168 29.45 -33.45 29.09
CA GLU A 168 30.01 -34.70 28.58
C GLU A 168 30.56 -34.40 27.20
N VAL A 169 29.89 -33.52 26.47
CA VAL A 169 30.37 -33.10 25.16
C VAL A 169 31.67 -32.28 25.27
N HIS A 170 31.72 -31.32 26.18
CA HIS A 170 32.92 -30.53 26.48
C HIS A 170 34.12 -31.47 26.78
N THR A 171 33.88 -32.49 27.58
CA THR A 171 34.97 -33.28 28.12
C THR A 171 35.51 -34.29 27.10
N THR A 172 34.69 -34.67 26.14
CA THR A 172 35.10 -35.74 25.25
C THR A 172 36.33 -35.40 24.39
N PRO A 173 36.31 -34.26 23.69
CA PRO A 173 37.46 -33.88 22.83
C PRO A 173 38.65 -33.24 23.56
N THR A 174 38.49 -32.93 24.84
CA THR A 174 39.49 -32.22 25.64
C THR A 174 40.42 -33.11 26.46
N LEU A 175 39.94 -34.27 26.85
CA LEU A 175 40.75 -35.25 27.61
C LEU A 175 42.11 -35.47 27.01
N ALA A 176 42.13 -35.70 25.70
CA ALA A 176 43.37 -35.84 24.98
C ALA A 176 44.41 -34.76 25.29
N TYR A 177 43.98 -33.54 25.58
CA TYR A 177 44.90 -32.38 25.72
C TYR A 177 45.48 -32.24 27.11
N LEU A 178 45.08 -33.12 28.00
CA LEU A 178 45.69 -33.18 29.30
C LEU A 178 47.14 -33.64 29.28
N VAL A 179 47.61 -34.30 28.22
CA VAL A 179 49.06 -34.58 28.10
C VAL A 179 49.86 -33.32 27.83
N ASN A 180 49.14 -32.27 27.44
CA ASN A 180 49.68 -31.04 26.87
C ASN A 180 49.46 -29.82 27.71
N VAL A 181 48.33 -29.84 28.42
CA VAL A 181 47.74 -28.66 29.02
C VAL A 181 47.30 -29.00 30.44
N LYS A 182 47.61 -28.12 31.38
CA LYS A 182 47.16 -28.26 32.73
C LYS A 182 46.00 -27.33 32.92
N ARG A 183 45.02 -27.71 33.75
CA ARG A 183 43.81 -26.90 33.92
C ARG A 183 43.39 -26.68 35.38
N LYS A 184 42.68 -25.61 35.65
CA LYS A 184 42.06 -25.48 36.96
C LYS A 184 40.80 -24.65 36.80
N LEU A 185 39.77 -25.03 37.57
CA LEU A 185 38.45 -24.44 37.44
C LEU A 185 37.93 -23.79 38.72
N TYR A 186 37.81 -22.48 38.70
CA TYR A 186 37.27 -21.71 39.79
C TYR A 186 35.83 -21.34 39.45
N HIS A 187 34.98 -21.15 40.47
CA HIS A 187 33.57 -20.76 40.30
C HIS A 187 33.29 -19.38 40.83
N SER A 188 32.55 -18.57 40.06
CA SER A 188 32.35 -17.15 40.44
C SER A 188 30.96 -16.54 40.56
N THR A 189 29.93 -17.15 39.97
CA THR A 189 28.55 -16.63 39.98
C THR A 189 28.19 -16.02 41.33
N GLY A 190 27.90 -14.72 41.31
CA GLY A 190 27.46 -14.07 42.52
C GLY A 190 28.59 -13.54 43.36
N LEU A 191 29.81 -13.91 43.01
CA LEU A 191 30.97 -13.45 43.73
C LEU A 191 31.72 -12.44 42.91
N ASP A 192 31.59 -12.50 41.58
CA ASP A 192 32.19 -11.47 40.71
C ASP A 192 31.45 -11.55 39.42
N ASP A 193 31.80 -10.69 38.48
CA ASP A 193 31.12 -10.64 37.18
C ASP A 193 31.56 -11.71 36.20
N THR A 194 31.42 -12.97 36.61
CA THR A 194 31.66 -14.08 35.70
C THR A 194 31.18 -15.37 36.33
N ASP A 195 30.77 -16.34 35.53
CA ASP A 195 30.44 -17.67 36.07
C ASP A 195 31.67 -18.46 36.49
N PHE A 196 32.71 -18.46 35.66
CA PHE A 196 33.93 -19.22 35.97
C PHE A 196 35.23 -18.48 35.75
N ILE A 197 36.28 -19.00 36.36
CA ILE A 197 37.59 -18.54 36.05
C ILE A 197 38.39 -19.80 35.73
N THR A 198 38.90 -19.86 34.51
CA THR A 198 39.63 -21.05 34.08
C THR A 198 41.14 -20.76 33.99
N TYR A 199 41.96 -21.77 34.25
CA TYR A 199 43.37 -21.52 34.38
C TYR A 199 44.14 -22.61 33.67
N PHE A 200 45.05 -22.21 32.80
CA PHE A 200 45.79 -23.15 32.01
C PHE A 200 47.28 -22.88 32.04
N GLU A 201 48.03 -23.98 31.91
CA GLU A 201 49.45 -23.92 31.78
C GLU A 201 49.75 -24.85 30.65
N THR A 202 50.50 -24.37 29.67
CA THR A 202 50.99 -25.21 28.60
C THR A 202 52.32 -24.72 28.07
N ASP A 203 53.01 -25.64 27.38
CA ASP A 203 54.11 -25.23 26.57
C ASP A 203 53.77 -25.20 25.06
N ASP A 204 52.68 -25.82 24.64
CA ASP A 204 52.32 -25.86 23.23
C ASP A 204 51.12 -24.90 22.95
N LEU A 205 51.39 -23.71 22.43
CA LEU A 205 50.32 -22.78 22.17
C LEU A 205 49.51 -23.21 20.94
N THR A 206 50.15 -23.82 19.96
CA THR A 206 49.39 -24.33 18.82
C THR A 206 48.41 -25.43 19.29
N ALA A 207 48.82 -26.26 20.23
CA ALA A 207 47.91 -27.19 20.84
C ALA A 207 46.79 -26.39 21.47
N PHE A 208 47.16 -25.35 22.20
CA PHE A 208 46.16 -24.72 22.99
C PHE A 208 45.10 -24.12 22.13
N ASN A 209 45.55 -23.63 20.98
CA ASN A 209 44.66 -23.11 19.98
C ASN A 209 43.72 -24.21 19.51
N ASN A 210 44.25 -25.36 19.06
CA ASN A 210 43.41 -26.50 18.69
C ASN A 210 42.45 -26.93 19.81
N LEU A 211 42.84 -26.77 21.06
CA LEU A 211 41.97 -27.10 22.15
C LEU A 211 40.75 -26.16 22.17
N MET A 212 40.94 -24.84 22.16
CA MET A 212 39.78 -23.95 22.11
C MET A 212 38.89 -24.11 20.88
N LEU A 213 39.46 -24.49 19.75
CA LEU A 213 38.67 -24.60 18.59
C LEU A 213 37.83 -25.84 18.76
N SER A 214 38.40 -26.88 19.35
CA SER A 214 37.63 -28.05 19.73
C SER A 214 36.39 -27.63 20.53
N LEU A 215 36.59 -26.73 21.49
CA LEU A 215 35.50 -26.31 22.34
C LEU A 215 34.52 -25.34 21.65
N ALA A 216 35.02 -24.52 20.72
CA ALA A 216 34.20 -23.47 20.13
C ALA A 216 33.19 -24.18 19.29
N GLN A 217 33.60 -25.35 18.76
CA GLN A 217 32.82 -26.16 17.84
C GLN A 217 31.66 -26.98 18.47
N VAL A 218 31.41 -26.86 19.76
CA VAL A 218 30.36 -27.66 20.37
C VAL A 218 29.19 -26.79 20.88
N LYS A 219 28.03 -27.45 21.09
CA LYS A 219 26.82 -26.79 21.52
C LYS A 219 27.03 -25.83 22.71
N GLU A 220 27.84 -26.24 23.69
CA GLU A 220 27.97 -25.46 24.92
C GLU A 220 28.44 -24.07 24.59
N ASN A 221 29.18 -23.93 23.48
CA ASN A 221 29.78 -22.64 23.16
C ASN A 221 28.70 -21.66 22.74
N LYS A 222 27.53 -22.20 22.48
CA LYS A 222 26.34 -21.42 22.13
C LYS A 222 25.73 -20.55 23.27
N PHE A 223 26.10 -20.82 24.50
CA PHE A 223 25.54 -20.11 25.61
C PHE A 223 26.54 -19.14 26.26
N HIS A 224 27.76 -19.10 25.74
CA HIS A 224 28.79 -18.21 26.30
C HIS A 224 28.39 -16.74 26.01
N VAL A 225 28.30 -15.92 27.05
CA VAL A 225 28.24 -14.47 26.84
C VAL A 225 29.58 -13.77 27.22
N ARG A 226 30.44 -14.49 27.92
CA ARG A 226 31.80 -14.05 28.14
C ARG A 226 32.69 -15.28 28.06
N TRP A 227 33.80 -15.18 27.34
CA TRP A 227 34.66 -16.34 27.08
C TRP A 227 36.03 -15.79 26.68
N GLY A 228 36.63 -15.10 27.64
CA GLY A 228 37.80 -14.24 27.45
C GLY A 228 37.46 -12.84 27.95
N SER A 229 37.99 -11.83 27.27
CA SER A 229 37.68 -10.41 27.52
C SER A 229 37.83 -10.11 29.00
N PRO A 230 39.07 -10.13 29.46
CA PRO A 230 40.24 -10.45 28.63
C PRO A 230 40.66 -11.91 28.65
N THR A 231 41.04 -12.41 27.47
CA THR A 231 41.85 -13.62 27.37
C THR A 231 43.29 -13.18 27.66
N THR A 232 43.86 -13.69 28.73
CA THR A 232 45.16 -13.26 29.18
C THR A 232 46.15 -14.40 29.06
N LEU A 233 47.19 -14.18 28.24
CA LEU A 233 48.24 -15.17 27.99
C LEU A 233 49.55 -14.50 28.32
N GLY A 234 50.31 -15.13 29.20
CA GLY A 234 51.61 -14.64 29.60
C GLY A 234 52.53 -15.80 29.84
N THR A 235 53.61 -15.52 30.55
CA THR A 235 54.73 -16.43 30.59
C THR A 235 55.08 -16.76 32.06
N ILE A 236 55.23 -18.04 32.38
CA ILE A 236 55.46 -18.46 33.76
C ILE A 236 56.92 -18.29 34.24
N HIS A 237 57.13 -17.64 35.40
CA HIS A 237 58.46 -17.47 36.05
C HIS A 237 58.25 -17.47 37.55
N SER A 238 59.33 -17.67 38.29
CA SER A 238 59.28 -17.48 39.75
C SER A 238 58.86 -16.02 40.01
N PRO A 239 58.20 -15.76 41.16
CA PRO A 239 57.77 -14.38 41.45
C PRO A 239 58.89 -13.33 41.40
N GLU A 240 60.06 -13.59 42.00
CA GLU A 240 61.15 -12.63 41.87
C GLU A 240 61.59 -12.44 40.42
N ASP A 241 61.67 -13.51 39.65
CA ASP A 241 62.03 -13.37 38.25
C ASP A 241 61.08 -12.44 37.45
N VAL A 242 59.78 -12.48 37.78
CA VAL A 242 58.80 -11.59 37.16
C VAL A 242 59.06 -10.13 37.52
N ILE A 243 59.40 -9.85 38.78
CA ILE A 243 59.68 -8.46 39.13
C ILE A 243 61.04 -8.02 38.61
N LYS A 244 62.00 -8.94 38.51
CA LYS A 244 63.30 -8.61 37.93
C LYS A 244 63.06 -8.17 36.51
N ALA A 245 62.26 -8.93 35.77
CA ALA A 245 61.98 -8.60 34.37
C ALA A 245 61.34 -7.25 34.16
N LEU A 246 60.47 -6.85 35.08
CA LEU A 246 59.75 -5.58 34.97
C LEU A 246 60.60 -4.38 35.34
N ALA A 247 61.74 -4.63 35.98
CA ALA A 247 62.56 -3.58 36.55
C ALA A 247 63.23 -2.68 35.49
N ASP A 248 63.99 -3.28 34.57
CA ASP A 248 64.72 -2.55 33.51
C ASP A 248 63.87 -2.07 32.28
N LYS B 8 47.56 20.55 -8.32
CA LYS B 8 46.48 21.58 -8.23
C LYS B 8 45.12 21.01 -7.76
N ILE B 9 44.57 21.64 -6.71
CA ILE B 9 43.37 21.18 -6.03
C ILE B 9 42.33 22.29 -5.96
N GLU B 10 41.30 22.21 -6.79
CA GLU B 10 40.20 23.18 -6.69
C GLU B 10 39.02 22.59 -5.94
N ARG B 11 38.48 23.39 -5.03
CA ARG B 11 37.45 22.95 -4.08
C ARG B 11 36.23 22.40 -4.82
N GLY B 12 35.90 23.09 -5.92
CA GLY B 12 34.72 22.78 -6.71
C GLY B 12 34.79 21.43 -7.41
N THR B 13 36.00 21.01 -7.77
CA THR B 13 36.20 19.78 -8.50
C THR B 13 36.34 18.57 -7.59
N ILE B 14 37.28 18.68 -6.64
CA ILE B 14 37.56 17.60 -5.70
C ILE B 14 36.36 17.16 -4.85
N LEU B 15 35.40 18.05 -4.63
CA LEU B 15 34.25 17.72 -3.82
C LEU B 15 33.14 16.97 -4.62
N THR B 16 33.44 16.73 -5.89
CA THR B 16 32.50 16.42 -6.94
C THR B 16 32.89 15.12 -7.63
N GLN B 17 34.14 14.73 -7.42
CA GLN B 17 34.74 13.67 -8.18
C GLN B 17 34.81 12.39 -7.41
N PRO B 18 34.87 11.25 -8.13
CA PRO B 18 35.03 9.93 -7.52
C PRO B 18 36.49 9.65 -7.22
N GLY B 19 36.75 8.71 -6.33
CA GLY B 19 38.12 8.38 -5.93
C GLY B 19 38.78 9.42 -5.01
N VAL B 20 37.97 10.20 -4.27
CA VAL B 20 38.53 11.19 -3.36
C VAL B 20 38.46 10.67 -1.92
N PHE B 21 39.58 10.75 -1.20
CA PHE B 21 39.63 10.23 0.16
C PHE B 21 39.22 11.30 1.13
N GLY B 22 38.39 10.92 2.10
CA GLY B 22 37.96 11.85 3.11
C GLY B 22 38.53 11.37 4.42
N VAL B 23 39.13 12.27 5.20
CA VAL B 23 39.58 11.90 6.54
C VAL B 23 39.08 12.90 7.56
N PHE B 24 38.11 12.48 8.37
CA PHE B 24 37.51 13.33 9.40
C PHE B 24 38.22 13.00 10.67
N THR B 25 38.61 14.01 11.43
CA THR B 25 39.34 13.76 12.68
C THR B 25 38.86 14.71 13.75
N MET B 26 38.27 14.15 14.79
CA MET B 26 37.78 14.95 15.91
C MET B 26 38.89 15.10 16.97
N PHE B 27 39.17 16.35 17.35
CA PHE B 27 40.16 16.65 18.35
C PHE B 27 39.48 17.18 19.61
N LYS B 28 39.96 16.80 20.78
CA LYS B 28 39.57 17.44 22.03
C LYS B 28 40.78 18.04 22.70
N LEU B 29 40.69 19.33 23.01
CA LEU B 29 41.81 20.06 23.64
C LEU B 29 42.07 19.64 25.09
N ARG B 30 43.32 19.36 25.42
CA ARG B 30 43.70 19.00 26.81
C ARG B 30 43.67 20.21 27.73
N PRO B 31 43.36 20.00 29.02
CA PRO B 31 43.27 21.10 30.00
C PRO B 31 44.53 21.96 30.06
N ASP B 32 45.70 21.38 29.80
CA ASP B 32 46.91 22.19 29.88
C ASP B 32 47.11 23.12 28.69
N TRP B 33 46.12 23.22 27.82
CA TRP B 33 46.11 24.26 26.77
C TRP B 33 45.75 25.63 27.34
N ASN B 34 45.01 25.64 28.45
CA ASN B 34 44.60 26.90 29.11
C ASN B 34 45.81 27.49 29.79
N LYS B 35 46.87 26.69 29.87
CA LYS B 35 48.07 27.11 30.55
C LYS B 35 49.18 27.44 29.56
N VAL B 36 48.91 27.29 28.25
CA VAL B 36 49.81 27.86 27.22
C VAL B 36 49.72 29.38 27.27
N PRO B 37 50.89 30.06 27.28
CA PRO B 37 50.91 31.54 27.31
C PRO B 37 49.90 32.18 26.31
N VAL B 38 49.05 33.08 26.79
CA VAL B 38 48.08 33.75 25.89
C VAL B 38 48.89 34.72 25.07
N ALA B 39 49.22 34.31 23.84
CA ALA B 39 50.24 34.98 23.01
C ALA B 39 50.68 33.97 21.99
N GLU B 40 51.13 32.84 22.51
CA GLU B 40 51.29 31.61 21.77
C GLU B 40 49.91 31.03 21.35
N ARG B 41 48.87 31.26 22.16
CA ARG B 41 47.56 30.75 21.80
C ARG B 41 46.94 31.55 20.68
N LYS B 42 47.16 32.86 20.71
CA LYS B 42 46.60 33.74 19.67
C LYS B 42 47.35 33.56 18.33
N GLY B 43 48.66 33.28 18.44
CA GLY B 43 49.51 32.91 17.31
C GLY B 43 49.23 31.56 16.67
N ALA B 44 48.54 30.67 17.38
CA ALA B 44 48.22 29.33 16.86
C ALA B 44 47.29 29.31 15.65
N ALA B 45 46.46 30.33 15.50
CA ALA B 45 45.63 30.42 14.29
C ALA B 45 46.42 30.64 12.99
N GLU B 46 47.32 31.63 12.99
CA GLU B 46 48.13 31.91 11.80
C GLU B 46 48.89 30.66 11.36
N GLU B 47 49.19 29.82 12.34
CA GLU B 47 50.03 28.67 12.14
C GLU B 47 49.28 27.63 11.29
N VAL B 48 48.06 27.30 11.72
CA VAL B 48 47.15 26.45 10.96
C VAL B 48 46.84 27.00 9.54
N LYS B 49 46.58 28.30 9.45
CA LYS B 49 46.39 28.99 8.19
C LYS B 49 47.62 28.81 7.26
N LYS B 50 48.84 28.95 7.80
CA LYS B 50 50.05 28.78 6.93
C LYS B 50 50.29 27.33 6.53
N LEU B 51 50.09 26.40 7.45
CA LEU B 51 50.11 24.98 7.11
C LEU B 51 49.13 24.60 5.99
N ILE B 52 47.91 25.12 6.04
CA ILE B 52 46.91 24.86 5.00
C ILE B 52 47.31 25.46 3.66
N GLU B 53 47.90 26.67 3.69
CA GLU B 53 48.54 27.21 2.48
C GLU B 53 49.67 26.31 2.05
N LYS B 54 50.44 25.77 2.99
CA LYS B 54 51.55 24.92 2.62
C LYS B 54 51.09 23.69 1.81
N HIS B 55 49.95 23.12 2.17
CA HIS B 55 49.38 21.99 1.41
C HIS B 55 48.26 22.34 0.41
N LYS B 56 48.17 23.63 0.04
CA LYS B 56 47.37 24.15 -1.08
C LYS B 56 47.10 23.06 -2.09
N ASP B 57 48.13 22.33 -2.48
CA ASP B 57 48.07 21.45 -3.61
C ASP B 57 48.16 19.98 -3.25
N ASN B 58 48.11 19.71 -1.95
CA ASN B 58 48.18 18.35 -1.49
C ASN B 58 46.83 17.80 -1.00
N VAL B 59 46.10 18.67 -0.30
CA VAL B 59 44.83 18.32 0.33
C VAL B 59 43.90 19.53 0.32
N LEU B 60 42.61 19.26 0.52
CA LEU B 60 41.59 20.28 0.77
C LEU B 60 41.21 20.25 2.24
N VAL B 61 41.22 21.42 2.91
CA VAL B 61 41.05 21.46 4.38
C VAL B 61 39.80 22.24 4.78
N ASP B 62 38.96 21.63 5.61
CA ASP B 62 37.86 22.28 6.31
C ASP B 62 38.02 22.00 7.77
N LEU B 63 37.55 22.92 8.61
CA LEU B 63 37.72 22.83 10.09
C LEU B 63 36.51 23.46 10.82
N TYR B 64 35.97 22.77 11.80
CA TYR B 64 34.66 23.12 12.34
C TYR B 64 34.72 23.22 13.87
N LEU B 65 33.88 24.07 14.42
CA LEU B 65 33.91 24.31 15.84
C LEU B 65 32.83 23.47 16.56
N THR B 66 33.24 22.56 17.45
CA THR B 66 32.29 21.74 18.20
C THR B 66 32.26 21.97 19.71
N ARG B 67 33.25 22.70 20.21
CA ARG B 67 33.25 23.15 21.62
C ARG B 67 31.93 23.77 22.07
N GLY B 68 31.42 23.28 23.20
CA GLY B 68 30.12 23.72 23.69
C GLY B 68 28.95 22.92 23.13
N LEU B 69 29.17 22.10 22.10
CA LEU B 69 28.09 21.32 21.52
C LEU B 69 28.38 19.81 21.54
N GLU B 70 29.61 19.43 21.90
CA GLU B 70 30.07 18.04 21.77
C GLU B 70 30.96 17.58 22.93
N THR B 71 30.70 16.41 23.51
CA THR B 71 31.50 15.87 24.63
C THR B 71 32.91 15.46 24.22
N ASN B 72 33.03 14.91 23.02
CA ASN B 72 34.29 14.37 22.64
C ASN B 72 35.02 15.05 21.50
N SER B 73 34.80 16.36 21.33
CA SER B 73 35.57 17.21 20.42
C SER B 73 35.38 18.72 20.74
N ASP B 74 36.40 19.54 20.42
CA ASP B 74 36.27 20.97 20.44
C ASP B 74 36.32 21.40 19.00
N PHE B 75 36.89 20.57 18.14
CA PHE B 75 37.02 20.89 16.73
C PHE B 75 37.25 19.64 15.91
N PHE B 76 37.11 19.76 14.59
CA PHE B 76 37.29 18.59 13.72
C PHE B 76 37.62 18.98 12.32
N PHE B 77 38.42 18.16 11.66
CA PHE B 77 38.86 18.51 10.32
C PHE B 77 38.12 17.65 9.32
N ARG B 78 37.82 18.20 8.16
CA ARG B 78 37.61 17.35 7.00
C ARG B 78 38.72 17.54 5.95
N ILE B 79 39.49 16.49 5.71
CA ILE B 79 40.48 16.56 4.66
C ILE B 79 40.02 15.78 3.44
N ASN B 80 40.04 16.41 2.26
CA ASN B 80 39.87 15.68 1.02
C ASN B 80 41.21 15.65 0.24
N ALA B 81 41.58 14.48 -0.25
CA ALA B 81 42.86 14.33 -0.95
C ALA B 81 42.65 13.33 -2.04
N TYR B 82 43.50 13.38 -3.07
CA TYR B 82 43.51 12.33 -4.11
C TYR B 82 44.34 11.13 -3.67
N ASP B 83 45.11 11.33 -2.60
CA ASP B 83 46.06 10.35 -2.10
C ASP B 83 46.06 10.31 -0.59
N LEU B 84 45.52 9.24 0.01
CA LEU B 84 45.40 9.14 1.48
C LEU B 84 46.71 9.48 2.17
N ALA B 85 47.85 8.97 1.68
CA ALA B 85 49.17 9.34 2.23
C ALA B 85 49.34 10.84 2.41
N LYS B 86 48.95 11.66 1.44
CA LYS B 86 49.01 13.12 1.61
C LYS B 86 48.09 13.64 2.71
N ALA B 87 46.90 13.04 2.85
CA ALA B 87 46.03 13.33 4.01
C ALA B 87 46.75 13.02 5.33
N GLN B 88 47.40 11.88 5.41
CA GLN B 88 48.14 11.49 6.59
C GLN B 88 49.26 12.54 6.89
N THR B 89 50.02 12.95 5.89
CA THR B 89 51.07 13.91 6.15
C THR B 89 50.46 15.16 6.69
N PHE B 90 49.36 15.59 6.08
CA PHE B 90 48.79 16.84 6.52
C PHE B 90 48.41 16.76 7.98
N MET B 91 47.75 15.69 8.34
CA MET B 91 47.21 15.57 9.65
C MET B 91 48.33 15.47 10.63
N ARG B 92 49.33 14.71 10.20
CA ARG B 92 50.51 14.45 10.99
C ARG B 92 51.23 15.76 11.26
N GLU B 93 51.43 16.59 10.22
CA GLU B 93 52.00 17.93 10.41
C GLU B 93 51.13 18.85 11.27
N PHE B 94 49.81 18.69 11.25
CA PHE B 94 48.97 19.52 12.07
C PHE B 94 49.19 19.24 13.54
N ARG B 95 49.31 17.95 13.85
CA ARG B 95 49.49 17.53 15.22
C ARG B 95 50.80 18.01 15.86
N SER B 96 51.69 18.60 15.05
CA SER B 96 52.97 19.16 15.52
C SER B 96 52.88 20.67 15.63
N THR B 97 51.73 21.18 15.22
CA THR B 97 51.34 22.56 15.31
C THR B 97 51.25 22.91 16.79
N THR B 98 51.17 24.19 17.16
CA THR B 98 50.96 24.51 18.59
C THR B 98 49.65 23.93 19.16
N VAL B 99 48.49 24.24 18.56
CA VAL B 99 47.23 23.62 19.04
C VAL B 99 47.34 22.11 19.04
N GLY B 100 47.89 21.57 17.96
CA GLY B 100 48.06 20.13 17.72
C GLY B 100 48.70 19.45 18.91
N LYS B 101 49.80 20.03 19.36
CA LYS B 101 50.48 19.56 20.56
C LYS B 101 49.59 19.67 21.80
N ASN B 102 48.44 20.35 21.73
CA ASN B 102 47.60 20.44 22.95
C ASN B 102 46.25 19.76 22.91
N ALA B 103 46.07 18.95 21.88
CA ALA B 103 44.83 18.22 21.74
C ALA B 103 45.08 16.74 21.52
N ASP B 104 44.10 15.95 21.95
CA ASP B 104 44.09 14.52 21.77
C ASP B 104 43.09 14.18 20.70
N VAL B 105 43.39 13.15 19.91
CA VAL B 105 42.47 12.68 18.88
C VAL B 105 41.42 11.85 19.53
N PHE B 106 40.15 12.10 19.24
CA PHE B 106 39.05 11.30 19.83
C PHE B 106 38.25 10.50 18.79
N GLU B 107 38.33 10.89 17.53
CA GLU B 107 37.77 10.10 16.45
C GLU B 107 38.43 10.41 15.12
N THR B 108 38.56 9.35 14.33
CA THR B 108 39.12 9.42 12.99
C THR B 108 38.26 8.55 12.10
N LEU B 109 37.73 9.13 11.02
CA LEU B 109 37.04 8.32 10.01
C LEU B 109 37.73 8.46 8.66
N VAL B 110 38.14 7.33 8.09
CA VAL B 110 38.73 7.37 6.75
C VAL B 110 37.74 6.84 5.69
N GLY B 111 37.60 7.57 4.60
CA GLY B 111 36.61 7.16 3.61
C GLY B 111 36.98 7.55 2.19
N VAL B 112 36.32 6.87 1.26
CA VAL B 112 36.55 7.18 -0.12
C VAL B 112 35.25 7.41 -0.88
N THR B 113 35.30 8.40 -1.73
CA THR B 113 34.28 8.80 -2.67
C THR B 113 34.15 7.80 -3.84
N LYS B 114 32.93 7.44 -4.21
CA LYS B 114 32.68 6.45 -5.26
C LYS B 114 31.62 6.94 -6.22
N PRO B 115 31.49 6.32 -7.39
CA PRO B 115 30.32 6.65 -8.26
C PRO B 115 29.02 6.08 -7.67
N LEU B 116 27.86 6.53 -8.18
CA LEU B 116 26.55 6.10 -7.67
C LEU B 116 26.33 4.58 -7.82
N ASN B 117 25.99 3.93 -6.71
CA ASN B 117 25.68 2.51 -6.69
C ASN B 117 24.22 2.21 -7.00
N TYR B 118 23.32 3.15 -6.68
CA TYR B 118 21.91 2.85 -6.76
C TYR B 118 21.09 3.82 -7.57
N ILE B 119 21.05 5.08 -7.15
CA ILE B 119 20.17 6.07 -7.81
C ILE B 119 20.88 6.72 -9.04
N SER B 120 21.42 5.87 -9.89
CA SER B 120 22.09 6.32 -11.08
C SER B 120 21.03 6.58 -12.15
N LYS B 121 21.45 7.16 -13.27
CA LYS B 121 20.55 7.32 -14.40
C LYS B 121 20.14 5.97 -15.04
N ASP B 122 21.08 5.02 -15.11
CA ASP B 122 20.83 3.69 -15.67
C ASP B 122 19.83 2.87 -14.90
N LYS B 123 19.88 3.00 -13.58
CA LYS B 123 19.21 2.08 -12.66
C LYS B 123 17.93 2.63 -12.07
N SER B 124 17.90 3.93 -11.83
CA SER B 124 16.73 4.57 -11.29
C SER B 124 16.63 5.93 -11.95
N PRO B 125 16.16 5.97 -13.21
CA PRO B 125 16.17 7.23 -13.96
C PRO B 125 15.34 8.30 -13.30
N GLY B 126 14.12 7.94 -12.90
CA GLY B 126 13.13 8.91 -12.42
C GLY B 126 13.60 9.69 -11.21
N LEU B 127 14.04 8.95 -10.19
CA LEU B 127 14.60 9.58 -9.03
C LEU B 127 15.96 10.23 -9.30
N ASN B 128 16.72 9.75 -10.29
CA ASN B 128 17.96 10.43 -10.62
C ASN B 128 17.64 11.86 -11.03
N ALA B 129 16.61 12.02 -11.85
CA ALA B 129 16.18 13.34 -12.27
C ALA B 129 15.84 14.23 -11.09
N GLY B 130 14.96 13.77 -10.20
CA GLY B 130 14.64 14.53 -8.99
C GLY B 130 15.85 14.98 -8.21
N LEU B 131 16.63 14.03 -7.76
CA LEU B 131 17.83 14.36 -7.00
C LEU B 131 18.65 15.49 -7.68
N SER B 132 19.26 15.18 -8.82
CA SER B 132 20.02 16.21 -9.62
C SER B 132 19.24 17.52 -10.05
N SER B 133 17.90 17.60 -9.93
CA SER B 133 17.20 18.93 -10.14
C SER B 133 16.16 19.47 -9.08
N ALA B 134 16.82 20.15 -8.15
CA ALA B 134 16.46 21.30 -7.27
C ALA B 134 17.76 21.45 -6.45
N THR B 135 18.11 22.68 -6.13
CA THR B 135 19.50 23.06 -5.83
C THR B 135 19.45 23.76 -4.45
N TYR B 136 20.51 23.69 -3.64
CA TYR B 136 20.50 24.40 -2.34
C TYR B 136 20.29 25.91 -2.51
N SER B 137 19.16 26.40 -2.01
CA SER B 137 18.86 27.83 -1.87
C SER B 137 18.97 28.12 -0.39
N GLY B 138 18.75 29.33 0.05
CA GLY B 138 18.85 29.43 1.51
C GLY B 138 20.22 29.76 2.08
N PRO B 139 20.23 30.10 3.38
CA PRO B 139 21.31 30.91 3.91
C PRO B 139 22.59 30.09 3.96
N ALA B 140 23.73 30.74 3.76
CA ALA B 140 25.01 30.07 3.99
C ALA B 140 24.92 29.29 5.31
N PRO B 141 25.09 27.97 5.26
CA PRO B 141 24.82 27.07 6.39
C PRO B 141 25.75 27.31 7.58
N ARG B 142 25.17 27.41 8.77
CA ARG B 142 25.94 27.65 9.98
C ARG B 142 26.35 26.37 10.65
N TYR B 143 25.59 25.30 10.40
CA TYR B 143 25.84 24.00 11.06
C TYR B 143 26.42 22.91 10.14
N VAL B 144 27.38 22.17 10.67
CA VAL B 144 27.84 20.91 10.09
C VAL B 144 27.37 19.66 10.90
N ILE B 145 27.01 18.57 10.20
CA ILE B 145 26.69 17.29 10.85
C ILE B 145 27.49 16.18 10.23
N VAL B 146 28.08 15.33 11.06
CA VAL B 146 28.82 14.20 10.53
C VAL B 146 28.39 12.90 11.20
N ILE B 147 27.88 11.97 10.40
CA ILE B 147 27.26 10.74 10.92
C ILE B 147 27.84 9.46 10.27
N PRO B 148 28.57 8.64 11.05
CA PRO B 148 29.05 7.39 10.46
C PRO B 148 27.92 6.39 10.39
N VAL B 149 27.83 5.64 9.28
CA VAL B 149 26.76 4.67 9.16
C VAL B 149 27.32 3.35 8.69
N LYS B 150 26.86 2.28 9.33
CA LYS B 150 27.31 0.92 9.05
C LYS B 150 26.09 0.01 9.12
N LYS B 151 25.97 -0.88 8.14
CA LYS B 151 24.77 -1.68 7.96
C LYS B 151 25.17 -3.09 8.30
N ASN B 152 24.22 -3.93 8.71
CA ASN B 152 24.53 -5.32 9.10
C ASN B 152 24.82 -6.27 7.95
N ALA B 153 25.19 -7.50 8.26
CA ALA B 153 25.48 -8.44 7.20
C ALA B 153 24.20 -8.83 6.44
N GLU B 154 23.07 -8.84 7.14
CA GLU B 154 21.77 -9.13 6.50
C GLU B 154 21.52 -8.28 5.27
N TRP B 155 21.81 -6.98 5.40
CA TRP B 155 21.73 -6.00 4.32
C TRP B 155 22.63 -6.36 3.16
N TRP B 156 23.94 -6.46 3.44
CA TRP B 156 24.87 -6.74 2.39
C TRP B 156 24.51 -8.06 1.75
N ASN B 157 23.80 -8.94 2.45
CA ASN B 157 23.45 -10.19 1.80
C ASN B 157 22.21 -10.15 0.95
N MET B 158 21.44 -9.07 1.03
CA MET B 158 20.31 -8.92 0.13
C MET B 158 20.87 -8.68 -1.27
N SER B 159 20.12 -9.09 -2.30
CA SER B 159 20.47 -8.88 -3.70
C SER B 159 20.52 -7.40 -4.07
N PRO B 160 21.29 -7.05 -5.11
CA PRO B 160 21.38 -5.63 -5.44
C PRO B 160 20.02 -5.10 -5.82
N GLU B 161 19.18 -5.95 -6.43
CA GLU B 161 17.81 -5.60 -6.75
C GLU B 161 16.97 -5.27 -5.50
N GLU B 162 17.22 -5.94 -4.39
CA GLU B 162 16.49 -5.66 -3.17
C GLU B 162 17.01 -4.38 -2.48
N ARG B 163 18.33 -4.27 -2.34
CA ARG B 163 18.93 -3.07 -1.80
C ARG B 163 18.61 -1.84 -2.63
N LEU B 164 18.59 -1.98 -3.96
CA LEU B 164 18.10 -0.89 -4.79
C LEU B 164 16.70 -0.41 -4.40
N LYS B 165 15.74 -1.31 -4.28
CA LYS B 165 14.40 -0.87 -3.95
C LYS B 165 14.42 -0.07 -2.65
N GLU B 166 15.32 -0.46 -1.73
CA GLU B 166 15.37 0.11 -0.39
C GLU B 166 15.89 1.54 -0.40
N MET B 167 16.85 1.75 -1.29
CA MET B 167 17.47 3.05 -1.51
C MET B 167 16.60 3.96 -2.39
N GLU B 168 15.62 3.39 -3.08
CA GLU B 168 14.66 4.25 -3.74
C GLU B 168 13.69 4.80 -2.67
N VAL B 169 13.43 3.98 -1.67
CA VAL B 169 12.61 4.42 -0.56
C VAL B 169 13.30 5.44 0.38
N HIS B 170 14.62 5.31 0.57
CA HIS B 170 15.46 6.34 1.24
C HIS B 170 15.42 7.69 0.49
N THR B 171 15.65 7.62 -0.82
CA THR B 171 15.70 8.82 -1.63
C THR B 171 14.41 9.61 -1.61
N THR B 172 13.27 8.95 -1.77
CA THR B 172 11.99 9.67 -1.93
C THR B 172 11.76 10.82 -0.93
N PRO B 173 11.76 10.54 0.38
CA PRO B 173 11.42 11.64 1.30
C PRO B 173 12.40 12.79 1.35
N THR B 174 13.65 12.56 0.93
CA THR B 174 14.79 13.50 1.08
C THR B 174 14.76 14.58 0.05
N LEU B 175 14.14 14.26 -1.08
CA LEU B 175 14.08 15.18 -2.21
C LEU B 175 13.60 16.56 -1.83
N ALA B 176 12.70 16.67 -0.87
CA ALA B 176 12.22 18.00 -0.45
C ALA B 176 13.22 18.79 0.37
N TYR B 177 14.25 18.14 0.93
CA TYR B 177 15.28 18.87 1.69
C TYR B 177 16.50 19.27 0.80
N LEU B 178 16.38 19.15 -0.53
CA LEU B 178 17.46 19.58 -1.44
C LEU B 178 17.78 21.08 -1.44
N VAL B 179 16.80 21.90 -1.07
CA VAL B 179 16.98 23.33 -0.93
C VAL B 179 17.50 23.69 0.44
N ASN B 180 17.65 22.70 1.31
CA ASN B 180 17.70 22.94 2.75
C ASN B 180 18.96 22.53 3.41
N VAL B 181 19.45 21.39 2.93
CA VAL B 181 20.50 20.60 3.50
C VAL B 181 21.50 20.23 2.39
N LYS B 182 22.81 20.37 2.65
CA LYS B 182 23.85 19.92 1.72
C LYS B 182 24.42 18.62 2.21
N ARG B 183 24.60 17.65 1.31
CA ARG B 183 25.06 16.30 1.69
C ARG B 183 26.35 15.93 0.95
N LYS B 184 27.22 15.13 1.59
CA LYS B 184 28.25 14.34 0.87
C LYS B 184 28.37 12.93 1.50
N LEU B 185 28.57 11.91 0.66
CA LEU B 185 28.72 10.53 1.12
C LEU B 185 30.10 9.96 0.75
N TYR B 186 30.88 9.55 1.76
CA TYR B 186 32.10 8.77 1.60
C TYR B 186 31.80 7.31 1.91
N HIS B 187 32.58 6.41 1.30
CA HIS B 187 32.51 4.96 1.55
C HIS B 187 33.71 4.46 2.32
N SER B 188 33.47 3.54 3.25
CA SER B 188 34.48 3.09 4.19
C SER B 188 34.70 1.58 4.47
N THR B 189 33.78 0.73 4.06
CA THR B 189 33.83 -0.69 4.41
C THR B 189 35.20 -1.22 4.01
N GLY B 190 35.93 -1.72 5.01
CA GLY B 190 37.24 -2.26 4.79
C GLY B 190 38.38 -1.28 4.96
N LEU B 191 38.09 0.02 4.92
CA LEU B 191 39.12 1.05 5.17
C LEU B 191 39.07 1.56 6.59
N ASP B 192 37.92 1.42 7.26
CA ASP B 192 37.75 1.83 8.65
C ASP B 192 36.50 1.18 9.28
N ASP B 193 36.29 1.45 10.57
CA ASP B 193 35.15 0.80 11.24
C ASP B 193 33.80 1.46 10.98
N THR B 194 33.47 1.66 9.72
CA THR B 194 32.10 2.03 9.32
C THR B 194 31.93 1.75 7.85
N ASP B 195 30.68 1.62 7.40
CA ASP B 195 30.40 1.43 5.99
C ASP B 195 30.46 2.74 5.25
N PHE B 196 30.01 3.81 5.90
CA PHE B 196 29.89 5.12 5.27
C PHE B 196 30.16 6.22 6.27
N ILE B 197 30.66 7.34 5.75
CA ILE B 197 30.74 8.58 6.52
C ILE B 197 29.76 9.53 5.83
N THR B 198 28.81 10.10 6.56
CA THR B 198 27.93 11.06 5.89
C THR B 198 28.24 12.42 6.45
N TYR B 199 28.12 13.42 5.57
CA TYR B 199 28.49 14.81 5.83
C TYR B 199 27.39 15.75 5.35
N PHE B 200 26.99 16.71 6.18
CA PHE B 200 25.88 17.60 5.88
C PHE B 200 26.13 19.00 6.37
N GLU B 201 25.54 19.96 5.68
CA GLU B 201 25.65 21.34 6.06
C GLU B 201 24.24 21.91 5.96
N THR B 202 23.78 22.56 7.02
CA THR B 202 22.48 23.16 6.94
C THR B 202 22.37 24.37 7.83
N ASP B 203 21.32 25.14 7.62
CA ASP B 203 21.00 26.22 8.52
C ASP B 203 19.75 25.92 9.32
N ASP B 204 18.97 24.95 8.85
CA ASP B 204 17.72 24.57 9.52
C ASP B 204 17.73 23.21 10.32
N LEU B 205 18.17 23.27 11.57
CA LEU B 205 18.22 22.04 12.37
C LEU B 205 16.83 21.34 12.57
N THR B 206 15.75 22.10 12.67
CA THR B 206 14.46 21.46 12.80
C THR B 206 14.17 20.68 11.54
N ALA B 207 14.39 21.32 10.38
CA ALA B 207 14.28 20.65 9.10
C ALA B 207 15.12 19.36 9.15
N PHE B 208 16.37 19.46 9.64
CA PHE B 208 17.25 18.29 9.59
C PHE B 208 16.73 17.17 10.46
N ASN B 209 16.16 17.56 11.59
CA ASN B 209 15.58 16.58 12.50
C ASN B 209 14.46 15.90 11.77
N ASN B 210 13.57 16.65 11.14
CA ASN B 210 12.49 16.07 10.32
C ASN B 210 12.99 15.11 9.24
N LEU B 211 14.03 15.49 8.50
CA LEU B 211 14.65 14.63 7.53
C LEU B 211 15.04 13.30 8.18
N MET B 212 15.90 13.33 9.20
CA MET B 212 16.28 12.08 9.87
C MET B 212 15.10 11.27 10.42
N LEU B 213 14.01 11.93 10.82
CA LEU B 213 12.87 11.15 11.28
C LEU B 213 12.25 10.42 10.08
N SER B 214 12.28 11.07 8.93
CA SER B 214 11.76 10.45 7.74
C SER B 214 12.57 9.22 7.30
N LEU B 215 13.87 9.31 7.49
CA LEU B 215 14.74 8.20 7.22
C LEU B 215 14.60 7.12 8.31
N ALA B 216 14.50 7.51 9.59
CA ALA B 216 14.42 6.49 10.61
C ALA B 216 13.24 5.56 10.34
N GLN B 217 12.23 6.04 9.62
CA GLN B 217 10.92 5.39 9.51
C GLN B 217 10.80 4.54 8.26
N VAL B 218 11.89 4.32 7.55
CA VAL B 218 11.79 3.45 6.38
C VAL B 218 12.49 2.14 6.68
N LYS B 219 12.15 1.10 5.92
CA LYS B 219 12.71 -0.22 6.16
C LYS B 219 14.23 -0.18 6.25
N GLU B 220 14.87 0.66 5.46
CA GLU B 220 16.33 0.59 5.45
C GLU B 220 16.86 0.77 6.89
N ASN B 221 16.19 1.57 7.72
CA ASN B 221 16.73 1.86 9.08
C ASN B 221 16.86 0.57 9.91
N LYS B 222 16.07 -0.43 9.54
CA LYS B 222 16.12 -1.72 10.18
C LYS B 222 17.52 -2.36 10.20
N PHE B 223 18.41 -1.95 9.29
CA PHE B 223 19.67 -2.64 9.07
C PHE B 223 20.85 -1.91 9.64
N HIS B 224 20.62 -0.72 10.19
CA HIS B 224 21.74 0.05 10.79
C HIS B 224 22.26 -0.63 12.07
N VAL B 225 23.58 -0.85 12.16
CA VAL B 225 24.22 -1.18 13.43
C VAL B 225 25.02 0.03 13.96
N ARG B 226 25.24 0.99 13.07
CA ARG B 226 25.76 2.27 13.45
C ARG B 226 25.17 3.38 12.55
N TRP B 227 24.73 4.47 13.19
CA TRP B 227 23.97 5.56 12.57
C TRP B 227 24.10 6.80 13.49
N GLY B 228 25.34 7.26 13.67
CA GLY B 228 25.69 8.12 14.82
C GLY B 228 26.93 7.64 15.56
N SER B 229 26.94 7.84 16.87
CA SER B 229 28.00 7.35 17.80
C SER B 229 29.43 7.51 17.24
N PRO B 230 29.88 8.77 17.13
CA PRO B 230 29.07 9.91 17.48
C PRO B 230 28.36 10.50 16.31
N THR B 231 27.16 11.02 16.57
CA THR B 231 26.56 12.07 15.74
C THR B 231 27.25 13.34 16.14
N THR B 232 28.03 13.91 15.28
CA THR B 232 28.75 15.12 15.61
C THR B 232 28.09 16.29 14.91
N LEU B 233 27.60 17.26 15.68
CA LEU B 233 27.01 18.45 15.13
C LEU B 233 27.74 19.64 15.71
N GLY B 234 28.15 20.58 14.86
CA GLY B 234 28.92 21.70 15.26
C GLY B 234 28.73 22.78 14.23
N THR B 235 29.68 23.69 14.18
CA THR B 235 29.42 24.98 13.60
C THR B 235 30.47 25.37 12.53
N ILE B 236 30.02 25.91 11.40
CA ILE B 236 30.89 26.24 10.25
C ILE B 236 31.55 27.62 10.39
N HIS B 237 32.87 27.66 10.26
CA HIS B 237 33.67 28.91 10.22
C HIS B 237 34.96 28.64 9.47
N SER B 238 35.67 29.73 9.14
CA SER B 238 36.94 29.61 8.44
C SER B 238 37.98 29.01 9.35
N PRO B 239 38.90 28.18 8.81
CA PRO B 239 39.82 27.52 9.76
C PRO B 239 40.49 28.48 10.75
N GLU B 240 41.06 29.59 10.27
CA GLU B 240 41.62 30.56 11.19
C GLU B 240 40.63 30.99 12.26
N ASP B 241 39.37 31.29 11.88
CA ASP B 241 38.33 31.65 12.85
C ASP B 241 38.03 30.57 13.90
N VAL B 242 38.03 29.30 13.50
CA VAL B 242 37.86 28.17 14.47
C VAL B 242 38.94 28.16 15.56
N ILE B 243 40.18 28.28 15.15
CA ILE B 243 41.29 28.29 16.10
C ILE B 243 41.31 29.56 16.96
N LYS B 244 40.96 30.70 16.36
CA LYS B 244 40.70 31.94 17.13
C LYS B 244 39.64 31.67 18.18
N ALA B 245 38.60 30.89 17.82
CA ALA B 245 37.53 30.60 18.73
C ALA B 245 37.99 29.74 19.89
N LEU B 246 39.06 28.98 19.70
CA LEU B 246 39.48 28.06 20.74
C LEU B 246 40.44 28.73 21.67
N ALA B 247 40.96 29.87 21.23
CA ALA B 247 42.06 30.53 21.90
C ALA B 247 41.67 31.01 23.30
N ASP B 248 40.78 32.01 23.33
CA ASP B 248 40.37 32.69 24.59
C ASP B 248 39.66 31.80 25.65
N LYS C 8 14.89 39.66 23.37
CA LYS C 8 14.45 39.33 24.77
C LYS C 8 14.00 37.87 24.94
N ILE C 9 14.27 37.36 26.13
CA ILE C 9 14.09 35.98 26.42
C ILE C 9 13.41 35.91 27.75
N GLU C 10 12.16 35.45 27.75
CA GLU C 10 11.44 35.32 29.00
C GLU C 10 11.26 33.86 29.33
N ARG C 11 11.55 33.51 30.58
CA ARG C 11 11.50 32.13 31.07
C ARG C 11 10.17 31.47 30.75
N GLY C 12 9.10 32.14 31.17
CA GLY C 12 7.73 31.63 31.03
C GLY C 12 7.32 31.26 29.62
N THR C 13 7.83 32.01 28.65
CA THR C 13 7.60 31.78 27.24
C THR C 13 8.54 30.72 26.60
N ILE C 14 9.85 30.90 26.75
CA ILE C 14 10.80 30.07 26.01
C ILE C 14 10.66 28.62 26.41
N LEU C 15 10.22 28.38 27.64
CA LEU C 15 10.05 26.99 28.09
C LEU C 15 8.71 26.37 27.67
N THR C 16 7.96 27.08 26.85
CA THR C 16 6.60 26.75 26.53
C THR C 16 6.43 26.61 25.01
N GLN C 17 7.47 26.96 24.27
CA GLN C 17 7.32 27.17 22.84
C GLN C 17 8.03 26.11 22.05
N PRO C 18 7.60 25.87 20.81
CA PRO C 18 8.29 24.97 19.89
C PRO C 18 9.41 25.70 19.14
N GLY C 19 10.38 24.94 18.62
CA GLY C 19 11.58 25.53 18.03
C GLY C 19 12.64 26.03 19.03
N VAL C 20 12.63 25.52 20.27
CA VAL C 20 13.58 25.98 21.27
C VAL C 20 14.65 24.90 21.50
N PHE C 21 15.92 25.30 21.46
CA PHE C 21 16.98 24.32 21.52
C PHE C 21 17.37 24.09 22.92
N GLY C 22 17.44 22.83 23.32
CA GLY C 22 17.86 22.50 24.67
C GLY C 22 19.26 21.96 24.54
N VAL C 23 20.17 22.45 25.39
CA VAL C 23 21.53 21.91 25.45
C VAL C 23 21.92 21.53 26.87
N PHE C 24 21.85 20.25 27.16
CA PHE C 24 22.22 19.79 28.48
C PHE C 24 23.67 19.40 28.45
N THR C 25 24.45 19.96 29.38
CA THR C 25 25.88 19.64 29.48
C THR C 25 26.25 19.30 30.94
N MET C 26 26.77 18.07 31.13
CA MET C 26 27.20 17.56 32.44
C MET C 26 28.73 17.66 32.59
N PHE C 27 29.19 18.40 33.60
CA PHE C 27 30.60 18.62 33.85
C PHE C 27 31.07 17.90 35.10
N LYS C 28 32.32 17.47 35.10
CA LYS C 28 32.91 16.83 36.30
C LYS C 28 34.21 17.54 36.77
N LEU C 29 34.28 18.00 38.00
CA LEU C 29 35.43 18.77 38.41
C LEU C 29 36.74 17.96 38.50
N ARG C 30 37.81 18.39 37.85
CA ARG C 30 39.07 17.65 37.94
C ARG C 30 39.68 17.87 39.29
N PRO C 31 40.55 16.94 39.76
CA PRO C 31 41.16 16.98 41.11
C PRO C 31 42.02 18.21 41.40
N ASP C 32 42.50 18.88 40.35
CA ASP C 32 43.35 20.05 40.54
C ASP C 32 42.55 21.35 40.82
N TRP C 33 41.23 21.17 41.00
CA TRP C 33 40.32 22.23 41.42
C TRP C 33 40.44 22.46 42.91
N ASN C 34 40.58 21.41 43.70
CA ASN C 34 40.75 21.59 45.13
C ASN C 34 42.08 22.30 45.41
N LYS C 35 42.90 22.48 44.37
CA LYS C 35 44.18 23.18 44.48
C LYS C 35 44.20 24.60 43.87
N VAL C 36 43.07 25.01 43.29
CA VAL C 36 42.80 26.41 43.00
C VAL C 36 42.69 27.18 44.33
N PRO C 37 43.34 28.35 44.44
CA PRO C 37 43.41 28.97 45.76
C PRO C 37 42.05 29.48 46.31
N VAL C 38 41.66 28.99 47.49
CA VAL C 38 40.42 29.46 48.16
C VAL C 38 40.47 30.98 48.23
N ALA C 39 39.78 31.62 47.29
CA ALA C 39 39.85 33.07 47.04
C ALA C 39 39.37 33.22 45.63
N GLU C 40 40.09 32.58 44.72
CA GLU C 40 39.70 32.42 43.33
C GLU C 40 38.48 31.50 43.24
N ARG C 41 38.43 30.47 44.11
CA ARG C 41 37.32 29.50 44.14
C ARG C 41 36.03 30.11 44.66
N LYS C 42 36.17 30.97 45.67
CA LYS C 42 35.02 31.63 46.25
C LYS C 42 34.51 32.69 45.28
N GLY C 43 35.42 33.30 44.56
CA GLY C 43 35.07 34.29 43.56
C GLY C 43 34.50 33.65 42.31
N ALA C 44 34.44 32.32 42.27
CA ALA C 44 34.00 31.61 41.08
C ALA C 44 32.51 31.74 40.82
N ALA C 45 31.72 31.76 41.87
CA ALA C 45 30.29 31.84 41.74
C ALA C 45 29.81 33.15 41.10
N GLU C 46 30.31 34.29 41.57
CA GLU C 46 29.90 35.58 41.05
C GLU C 46 30.17 35.61 39.57
N GLU C 47 31.17 34.88 39.14
CA GLU C 47 31.64 35.00 37.78
C GLU C 47 30.66 34.33 36.81
N VAL C 48 30.13 33.17 37.22
CA VAL C 48 29.08 32.48 36.49
C VAL C 48 27.82 33.37 36.47
N LYS C 49 27.46 33.93 37.61
CA LYS C 49 26.32 34.83 37.75
C LYS C 49 26.35 36.01 36.77
N LYS C 50 27.53 36.61 36.57
CA LYS C 50 27.71 37.73 35.64
C LYS C 50 27.67 37.26 34.21
N LEU C 51 28.25 36.07 33.95
CA LEU C 51 28.19 35.44 32.64
C LEU C 51 26.74 35.15 32.26
N ILE C 52 25.95 34.60 33.20
CA ILE C 52 24.52 34.37 32.95
C ILE C 52 23.79 35.68 32.67
N GLU C 53 24.06 36.73 33.44
CA GLU C 53 23.51 38.08 33.17
C GLU C 53 23.94 38.61 31.79
N LYS C 54 25.22 38.47 31.47
CA LYS C 54 25.76 39.05 30.24
C LYS C 54 24.99 38.48 29.04
N HIS C 55 24.47 37.24 29.16
CA HIS C 55 23.63 36.58 28.13
C HIS C 55 22.13 36.52 28.46
N LYS C 56 21.68 37.29 29.46
CA LYS C 56 20.26 37.60 29.67
C LYS C 56 19.44 37.37 28.40
N ASP C 57 19.88 37.98 27.30
CA ASP C 57 19.10 38.10 26.04
C ASP C 57 19.43 37.10 24.97
N ASN C 58 20.38 36.18 25.20
CA ASN C 58 20.80 35.21 24.20
C ASN C 58 20.27 33.81 24.49
N VAL C 59 20.31 33.42 25.77
CA VAL C 59 19.90 32.07 26.21
C VAL C 59 19.24 32.09 27.59
N LEU C 60 18.50 31.04 27.92
CA LEU C 60 17.99 30.82 29.28
C LEU C 60 18.88 29.80 29.96
N VAL C 61 19.36 30.13 31.16
CA VAL C 61 20.28 29.23 31.87
C VAL C 61 19.65 28.58 33.10
N ASP C 62 19.80 27.26 33.24
CA ASP C 62 19.47 26.58 34.49
C ASP C 62 20.73 25.85 34.95
N LEU C 63 20.92 25.66 36.25
CA LEU C 63 22.13 24.95 36.70
C LEU C 63 21.84 24.01 37.88
N TYR C 64 22.26 22.77 37.78
CA TYR C 64 21.86 21.76 38.76
C TYR C 64 23.02 21.11 39.46
N LEU C 65 22.81 20.66 40.70
CA LEU C 65 23.88 20.11 41.49
C LEU C 65 23.72 18.58 41.54
N THR C 66 24.68 17.84 40.99
CA THR C 66 24.70 16.37 41.05
C THR C 66 25.88 15.75 41.84
N ARG C 67 26.83 16.58 42.26
CA ARG C 67 27.92 16.07 43.05
C ARG C 67 27.34 15.30 44.22
N GLY C 68 27.89 14.14 44.50
CA GLY C 68 27.43 13.34 45.64
C GLY C 68 26.34 12.36 45.26
N LEU C 69 25.66 12.58 44.12
CA LEU C 69 24.60 11.70 43.61
C LEU C 69 24.88 10.99 42.28
N GLU C 70 26.06 11.26 41.68
CA GLU C 70 26.38 10.90 40.27
C GLU C 70 27.86 10.66 40.07
N THR C 71 28.20 9.53 39.45
CA THR C 71 29.61 9.22 39.12
C THR C 71 30.23 10.22 38.13
N ASN C 72 29.51 10.52 37.07
CA ASN C 72 30.07 11.25 35.96
C ASN C 72 29.65 12.70 35.83
N SER C 73 29.17 13.28 36.93
CA SER C 73 28.94 14.70 36.92
C SER C 73 28.90 15.22 38.32
N ASP C 74 29.35 16.48 38.47
CA ASP C 74 29.22 17.22 39.72
C ASP C 74 28.08 18.25 39.54
N PHE C 75 27.94 18.83 38.35
CA PHE C 75 26.87 19.83 38.10
C PHE C 75 26.48 19.76 36.64
N PHE C 76 25.34 20.30 36.26
CA PHE C 76 25.04 20.32 34.85
C PHE C 76 24.19 21.53 34.53
N PHE C 77 24.27 21.99 33.28
CA PHE C 77 23.51 23.12 32.83
C PHE C 77 22.32 22.67 31.96
N ARG C 78 21.23 23.44 32.02
CA ARG C 78 20.24 23.36 30.95
C ARG C 78 20.04 24.76 30.33
N ILE C 79 20.56 24.85 29.09
CA ILE C 79 20.45 26.04 28.25
C ILE C 79 19.24 25.92 27.31
N ASN C 80 18.45 26.97 27.22
CA ASN C 80 17.47 26.99 26.15
C ASN C 80 17.72 28.18 25.29
N ALA C 81 17.57 28.02 23.99
CA ALA C 81 17.92 29.09 23.11
C ALA C 81 17.06 29.00 21.89
N TYR C 82 16.78 30.14 21.25
CA TYR C 82 16.09 30.11 19.96
C TYR C 82 17.04 29.69 18.86
N ASP C 83 18.34 29.88 19.16
CA ASP C 83 19.46 29.73 18.26
C ASP C 83 20.53 28.77 18.79
N LEU C 84 20.70 27.57 18.23
CA LEU C 84 21.78 26.69 18.73
C LEU C 84 23.14 27.38 18.89
N ALA C 85 23.54 28.15 17.88
CA ALA C 85 24.84 28.84 17.89
C ALA C 85 25.03 29.63 19.17
N LYS C 86 23.97 30.27 19.63
CA LYS C 86 24.05 31.06 20.85
C LYS C 86 24.23 30.20 22.13
N ALA C 87 23.53 29.07 22.21
CA ALA C 87 23.75 28.10 23.26
C ALA C 87 25.22 27.65 23.19
N GLN C 88 25.77 27.55 21.97
CA GLN C 88 27.18 27.18 21.88
C GLN C 88 28.08 28.26 22.46
N THR C 89 27.87 29.50 22.05
CA THR C 89 28.66 30.61 22.53
C THR C 89 28.57 30.72 24.05
N PHE C 90 27.40 30.53 24.64
CA PHE C 90 27.36 30.62 26.10
C PHE C 90 28.27 29.60 26.69
N MET C 91 28.11 28.36 26.24
CA MET C 91 28.84 27.24 26.82
C MET C 91 30.35 27.38 26.65
N ARG C 92 30.72 27.82 25.46
CA ARG C 92 32.08 28.06 25.13
C ARG C 92 32.66 29.09 26.08
N GLU C 93 31.86 30.09 26.45
CA GLU C 93 32.30 31.13 27.36
C GLU C 93 32.28 30.63 28.78
N PHE C 94 31.33 29.75 29.10
CA PHE C 94 31.32 29.17 30.43
C PHE C 94 32.59 28.42 30.71
N ARG C 95 33.05 27.66 29.72
CA ARG C 95 34.27 26.88 29.87
C ARG C 95 35.58 27.69 30.04
N SER C 96 35.50 29.02 29.92
CA SER C 96 36.64 29.94 30.14
C SER C 96 36.58 30.54 31.51
N THR C 97 35.42 30.34 32.14
CA THR C 97 35.17 30.66 33.54
C THR C 97 36.18 29.94 34.48
N THR C 98 36.34 30.36 35.73
CA THR C 98 37.33 29.68 36.57
C THR C 98 36.98 28.20 36.77
N VAL C 99 35.70 27.94 37.07
CA VAL C 99 35.17 26.60 37.20
C VAL C 99 35.27 25.89 35.85
N GLY C 100 34.97 26.60 34.77
CA GLY C 100 34.99 26.03 33.42
C GLY C 100 36.33 25.43 33.09
N LYS C 101 37.38 26.23 33.26
CA LYS C 101 38.77 25.76 33.17
C LYS C 101 39.13 24.62 34.13
N ASN C 102 38.27 24.27 35.10
CA ASN C 102 38.60 23.18 35.99
C ASN C 102 37.68 21.98 35.94
N ALA C 103 36.79 21.93 34.96
CA ALA C 103 35.91 20.76 34.83
C ALA C 103 35.99 20.20 33.44
N ASP C 104 35.85 18.89 33.31
CA ASP C 104 35.78 18.22 32.03
C ASP C 104 34.33 17.96 31.69
N VAL C 105 34.00 17.90 30.41
CA VAL C 105 32.62 17.58 29.97
C VAL C 105 32.40 16.06 29.93
N PHE C 106 31.43 15.54 30.63
CA PHE C 106 31.18 14.12 30.55
C PHE C 106 29.94 13.74 29.75
N GLU C 107 29.02 14.69 29.55
CA GLU C 107 27.84 14.45 28.70
C GLU C 107 27.36 15.71 28.05
N THR C 108 26.89 15.55 26.82
CA THR C 108 26.20 16.65 26.14
C THR C 108 25.07 16.09 25.34
N LEU C 109 23.93 16.77 25.39
CA LEU C 109 22.75 16.38 24.68
C LEU C 109 22.13 17.60 24.04
N VAL C 110 22.04 17.59 22.74
CA VAL C 110 21.37 18.65 22.00
C VAL C 110 20.01 18.15 21.52
N GLY C 111 18.98 18.96 21.76
CA GLY C 111 17.66 18.65 21.28
C GLY C 111 16.90 19.91 20.96
N VAL C 112 15.79 19.73 20.27
CA VAL C 112 14.93 20.84 19.97
C VAL C 112 13.51 20.43 20.33
N THR C 113 12.74 21.43 20.73
CA THR C 113 11.32 21.43 21.01
C THR C 113 10.47 21.40 19.74
N LYS C 114 9.34 20.68 19.82
CA LYS C 114 8.41 20.58 18.66
C LYS C 114 6.94 20.60 19.04
N PRO C 115 6.04 20.85 18.08
CA PRO C 115 4.64 20.72 18.48
C PRO C 115 4.37 19.29 18.83
N LEU C 116 3.18 19.05 19.41
CA LEU C 116 2.81 17.73 19.84
C LEU C 116 2.61 16.91 18.58
N ASN C 117 3.13 15.68 18.61
CA ASN C 117 3.02 14.71 17.55
C ASN C 117 1.88 13.71 17.72
N TYR C 118 1.60 13.33 18.97
CA TYR C 118 0.50 12.39 19.22
C TYR C 118 -0.73 12.98 19.95
N ILE C 119 -0.52 13.49 21.15
CA ILE C 119 -1.64 13.79 22.03
C ILE C 119 -2.01 15.24 21.82
N SER C 120 -2.34 15.54 20.58
CA SER C 120 -2.81 16.84 20.18
C SER C 120 -4.34 16.94 20.24
N LYS C 121 -4.83 18.16 20.22
CA LYS C 121 -6.26 18.42 20.17
C LYS C 121 -6.91 17.66 19.01
N ASP C 122 -6.25 17.64 17.86
CA ASP C 122 -6.80 16.96 16.70
C ASP C 122 -6.88 15.47 16.83
N LYS C 123 -5.79 14.85 17.26
CA LYS C 123 -5.61 13.41 17.13
C LYS C 123 -6.15 12.60 18.31
N SER C 124 -5.93 13.13 19.51
CA SER C 124 -6.37 12.51 20.76
C SER C 124 -7.02 13.56 21.67
N PRO C 125 -8.15 14.16 21.25
CA PRO C 125 -8.68 15.27 22.06
C PRO C 125 -8.89 14.90 23.53
N GLY C 126 -9.24 13.65 23.79
CA GLY C 126 -9.63 13.23 25.12
C GLY C 126 -8.51 13.44 26.10
N LEU C 127 -7.39 12.79 25.81
CA LEU C 127 -6.21 12.84 26.66
C LEU C 127 -5.55 14.20 26.63
N ASN C 128 -5.75 14.93 25.53
CA ASN C 128 -5.15 16.26 25.41
C ASN C 128 -5.76 17.27 26.41
N ALA C 129 -7.08 17.22 26.59
CA ALA C 129 -7.74 18.10 27.56
C ALA C 129 -7.14 17.84 28.93
N GLY C 130 -6.96 16.56 29.22
CA GLY C 130 -6.29 16.12 30.42
C GLY C 130 -4.93 16.73 30.57
N LEU C 131 -4.11 16.64 29.52
CA LEU C 131 -2.74 17.08 29.59
C LEU C 131 -2.61 18.57 29.77
N SER C 132 -3.42 19.35 29.06
CA SER C 132 -3.28 20.80 29.13
C SER C 132 -3.89 21.43 30.40
N SER C 133 -4.94 20.83 30.96
CA SER C 133 -5.58 21.42 32.13
C SER C 133 -5.18 20.76 33.46
N ALA C 134 -3.98 20.18 33.49
CA ALA C 134 -3.50 19.61 34.75
C ALA C 134 -2.36 20.44 35.35
N THR C 135 -2.37 20.51 36.65
CA THR C 135 -1.72 21.60 37.31
C THR C 135 -0.87 21.02 38.47
N TYR C 136 0.42 21.40 38.52
CA TYR C 136 1.36 20.92 39.54
C TYR C 136 0.99 21.40 40.94
N SER C 137 0.99 20.49 41.92
CA SER C 137 0.59 20.83 43.30
C SER C 137 1.65 20.65 44.34
N GLY C 138 1.47 21.31 45.46
CA GLY C 138 2.42 21.21 46.56
C GLY C 138 3.87 21.65 46.29
N PRO C 139 4.84 21.11 47.09
CA PRO C 139 6.14 21.75 47.29
C PRO C 139 6.90 22.01 46.02
N ALA C 140 7.60 23.15 46.00
CA ALA C 140 8.58 23.46 44.97
C ALA C 140 9.51 22.24 44.84
N PRO C 141 9.72 21.78 43.59
CA PRO C 141 10.52 20.60 43.26
C PRO C 141 11.99 20.72 43.71
N ARG C 142 12.45 19.84 44.59
CA ARG C 142 13.86 19.86 44.96
C ARG C 142 14.79 19.07 44.05
N TYR C 143 14.25 18.14 43.28
CA TYR C 143 15.06 17.30 42.42
C TYR C 143 14.79 17.49 40.92
N VAL C 144 15.83 17.33 40.11
CA VAL C 144 15.70 17.30 38.66
C VAL C 144 16.11 15.91 38.17
N ILE C 145 15.46 15.40 37.12
CA ILE C 145 15.90 14.16 36.48
C ILE C 145 15.99 14.41 34.97
N VAL C 146 17.05 13.95 34.32
CA VAL C 146 17.15 14.12 32.89
C VAL C 146 17.39 12.74 32.34
N ILE C 147 16.57 12.34 31.37
CA ILE C 147 16.71 11.01 30.77
C ILE C 147 16.71 11.02 29.23
N PRO C 148 17.84 10.66 28.60
CA PRO C 148 17.78 10.60 27.17
C PRO C 148 17.21 9.28 26.72
N VAL C 149 16.31 9.33 25.73
CA VAL C 149 15.56 8.17 25.32
C VAL C 149 15.66 8.02 23.80
N LYS C 150 15.95 6.80 23.34
CA LYS C 150 16.09 6.47 21.92
C LYS C 150 15.33 5.16 21.66
N LYS C 151 14.54 5.13 20.60
CA LYS C 151 13.71 3.98 20.28
C LYS C 151 14.24 3.29 19.03
N ASN C 152 14.03 1.98 18.86
CA ASN C 152 14.66 1.27 17.71
C ASN C 152 14.02 1.47 16.33
N ALA C 153 14.60 0.86 15.30
CA ALA C 153 14.06 0.99 13.94
C ALA C 153 12.67 0.38 13.82
N GLU C 154 12.39 -0.59 14.66
CA GLU C 154 11.05 -1.17 14.63
C GLU C 154 9.96 -0.16 15.01
N TRP C 155 10.21 0.60 16.08
CA TRP C 155 9.31 1.66 16.50
C TRP C 155 9.06 2.59 15.34
N TRP C 156 10.12 3.20 14.82
CA TRP C 156 9.95 4.16 13.75
C TRP C 156 9.28 3.61 12.49
N ASN C 157 9.29 2.30 12.33
CA ASN C 157 8.69 1.74 11.12
C ASN C 157 7.24 1.32 11.33
N MET C 158 6.71 1.44 12.56
CA MET C 158 5.26 1.24 12.77
C MET C 158 4.54 2.45 12.19
N SER C 159 3.31 2.24 11.74
CA SER C 159 2.52 3.31 11.18
C SER C 159 2.14 4.35 12.23
N PRO C 160 1.87 5.60 11.79
CA PRO C 160 1.47 6.61 12.78
C PRO C 160 0.27 6.20 13.64
N GLU C 161 -0.61 5.35 13.12
CA GLU C 161 -1.78 4.93 13.89
C GLU C 161 -1.33 4.09 15.10
N GLU C 162 -0.41 3.15 14.84
CA GLU C 162 0.06 2.20 15.84
C GLU C 162 0.88 2.97 16.86
N ARG C 163 1.70 3.92 16.41
CA ARG C 163 2.54 4.67 17.31
C ARG C 163 1.71 5.56 18.22
N LEU C 164 0.70 6.22 17.63
CA LEU C 164 -0.34 6.89 18.39
C LEU C 164 -0.92 5.99 19.49
N LYS C 165 -1.36 4.79 19.11
CA LYS C 165 -2.02 3.88 20.07
C LYS C 165 -1.15 3.69 21.31
N GLU C 166 0.14 3.63 21.06
CA GLU C 166 1.09 3.34 22.09
C GLU C 166 1.35 4.56 22.91
N MET C 167 1.33 5.73 22.29
CA MET C 167 1.54 6.94 23.04
C MET C 167 0.27 7.26 23.81
N GLU C 168 -0.83 6.76 23.30
CA GLU C 168 -2.05 6.90 24.01
C GLU C 168 -1.86 6.09 25.28
N VAL C 169 -1.11 5.01 25.19
CA VAL C 169 -0.99 4.12 26.33
C VAL C 169 0.01 4.69 27.35
N HIS C 170 1.04 5.39 26.83
CA HIS C 170 2.01 6.18 27.62
C HIS C 170 1.31 7.21 28.50
N THR C 171 0.38 7.98 27.91
CA THR C 171 -0.34 9.06 28.59
C THR C 171 -1.30 8.61 29.73
N THR C 172 -1.93 7.46 29.57
CA THR C 172 -3.04 7.04 30.43
C THR C 172 -2.74 6.94 31.94
N PRO C 173 -1.69 6.20 32.32
CA PRO C 173 -1.39 6.24 33.74
C PRO C 173 -0.58 7.48 34.17
N THR C 174 -0.02 8.24 33.23
CA THR C 174 0.96 9.21 33.61
C THR C 174 0.35 10.58 33.88
N LEU C 175 -0.81 10.85 33.30
CA LEU C 175 -1.41 12.15 33.44
C LEU C 175 -1.57 12.47 34.92
N ALA C 176 -1.82 11.45 35.72
CA ALA C 176 -2.05 11.65 37.15
C ALA C 176 -0.81 12.15 37.92
N TYR C 177 0.37 11.94 37.37
CA TYR C 177 1.59 12.32 38.06
C TYR C 177 1.92 13.78 37.84
N LEU C 178 1.04 14.47 37.10
CA LEU C 178 1.27 15.87 36.78
C LEU C 178 1.04 16.82 37.98
N VAL C 179 0.55 16.26 39.09
CA VAL C 179 0.34 17.04 40.29
C VAL C 179 1.63 17.03 41.08
N ASN C 180 2.57 16.21 40.60
CA ASN C 180 3.71 15.73 41.37
C ASN C 180 5.05 16.02 40.73
N VAL C 181 5.04 16.00 39.39
CA VAL C 181 6.20 15.95 38.54
C VAL C 181 5.97 16.96 37.42
N LYS C 182 6.98 17.76 37.12
CA LYS C 182 6.94 18.64 35.98
C LYS C 182 7.70 17.97 34.85
N ARG C 183 7.21 18.07 33.61
CA ARG C 183 7.88 17.43 32.46
C ARG C 183 8.23 18.37 31.30
N LYS C 184 9.20 17.98 30.47
CA LYS C 184 9.49 18.74 29.23
C LYS C 184 10.16 17.79 28.27
N LEU C 185 9.72 17.82 27.01
CA LEU C 185 10.22 16.89 26.04
C LEU C 185 11.01 17.62 24.96
N TYR C 186 12.31 17.33 24.82
CA TYR C 186 13.07 17.81 23.65
C TYR C 186 13.20 16.69 22.60
N HIS C 187 13.37 17.01 21.31
CA HIS C 187 13.58 16.01 20.26
C HIS C 187 15.03 16.08 19.69
N SER C 188 15.64 14.93 19.37
CA SER C 188 17.04 14.93 18.95
C SER C 188 17.47 14.09 17.74
N THR C 189 16.64 13.16 17.27
CA THR C 189 17.04 12.30 16.15
C THR C 189 17.74 13.11 15.09
N GLY C 190 18.92 12.70 14.67
CA GLY C 190 19.59 13.40 13.58
C GLY C 190 20.47 14.48 14.14
N LEU C 191 20.12 15.01 15.30
CA LEU C 191 20.87 16.09 15.89
C LEU C 191 21.89 15.63 16.91
N ASP C 192 21.56 14.61 17.68
CA ASP C 192 22.53 14.00 18.62
C ASP C 192 22.20 12.54 18.80
N ASP C 193 23.00 11.86 19.64
CA ASP C 193 22.88 10.39 19.85
C ASP C 193 21.80 9.97 20.81
N THR C 194 20.59 10.40 20.50
CA THR C 194 19.36 9.97 21.17
C THR C 194 18.18 10.46 20.33
N ASP C 195 16.98 9.90 20.53
CA ASP C 195 15.76 10.35 19.83
C ASP C 195 15.09 11.50 20.61
N PHE C 196 15.12 11.40 21.94
CA PHE C 196 14.58 12.43 22.83
C PHE C 196 15.47 12.75 24.03
N ILE C 197 15.23 13.91 24.65
CA ILE C 197 15.78 14.23 25.96
C ILE C 197 14.58 14.61 26.75
N THR C 198 14.43 13.96 27.90
CA THR C 198 13.32 14.28 28.79
C THR C 198 13.91 14.89 30.06
N TYR C 199 13.13 15.80 30.60
CA TYR C 199 13.51 16.65 31.70
C TYR C 199 12.37 16.64 32.70
N PHE C 200 12.68 16.38 33.96
CA PHE C 200 11.65 16.29 34.99
C PHE C 200 12.07 17.00 36.26
N GLU C 201 11.09 17.48 37.02
CA GLU C 201 11.38 18.15 38.28
C GLU C 201 10.30 17.60 39.14
N THR C 202 10.63 17.25 40.38
CA THR C 202 9.67 16.68 41.31
C THR C 202 10.20 16.79 42.70
N ASP C 203 9.32 16.72 43.69
CA ASP C 203 9.76 16.67 45.06
C ASP C 203 9.64 15.27 45.66
N ASP C 204 8.96 14.39 44.95
CA ASP C 204 8.59 13.12 45.52
C ASP C 204 9.22 12.06 44.67
N LEU C 205 10.44 11.63 45.04
CA LEU C 205 11.19 10.63 44.25
C LEU C 205 10.54 9.25 44.24
N THR C 206 9.85 8.89 45.33
CA THR C 206 9.07 7.65 45.38
C THR C 206 8.01 7.75 44.30
N ALA C 207 7.37 8.90 44.16
CA ALA C 207 6.36 9.01 43.12
C ALA C 207 7.07 8.94 41.76
N PHE C 208 8.32 9.40 41.66
CA PHE C 208 8.93 9.38 40.36
C PHE C 208 9.25 7.94 39.98
N ASN C 209 9.62 7.15 40.98
CA ASN C 209 9.92 5.78 40.74
C ASN C 209 8.67 5.13 40.20
N ASN C 210 7.54 5.29 40.89
CA ASN C 210 6.32 4.64 40.46
C ASN C 210 5.89 5.04 39.08
N LEU C 211 6.25 6.26 38.69
CA LEU C 211 5.88 6.81 37.41
C LEU C 211 6.62 6.05 36.34
N MET C 212 7.93 5.89 36.52
CA MET C 212 8.72 5.06 35.61
C MET C 212 8.24 3.60 35.58
N LEU C 213 7.79 3.07 36.72
CA LEU C 213 7.45 1.68 36.68
C LEU C 213 6.22 1.54 35.80
N SER C 214 5.33 2.52 35.86
CA SER C 214 4.15 2.59 35.04
C SER C 214 4.48 2.48 33.58
N LEU C 215 5.54 3.18 33.19
CA LEU C 215 5.91 3.29 31.82
C LEU C 215 6.75 2.08 31.41
N ALA C 216 7.44 1.49 32.38
CA ALA C 216 8.30 0.35 32.08
C ALA C 216 7.43 -0.79 31.67
N GLN C 217 6.19 -0.72 32.15
CA GLN C 217 5.19 -1.81 32.07
C GLN C 217 4.27 -1.79 30.83
N VAL C 218 4.47 -0.85 29.90
CA VAL C 218 3.61 -0.75 28.71
C VAL C 218 4.41 -1.07 27.49
N LYS C 219 3.74 -1.50 26.40
CA LYS C 219 4.43 -1.96 25.18
C LYS C 219 5.49 -1.03 24.66
N GLU C 220 5.24 0.28 24.74
CA GLU C 220 6.24 1.27 24.30
C GLU C 220 7.66 0.93 24.80
N ASN C 221 7.79 0.42 26.04
CA ASN C 221 9.12 0.23 26.63
C ASN C 221 9.89 -0.80 25.80
N LYS C 222 9.18 -1.64 25.06
CA LYS C 222 9.82 -2.68 24.28
C LYS C 222 10.72 -2.15 23.14
N PHE C 223 10.65 -0.87 22.86
CA PHE C 223 11.39 -0.32 21.72
C PHE C 223 12.55 0.56 22.10
N HIS C 224 12.72 0.83 23.39
CA HIS C 224 13.84 1.58 23.88
C HIS C 224 15.12 0.80 23.67
N VAL C 225 16.07 1.43 22.98
CA VAL C 225 17.48 1.02 23.05
C VAL C 225 18.29 1.93 23.96
N ARG C 226 17.74 3.10 24.30
CA ARG C 226 18.32 3.92 25.34
C ARG C 226 17.22 4.55 26.12
N TRP C 227 17.30 4.42 27.45
CA TRP C 227 16.29 4.92 28.38
C TRP C 227 16.98 5.34 29.66
N GLY C 228 17.81 6.38 29.64
CA GLY C 228 18.80 6.59 30.71
C GLY C 228 20.21 6.62 30.13
N SER C 229 21.18 6.07 30.86
CA SER C 229 22.60 5.94 30.42
C SER C 229 23.17 7.22 29.80
N PRO C 230 23.25 8.26 30.62
CA PRO C 230 22.89 8.12 32.04
C PRO C 230 21.49 8.63 32.41
N THR C 231 20.97 8.06 33.48
CA THR C 231 19.88 8.69 34.18
C THR C 231 20.51 9.64 35.15
N THR C 232 20.32 10.95 34.94
CA THR C 232 20.92 11.99 35.80
C THR C 232 19.89 12.57 36.74
N LEU C 233 20.11 12.42 38.03
CA LEU C 233 19.21 12.94 39.07
C LEU C 233 20.08 13.72 40.04
N GLY C 234 19.88 15.02 40.09
CA GLY C 234 20.58 15.87 41.00
C GLY C 234 19.52 16.78 41.55
N THR C 235 19.96 17.91 42.06
CA THR C 235 19.17 18.64 43.02
C THR C 235 19.07 20.12 42.56
N ILE C 236 17.91 20.77 42.73
CA ILE C 236 17.65 22.12 42.12
C ILE C 236 18.10 23.35 42.96
N HIS C 237 18.91 24.22 42.38
CA HIS C 237 19.27 25.44 43.07
C HIS C 237 19.47 26.59 42.07
N SER C 238 19.62 27.79 42.63
CA SER C 238 20.09 28.95 41.85
C SER C 238 21.52 28.79 41.34
N PRO C 239 21.79 29.24 40.10
CA PRO C 239 23.13 29.16 39.50
C PRO C 239 24.22 29.49 40.47
N GLU C 240 24.10 30.56 41.24
CA GLU C 240 25.19 30.86 42.15
C GLU C 240 25.31 29.88 43.32
N ASP C 241 24.19 29.40 43.84
CA ASP C 241 24.26 28.41 44.90
C ASP C 241 24.99 27.13 44.48
N VAL C 242 24.70 26.64 43.27
CA VAL C 242 25.34 25.40 42.80
C VAL C 242 26.84 25.59 42.87
N ILE C 243 27.31 26.68 42.30
CA ILE C 243 28.73 26.97 42.30
C ILE C 243 29.30 27.20 43.71
N LYS C 244 28.55 27.87 44.59
CA LYS C 244 28.99 28.05 45.96
C LYS C 244 29.15 26.68 46.63
N ALA C 245 28.25 25.76 46.33
CA ALA C 245 28.34 24.44 46.91
C ALA C 245 29.46 23.61 46.30
N LEU C 246 29.92 23.96 45.11
CA LEU C 246 31.02 23.24 44.53
C LEU C 246 32.34 23.71 45.12
N ALA C 247 32.31 24.84 45.80
CA ALA C 247 33.51 25.60 46.08
C ALA C 247 34.31 25.00 47.23
N ASP C 248 33.67 24.95 48.40
CA ASP C 248 34.21 24.32 49.65
C ASP C 248 34.51 22.80 49.50
N LYS D 8 68.64 -18.58 12.90
CA LYS D 8 68.69 -17.83 11.61
C LYS D 8 67.30 -17.69 10.94
N ILE D 9 66.88 -16.45 10.73
CA ILE D 9 65.50 -16.06 10.38
C ILE D 9 65.51 -15.34 9.04
N GLU D 10 64.94 -15.96 8.02
CA GLU D 10 64.89 -15.32 6.70
C GLU D 10 63.47 -14.90 6.36
N ARG D 11 63.32 -13.63 6.02
CA ARG D 11 62.03 -13.01 5.81
C ARG D 11 61.18 -13.80 4.83
N GLY D 12 61.71 -14.14 3.67
CA GLY D 12 60.99 -14.99 2.74
C GLY D 12 60.50 -16.30 3.33
N THR D 13 61.22 -16.84 4.31
CA THR D 13 60.92 -18.15 4.89
C THR D 13 59.92 -18.09 6.04
N ILE D 14 60.19 -17.23 7.01
CA ILE D 14 59.33 -17.21 8.20
C ILE D 14 57.89 -16.73 7.89
N LEU D 15 57.75 -15.82 6.94
CA LEU D 15 56.44 -15.35 6.50
C LEU D 15 55.66 -16.37 5.66
N THR D 16 56.27 -17.53 5.43
CA THR D 16 55.77 -18.53 4.50
C THR D 16 55.39 -19.84 5.20
N GLN D 17 55.98 -20.05 6.38
CA GLN D 17 55.88 -21.29 7.15
C GLN D 17 54.75 -21.28 8.17
N PRO D 18 54.19 -22.47 8.49
CA PRO D 18 53.25 -22.69 9.62
C PRO D 18 53.93 -22.79 11.00
N GLY D 19 53.17 -22.56 12.06
CA GLY D 19 53.75 -22.59 13.40
C GLY D 19 54.49 -21.30 13.71
N VAL D 20 54.16 -20.20 13.02
CA VAL D 20 54.84 -18.91 13.24
C VAL D 20 54.00 -17.92 14.06
N PHE D 21 54.51 -17.48 15.23
CA PHE D 21 53.73 -16.56 16.06
C PHE D 21 53.76 -15.16 15.55
N GLY D 22 52.58 -14.56 15.47
CA GLY D 22 52.45 -13.18 15.07
C GLY D 22 52.00 -12.41 16.28
N VAL D 23 52.61 -11.25 16.51
CA VAL D 23 52.22 -10.41 17.64
C VAL D 23 52.18 -8.98 17.13
N PHE D 24 50.98 -8.49 16.84
CA PHE D 24 50.82 -7.10 16.48
C PHE D 24 50.54 -6.27 17.72
N THR D 25 51.18 -5.10 17.83
CA THR D 25 50.96 -4.16 18.95
C THR D 25 50.93 -2.69 18.48
N MET D 26 49.83 -2.02 18.82
CA MET D 26 49.55 -0.63 18.42
C MET D 26 49.87 0.25 19.61
N PHE D 27 50.72 1.24 19.37
CA PHE D 27 51.22 2.14 20.41
C PHE D 27 50.77 3.56 20.11
N LYS D 28 50.50 4.33 21.15
CA LYS D 28 50.13 5.73 20.99
C LYS D 28 51.11 6.53 21.78
N LEU D 29 51.72 7.53 21.15
CA LEU D 29 52.69 8.40 21.85
C LEU D 29 52.02 9.28 22.86
N ARG D 30 52.65 9.41 24.01
CA ARG D 30 52.11 10.24 25.06
C ARG D 30 52.46 11.72 24.88
N PRO D 31 51.59 12.62 25.41
CA PRO D 31 51.88 14.03 25.17
C PRO D 31 53.27 14.46 25.60
N ASP D 32 53.81 13.93 26.68
CA ASP D 32 55.19 14.35 27.05
C ASP D 32 56.36 13.92 26.12
N TRP D 33 56.04 13.13 25.08
CA TRP D 33 56.97 12.91 23.95
C TRP D 33 57.37 14.19 23.16
N ASN D 34 56.52 15.21 23.15
CA ASN D 34 56.86 16.45 22.44
C ASN D 34 57.83 17.23 23.29
N LYS D 35 58.11 16.76 24.50
CA LYS D 35 58.99 17.47 25.41
C LYS D 35 60.39 16.84 25.52
N VAL D 36 60.52 15.62 24.99
CA VAL D 36 61.83 15.03 24.74
C VAL D 36 62.59 15.96 23.77
N PRO D 37 63.82 16.41 24.14
CA PRO D 37 64.55 17.40 23.30
C PRO D 37 64.71 16.85 21.89
N VAL D 38 64.20 17.56 20.88
CA VAL D 38 64.25 17.05 19.49
C VAL D 38 65.70 16.73 19.20
N ALA D 39 65.98 15.51 18.75
CA ALA D 39 67.38 15.03 18.56
C ALA D 39 67.62 13.79 19.38
N GLU D 40 67.15 13.79 20.63
CA GLU D 40 67.03 12.58 21.44
C GLU D 40 65.90 11.76 20.81
N ARG D 41 64.85 12.48 20.40
CA ARG D 41 63.77 12.04 19.53
C ARG D 41 64.24 11.55 18.16
N LYS D 42 64.99 12.36 17.42
CA LYS D 42 65.45 11.89 16.10
C LYS D 42 66.45 10.74 16.23
N GLY D 43 67.24 10.76 17.31
CA GLY D 43 68.20 9.71 17.65
C GLY D 43 67.56 8.45 18.17
N ALA D 44 66.26 8.49 18.43
CA ALA D 44 65.50 7.32 18.87
C ALA D 44 65.33 6.31 17.78
N ALA D 45 65.40 6.72 16.52
CA ALA D 45 65.29 5.79 15.40
C ALA D 45 66.47 4.84 15.35
N GLU D 46 67.66 5.38 15.61
CA GLU D 46 68.88 4.61 15.64
C GLU D 46 68.75 3.50 16.68
N GLU D 47 68.22 3.84 17.84
CA GLU D 47 68.05 2.89 18.94
C GLU D 47 67.19 1.70 18.55
N VAL D 48 66.12 1.95 17.82
CA VAL D 48 65.20 0.94 17.36
C VAL D 48 65.85 0.12 16.28
N LYS D 49 66.50 0.77 15.35
CA LYS D 49 67.31 0.03 14.40
C LYS D 49 68.31 -0.96 15.06
N LYS D 50 69.01 -0.53 16.11
CA LYS D 50 69.98 -1.40 16.76
C LYS D 50 69.30 -2.56 17.44
N LEU D 51 68.14 -2.31 18.04
CA LEU D 51 67.36 -3.33 18.76
C LEU D 51 66.90 -4.42 17.80
N ILE D 52 66.51 -4.01 16.60
CA ILE D 52 66.07 -4.94 15.59
C ILE D 52 67.24 -5.82 15.15
N GLU D 53 68.44 -5.25 14.98
CA GLU D 53 69.60 -6.04 14.54
C GLU D 53 70.11 -6.93 15.66
N LYS D 54 69.96 -6.46 16.90
CA LYS D 54 70.27 -7.26 18.09
C LYS D 54 69.37 -8.49 18.17
N HIS D 55 68.13 -8.31 17.68
CA HIS D 55 67.19 -9.42 17.60
C HIS D 55 67.08 -10.02 16.20
N LYS D 56 68.06 -9.74 15.31
CA LYS D 56 68.24 -10.35 13.96
C LYS D 56 67.78 -11.79 13.89
N ASP D 57 68.27 -12.56 14.87
CA ASP D 57 68.22 -14.02 14.94
C ASP D 57 66.96 -14.55 15.67
N ASN D 58 66.22 -13.66 16.36
CA ASN D 58 65.15 -14.09 17.26
C ASN D 58 63.76 -13.91 16.69
N VAL D 59 63.52 -12.75 16.10
CA VAL D 59 62.22 -12.37 15.59
C VAL D 59 62.39 -11.61 14.27
N LEU D 60 61.35 -11.61 13.44
CA LEU D 60 61.27 -10.69 12.32
C LEU D 60 60.44 -9.47 12.76
N VAL D 61 60.86 -8.27 12.37
CA VAL D 61 60.17 -7.08 12.87
C VAL D 61 59.61 -6.22 11.75
N ASP D 62 58.38 -5.74 11.87
CA ASP D 62 57.88 -4.76 10.93
C ASP D 62 57.30 -3.58 11.69
N LEU D 63 57.31 -2.38 11.09
CA LEU D 63 56.81 -1.18 11.75
C LEU D 63 56.03 -0.32 10.78
N TYR D 64 54.85 0.13 11.19
CA TYR D 64 53.93 0.82 10.30
C TYR D 64 53.51 2.11 10.93
N LEU D 65 53.37 3.14 10.14
CA LEU D 65 53.00 4.47 10.65
C LEU D 65 51.48 4.68 10.55
N THR D 66 50.80 4.90 11.68
CA THR D 66 49.37 5.17 11.64
C THR D 66 48.97 6.59 12.12
N ARG D 67 49.92 7.33 12.70
CA ARG D 67 49.65 8.66 13.17
C ARG D 67 49.05 9.43 12.04
N GLY D 68 47.92 10.09 12.30
CA GLY D 68 47.26 10.90 11.29
C GLY D 68 46.11 10.18 10.61
N LEU D 69 46.11 8.86 10.76
CA LEU D 69 45.03 8.05 10.20
C LEU D 69 44.25 7.24 11.23
N GLU D 70 44.77 7.14 12.47
CA GLU D 70 44.12 6.30 13.51
C GLU D 70 43.93 6.98 14.85
N THR D 71 42.82 6.70 15.51
CA THR D 71 42.58 7.30 16.81
C THR D 71 43.40 6.64 17.93
N ASN D 72 43.57 5.33 17.87
CA ASN D 72 44.24 4.70 18.96
C ASN D 72 45.60 4.09 18.61
N SER D 73 46.30 4.71 17.65
CA SER D 73 47.69 4.39 17.47
C SER D 73 48.44 5.44 16.65
N ASP D 74 49.72 5.65 17.00
CA ASP D 74 50.61 6.42 16.13
C ASP D 74 51.43 5.49 15.28
N PHE D 75 51.72 4.30 15.80
CA PHE D 75 52.48 3.31 15.04
C PHE D 75 52.18 1.94 15.61
N PHE D 76 52.44 0.89 14.84
CA PHE D 76 52.28 -0.47 15.36
C PHE D 76 53.33 -1.34 14.81
N PHE D 77 53.68 -2.37 15.59
CA PHE D 77 54.66 -3.38 15.15
C PHE D 77 53.96 -4.64 14.60
N ARG D 78 54.61 -5.35 13.67
CA ARG D 78 54.25 -6.75 13.44
C ARG D 78 55.48 -7.59 13.82
N ILE D 79 55.38 -8.44 14.85
CA ILE D 79 56.50 -9.33 15.16
C ILE D 79 56.15 -10.74 14.71
N ASN D 80 57.08 -11.44 14.05
CA ASN D 80 56.91 -12.86 13.79
C ASN D 80 58.01 -13.69 14.42
N ALA D 81 57.63 -14.77 15.09
CA ALA D 81 58.65 -15.56 15.76
C ALA D 81 58.31 -17.04 15.75
N TYR D 82 59.32 -17.88 15.89
CA TYR D 82 59.13 -19.31 16.05
C TYR D 82 58.77 -19.68 17.50
N ASP D 83 58.96 -18.72 18.39
CA ASP D 83 58.82 -18.97 19.82
C ASP D 83 58.20 -17.71 20.44
N LEU D 84 56.92 -17.78 20.86
CA LEU D 84 56.19 -16.56 21.33
C LEU D 84 57.00 -15.78 22.37
N ALA D 85 57.68 -16.53 23.26
CA ALA D 85 58.57 -15.96 24.27
C ALA D 85 59.49 -14.91 23.69
N LYS D 86 60.01 -15.17 22.49
CA LYS D 86 61.04 -14.30 21.97
C LYS D 86 60.43 -13.02 21.49
N ALA D 87 59.20 -13.10 20.97
CA ALA D 87 58.40 -11.93 20.64
C ALA D 87 58.19 -11.11 21.89
N GLN D 88 57.85 -11.79 22.99
CA GLN D 88 57.68 -11.09 24.24
C GLN D 88 58.95 -10.34 24.64
N THR D 89 60.08 -11.00 24.54
CA THR D 89 61.34 -10.33 24.90
C THR D 89 61.61 -9.13 24.01
N PHE D 90 61.32 -9.27 22.71
CA PHE D 90 61.59 -8.23 21.80
C PHE D 90 60.82 -7.01 22.20
N MET D 91 59.51 -7.22 22.37
CA MET D 91 58.58 -6.16 22.67
C MET D 91 58.91 -5.56 24.00
N ARG D 92 59.16 -6.43 24.96
CA ARG D 92 59.45 -5.95 26.24
C ARG D 92 60.65 -5.02 26.10
N GLU D 93 61.65 -5.38 25.27
CA GLU D 93 62.89 -4.58 25.13
C GLU D 93 62.68 -3.29 24.34
N PHE D 94 61.69 -3.29 23.42
CA PHE D 94 61.27 -2.07 22.71
C PHE D 94 60.63 -1.03 23.60
N ARG D 95 59.92 -1.46 24.63
CA ARG D 95 59.26 -0.53 25.55
C ARG D 95 60.22 0.11 26.55
N SER D 96 61.42 -0.48 26.65
CA SER D 96 62.59 0.08 27.36
C SER D 96 63.35 1.12 26.56
N THR D 97 63.00 1.21 25.28
CA THR D 97 63.55 2.14 24.30
C THR D 97 63.18 3.59 24.62
N THR D 98 63.91 4.58 24.14
CA THR D 98 63.43 5.98 24.35
C THR D 98 61.97 6.22 23.89
N VAL D 99 61.58 5.68 22.71
CA VAL D 99 60.23 5.90 22.16
C VAL D 99 59.31 5.07 22.99
N GLY D 100 59.72 3.84 23.19
CA GLY D 100 59.01 2.93 24.05
C GLY D 100 58.63 3.51 25.40
N LYS D 101 59.51 4.29 26.02
CA LYS D 101 59.18 4.93 27.30
C LYS D 101 58.19 6.08 27.17
N ASN D 102 57.92 6.53 25.95
CA ASN D 102 56.94 7.58 25.79
C ASN D 102 55.63 7.16 25.12
N ALA D 103 55.47 5.87 24.84
CA ALA D 103 54.23 5.37 24.25
C ALA D 103 53.51 4.43 25.18
N ASP D 104 52.18 4.49 25.12
CA ASP D 104 51.31 3.51 25.75
C ASP D 104 50.86 2.49 24.71
N VAL D 105 50.55 1.27 25.15
CA VAL D 105 50.01 0.25 24.25
C VAL D 105 48.52 0.40 24.21
N PHE D 106 47.92 0.48 23.02
CA PHE D 106 46.47 0.48 22.95
C PHE D 106 45.82 -0.78 22.43
N GLU D 107 46.60 -1.67 21.82
CA GLU D 107 46.07 -2.93 21.29
C GLU D 107 47.10 -4.00 21.12
N THR D 108 46.75 -5.23 21.45
CA THR D 108 47.68 -6.30 21.12
C THR D 108 46.96 -7.49 20.62
N LEU D 109 47.43 -8.07 19.54
CA LEU D 109 46.81 -9.25 19.03
C LEU D 109 47.85 -10.36 18.95
N VAL D 110 47.56 -11.50 19.56
CA VAL D 110 48.49 -12.58 19.42
C VAL D 110 47.84 -13.63 18.56
N GLY D 111 48.62 -14.28 17.69
CA GLY D 111 48.08 -15.34 16.83
C GLY D 111 49.19 -16.16 16.24
N VAL D 112 48.82 -17.28 15.63
CA VAL D 112 49.83 -18.18 15.05
C VAL D 112 49.41 -18.73 13.68
N THR D 113 50.38 -18.77 12.80
CA THR D 113 50.28 -19.38 11.50
C THR D 113 49.97 -20.86 11.54
N LYS D 114 49.09 -21.32 10.65
CA LYS D 114 48.76 -22.76 10.56
C LYS D 114 48.65 -23.22 9.11
N PRO D 115 48.65 -24.55 8.89
CA PRO D 115 48.41 -25.02 7.51
C PRO D 115 47.00 -24.70 7.10
N LEU D 116 46.77 -24.73 5.78
CA LEU D 116 45.45 -24.47 5.23
C LEU D 116 44.37 -25.37 5.83
N ASN D 117 43.29 -24.77 6.30
CA ASN D 117 42.14 -25.52 6.83
C ASN D 117 41.11 -25.90 5.79
N TYR D 118 40.83 -24.95 4.89
CA TYR D 118 39.80 -25.18 3.93
C TYR D 118 40.29 -25.33 2.51
N ILE D 119 41.15 -24.40 2.07
CA ILE D 119 41.51 -24.29 0.64
C ILE D 119 42.82 -24.99 0.39
N SER D 120 42.85 -26.27 0.68
CA SER D 120 44.04 -27.09 0.59
C SER D 120 43.93 -27.97 -0.63
N LYS D 121 45.07 -28.49 -1.08
CA LYS D 121 45.10 -29.30 -2.28
C LYS D 121 44.10 -30.43 -2.11
N ASP D 122 44.11 -31.14 -0.98
CA ASP D 122 43.17 -32.25 -0.80
C ASP D 122 41.70 -31.82 -0.86
N LYS D 123 41.36 -30.75 -0.16
CA LYS D 123 39.94 -30.40 0.08
C LYS D 123 39.31 -29.59 -1.02
N SER D 124 40.05 -28.60 -1.52
CA SER D 124 39.58 -27.65 -2.54
C SER D 124 40.67 -27.43 -3.62
N PRO D 125 40.93 -28.48 -4.43
CA PRO D 125 42.15 -28.55 -5.23
C PRO D 125 42.30 -27.42 -6.21
N GLY D 126 41.17 -26.91 -6.73
CA GLY D 126 41.21 -25.97 -7.84
C GLY D 126 41.53 -24.57 -7.39
N LEU D 127 40.87 -24.18 -6.32
CA LEU D 127 41.04 -22.86 -5.77
C LEU D 127 42.40 -22.80 -5.12
N ASN D 128 42.85 -23.94 -4.57
CA ASN D 128 44.15 -24.00 -3.90
C ASN D 128 45.28 -23.77 -4.90
N ALA D 129 45.15 -24.39 -6.08
CA ALA D 129 46.06 -24.12 -7.21
C ALA D 129 46.03 -22.64 -7.62
N GLY D 130 44.83 -22.10 -7.79
CA GLY D 130 44.66 -20.69 -8.17
C GLY D 130 45.30 -19.75 -7.16
N LEU D 131 45.23 -20.16 -5.90
CA LEU D 131 45.79 -19.41 -4.79
C LEU D 131 47.30 -19.39 -4.87
N SER D 132 47.93 -20.56 -5.00
CA SER D 132 49.39 -20.59 -4.95
C SER D 132 50.06 -20.02 -6.20
N SER D 133 49.39 -20.13 -7.32
CA SER D 133 49.92 -19.65 -8.59
C SER D 133 49.41 -18.26 -8.92
N ALA D 134 49.07 -17.48 -7.89
CA ALA D 134 48.62 -16.10 -8.07
C ALA D 134 49.67 -15.13 -7.55
N THR D 135 49.90 -14.08 -8.32
CA THR D 135 51.10 -13.30 -8.14
C THR D 135 50.85 -11.80 -8.31
N TYR D 136 51.31 -11.03 -7.33
CA TYR D 136 51.08 -9.60 -7.21
C TYR D 136 51.75 -8.77 -8.30
N SER D 137 50.99 -7.91 -8.96
CA SER D 137 51.58 -6.93 -9.90
C SER D 137 51.41 -5.52 -9.38
N GLY D 138 51.87 -4.54 -10.13
CA GLY D 138 51.69 -3.18 -9.66
C GLY D 138 52.64 -2.77 -8.55
N PRO D 139 52.51 -1.51 -8.10
CA PRO D 139 53.58 -0.85 -7.33
C PRO D 139 53.78 -1.46 -5.96
N ALA D 140 54.95 -1.22 -5.39
CA ALA D 140 55.14 -1.48 -3.97
C ALA D 140 53.91 -1.01 -3.15
N PRO D 141 53.36 -1.91 -2.32
CA PRO D 141 52.22 -1.44 -1.56
C PRO D 141 52.65 -0.30 -0.63
N ARG D 142 51.85 0.77 -0.58
CA ARG D 142 52.05 1.86 0.39
C ARG D 142 51.32 1.66 1.71
N TYR D 143 50.22 0.90 1.65
CA TYR D 143 49.29 0.76 2.78
C TYR D 143 49.27 -0.62 3.40
N VAL D 144 49.07 -0.62 4.70
CA VAL D 144 48.86 -1.86 5.43
C VAL D 144 47.47 -1.73 6.04
N ILE D 145 46.75 -2.85 6.16
CA ILE D 145 45.54 -2.93 6.97
C ILE D 145 45.60 -4.19 7.82
N VAL D 146 45.22 -4.07 9.09
CA VAL D 146 45.22 -5.20 10.01
C VAL D 146 43.80 -5.29 10.56
N ILE D 147 43.14 -6.42 10.33
CA ILE D 147 41.74 -6.59 10.78
C ILE D 147 41.52 -7.83 11.65
N PRO D 148 41.16 -7.66 12.94
CA PRO D 148 40.84 -8.85 13.73
C PRO D 148 39.43 -9.35 13.44
N VAL D 149 39.27 -10.66 13.32
CA VAL D 149 37.98 -11.22 12.98
C VAL D 149 37.67 -12.31 14.00
N LYS D 150 36.43 -12.30 14.52
CA LYS D 150 35.91 -13.37 15.39
C LYS D 150 34.55 -13.78 14.82
N LYS D 151 34.36 -15.09 14.71
CA LYS D 151 33.08 -15.64 14.29
C LYS D 151 32.34 -16.22 15.52
N ASN D 152 31.02 -16.29 15.45
CA ASN D 152 30.21 -16.70 16.61
C ASN D 152 30.10 -18.20 16.81
N ALA D 153 29.38 -18.59 17.86
CA ALA D 153 29.22 -20.01 18.11
C ALA D 153 28.45 -20.69 16.97
N GLU D 154 27.62 -19.96 16.25
CA GLU D 154 26.88 -20.65 15.21
C GLU D 154 27.76 -21.14 14.08
N TRP D 155 28.71 -20.30 13.67
CA TRP D 155 29.68 -20.68 12.67
C TRP D 155 30.39 -21.96 13.13
N TRP D 156 31.07 -21.90 14.28
CA TRP D 156 31.87 -23.04 14.70
C TRP D 156 31.05 -24.31 14.91
N ASN D 157 29.77 -24.15 15.21
CA ASN D 157 28.92 -25.32 15.28
C ASN D 157 28.46 -25.88 13.92
N MET D 158 28.77 -25.18 12.83
CA MET D 158 28.54 -25.73 11.49
C MET D 158 29.58 -26.82 11.22
N SER D 159 29.19 -27.86 10.48
CA SER D 159 30.06 -29.00 10.21
C SER D 159 31.14 -28.50 9.28
N PRO D 160 32.26 -29.24 9.16
CA PRO D 160 33.35 -28.73 8.31
C PRO D 160 32.95 -28.72 6.84
N GLU D 161 32.00 -29.56 6.46
CA GLU D 161 31.50 -29.55 5.09
C GLU D 161 30.89 -28.18 4.78
N GLU D 162 30.07 -27.68 5.70
CA GLU D 162 29.27 -26.47 5.48
C GLU D 162 30.16 -25.25 5.48
N ARG D 163 31.21 -25.31 6.27
CA ARG D 163 32.16 -24.22 6.44
C ARG D 163 33.09 -24.20 5.25
N LEU D 164 33.46 -25.37 4.74
CA LEU D 164 34.27 -25.44 3.56
C LEU D 164 33.54 -24.73 2.45
N LYS D 165 32.28 -25.11 2.22
CA LYS D 165 31.48 -24.49 1.15
C LYS D 165 31.56 -22.98 1.27
N GLU D 166 31.45 -22.51 2.51
CA GLU D 166 31.43 -21.09 2.77
C GLU D 166 32.78 -20.41 2.53
N MET D 167 33.85 -21.18 2.74
CA MET D 167 35.19 -20.64 2.53
C MET D 167 35.53 -20.70 1.07
N GLU D 168 34.97 -21.67 0.38
CA GLU D 168 35.09 -21.65 -1.07
C GLU D 168 34.38 -20.40 -1.57
N VAL D 169 33.27 -20.04 -0.95
CA VAL D 169 32.55 -18.83 -1.35
C VAL D 169 33.34 -17.53 -1.05
N HIS D 170 34.08 -17.52 0.06
CA HIS D 170 34.96 -16.40 0.46
C HIS D 170 36.03 -16.24 -0.60
N THR D 171 36.59 -17.39 -1.02
CA THR D 171 37.76 -17.42 -1.88
C THR D 171 37.48 -17.13 -3.38
N THR D 172 36.26 -17.37 -3.86
CA THR D 172 36.01 -17.26 -5.30
C THR D 172 36.13 -15.81 -5.84
N PRO D 173 35.37 -14.84 -5.28
CA PRO D 173 35.57 -13.47 -5.77
C PRO D 173 36.89 -12.79 -5.32
N THR D 174 37.65 -13.43 -4.44
CA THR D 174 38.78 -12.76 -3.85
C THR D 174 40.10 -13.07 -4.57
N LEU D 175 40.17 -14.20 -5.26
CA LEU D 175 41.44 -14.59 -5.92
C LEU D 175 41.95 -13.48 -6.81
N ALA D 176 41.03 -12.95 -7.62
CA ALA D 176 41.27 -11.80 -8.51
C ALA D 176 42.02 -10.66 -7.85
N TYR D 177 41.78 -10.43 -6.56
CA TYR D 177 42.40 -9.33 -5.84
C TYR D 177 43.84 -9.62 -5.42
N LEU D 178 44.31 -10.84 -5.64
CA LEU D 178 45.68 -11.22 -5.29
C LEU D 178 46.76 -10.50 -6.13
N VAL D 179 46.37 -9.96 -7.28
CA VAL D 179 47.30 -9.20 -8.12
C VAL D 179 47.47 -7.82 -7.56
N ASN D 180 46.63 -7.50 -6.60
CA ASN D 180 46.31 -6.15 -6.27
C ASN D 180 46.62 -5.84 -4.83
N VAL D 181 46.49 -6.91 -4.01
CA VAL D 181 46.43 -6.93 -2.54
C VAL D 181 47.24 -8.17 -2.03
N LYS D 182 47.92 -8.01 -0.90
CA LYS D 182 48.70 -9.10 -0.29
C LYS D 182 48.07 -9.41 1.03
N ARG D 183 48.06 -10.69 1.40
CA ARG D 183 47.33 -11.15 2.59
C ARG D 183 48.18 -12.11 3.41
N LYS D 184 47.98 -12.12 4.71
CA LYS D 184 48.54 -13.20 5.53
C LYS D 184 47.55 -13.46 6.66
N LEU D 185 47.32 -14.73 6.96
CA LEU D 185 46.29 -15.10 7.95
C LEU D 185 46.85 -15.69 9.23
N TYR D 186 46.59 -15.07 10.37
CA TYR D 186 47.03 -15.67 11.64
C TYR D 186 45.87 -16.21 12.43
N HIS D 187 46.13 -17.21 13.26
CA HIS D 187 45.07 -17.85 14.02
C HIS D 187 45.14 -17.58 15.53
N SER D 188 44.01 -17.16 16.15
CA SER D 188 44.04 -16.69 17.54
C SER D 188 43.10 -17.28 18.58
N THR D 189 42.04 -17.95 18.18
CA THR D 189 41.12 -18.54 19.16
C THR D 189 41.86 -19.13 20.37
N GLY D 190 41.52 -18.68 21.57
CA GLY D 190 42.09 -19.22 22.78
C GLY D 190 43.39 -18.56 23.18
N LEU D 191 44.06 -17.90 22.22
CA LEU D 191 45.32 -17.23 22.48
C LEU D 191 45.10 -15.75 22.70
N ASP D 192 44.06 -15.18 22.08
CA ASP D 192 43.62 -13.82 22.41
C ASP D 192 42.14 -13.68 22.20
N ASP D 193 41.66 -12.45 22.32
CA ASP D 193 40.25 -12.15 22.13
C ASP D 193 39.90 -11.89 20.68
N THR D 194 40.33 -12.81 19.80
CA THR D 194 39.86 -12.89 18.43
C THR D 194 40.08 -14.26 17.84
N ASP D 195 39.30 -14.60 16.82
CA ASP D 195 39.43 -15.88 16.13
C ASP D 195 40.65 -15.82 15.20
N PHE D 196 40.81 -14.70 14.49
CA PHE D 196 41.90 -14.51 13.52
C PHE D 196 42.45 -13.08 13.48
N ILE D 197 43.72 -12.96 13.07
CA ILE D 197 44.26 -11.65 12.72
C ILE D 197 44.53 -11.67 11.23
N THR D 198 44.07 -10.65 10.50
CA THR D 198 44.29 -10.63 9.07
C THR D 198 45.15 -9.43 8.73
N TYR D 199 46.05 -9.63 7.78
CA TYR D 199 47.08 -8.66 7.46
C TYR D 199 47.15 -8.44 5.93
N PHE D 200 47.04 -7.19 5.50
CA PHE D 200 46.97 -6.88 4.09
C PHE D 200 47.85 -5.72 3.76
N GLU D 201 48.39 -5.77 2.54
CA GLU D 201 49.27 -4.78 2.02
C GLU D 201 48.70 -4.46 0.67
N THR D 202 48.41 -3.19 0.46
CA THR D 202 47.95 -2.77 -0.84
C THR D 202 48.48 -1.36 -1.22
N ASP D 203 48.40 -1.06 -2.51
CA ASP D 203 48.59 0.27 -2.93
C ASP D 203 47.30 0.88 -3.36
N ASP D 204 46.30 0.07 -3.68
CA ASP D 204 45.00 0.59 -4.18
C ASP D 204 43.82 0.50 -3.20
N LEU D 205 43.49 1.60 -2.53
CA LEU D 205 42.52 1.54 -1.45
C LEU D 205 41.05 1.47 -1.93
N THR D 206 40.81 1.93 -3.14
CA THR D 206 39.46 1.78 -3.69
C THR D 206 39.24 0.31 -3.93
N ALA D 207 40.22 -0.34 -4.54
CA ALA D 207 40.23 -1.77 -4.71
C ALA D 207 39.96 -2.43 -3.37
N PHE D 208 40.67 -2.03 -2.34
CA PHE D 208 40.55 -2.76 -1.11
C PHE D 208 39.16 -2.64 -0.51
N ASN D 209 38.55 -1.46 -0.67
CA ASN D 209 37.16 -1.26 -0.28
C ASN D 209 36.20 -2.21 -1.01
N ASN D 210 36.32 -2.23 -2.32
CA ASN D 210 35.62 -3.18 -3.12
C ASN D 210 35.86 -4.62 -2.69
N LEU D 211 37.10 -4.97 -2.40
CA LEU D 211 37.36 -6.26 -1.82
C LEU D 211 36.52 -6.50 -0.51
N MET D 212 36.57 -5.63 0.50
CA MET D 212 35.71 -5.87 1.66
C MET D 212 34.20 -6.02 1.32
N LEU D 213 33.69 -5.15 0.45
CA LEU D 213 32.26 -5.22 0.13
C LEU D 213 31.85 -6.55 -0.49
N SER D 214 32.76 -7.11 -1.31
CA SER D 214 32.58 -8.44 -1.91
C SER D 214 32.35 -9.49 -0.84
N LEU D 215 33.07 -9.32 0.26
CA LEU D 215 33.15 -10.28 1.32
C LEU D 215 32.08 -9.98 2.38
N ALA D 216 31.65 -8.71 2.47
CA ALA D 216 30.50 -8.31 3.29
C ALA D 216 29.17 -8.92 2.80
N GLN D 217 29.18 -9.37 1.56
CA GLN D 217 27.95 -9.72 0.81
C GLN D 217 27.75 -11.22 0.71
N VAL D 218 28.57 -11.97 1.43
CA VAL D 218 28.46 -13.43 1.44
C VAL D 218 27.99 -13.96 2.81
N LYS D 219 27.41 -15.17 2.83
CA LYS D 219 26.82 -15.74 4.04
C LYS D 219 27.79 -15.74 5.19
N GLU D 220 29.07 -16.00 4.88
CA GLU D 220 30.10 -16.00 5.91
C GLU D 220 30.04 -14.74 6.80
N ASN D 221 29.83 -13.57 6.19
CA ASN D 221 29.79 -12.32 6.95
C ASN D 221 28.69 -12.32 8.04
N LYS D 222 27.66 -13.12 7.82
CA LYS D 222 26.56 -13.27 8.78
C LYS D 222 26.98 -13.76 10.16
N PHE D 223 28.16 -14.37 10.24
CA PHE D 223 28.59 -14.99 11.46
C PHE D 223 29.68 -14.22 12.18
N HIS D 224 30.08 -13.05 11.67
CA HIS D 224 31.12 -12.25 12.31
C HIS D 224 30.55 -11.52 13.51
N VAL D 225 31.26 -11.63 14.62
CA VAL D 225 30.96 -10.81 15.79
C VAL D 225 32.08 -9.78 16.02
N ARG D 226 33.20 -9.96 15.34
CA ARG D 226 34.21 -8.91 15.27
C ARG D 226 34.82 -8.99 13.89
N TRP D 227 34.99 -7.84 13.25
CA TRP D 227 35.45 -7.77 11.89
C TRP D 227 36.06 -6.38 11.70
N GLY D 228 37.17 -6.12 12.41
CA GLY D 228 37.69 -4.76 12.65
C GLY D 228 37.71 -4.49 14.15
N SER D 229 37.48 -3.23 14.54
CA SER D 229 37.34 -2.84 15.96
C SER D 229 38.59 -3.15 16.76
N PRO D 230 39.73 -2.60 16.33
CA PRO D 230 39.89 -1.64 15.23
C PRO D 230 40.30 -2.24 13.87
N THR D 231 39.67 -1.71 12.82
CA THR D 231 40.24 -1.73 11.47
C THR D 231 41.37 -0.73 11.41
N THR D 232 42.61 -1.23 11.34
CA THR D 232 43.81 -0.40 11.38
C THR D 232 44.44 -0.36 9.99
N LEU D 233 44.44 0.83 9.41
CA LEU D 233 44.99 1.03 8.09
C LEU D 233 46.04 2.08 8.28
N GLY D 234 47.27 1.72 7.96
CA GLY D 234 48.35 2.65 8.01
C GLY D 234 49.28 2.61 6.81
N THR D 235 50.49 3.12 7.03
CA THR D 235 51.35 3.41 5.93
C THR D 235 52.71 2.67 6.07
N ILE D 236 53.07 1.84 5.09
CA ILE D 236 54.27 1.00 5.14
C ILE D 236 55.54 1.84 4.98
N HIS D 237 56.54 1.61 5.84
CA HIS D 237 57.90 2.14 5.61
C HIS D 237 58.87 1.21 6.32
N SER D 238 60.16 1.53 6.20
CA SER D 238 61.18 0.83 6.99
C SER D 238 61.04 1.25 8.44
N PRO D 239 61.57 0.41 9.36
CA PRO D 239 61.43 0.76 10.79
C PRO D 239 62.07 2.11 11.09
N GLU D 240 63.30 2.31 10.64
CA GLU D 240 63.95 3.56 10.98
C GLU D 240 63.18 4.76 10.43
N ASP D 241 62.59 4.64 9.25
CA ASP D 241 61.73 5.69 8.71
C ASP D 241 60.42 5.98 9.49
N VAL D 242 59.75 4.95 9.98
CA VAL D 242 58.57 5.21 10.84
C VAL D 242 58.91 6.05 12.11
N ILE D 243 60.01 5.76 12.80
CA ILE D 243 60.42 6.51 13.98
C ILE D 243 60.89 7.92 13.59
N LYS D 244 61.52 8.02 12.43
CA LYS D 244 62.02 9.32 12.02
C LYS D 244 60.83 10.22 11.81
N ALA D 245 59.78 9.62 11.27
CA ALA D 245 58.53 10.29 11.03
C ALA D 245 57.84 10.71 12.34
N LEU D 246 57.88 9.87 13.38
CA LEU D 246 57.18 10.17 14.64
C LEU D 246 57.83 11.30 15.43
N ALA D 247 58.95 11.78 14.91
CA ALA D 247 59.94 12.54 15.67
C ALA D 247 59.68 14.03 15.74
N ASP D 248 59.26 14.61 14.62
CA ASP D 248 58.97 16.06 14.52
C ASP D 248 57.47 16.42 14.56
N LYS E 8 16.57 12.12 65.01
CA LYS E 8 16.99 10.68 65.18
C LYS E 8 16.81 9.70 64.00
N ILE E 9 17.85 8.91 63.85
CA ILE E 9 17.89 7.88 62.86
C ILE E 9 18.45 6.69 63.58
N GLU E 10 17.55 5.80 63.98
CA GLU E 10 17.93 4.55 64.62
C GLU E 10 18.18 3.48 63.55
N ARG E 11 19.37 2.88 63.59
CA ARG E 11 19.82 1.83 62.66
C ARG E 11 18.83 0.66 62.50
N GLY E 12 18.28 0.20 63.63
CA GLY E 12 17.21 -0.78 63.63
C GLY E 12 15.98 -0.35 62.82
N THR E 13 15.55 0.90 62.96
CA THR E 13 14.35 1.35 62.31
C THR E 13 14.55 1.74 60.84
N ILE E 14 15.57 2.54 60.57
CA ILE E 14 15.77 3.05 59.23
C ILE E 14 16.04 1.94 58.24
N LEU E 15 16.63 0.83 58.69
CA LEU E 15 16.92 -0.34 57.80
C LEU E 15 15.71 -1.26 57.54
N THR E 16 14.62 -0.95 58.22
CA THR E 16 13.43 -1.75 58.19
C THR E 16 12.23 -1.06 57.50
N GLN E 17 12.25 0.28 57.46
CA GLN E 17 11.13 1.04 56.90
C GLN E 17 11.17 1.31 55.39
N PRO E 18 9.99 1.46 54.78
CA PRO E 18 9.86 1.97 53.41
C PRO E 18 10.17 3.43 53.27
N GLY E 19 10.43 3.85 52.05
CA GLY E 19 10.67 5.24 51.73
C GLY E 19 12.01 5.68 52.24
N VAL E 20 12.98 4.78 52.36
CA VAL E 20 14.32 5.15 52.75
C VAL E 20 15.25 5.12 51.54
N PHE E 21 16.04 6.18 51.35
CA PHE E 21 16.97 6.18 50.23
C PHE E 21 18.30 5.54 50.57
N GLY E 22 18.75 4.67 49.68
CA GLY E 22 20.11 4.16 49.74
C GLY E 22 20.94 4.88 48.71
N VAL E 23 22.12 5.34 49.08
CA VAL E 23 23.06 5.81 48.09
C VAL E 23 24.39 5.06 48.29
N PHE E 24 24.66 4.11 47.42
CA PHE E 24 25.92 3.39 47.43
C PHE E 24 26.95 4.15 46.61
N THR E 25 28.15 4.40 47.12
CA THR E 25 29.18 5.11 46.32
C THR E 25 30.53 4.42 46.40
N MET E 26 30.97 3.86 45.29
CA MET E 26 32.27 3.25 45.20
C MET E 26 33.35 4.26 44.84
N PHE E 27 34.37 4.31 45.68
CA PHE E 27 35.49 5.23 45.50
C PHE E 27 36.79 4.51 45.22
N LYS E 28 37.60 5.03 44.31
CA LYS E 28 38.95 4.50 44.14
C LYS E 28 40.03 5.54 44.41
N LEU E 29 40.97 5.21 45.28
CA LEU E 29 42.10 6.11 45.60
C LEU E 29 43.00 6.39 44.42
N ARG E 30 43.35 7.65 44.24
CA ARG E 30 44.27 8.02 43.22
C ARG E 30 45.69 7.73 43.68
N PRO E 31 46.62 7.52 42.72
CA PRO E 31 48.00 7.24 43.09
C PRO E 31 48.65 8.33 43.94
N ASP E 32 48.26 9.59 43.76
CA ASP E 32 48.88 10.63 44.59
C ASP E 32 48.44 10.67 46.08
N TRP E 33 47.69 9.65 46.50
CA TRP E 33 47.39 9.41 47.91
C TRP E 33 48.58 8.81 48.65
N ASN E 34 49.43 8.06 47.96
CA ASN E 34 50.64 7.48 48.58
C ASN E 34 51.65 8.57 48.91
N LYS E 35 51.43 9.75 48.33
CA LYS E 35 52.34 10.86 48.49
C LYS E 35 51.78 11.92 49.42
N VAL E 36 50.55 11.71 49.90
CA VAL E 36 50.07 12.48 51.05
C VAL E 36 50.90 12.07 52.28
N PRO E 37 51.37 13.05 53.08
CA PRO E 37 52.28 12.81 54.21
C PRO E 37 51.74 11.84 55.25
N VAL E 38 52.43 10.70 55.44
CA VAL E 38 52.08 9.73 56.50
C VAL E 38 52.05 10.52 57.77
N ALA E 39 50.86 11.01 58.12
CA ALA E 39 50.61 12.00 59.19
C ALA E 39 49.22 12.56 58.98
N GLU E 40 49.07 13.26 57.87
CA GLU E 40 47.77 13.63 57.33
C GLU E 40 46.92 12.39 57.02
N ARG E 41 47.56 11.38 56.44
CA ARG E 41 46.96 10.10 56.10
C ARG E 41 46.46 9.35 57.32
N LYS E 42 47.29 9.30 58.36
CA LYS E 42 46.91 8.62 59.57
C LYS E 42 45.84 9.41 60.35
N GLY E 43 45.88 10.75 60.23
CA GLY E 43 44.79 11.58 60.70
C GLY E 43 43.48 11.45 59.92
N ALA E 44 43.53 10.74 58.78
CA ALA E 44 42.38 10.64 57.88
C ALA E 44 41.19 9.94 58.51
N ALA E 45 41.45 8.79 59.14
CA ALA E 45 40.38 7.95 59.73
C ALA E 45 39.52 8.70 60.72
N GLU E 46 40.16 9.51 61.58
CA GLU E 46 39.45 10.26 62.61
C GLU E 46 38.55 11.30 61.97
N GLU E 47 38.99 11.84 60.83
CA GLU E 47 38.28 12.93 60.18
C GLU E 47 36.93 12.46 59.65
N VAL E 48 36.94 11.25 59.07
CA VAL E 48 35.78 10.55 58.58
C VAL E 48 34.84 10.16 59.72
N LYS E 49 35.42 9.66 60.82
CA LYS E 49 34.67 9.25 61.99
C LYS E 49 33.90 10.45 62.50
N LYS E 50 34.60 11.59 62.59
CA LYS E 50 34.00 12.84 63.07
C LYS E 50 32.87 13.31 62.15
N LEU E 51 33.08 13.17 60.84
CA LEU E 51 32.07 13.53 59.87
C LEU E 51 30.83 12.71 60.12
N ILE E 52 30.98 11.40 60.29
CA ILE E 52 29.81 10.57 60.53
C ILE E 52 29.03 11.02 61.80
N GLU E 53 29.75 11.33 62.89
CA GLU E 53 29.14 11.89 64.09
C GLU E 53 28.33 13.15 63.82
N LYS E 54 28.91 14.09 63.09
CA LYS E 54 28.22 15.34 62.78
C LYS E 54 26.88 15.01 62.09
N HIS E 55 26.89 14.09 61.13
CA HIS E 55 25.69 13.69 60.45
C HIS E 55 24.85 12.55 61.08
N LYS E 56 25.23 12.15 62.31
CA LYS E 56 24.51 11.22 63.22
C LYS E 56 23.03 11.21 62.96
N ASP E 57 22.46 12.40 62.84
CA ASP E 57 21.01 12.59 62.83
C ASP E 57 20.36 12.81 61.45
N ASN E 58 21.13 12.85 60.36
CA ASN E 58 20.59 13.07 59.01
C ASN E 58 20.64 11.81 58.17
N VAL E 59 21.70 11.04 58.34
CA VAL E 59 21.89 9.83 57.56
C VAL E 59 22.55 8.71 58.36
N LEU E 60 22.27 7.47 57.96
CA LEU E 60 22.97 6.32 58.48
C LEU E 60 24.14 5.96 57.57
N VAL E 61 25.36 5.83 58.11
CA VAL E 61 26.55 5.56 57.27
C VAL E 61 27.16 4.15 57.43
N ASP E 62 27.38 3.44 56.33
CA ASP E 62 28.20 2.22 56.39
C ASP E 62 29.41 2.37 55.47
N LEU E 63 30.55 1.80 55.88
CA LEU E 63 31.72 1.87 55.01
C LEU E 63 32.31 0.45 54.92
N TYR E 64 32.88 0.09 53.76
CA TYR E 64 33.29 -1.29 53.51
C TYR E 64 34.58 -1.27 52.72
N LEU E 65 35.44 -2.27 52.92
CA LEU E 65 36.77 -2.29 52.32
C LEU E 65 36.84 -3.29 51.16
N THR E 66 37.02 -2.77 49.94
CA THR E 66 37.14 -3.57 48.72
C THR E 66 38.54 -3.59 48.07
N ARG E 67 39.48 -2.73 48.53
CA ARG E 67 40.86 -2.74 48.01
C ARG E 67 41.40 -4.14 48.10
N GLY E 68 41.98 -4.63 47.03
CA GLY E 68 42.52 -5.99 47.04
C GLY E 68 41.54 -7.04 46.51
N LEU E 69 40.26 -6.67 46.45
CA LEU E 69 39.25 -7.56 45.87
C LEU E 69 38.47 -6.96 44.66
N GLU E 70 38.69 -5.70 44.33
CA GLU E 70 37.93 -5.08 43.28
C GLU E 70 38.79 -4.22 42.36
N THR E 71 38.64 -4.37 41.05
CA THR E 71 39.33 -3.44 40.12
C THR E 71 38.95 -1.98 40.34
N ASN E 72 37.65 -1.74 40.53
CA ASN E 72 37.11 -0.41 40.47
C ASN E 72 36.61 0.22 41.73
N SER E 73 37.08 -0.22 42.89
CA SER E 73 36.88 0.50 44.14
C SER E 73 37.88 0.04 45.17
N ASP E 74 38.31 0.95 46.05
CA ASP E 74 39.15 0.61 47.18
C ASP E 74 38.29 0.49 48.41
N PHE E 75 37.19 1.27 48.43
CA PHE E 75 36.21 1.25 49.52
C PHE E 75 34.90 1.79 49.00
N PHE E 76 33.80 1.58 49.72
CA PHE E 76 32.49 2.09 49.28
C PHE E 76 31.53 2.34 50.43
N PHE E 77 30.72 3.39 50.30
CA PHE E 77 29.78 3.78 51.37
C PHE E 77 28.39 3.27 51.05
N ARG E 78 27.64 2.96 52.09
CA ARG E 78 26.18 2.85 51.97
C ARG E 78 25.58 3.92 52.86
N ILE E 79 24.71 4.73 52.26
CA ILE E 79 24.07 5.78 53.01
C ILE E 79 22.58 5.51 53.08
N ASN E 80 22.03 5.47 54.29
CA ASN E 80 20.58 5.56 54.36
C ASN E 80 20.07 6.94 54.82
N ALA E 81 19.01 7.41 54.16
CA ALA E 81 18.42 8.66 54.50
C ALA E 81 16.92 8.58 54.27
N TYR E 82 16.18 9.39 55.01
CA TYR E 82 14.79 9.64 54.71
C TYR E 82 14.69 10.75 53.65
N ASP E 83 15.70 11.61 53.62
CA ASP E 83 15.84 12.70 52.66
C ASP E 83 17.04 12.53 51.68
N LEU E 84 16.77 12.44 50.37
CA LEU E 84 17.84 12.21 49.41
C LEU E 84 18.85 13.37 49.47
N ALA E 85 18.32 14.58 49.65
CA ALA E 85 19.17 15.75 49.63
C ALA E 85 20.18 15.62 50.72
N LYS E 86 19.75 15.05 51.85
CA LYS E 86 20.68 14.86 52.96
C LYS E 86 21.84 13.86 52.65
N ALA E 87 21.51 12.76 51.97
CA ALA E 87 22.56 11.85 51.53
C ALA E 87 23.55 12.60 50.67
N GLN E 88 23.05 13.39 49.71
CA GLN E 88 23.92 14.24 48.89
C GLN E 88 24.81 15.13 49.75
N THR E 89 24.23 15.86 50.69
CA THR E 89 25.05 16.66 51.59
C THR E 89 26.16 15.83 52.28
N PHE E 90 25.86 14.63 52.75
CA PHE E 90 26.89 13.93 53.44
C PHE E 90 27.98 13.61 52.46
N MET E 91 27.61 13.05 51.32
CA MET E 91 28.58 12.53 50.39
C MET E 91 29.45 13.68 49.94
N ARG E 92 28.81 14.83 49.77
CA ARG E 92 29.46 16.01 49.24
C ARG E 92 30.51 16.45 50.26
N GLU E 93 30.15 16.36 51.54
CA GLU E 93 31.07 16.66 52.62
C GLU E 93 32.13 15.59 52.78
N PHE E 94 31.81 14.33 52.48
CA PHE E 94 32.87 13.33 52.51
C PHE E 94 34.01 13.61 51.52
N ARG E 95 33.66 14.15 50.37
CA ARG E 95 34.63 14.29 49.31
C ARG E 95 35.47 15.53 49.49
N SER E 96 35.20 16.27 50.56
CA SER E 96 36.03 17.42 50.98
C SER E 96 37.03 17.01 52.01
N THR E 97 36.92 15.74 52.43
CA THR E 97 37.71 15.21 53.52
C THR E 97 39.10 14.89 52.96
N THR E 98 40.11 14.64 53.80
CA THR E 98 41.44 14.22 53.26
C THR E 98 41.36 13.04 52.26
N VAL E 99 40.73 11.96 52.68
CA VAL E 99 40.50 10.82 51.78
C VAL E 99 39.60 11.15 50.61
N GLY E 100 38.52 11.88 50.85
CA GLY E 100 37.61 12.27 49.77
C GLY E 100 38.34 13.00 48.68
N LYS E 101 39.30 13.84 49.08
CA LYS E 101 40.12 14.62 48.17
C LYS E 101 41.09 13.81 47.32
N ASN E 102 41.49 12.64 47.80
CA ASN E 102 42.39 11.80 47.03
C ASN E 102 41.78 10.56 46.37
N ALA E 103 40.45 10.50 46.25
CA ALA E 103 39.74 9.38 45.62
C ALA E 103 38.76 9.91 44.58
N ASP E 104 38.68 9.27 43.43
CA ASP E 104 37.62 9.55 42.45
C ASP E 104 36.47 8.59 42.65
N VAL E 105 35.27 9.01 42.23
CA VAL E 105 34.08 8.13 42.23
C VAL E 105 34.07 7.19 41.04
N PHE E 106 33.91 5.91 41.27
CA PHE E 106 33.77 4.97 40.15
C PHE E 106 32.37 4.42 39.90
N GLU E 107 31.51 4.43 40.92
CA GLU E 107 30.10 4.02 40.81
C GLU E 107 29.30 4.71 41.85
N THR E 108 28.06 5.02 41.50
CA THR E 108 27.06 5.53 42.41
C THR E 108 25.76 4.88 42.03
N LEU E 109 25.00 4.39 43.02
CA LEU E 109 23.67 3.83 42.80
C LEU E 109 22.71 4.45 43.79
N VAL E 110 21.64 5.05 43.28
CA VAL E 110 20.62 5.61 44.17
C VAL E 110 19.34 4.79 44.09
N GLY E 111 18.74 4.50 45.24
CA GLY E 111 17.60 3.63 45.27
C GLY E 111 16.72 3.96 46.44
N VAL E 112 15.51 3.43 46.40
CA VAL E 112 14.59 3.72 47.48
C VAL E 112 13.84 2.50 47.96
N THR E 113 13.65 2.45 49.25
CA THR E 113 12.96 1.38 49.88
C THR E 113 11.46 1.50 49.60
N LYS E 114 10.82 0.35 49.36
CA LYS E 114 9.37 0.33 49.22
C LYS E 114 8.73 -0.84 49.99
N PRO E 115 7.40 -0.87 50.10
CA PRO E 115 6.79 -2.10 50.61
C PRO E 115 6.93 -3.27 49.66
N LEU E 116 6.59 -4.44 50.15
CA LEU E 116 6.67 -5.66 49.41
C LEU E 116 5.72 -5.57 48.23
N ASN E 117 6.16 -5.95 47.05
CA ASN E 117 5.35 -5.89 45.83
C ASN E 117 4.62 -7.18 45.47
N TYR E 118 5.25 -8.32 45.80
CA TYR E 118 4.76 -9.63 45.41
C TYR E 118 4.57 -10.56 46.60
N ILE E 119 5.62 -10.83 47.39
CA ILE E 119 5.52 -11.82 48.49
C ILE E 119 4.99 -11.14 49.79
N SER E 120 3.79 -10.60 49.69
CA SER E 120 3.15 -9.89 50.77
C SER E 120 2.23 -10.83 51.54
N LYS E 121 1.73 -10.32 52.66
CA LYS E 121 0.70 -11.04 53.44
C LYS E 121 -0.56 -11.26 52.57
N ASP E 122 -0.99 -10.23 51.82
CA ASP E 122 -2.13 -10.35 50.88
C ASP E 122 -1.94 -11.35 49.71
N LYS E 123 -0.79 -11.33 49.05
CA LYS E 123 -0.60 -11.95 47.73
C LYS E 123 0.03 -13.33 47.72
N SER E 124 0.87 -13.59 48.70
CA SER E 124 1.57 -14.86 48.80
C SER E 124 1.75 -15.14 50.30
N PRO E 125 0.64 -15.36 51.04
CA PRO E 125 0.71 -15.40 52.52
C PRO E 125 1.69 -16.43 53.08
N GLY E 126 1.75 -17.61 52.44
CA GLY E 126 2.59 -18.74 52.88
C GLY E 126 4.07 -18.44 52.87
N LEU E 127 4.56 -18.03 51.70
CA LEU E 127 5.96 -17.61 51.56
C LEU E 127 6.28 -16.40 52.39
N ASN E 128 5.42 -15.40 52.39
CA ASN E 128 5.63 -14.22 53.22
C ASN E 128 5.84 -14.54 54.69
N ALA E 129 5.16 -15.57 55.19
CA ALA E 129 5.40 -15.94 56.58
C ALA E 129 6.80 -16.53 56.75
N GLY E 130 7.20 -17.47 55.90
CA GLY E 130 8.56 -18.02 55.97
C GLY E 130 9.55 -16.87 55.92
N LEU E 131 9.30 -15.90 55.05
CA LEU E 131 10.16 -14.75 54.93
C LEU E 131 10.28 -13.99 56.25
N SER E 132 9.22 -13.40 56.76
CA SER E 132 9.39 -12.55 57.96
C SER E 132 9.82 -13.30 59.25
N SER E 133 9.62 -14.61 59.29
CA SER E 133 9.95 -15.38 60.47
C SER E 133 11.15 -16.26 60.16
N ALA E 134 12.22 -15.62 59.70
CA ALA E 134 13.48 -16.28 59.33
C ALA E 134 14.52 -15.36 59.84
N THR E 135 15.64 -15.94 60.24
CA THR E 135 16.45 -15.30 61.23
C THR E 135 17.90 -15.72 61.00
N TYR E 136 18.82 -14.76 60.89
CA TYR E 136 20.22 -15.07 60.70
C TYR E 136 20.81 -15.81 61.89
N SER E 137 21.57 -16.87 61.60
CA SER E 137 22.26 -17.73 62.55
C SER E 137 23.76 -17.79 62.33
N GLY E 138 24.51 -17.78 63.42
CA GLY E 138 25.95 -18.09 63.40
C GLY E 138 26.87 -16.89 63.35
N PRO E 139 28.14 -17.15 62.98
CA PRO E 139 29.21 -16.12 62.98
C PRO E 139 28.81 -14.77 62.32
N ALA E 140 29.20 -13.64 62.91
CA ALA E 140 28.92 -12.33 62.28
C ALA E 140 29.49 -12.25 60.83
N PRO E 141 28.70 -11.76 59.87
CA PRO E 141 29.19 -11.76 58.52
C PRO E 141 30.38 -10.85 58.37
N ARG E 142 31.36 -11.33 57.59
CA ARG E 142 32.59 -10.62 57.30
C ARG E 142 32.53 -9.97 55.93
N TYR E 143 31.60 -10.40 55.06
CA TYR E 143 31.59 -10.03 53.65
C TYR E 143 30.34 -9.28 53.21
N VAL E 144 30.52 -8.22 52.43
CA VAL E 144 29.41 -7.47 51.84
C VAL E 144 29.46 -7.69 50.33
N ILE E 145 28.30 -7.95 49.71
CA ILE E 145 28.13 -8.00 48.24
C ILE E 145 27.00 -7.03 47.85
N VAL E 146 27.20 -6.26 46.80
CA VAL E 146 26.19 -5.31 46.37
C VAL E 146 26.04 -5.54 44.89
N ILE E 147 24.79 -5.67 44.42
CA ILE E 147 24.54 -6.11 43.04
C ILE E 147 23.39 -5.35 42.38
N PRO E 148 23.70 -4.47 41.43
CA PRO E 148 22.58 -3.83 40.77
C PRO E 148 21.90 -4.78 39.74
N VAL E 149 20.57 -4.70 39.66
CA VAL E 149 19.82 -5.59 38.83
C VAL E 149 18.82 -4.82 38.01
N LYS E 150 18.87 -5.01 36.71
CA LYS E 150 17.92 -4.42 35.82
C LYS E 150 17.26 -5.56 35.00
N LYS E 151 15.93 -5.52 34.87
CA LYS E 151 15.20 -6.50 34.06
C LYS E 151 14.72 -5.81 32.79
N ASN E 152 14.49 -6.57 31.75
CA ASN E 152 14.11 -6.01 30.44
C ASN E 152 12.62 -5.57 30.32
N ALA E 153 12.24 -4.96 29.19
CA ALA E 153 10.85 -4.51 28.97
C ALA E 153 9.89 -5.69 28.98
N GLU E 154 10.39 -6.86 28.62
CA GLU E 154 9.53 -8.00 28.48
C GLU E 154 9.04 -8.50 29.78
N TRP E 155 9.91 -8.41 30.79
CA TRP E 155 9.57 -8.72 32.17
C TRP E 155 8.49 -7.74 32.57
N TRP E 156 8.78 -6.46 32.44
CA TRP E 156 7.89 -5.46 32.97
C TRP E 156 6.55 -5.50 32.23
N ASN E 157 6.54 -6.13 31.05
CA ASN E 157 5.32 -6.21 30.25
C ASN E 157 4.50 -7.43 30.55
N MET E 158 5.05 -8.33 31.35
CA MET E 158 4.27 -9.39 31.98
C MET E 158 3.21 -8.88 32.98
N SER E 159 2.14 -9.64 33.14
CA SER E 159 1.08 -9.27 34.01
C SER E 159 1.55 -9.41 35.45
N PRO E 160 1.07 -8.53 36.32
CA PRO E 160 1.48 -8.61 37.74
C PRO E 160 1.17 -10.00 38.37
N GLU E 161 0.24 -10.72 37.73
CA GLU E 161 -0.03 -12.08 38.05
C GLU E 161 1.15 -12.95 37.63
N GLU E 162 1.69 -12.73 36.42
CA GLU E 162 2.77 -13.57 35.88
C GLU E 162 4.09 -13.34 36.62
N ARG E 163 4.37 -12.07 36.89
CA ARG E 163 5.55 -11.66 37.61
C ARG E 163 5.49 -12.17 39.04
N LEU E 164 4.35 -12.09 39.70
CA LEU E 164 4.17 -12.73 41.03
C LEU E 164 4.56 -14.21 41.01
N LYS E 165 4.05 -14.97 40.05
CA LYS E 165 4.41 -16.38 40.00
C LYS E 165 5.94 -16.54 39.87
N GLU E 166 6.56 -15.63 39.12
CA GLU E 166 7.97 -15.77 38.90
C GLU E 166 8.73 -15.47 40.16
N MET E 167 8.20 -14.57 40.96
CA MET E 167 8.88 -14.09 42.14
C MET E 167 8.67 -15.05 43.30
N GLU E 168 7.56 -15.77 43.26
CA GLU E 168 7.38 -16.88 44.17
C GLU E 168 8.44 -17.97 43.86
N VAL E 169 8.77 -18.12 42.59
CA VAL E 169 9.80 -19.06 42.19
C VAL E 169 11.15 -18.63 42.74
N HIS E 170 11.42 -17.32 42.70
CA HIS E 170 12.62 -16.69 43.28
C HIS E 170 12.69 -16.88 44.77
N THR E 171 11.58 -16.65 45.48
CA THR E 171 11.57 -16.85 46.93
C THR E 171 11.77 -18.29 47.42
N THR E 172 11.29 -19.27 46.67
CA THR E 172 11.25 -20.68 47.16
C THR E 172 12.60 -21.32 47.53
N PRO E 173 13.58 -21.35 46.61
CA PRO E 173 14.76 -22.09 47.02
C PRO E 173 15.68 -21.19 47.87
N THR E 174 15.30 -19.91 48.03
CA THR E 174 16.18 -18.94 48.69
C THR E 174 15.90 -18.77 50.16
N LEU E 175 14.68 -19.03 50.62
CA LEU E 175 14.35 -18.87 52.06
C LEU E 175 15.37 -19.55 52.98
N ALA E 176 15.87 -20.67 52.47
CA ALA E 176 16.82 -21.50 53.18
C ALA E 176 18.11 -20.75 53.53
N TYR E 177 18.48 -19.80 52.66
CA TYR E 177 19.77 -19.10 52.76
C TYR E 177 19.67 -17.89 53.66
N LEU E 178 18.48 -17.63 54.22
CA LEU E 178 18.31 -16.59 55.23
C LEU E 178 18.97 -16.87 56.58
N VAL E 179 19.44 -18.08 56.82
CA VAL E 179 20.17 -18.30 58.05
C VAL E 179 21.61 -17.91 57.83
N ASN E 180 21.96 -17.78 56.56
CA ASN E 180 23.30 -17.75 56.07
C ASN E 180 23.75 -16.41 55.56
N VAL E 181 22.76 -15.68 55.01
CA VAL E 181 22.88 -14.48 54.17
C VAL E 181 21.80 -13.47 54.60
N LYS E 182 22.19 -12.24 54.89
CA LYS E 182 21.24 -11.12 55.11
C LYS E 182 21.06 -10.39 53.80
N ARG E 183 19.92 -9.75 53.60
CA ARG E 183 19.61 -9.16 52.30
C ARG E 183 18.88 -7.83 52.50
N LYS E 184 19.08 -6.89 51.59
CA LYS E 184 18.21 -5.75 51.55
C LYS E 184 17.95 -5.38 50.08
N LEU E 185 16.70 -4.95 49.81
CA LEU E 185 16.31 -4.54 48.46
C LEU E 185 15.99 -3.07 48.32
N TYR E 186 16.61 -2.40 47.35
CA TYR E 186 16.32 -1.00 47.02
C TYR E 186 15.75 -0.95 45.63
N HIS E 187 14.89 0.03 45.39
CA HIS E 187 14.27 0.23 44.09
C HIS E 187 14.78 1.48 43.40
N SER E 188 15.10 1.35 42.11
CA SER E 188 15.78 2.41 41.37
C SER E 188 15.26 2.86 40.00
N THR E 189 14.30 2.16 39.40
CA THR E 189 13.83 2.44 38.03
C THR E 189 13.41 3.88 37.93
N GLY E 190 14.07 4.64 37.09
CA GLY E 190 13.75 6.06 36.96
C GLY E 190 14.60 6.95 37.83
N LEU E 191 15.14 6.42 38.91
CA LEU E 191 16.03 7.18 39.79
C LEU E 191 17.48 7.05 39.40
N ASP E 192 17.86 5.92 38.83
CA ASP E 192 19.26 5.69 38.41
C ASP E 192 19.28 4.59 37.36
N ASP E 193 20.44 4.28 36.79
CA ASP E 193 20.51 3.27 35.72
C ASP E 193 20.47 1.82 36.19
N THR E 194 19.42 1.50 36.94
CA THR E 194 19.15 0.14 37.34
C THR E 194 17.71 -0.02 37.86
N ASP E 195 17.15 -1.22 37.77
CA ASP E 195 15.86 -1.49 38.36
C ASP E 195 15.96 -1.64 39.87
N PHE E 196 17.03 -2.30 40.35
CA PHE E 196 17.17 -2.57 41.79
C PHE E 196 18.57 -2.50 42.29
N ILE E 197 18.71 -2.24 43.57
CA ILE E 197 20.02 -2.37 44.23
C ILE E 197 19.84 -3.38 45.32
N THR E 198 20.60 -4.47 45.21
CA THR E 198 20.54 -5.54 46.18
C THR E 198 21.82 -5.49 47.03
N TYR E 199 21.65 -5.80 48.31
CA TYR E 199 22.68 -5.64 49.34
C TYR E 199 22.72 -6.93 50.17
N PHE E 200 23.90 -7.50 50.37
CA PHE E 200 24.00 -8.77 51.14
C PHE E 200 25.16 -8.80 52.11
N GLU E 201 24.94 -9.42 53.25
CA GLU E 201 26.03 -9.65 54.16
C GLU E 201 26.04 -11.13 54.44
N THR E 202 27.20 -11.73 54.31
CA THR E 202 27.31 -13.13 54.61
C THR E 202 28.69 -13.45 55.14
N ASP E 203 28.81 -14.58 55.85
CA ASP E 203 30.13 -15.10 56.15
C ASP E 203 30.53 -16.33 55.28
N ASP E 204 29.56 -16.86 54.52
CA ASP E 204 29.78 -18.04 53.70
C ASP E 204 29.68 -17.79 52.17
N LEU E 205 30.82 -17.48 51.54
CA LEU E 205 30.82 -17.18 50.12
C LEU E 205 30.43 -18.40 49.27
N THR E 206 30.85 -19.59 49.68
CA THR E 206 30.50 -20.80 48.94
C THR E 206 28.99 -20.97 48.98
N ALA E 207 28.41 -20.73 50.15
CA ALA E 207 26.96 -20.67 50.27
C ALA E 207 26.45 -19.59 49.33
N PHE E 208 27.05 -18.40 49.37
CA PHE E 208 26.53 -17.34 48.53
C PHE E 208 26.59 -17.68 47.04
N ASN E 209 27.65 -18.36 46.65
CA ASN E 209 27.75 -18.84 45.28
C ASN E 209 26.60 -19.79 44.94
N ASN E 210 26.30 -20.72 45.82
CA ASN E 210 25.16 -21.63 45.59
C ASN E 210 23.82 -20.91 45.48
N LEU E 211 23.67 -19.88 46.30
CA LEU E 211 22.51 -19.00 46.31
C LEU E 211 22.33 -18.38 44.96
N MET E 212 23.36 -17.71 44.42
CA MET E 212 23.21 -17.09 43.08
C MET E 212 22.91 -18.08 41.96
N LEU E 213 23.51 -19.28 42.05
CA LEU E 213 23.31 -20.29 41.06
C LEU E 213 21.88 -20.73 41.07
N SER E 214 21.32 -20.89 42.25
CA SER E 214 19.91 -21.18 42.45
C SER E 214 19.06 -20.24 41.69
N LEU E 215 19.33 -18.96 41.85
CA LEU E 215 18.53 -17.96 41.18
C LEU E 215 18.88 -17.89 39.72
N ALA E 216 20.11 -18.26 39.34
CA ALA E 216 20.52 -18.19 37.95
C ALA E 216 19.65 -19.14 37.08
N GLN E 217 19.26 -20.25 37.71
CA GLN E 217 18.58 -21.38 37.10
C GLN E 217 17.07 -21.26 37.01
N VAL E 218 16.49 -20.17 37.42
CA VAL E 218 15.07 -20.01 37.25
C VAL E 218 14.70 -18.99 36.14
N LYS E 219 13.45 -19.07 35.67
CA LYS E 219 12.99 -18.27 34.53
C LYS E 219 13.28 -16.79 34.71
N GLU E 220 13.03 -16.26 35.90
CA GLU E 220 13.27 -14.83 36.17
C GLU E 220 14.60 -14.37 35.61
N ASN E 221 15.62 -15.23 35.68
CA ASN E 221 16.97 -14.83 35.26
C ASN E 221 17.00 -14.45 33.80
N LYS E 222 16.06 -15.03 33.04
CA LYS E 222 16.01 -14.86 31.58
C LYS E 222 15.81 -13.43 31.21
N PHE E 223 15.32 -12.63 32.15
CA PHE E 223 14.94 -11.25 31.85
C PHE E 223 15.93 -10.23 32.32
N HIS E 224 17.03 -10.65 32.92
CA HIS E 224 17.98 -9.69 33.42
C HIS E 224 18.76 -9.12 32.26
N VAL E 225 18.91 -7.81 32.28
CA VAL E 225 19.92 -7.16 31.42
C VAL E 225 21.12 -6.58 32.22
N ARG E 226 21.00 -6.47 33.53
CA ARG E 226 22.15 -6.20 34.34
C ARG E 226 21.94 -6.99 35.62
N TRP E 227 22.96 -7.69 36.09
CA TRP E 227 22.90 -8.53 37.28
C TRP E 227 24.35 -8.58 37.80
N GLY E 228 24.85 -7.42 38.25
CA GLY E 228 26.26 -7.23 38.52
C GLY E 228 26.74 -5.97 37.79
N SER E 229 28.00 -5.98 37.34
CA SER E 229 28.57 -4.92 36.51
C SER E 229 28.38 -3.59 37.12
N PRO E 230 29.02 -3.37 38.27
CA PRO E 230 29.84 -4.40 38.90
C PRO E 230 29.15 -5.21 40.04
N THR E 231 29.53 -6.49 40.12
CA THR E 231 29.29 -7.28 41.35
C THR E 231 30.36 -6.91 42.35
N THR E 232 30.03 -6.24 43.42
CA THR E 232 31.04 -5.69 44.33
C THR E 232 31.00 -6.51 45.60
N LEU E 233 32.10 -7.17 45.90
CA LEU E 233 32.19 -7.96 47.11
C LEU E 233 33.36 -7.39 47.86
N GLY E 234 33.12 -6.93 49.07
CA GLY E 234 34.17 -6.43 49.86
C GLY E 234 33.94 -6.90 51.26
N THR E 235 34.59 -6.27 52.21
CA THR E 235 34.79 -6.82 53.53
C THR E 235 34.28 -5.82 54.61
N ILE E 236 33.55 -6.33 55.59
CA ILE E 236 32.86 -5.47 56.59
C ILE E 236 33.75 -5.12 57.78
N HIS E 237 33.85 -3.83 58.06
CA HIS E 237 34.57 -3.26 59.20
C HIS E 237 33.86 -1.97 59.65
N SER E 238 34.25 -1.48 60.82
CA SER E 238 33.83 -0.16 61.30
C SER E 238 34.38 0.95 60.41
N PRO E 239 33.68 2.10 60.32
CA PRO E 239 34.19 3.05 59.34
C PRO E 239 35.63 3.50 59.55
N GLU E 240 36.04 3.76 60.78
CA GLU E 240 37.42 4.20 60.95
C GLU E 240 38.39 3.11 60.53
N ASP E 241 38.01 1.86 60.74
CA ASP E 241 38.91 0.74 60.39
C ASP E 241 39.14 0.67 58.88
N VAL E 242 38.11 0.99 58.08
CA VAL E 242 38.27 0.96 56.63
C VAL E 242 39.34 1.98 56.29
N ILE E 243 39.19 3.21 56.80
CA ILE E 243 40.19 4.26 56.56
C ILE E 243 41.57 3.93 57.19
N LYS E 244 41.61 3.36 58.38
CA LYS E 244 42.89 2.90 58.95
C LYS E 244 43.65 1.87 58.03
N ALA E 245 42.93 1.06 57.25
CA ALA E 245 43.54 0.10 56.33
C ALA E 245 44.03 0.78 55.04
N LEU E 246 43.38 1.84 54.61
CA LEU E 246 43.83 2.53 53.40
C LEU E 246 45.03 3.44 53.71
N ALA E 247 45.24 3.72 54.98
CA ALA E 247 46.34 4.55 55.45
C ALA E 247 47.68 4.12 54.85
N ASP E 248 48.12 2.90 55.16
CA ASP E 248 49.43 2.36 54.71
C ASP E 248 49.44 1.76 53.29
N LYS F 8 9.39 40.41 19.78
CA LYS F 8 9.72 41.84 19.48
C LYS F 8 10.18 42.00 18.01
N ILE F 9 10.04 43.22 17.49
CA ILE F 9 10.27 43.51 16.06
C ILE F 9 11.02 44.83 15.83
N GLU F 10 12.23 44.74 15.28
CA GLU F 10 12.99 45.93 14.95
C GLU F 10 13.07 46.14 13.44
N ARG F 11 12.78 47.36 13.01
CA ARG F 11 12.86 47.81 11.61
C ARG F 11 14.12 47.35 10.85
N GLY F 12 15.31 47.59 11.44
CA GLY F 12 16.62 47.21 10.88
C GLY F 12 16.79 45.72 10.56
N THR F 13 16.37 44.88 11.51
CA THR F 13 16.46 43.43 11.39
C THR F 13 15.44 42.81 10.45
N ILE F 14 14.15 43.02 10.73
CA ILE F 14 13.07 42.36 9.99
C ILE F 14 13.12 42.61 8.48
N LEU F 15 13.52 43.81 8.06
CA LEU F 15 13.58 44.15 6.63
C LEU F 15 14.78 43.54 5.92
N THR F 16 15.63 42.87 6.71
CA THR F 16 16.90 42.31 6.27
C THR F 16 16.90 40.75 6.30
N GLN F 17 15.88 40.16 6.90
CA GLN F 17 15.89 38.73 7.20
C GLN F 17 15.10 37.87 6.25
N PRO F 18 15.63 36.67 5.98
CA PRO F 18 14.89 35.72 5.18
C PRO F 18 13.70 35.15 5.93
N GLY F 19 12.63 34.86 5.20
CA GLY F 19 11.43 34.26 5.77
C GLY F 19 10.48 35.28 6.38
N VAL F 20 10.40 36.48 5.81
CA VAL F 20 9.49 37.50 6.32
C VAL F 20 8.33 37.65 5.35
N PHE F 21 7.12 37.66 5.88
CA PHE F 21 5.96 37.79 5.01
C PHE F 21 5.71 39.22 4.66
N GLY F 22 5.55 39.47 3.38
CA GLY F 22 5.23 40.78 2.90
C GLY F 22 3.79 40.73 2.45
N VAL F 23 2.99 41.71 2.88
CA VAL F 23 1.62 41.81 2.43
C VAL F 23 1.36 43.26 1.99
N PHE F 24 1.22 43.45 0.68
CA PHE F 24 0.89 44.76 0.13
C PHE F 24 -0.60 44.83 -0.16
N THR F 25 -1.26 45.85 0.33
CA THR F 25 -2.67 46.01 0.03
C THR F 25 -2.96 47.45 -0.40
N MET F 26 -3.44 47.57 -1.65
CA MET F 26 -3.85 48.86 -2.22
C MET F 26 -5.33 49.13 -1.96
N PHE F 27 -5.62 50.22 -1.26
CA PHE F 27 -6.99 50.65 -0.92
C PHE F 27 -7.48 51.88 -1.67
N LYS F 28 -8.78 51.96 -1.85
CA LYS F 28 -9.39 53.06 -2.58
C LYS F 28 -10.57 53.55 -1.77
N LEU F 29 -10.50 54.79 -1.32
CA LEU F 29 -11.57 55.43 -0.58
C LEU F 29 -12.88 55.51 -1.39
N ARG F 30 -13.99 55.12 -0.78
CA ARG F 30 -15.27 55.24 -1.44
C ARG F 30 -15.80 56.68 -1.40
N PRO F 31 -16.59 57.07 -2.40
CA PRO F 31 -17.24 58.40 -2.40
C PRO F 31 -17.85 58.79 -1.07
N ASP F 32 -18.50 57.88 -0.36
CA ASP F 32 -19.19 58.32 0.88
C ASP F 32 -18.28 58.55 2.10
N TRP F 33 -16.96 58.54 1.86
CA TRP F 33 -15.93 59.02 2.77
C TRP F 33 -15.91 60.57 2.93
N ASN F 34 -16.12 61.31 1.83
CA ASN F 34 -16.22 62.77 1.89
C ASN F 34 -17.46 63.18 2.69
N LYS F 35 -18.30 62.20 3.04
CA LYS F 35 -19.58 62.43 3.75
C LYS F 35 -19.61 61.98 5.23
N VAL F 36 -18.63 61.18 5.64
CA VAL F 36 -18.35 60.93 7.07
C VAL F 36 -18.12 62.29 7.78
N PRO F 37 -18.66 62.46 9.02
CA PRO F 37 -18.57 63.80 9.60
C PRO F 37 -17.13 64.23 9.88
N VAL F 38 -16.67 65.24 9.12
CA VAL F 38 -15.37 65.90 9.31
C VAL F 38 -15.24 66.33 10.77
N ALA F 39 -14.71 65.41 11.57
CA ALA F 39 -14.64 65.48 13.05
C ALA F 39 -14.14 64.12 13.47
N GLU F 40 -14.63 63.12 12.72
CA GLU F 40 -14.31 61.72 12.87
C GLU F 40 -13.41 61.28 11.71
N ARG F 41 -13.54 61.94 10.55
CA ARG F 41 -12.53 61.90 9.49
C ARG F 41 -11.21 62.49 10.00
N LYS F 42 -11.31 63.48 10.88
CA LYS F 42 -10.11 64.08 11.47
C LYS F 42 -9.49 63.15 12.53
N GLY F 43 -10.32 62.38 13.23
CA GLY F 43 -9.84 61.38 14.20
C GLY F 43 -9.42 60.04 13.60
N ALA F 44 -9.37 59.94 12.28
CA ALA F 44 -9.06 58.67 11.64
C ALA F 44 -7.58 58.32 11.70
N ALA F 45 -6.77 59.38 11.70
CA ALA F 45 -5.32 59.23 11.69
C ALA F 45 -4.81 58.75 13.02
N GLU F 46 -5.23 59.41 14.09
CA GLU F 46 -4.89 58.99 15.44
C GLU F 46 -5.25 57.50 15.65
N GLU F 47 -6.44 57.08 15.20
CA GLU F 47 -6.95 55.69 15.33
C GLU F 47 -5.97 54.70 14.72
N VAL F 48 -5.62 54.94 13.45
CA VAL F 48 -4.67 54.11 12.71
C VAL F 48 -3.34 54.09 13.44
N LYS F 49 -2.91 55.24 13.96
CA LYS F 49 -1.65 55.35 14.69
C LYS F 49 -1.62 54.49 15.96
N LYS F 50 -2.74 54.47 16.67
CA LYS F 50 -2.91 53.65 17.85
C LYS F 50 -2.98 52.17 17.48
N LEU F 51 -3.45 51.87 16.27
CA LEU F 51 -3.49 50.48 15.83
C LEU F 51 -2.08 49.97 15.56
N ILE F 52 -1.22 50.85 15.04
CA ILE F 52 0.16 50.49 14.72
C ILE F 52 0.99 50.30 15.98
N GLU F 53 0.74 51.13 17.00
CA GLU F 53 1.33 50.89 18.32
C GLU F 53 0.87 49.57 19.00
N LYS F 54 -0.47 49.33 19.07
CA LYS F 54 -0.97 48.07 19.66
C LYS F 54 -0.31 46.79 19.03
N HIS F 55 -0.02 46.83 17.73
CA HIS F 55 0.73 45.74 17.07
C HIS F 55 2.21 46.09 16.80
N LYS F 56 2.82 46.75 17.78
CA LYS F 56 4.26 46.99 17.89
C LYS F 56 4.98 45.72 17.54
N ASP F 57 4.69 44.70 18.35
CA ASP F 57 5.43 43.46 18.37
C ASP F 57 4.83 42.40 17.48
N ASN F 58 3.87 42.76 16.64
CA ASN F 58 3.22 41.76 15.79
C ASN F 58 3.66 41.81 14.32
N VAL F 59 3.75 43.01 13.77
CA VAL F 59 4.04 43.23 12.37
C VAL F 59 4.70 44.62 12.22
N LEU F 60 5.32 44.89 11.08
CA LEU F 60 5.93 46.19 10.83
C LEU F 60 5.15 46.87 9.73
N VAL F 61 4.66 48.07 10.06
CA VAL F 61 3.69 48.74 9.21
C VAL F 61 4.30 49.83 8.31
N ASP F 62 3.90 49.86 7.04
CA ASP F 62 4.24 50.97 6.14
C ASP F 62 3.00 51.47 5.40
N LEU F 63 2.82 52.79 5.41
CA LEU F 63 1.73 53.42 4.70
C LEU F 63 2.29 54.41 3.69
N TYR F 64 1.76 54.34 2.47
CA TYR F 64 2.17 55.24 1.39
C TYR F 64 0.99 55.90 0.67
N LEU F 65 1.23 57.09 0.14
CA LEU F 65 0.17 57.90 -0.47
C LEU F 65 0.16 57.89 -2.02
N THR F 66 -0.90 57.32 -2.60
CA THR F 66 -1.04 57.21 -4.08
C THR F 66 -2.17 58.00 -4.71
N ARG F 67 -3.06 58.59 -3.90
CA ARG F 67 -4.08 59.51 -4.41
C ARG F 67 -3.45 60.65 -5.23
N GLY F 68 -4.00 60.89 -6.41
CA GLY F 68 -3.40 61.86 -7.30
C GLY F 68 -2.49 61.24 -8.34
N LEU F 69 -1.95 60.07 -8.00
CA LEU F 69 -1.00 59.41 -8.88
C LEU F 69 -1.40 58.00 -9.36
N GLU F 70 -2.55 57.52 -8.92
CA GLU F 70 -2.93 56.12 -9.15
C GLU F 70 -4.42 55.97 -9.34
N THR F 71 -4.82 55.32 -10.42
CA THR F 71 -6.22 55.11 -10.67
C THR F 71 -6.84 54.26 -9.57
N ASN F 72 -6.10 53.26 -9.13
CA ASN F 72 -6.75 52.23 -8.38
C ASN F 72 -6.34 52.10 -6.94
N SER F 73 -5.71 53.11 -6.38
CA SER F 73 -5.54 53.21 -4.92
C SER F 73 -5.47 54.68 -4.49
N ASP F 74 -5.84 54.95 -3.25
CA ASP F 74 -5.59 56.27 -2.72
C ASP F 74 -4.40 56.14 -1.77
N PHE F 75 -4.20 54.94 -1.24
CA PHE F 75 -3.06 54.66 -0.39
C PHE F 75 -2.79 53.15 -0.35
N PHE F 76 -1.59 52.75 0.07
CA PHE F 76 -1.33 51.32 0.24
C PHE F 76 -0.43 50.99 1.39
N PHE F 77 -0.60 49.77 1.91
CA PHE F 77 0.16 49.23 3.06
C PHE F 77 1.25 48.23 2.64
N ARG F 78 2.41 48.26 3.29
CA ARG F 78 3.35 47.14 3.27
C ARG F 78 3.46 46.66 4.72
N ILE F 79 2.99 45.43 4.95
CA ILE F 79 3.10 44.80 6.27
C ILE F 79 4.21 43.76 6.22
N ASN F 80 5.12 43.77 7.20
CA ASN F 80 6.17 42.75 7.27
C ASN F 80 6.07 41.96 8.55
N ALA F 81 6.01 40.65 8.45
CA ALA F 81 5.71 39.84 9.61
C ALA F 81 6.41 38.50 9.56
N TYR F 82 6.82 38.00 10.72
CA TYR F 82 7.32 36.63 10.83
C TYR F 82 6.24 35.55 10.69
N ASP F 83 4.97 35.96 10.72
CA ASP F 83 3.81 35.05 10.72
C ASP F 83 2.76 35.61 9.77
N LEU F 84 2.40 34.90 8.69
CA LEU F 84 1.41 35.46 7.76
C LEU F 84 0.10 35.70 8.52
N ALA F 85 -0.25 34.77 9.43
CA ALA F 85 -1.48 34.90 10.21
C ALA F 85 -1.55 36.27 10.88
N LYS F 86 -0.41 36.71 11.42
CA LYS F 86 -0.32 38.00 12.11
C LYS F 86 -0.48 39.21 11.20
N ALA F 87 -0.03 39.07 9.96
CA ALA F 87 -0.27 40.08 8.95
C ALA F 87 -1.75 40.19 8.66
N GLN F 88 -2.43 39.04 8.54
CA GLN F 88 -3.87 38.98 8.25
C GLN F 88 -4.71 39.68 9.35
N THR F 89 -4.41 39.33 10.59
CA THR F 89 -4.98 40.03 11.73
C THR F 89 -4.86 41.55 11.68
N PHE F 90 -3.64 42.10 11.64
CA PHE F 90 -3.48 43.54 11.50
C PHE F 90 -4.41 44.13 10.42
N MET F 91 -4.38 43.49 9.26
CA MET F 91 -5.05 44.03 8.13
C MET F 91 -6.54 43.97 8.33
N ARG F 92 -6.99 42.90 9.00
CA ARG F 92 -8.40 42.69 9.26
C ARG F 92 -8.89 43.77 10.19
N GLU F 93 -8.03 44.14 11.14
CA GLU F 93 -8.36 45.16 12.12
C GLU F 93 -8.28 46.56 11.52
N PHE F 94 -7.37 46.75 10.56
CA PHE F 94 -7.36 48.03 9.86
C PHE F 94 -8.64 48.24 9.10
N ARG F 95 -9.25 47.16 8.62
CA ARG F 95 -10.46 47.35 7.85
C ARG F 95 -11.65 47.67 8.76
N SER F 96 -11.53 47.36 10.05
CA SER F 96 -12.54 47.77 11.01
C SER F 96 -12.34 49.20 11.51
N THR F 97 -11.29 49.86 11.01
CA THR F 97 -10.98 51.21 11.42
C THR F 97 -11.95 52.15 10.69
N THR F 98 -12.00 53.43 11.05
CA THR F 98 -12.91 54.34 10.32
C THR F 98 -12.55 54.46 8.81
N VAL F 99 -11.27 54.65 8.48
CA VAL F 99 -10.87 54.73 7.08
C VAL F 99 -11.20 53.42 6.39
N GLY F 100 -10.88 52.33 7.06
CA GLY F 100 -11.07 50.99 6.52
C GLY F 100 -12.53 50.74 6.24
N LYS F 101 -13.39 51.31 7.08
CA LYS F 101 -14.84 51.18 6.86
C LYS F 101 -15.32 51.92 5.60
N ASN F 102 -14.49 52.84 5.10
CA ASN F 102 -14.83 53.59 3.89
C ASN F 102 -13.85 53.43 2.74
N ALA F 103 -13.05 52.35 2.80
CA ALA F 103 -12.11 51.98 1.73
C ALA F 103 -12.40 50.57 1.19
N ASP F 104 -12.26 50.41 -0.13
CA ASP F 104 -12.38 49.12 -0.77
C ASP F 104 -11.00 48.66 -1.10
N VAL F 105 -10.81 47.36 -1.07
CA VAL F 105 -9.52 46.78 -1.41
C VAL F 105 -9.44 46.53 -2.91
N PHE F 106 -8.36 47.02 -3.53
CA PHE F 106 -8.19 46.90 -5.01
C PHE F 106 -7.03 46.05 -5.51
N GLU F 107 -6.11 45.77 -4.60
CA GLU F 107 -4.94 44.94 -4.85
C GLU F 107 -4.42 44.40 -3.56
N THR F 108 -4.13 43.09 -3.57
CA THR F 108 -3.49 42.47 -2.44
C THR F 108 -2.37 41.60 -2.99
N LEU F 109 -1.16 41.77 -2.48
CA LEU F 109 -0.03 40.92 -2.88
C LEU F 109 0.67 40.30 -1.67
N VAL F 110 0.65 38.96 -1.63
CA VAL F 110 1.28 38.20 -0.54
C VAL F 110 2.59 37.58 -1.04
N GLY F 111 3.63 37.68 -0.24
CA GLY F 111 4.91 37.11 -0.64
C GLY F 111 5.79 36.87 0.54
N VAL F 112 6.93 36.22 0.29
CA VAL F 112 7.86 35.90 1.37
C VAL F 112 9.27 36.11 0.95
N THR F 113 10.02 36.67 1.87
CA THR F 113 11.43 36.90 1.74
C THR F 113 12.19 35.59 1.76
N LYS F 114 13.19 35.49 0.88
CA LYS F 114 14.10 34.31 0.81
C LYS F 114 15.59 34.71 0.73
N PRO F 115 16.51 33.79 1.06
CA PRO F 115 17.92 34.14 0.81
C PRO F 115 18.19 34.25 -0.68
N LEU F 116 19.40 34.62 -1.06
CA LEU F 116 19.73 34.73 -2.47
C LEU F 116 19.71 33.39 -3.28
N ASN F 117 19.05 33.42 -4.45
CA ASN F 117 18.93 32.29 -5.39
C ASN F 117 20.02 32.27 -6.46
N TYR F 118 20.43 33.46 -6.92
CA TYR F 118 21.48 33.57 -7.96
C TYR F 118 22.84 34.23 -7.56
N ILE F 119 22.78 35.52 -7.25
CA ILE F 119 23.96 36.31 -6.95
C ILE F 119 24.32 36.12 -5.47
N SER F 120 24.66 34.88 -5.09
CA SER F 120 24.99 34.51 -3.70
C SER F 120 26.50 34.49 -3.55
N LYS F 121 27.02 34.45 -2.31
CA LYS F 121 28.47 34.36 -2.10
C LYS F 121 29.05 33.12 -2.77
N ASP F 122 28.23 32.07 -2.85
CA ASP F 122 28.54 30.82 -3.57
C ASP F 122 28.55 30.85 -5.10
N LYS F 123 27.37 31.08 -5.69
CA LYS F 123 27.15 30.95 -7.16
C LYS F 123 27.79 32.05 -8.01
N SER F 124 27.81 33.28 -7.47
CA SER F 124 28.47 34.43 -8.10
C SER F 124 29.15 35.39 -7.08
N PRO F 125 30.34 35.04 -6.59
CA PRO F 125 30.93 35.88 -5.55
C PRO F 125 31.22 37.33 -6.03
N GLY F 126 31.54 37.46 -7.32
CA GLY F 126 32.10 38.68 -7.87
C GLY F 126 31.05 39.76 -7.93
N LEU F 127 29.84 39.35 -8.28
CA LEU F 127 28.68 40.26 -8.25
C LEU F 127 28.04 40.34 -6.86
N ASN F 128 28.16 39.29 -6.07
CA ASN F 128 27.76 39.33 -4.67
C ASN F 128 28.44 40.46 -3.88
N ALA F 129 29.77 40.55 -3.99
CA ALA F 129 30.52 41.62 -3.31
C ALA F 129 30.06 43.02 -3.73
N GLY F 130 29.86 43.20 -5.03
CA GLY F 130 29.34 44.46 -5.58
C GLY F 130 27.97 44.84 -5.01
N LEU F 131 27.10 43.84 -4.93
CA LEU F 131 25.78 43.96 -4.32
C LEU F 131 25.79 44.34 -2.83
N SER F 132 26.61 43.67 -2.00
CA SER F 132 26.67 43.97 -0.56
C SER F 132 27.42 45.26 -0.23
N SER F 133 28.51 45.52 -0.94
CA SER F 133 29.36 46.69 -0.67
C SER F 133 28.94 47.94 -1.45
N ALA F 134 27.63 48.08 -1.68
CA ALA F 134 27.06 49.24 -2.39
C ALA F 134 26.06 49.91 -1.48
N THR F 135 26.10 51.24 -1.42
CA THR F 135 25.44 51.93 -0.32
C THR F 135 24.69 53.16 -0.84
N TYR F 136 23.52 53.44 -0.27
CA TYR F 136 22.64 54.52 -0.76
C TYR F 136 23.17 55.92 -0.50
N SER F 137 23.06 56.78 -1.50
CA SER F 137 23.58 58.16 -1.39
C SER F 137 22.57 59.27 -1.68
N GLY F 138 22.59 60.26 -0.79
CA GLY F 138 21.87 61.51 -1.02
C GLY F 138 20.48 61.54 -0.45
N PRO F 139 19.60 62.39 -1.03
CA PRO F 139 18.40 62.79 -0.31
C PRO F 139 17.58 61.56 0.11
N ALA F 140 16.94 61.65 1.28
CA ALA F 140 15.91 60.69 1.69
C ALA F 140 14.92 60.54 0.52
N PRO F 141 14.61 59.30 0.14
CA PRO F 141 13.74 59.13 -1.01
C PRO F 141 12.33 59.69 -0.72
N ARG F 142 11.72 60.33 -1.73
CA ARG F 142 10.32 60.76 -1.66
C ARG F 142 9.30 59.75 -2.26
N TYR F 143 9.76 58.90 -3.18
CA TYR F 143 8.84 58.06 -3.90
C TYR F 143 9.02 56.52 -3.66
N VAL F 144 7.91 55.79 -3.81
CA VAL F 144 7.86 54.34 -3.63
C VAL F 144 7.31 53.71 -4.91
N ILE F 145 7.90 52.61 -5.36
CA ILE F 145 7.38 51.95 -6.54
C ILE F 145 7.27 50.49 -6.13
N VAL F 146 6.15 49.87 -6.51
CA VAL F 146 5.94 48.45 -6.22
C VAL F 146 5.49 47.80 -7.49
N ILE F 147 6.21 46.75 -7.91
CA ILE F 147 5.98 46.10 -9.21
C ILE F 147 5.89 44.60 -9.06
N PRO F 148 4.69 44.03 -9.24
CA PRO F 148 4.61 42.58 -9.19
C PRO F 148 5.20 41.95 -10.44
N VAL F 149 6.01 40.92 -10.30
CA VAL F 149 6.60 40.33 -11.48
C VAL F 149 6.31 38.84 -11.57
N LYS F 150 5.93 38.40 -12.77
CA LYS F 150 5.70 36.99 -13.06
C LYS F 150 6.50 36.58 -14.32
N LYS F 151 7.11 35.38 -14.25
CA LYS F 151 7.86 34.84 -15.37
C LYS F 151 7.20 33.58 -15.90
N ASN F 152 7.35 33.32 -17.19
CA ASN F 152 6.57 32.26 -17.83
C ASN F 152 7.12 30.89 -17.57
N ALA F 153 6.51 29.85 -18.14
CA ALA F 153 6.97 28.47 -17.99
C ALA F 153 8.33 28.19 -18.63
N GLU F 154 8.62 28.86 -19.72
CA GLU F 154 9.89 28.71 -20.41
C GLU F 154 11.07 29.11 -19.54
N TRP F 155 10.92 30.21 -18.79
CA TRP F 155 11.96 30.67 -17.91
C TRP F 155 12.21 29.53 -16.90
N TRP F 156 11.13 29.15 -16.24
CA TRP F 156 11.20 28.21 -15.16
C TRP F 156 11.75 26.86 -15.58
N ASN F 157 11.74 26.60 -16.90
CA ASN F 157 12.19 25.32 -17.49
C ASN F 157 13.63 25.39 -17.94
N MET F 158 14.19 26.59 -17.91
CA MET F 158 15.64 26.73 -18.08
C MET F 158 16.38 26.20 -16.85
N SER F 159 17.58 25.65 -17.08
CA SER F 159 18.36 25.09 -16.01
C SER F 159 18.84 26.19 -15.06
N PRO F 160 19.17 25.81 -13.82
CA PRO F 160 19.73 26.81 -12.91
C PRO F 160 20.95 27.57 -13.51
N GLU F 161 21.81 26.85 -14.21
CA GLU F 161 22.99 27.45 -14.81
C GLU F 161 22.58 28.54 -15.81
N GLU F 162 21.51 28.29 -16.57
CA GLU F 162 21.05 29.27 -17.57
C GLU F 162 20.36 30.47 -16.92
N ARG F 163 19.47 30.18 -15.97
CA ARG F 163 18.77 31.19 -15.22
C ARG F 163 19.80 32.00 -14.44
N LEU F 164 20.82 31.34 -13.89
CA LEU F 164 21.94 32.07 -13.27
C LEU F 164 22.62 33.07 -14.22
N LYS F 165 23.01 32.62 -15.42
CA LYS F 165 23.63 33.51 -16.44
C LYS F 165 22.79 34.79 -16.76
N GLU F 166 21.46 34.67 -16.69
CA GLU F 166 20.61 35.78 -17.04
C GLU F 166 20.36 36.72 -15.88
N MET F 167 20.50 36.19 -14.67
CA MET F 167 20.31 37.03 -13.53
C MET F 167 21.61 37.79 -13.32
N GLU F 168 22.73 37.17 -13.69
CA GLU F 168 24.00 37.89 -13.72
C GLU F 168 23.84 39.11 -14.63
N VAL F 169 23.08 38.95 -15.70
CA VAL F 169 22.91 40.03 -16.68
C VAL F 169 21.94 41.13 -16.19
N HIS F 170 20.89 40.71 -15.47
CA HIS F 170 20.09 41.60 -14.60
C HIS F 170 21.02 42.46 -13.68
N THR F 171 21.92 41.81 -12.94
CA THR F 171 22.68 42.54 -11.93
C THR F 171 23.74 43.50 -12.51
N THR F 172 24.50 43.06 -13.50
CA THR F 172 25.61 43.87 -14.06
C THR F 172 25.32 45.38 -14.24
N PRO F 173 24.19 45.75 -14.87
CA PRO F 173 24.04 47.21 -15.08
C PRO F 173 23.16 47.96 -14.01
N THR F 174 22.64 47.23 -13.03
CA THR F 174 21.76 47.77 -11.97
C THR F 174 22.49 48.02 -10.66
N LEU F 175 23.72 47.52 -10.53
CA LEU F 175 24.55 47.75 -9.35
C LEU F 175 24.79 49.25 -9.24
N ALA F 176 24.93 49.91 -10.39
CA ALA F 176 25.14 51.35 -10.43
C ALA F 176 23.97 52.18 -9.86
N TYR F 177 22.76 51.62 -9.84
CA TYR F 177 21.58 52.34 -9.34
C TYR F 177 21.38 52.18 -7.84
N LEU F 178 22.29 51.48 -7.17
CA LEU F 178 22.10 51.23 -5.73
C LEU F 178 22.38 52.47 -4.93
N VAL F 179 23.14 53.37 -5.53
CA VAL F 179 23.44 54.68 -4.96
C VAL F 179 22.17 55.57 -4.96
N ASN F 180 21.27 55.28 -5.90
CA ASN F 180 20.08 56.07 -6.21
C ASN F 180 18.79 55.56 -5.63
N VAL F 181 18.75 54.22 -5.48
CA VAL F 181 17.53 53.42 -5.40
C VAL F 181 17.71 52.22 -4.45
N LYS F 182 16.78 52.08 -3.51
CA LYS F 182 16.76 50.97 -2.59
C LYS F 182 15.82 49.96 -3.19
N ARG F 183 16.10 48.66 -3.00
CA ARG F 183 15.31 47.60 -3.60
C ARG F 183 15.02 46.56 -2.55
N LYS F 184 13.95 45.81 -2.73
CA LYS F 184 13.68 44.65 -1.86
C LYS F 184 12.84 43.69 -2.69
N LEU F 185 13.04 42.39 -2.45
CA LEU F 185 12.50 41.31 -3.27
C LEU F 185 11.77 40.28 -2.45
N TYR F 186 10.45 40.23 -2.57
CA TYR F 186 9.66 39.14 -1.96
C TYR F 186 9.33 38.11 -3.01
N HIS F 187 9.25 36.86 -2.60
CA HIS F 187 8.89 35.77 -3.51
C HIS F 187 7.44 35.32 -3.32
N SER F 188 6.72 35.03 -4.40
CA SER F 188 5.29 34.70 -4.27
C SER F 188 4.76 33.43 -4.94
N THR F 189 5.55 32.77 -5.79
CA THR F 189 5.03 31.66 -6.58
C THR F 189 4.33 30.64 -5.71
N GLY F 190 3.07 30.33 -6.06
CA GLY F 190 2.21 29.42 -5.30
C GLY F 190 1.50 30.02 -4.07
N LEU F 191 1.78 31.30 -3.77
CA LEU F 191 1.17 32.00 -2.64
C LEU F 191 0.22 33.09 -3.07
N ASP F 192 0.40 33.62 -4.28
CA ASP F 192 -0.49 34.64 -4.84
C ASP F 192 -0.31 34.61 -6.36
N ASP F 193 -1.02 35.47 -7.09
CA ASP F 193 -0.88 35.46 -8.53
C ASP F 193 0.26 36.32 -9.02
N THR F 194 1.48 35.93 -8.65
CA THR F 194 2.70 36.57 -9.16
C THR F 194 3.90 35.72 -8.79
N ASP F 195 5.00 35.86 -9.53
CA ASP F 195 6.21 35.17 -9.17
C ASP F 195 7.00 35.97 -8.10
N PHE F 196 7.08 37.29 -8.25
CA PHE F 196 7.74 38.14 -7.22
C PHE F 196 6.92 39.39 -6.94
N ILE F 197 7.16 40.00 -5.77
CA ILE F 197 6.78 41.38 -5.53
C ILE F 197 8.07 42.10 -5.26
N THR F 198 8.37 43.11 -6.08
CA THR F 198 9.58 43.96 -5.91
C THR F 198 9.17 45.32 -5.40
N TYR F 199 10.06 45.92 -4.63
CA TYR F 199 9.77 47.15 -3.93
C TYR F 199 10.96 48.09 -3.97
N PHE F 200 10.69 49.33 -4.32
CA PHE F 200 11.75 50.32 -4.48
C PHE F 200 11.38 51.63 -3.79
N GLU F 201 12.39 52.29 -3.27
CA GLU F 201 12.30 53.61 -2.76
C GLU F 201 13.35 54.35 -3.53
N THR F 202 12.98 55.48 -4.08
CA THR F 202 13.98 56.36 -4.66
C THR F 202 13.51 57.82 -4.63
N ASP F 203 14.48 58.72 -4.81
CA ASP F 203 14.19 60.13 -4.97
C ASP F 203 14.28 60.65 -6.42
N ASP F 204 14.95 59.89 -7.30
CA ASP F 204 15.21 60.35 -8.70
C ASP F 204 14.50 59.50 -9.75
N LEU F 205 13.27 59.89 -10.06
CA LEU F 205 12.39 59.10 -10.91
C LEU F 205 12.82 59.08 -12.36
N THR F 206 13.64 60.05 -12.77
CA THR F 206 14.25 59.97 -14.09
C THR F 206 15.30 58.83 -14.06
N ALA F 207 16.08 58.75 -12.99
CA ALA F 207 17.01 57.62 -12.85
C ALA F 207 16.25 56.29 -12.84
N PHE F 208 15.16 56.23 -12.07
CA PHE F 208 14.45 54.97 -11.90
C PHE F 208 13.90 54.49 -13.22
N ASN F 209 13.53 55.44 -14.08
CA ASN F 209 13.13 55.16 -15.46
C ASN F 209 14.22 54.46 -16.27
N ASN F 210 15.36 55.15 -16.44
CA ASN F 210 16.56 54.57 -17.06
C ASN F 210 16.94 53.20 -16.47
N LEU F 211 16.72 53.02 -15.17
CA LEU F 211 16.95 51.72 -14.56
C LEU F 211 16.03 50.65 -15.19
N MET F 212 14.71 50.81 -15.10
CA MET F 212 13.83 49.87 -15.75
C MET F 212 14.13 49.67 -17.22
N LEU F 213 14.48 50.72 -17.95
CA LEU F 213 14.81 50.52 -19.37
C LEU F 213 16.09 49.69 -19.53
N SER F 214 17.00 49.78 -18.56
CA SER F 214 18.20 48.99 -18.60
C SER F 214 17.88 47.52 -18.48
N LEU F 215 16.80 47.24 -17.75
CA LEU F 215 16.35 45.87 -17.53
C LEU F 215 15.38 45.36 -18.62
N ALA F 216 14.69 46.28 -19.30
CA ALA F 216 13.78 45.94 -20.40
C ALA F 216 14.64 45.44 -21.55
N GLN F 217 15.87 45.92 -21.61
CA GLN F 217 16.77 45.61 -22.70
C GLN F 217 17.59 44.34 -22.56
N VAL F 218 17.33 43.53 -21.54
CA VAL F 218 18.08 42.29 -21.36
C VAL F 218 17.18 41.07 -21.60
N LYS F 219 17.81 39.91 -21.93
CA LYS F 219 17.08 38.74 -22.33
C LYS F 219 16.04 38.39 -21.31
N GLU F 220 16.37 38.50 -20.02
CA GLU F 220 15.42 38.11 -18.98
C GLU F 220 14.00 38.64 -19.28
N ASN F 221 13.96 39.87 -19.72
CA ASN F 221 12.71 40.59 -19.91
C ASN F 221 11.82 39.84 -20.86
N LYS F 222 12.43 39.04 -21.73
CA LYS F 222 11.65 38.30 -22.72
C LYS F 222 10.72 37.31 -22.07
N PHE F 223 10.96 36.97 -20.80
CA PHE F 223 10.23 35.91 -20.11
C PHE F 223 9.11 36.42 -19.21
N HIS F 224 8.94 37.75 -19.16
CA HIS F 224 7.98 38.39 -18.26
C HIS F 224 6.57 38.25 -18.80
N VAL F 225 5.66 37.70 -18.02
CA VAL F 225 4.27 37.80 -18.44
C VAL F 225 3.51 38.83 -17.61
N ARG F 226 4.19 39.37 -16.59
CA ARG F 226 3.63 40.42 -15.70
C ARG F 226 4.80 41.20 -15.12
N TRP F 227 4.70 42.52 -15.15
CA TRP F 227 5.83 43.38 -14.91
C TRP F 227 5.17 44.76 -14.63
N GLY F 228 4.30 44.75 -13.64
CA GLY F 228 3.42 45.86 -13.36
C GLY F 228 2.02 45.31 -13.17
N SER F 229 1.03 45.99 -13.79
CA SER F 229 -0.39 45.57 -13.79
C SER F 229 -0.86 45.16 -12.41
N PRO F 230 -0.77 46.10 -11.45
CA PRO F 230 -0.32 47.49 -11.67
C PRO F 230 1.13 47.82 -11.27
N THR F 231 1.66 48.84 -11.95
CA THR F 231 2.88 49.52 -11.50
C THR F 231 2.46 50.60 -10.55
N THR F 232 2.80 50.47 -9.28
CA THR F 232 2.28 51.39 -8.26
C THR F 232 3.35 52.30 -7.69
N LEU F 233 3.21 53.58 -8.01
CA LEU F 233 4.17 54.63 -7.72
C LEU F 233 3.41 55.69 -7.00
N GLY F 234 3.81 55.89 -5.76
CA GLY F 234 3.29 56.88 -4.88
C GLY F 234 4.41 57.49 -4.08
N THR F 235 4.12 57.79 -2.82
CA THR F 235 4.85 58.84 -2.14
C THR F 235 4.95 58.53 -0.63
N ILE F 236 6.18 58.56 -0.12
CA ILE F 236 6.48 58.07 1.23
C ILE F 236 6.24 59.14 2.27
N HIS F 237 5.54 58.75 3.34
CA HIS F 237 5.25 59.58 4.53
C HIS F 237 5.13 58.68 5.77
N SER F 238 5.00 59.26 6.95
CA SER F 238 4.62 58.53 8.14
C SER F 238 3.18 58.09 7.98
N PRO F 239 2.72 57.13 8.80
CA PRO F 239 1.36 56.66 8.59
C PRO F 239 0.33 57.74 8.86
N GLU F 240 0.51 58.47 9.95
CA GLU F 240 -0.49 59.47 10.30
C GLU F 240 -0.58 60.61 9.27
N ASP F 241 0.56 61.09 8.76
CA ASP F 241 0.53 62.10 7.71
C ASP F 241 -0.20 61.63 6.44
N VAL F 242 -0.06 60.34 6.10
CA VAL F 242 -0.76 59.77 4.93
C VAL F 242 -2.24 59.86 5.18
N ILE F 243 -2.68 59.50 6.39
CA ILE F 243 -4.08 59.56 6.73
C ILE F 243 -4.57 61.00 6.82
N LYS F 244 -3.70 61.90 7.25
CA LYS F 244 -4.04 63.32 7.39
C LYS F 244 -4.24 63.91 6.01
N ALA F 245 -3.46 63.44 5.04
CA ALA F 245 -3.61 63.91 3.67
C ALA F 245 -4.93 63.43 3.09
N LEU F 246 -5.43 62.31 3.60
CA LEU F 246 -6.64 61.69 3.05
C LEU F 246 -7.89 62.28 3.65
N ALA F 247 -7.71 63.04 4.75
CA ALA F 247 -8.82 63.68 5.46
C ALA F 247 -9.54 64.70 4.58
N ASP F 248 -8.83 65.75 4.16
CA ASP F 248 -9.45 66.84 3.35
C ASP F 248 -9.86 66.46 1.91
N LYS G 8 8.43 80.14 -10.50
CA LYS G 8 7.72 80.52 -11.78
C LYS G 8 7.67 79.34 -12.74
N ILE G 9 6.55 79.24 -13.48
CA ILE G 9 6.34 78.18 -14.48
C ILE G 9 5.75 78.74 -15.77
N GLU G 10 6.55 78.75 -16.83
CA GLU G 10 6.14 79.32 -18.11
C GLU G 10 5.70 78.22 -19.05
N ARG G 11 4.48 78.37 -19.54
CA ARG G 11 3.92 77.45 -20.52
C ARG G 11 4.89 77.15 -21.68
N GLY G 12 5.58 78.15 -22.19
CA GLY G 12 6.43 77.94 -23.35
C GLY G 12 7.77 77.28 -23.04
N THR G 13 8.21 77.38 -21.78
CA THR G 13 9.47 76.81 -21.40
C THR G 13 9.31 75.36 -20.94
N ILE G 14 8.41 75.13 -19.99
CA ILE G 14 8.17 73.82 -19.35
C ILE G 14 7.74 72.75 -20.35
N LEU G 15 7.04 73.17 -21.41
CA LEU G 15 6.59 72.27 -22.46
C LEU G 15 7.71 71.92 -23.44
N THR G 16 8.84 72.59 -23.31
CA THR G 16 9.99 72.49 -24.21
C THR G 16 11.18 71.75 -23.53
N GLN G 17 11.04 71.51 -22.23
CA GLN G 17 12.14 71.06 -21.41
C GLN G 17 12.15 69.56 -21.07
N PRO G 18 13.34 68.95 -21.11
CA PRO G 18 13.50 67.63 -20.51
C PRO G 18 13.42 67.73 -18.99
N GLY G 19 13.09 66.63 -18.33
CA GLY G 19 13.07 66.58 -16.87
C GLY G 19 11.69 66.89 -16.30
N VAL G 20 10.66 66.91 -17.18
CA VAL G 20 9.31 67.40 -16.86
C VAL G 20 8.27 66.31 -16.74
N PHE G 21 7.65 66.21 -15.57
CA PHE G 21 6.65 65.15 -15.37
C PHE G 21 5.31 65.48 -15.96
N GLY G 22 4.78 64.58 -16.79
CA GLY G 22 3.41 64.69 -17.24
C GLY G 22 2.54 63.77 -16.42
N VAL G 23 1.41 64.28 -15.93
CA VAL G 23 0.44 63.44 -15.24
C VAL G 23 -0.90 63.59 -15.95
N PHE G 24 -1.34 62.52 -16.59
CA PHE G 24 -2.56 62.52 -17.37
C PHE G 24 -3.67 61.83 -16.58
N THR G 25 -4.71 62.58 -16.23
CA THR G 25 -5.78 61.95 -15.44
C THR G 25 -7.16 62.10 -16.08
N MET G 26 -7.79 60.94 -16.35
CA MET G 26 -9.14 60.85 -16.91
C MET G 26 -10.23 60.70 -15.86
N PHE G 27 -11.23 61.56 -15.89
CA PHE G 27 -12.33 61.46 -14.92
C PHE G 27 -13.71 61.17 -15.49
N LYS G 28 -14.54 60.51 -14.71
CA LYS G 28 -15.90 60.26 -15.13
C LYS G 28 -16.90 60.75 -14.08
N LEU G 29 -17.80 61.67 -14.45
CA LEU G 29 -18.73 62.25 -13.47
C LEU G 29 -19.70 61.18 -13.08
N ARG G 30 -20.01 61.07 -11.79
CA ARG G 30 -20.91 60.04 -11.32
C ARG G 30 -22.36 60.46 -11.56
N PRO G 31 -23.28 59.48 -11.60
CA PRO G 31 -24.69 59.84 -11.75
C PRO G 31 -25.21 60.88 -10.74
N ASP G 32 -24.86 60.76 -9.45
CA ASP G 32 -25.31 61.68 -8.40
C ASP G 32 -24.76 63.14 -8.47
N TRP G 33 -24.00 63.44 -9.53
CA TRP G 33 -23.62 64.82 -9.88
C TRP G 33 -24.82 65.57 -10.47
N ASN G 34 -25.70 64.81 -11.13
CA ASN G 34 -26.91 65.36 -11.77
C ASN G 34 -27.84 65.92 -10.72
N LYS G 35 -27.53 65.59 -9.46
CA LYS G 35 -28.37 65.89 -8.30
C LYS G 35 -27.71 66.81 -7.25
N VAL G 36 -26.45 67.16 -7.47
CA VAL G 36 -25.88 68.34 -6.84
C VAL G 36 -26.76 69.53 -7.29
N PRO G 37 -27.02 70.49 -6.40
CA PRO G 37 -27.88 71.61 -6.78
C PRO G 37 -27.30 72.59 -7.81
N VAL G 38 -28.06 72.80 -8.89
CA VAL G 38 -27.72 73.74 -9.95
C VAL G 38 -27.50 74.99 -9.16
N ALA G 39 -26.23 75.32 -8.98
CA ALA G 39 -25.80 76.42 -8.10
C ALA G 39 -24.39 76.04 -7.73
N GLU G 40 -24.32 75.03 -6.90
CA GLU G 40 -23.07 74.47 -6.51
C GLU G 40 -22.32 74.03 -7.76
N ARG G 41 -23.04 73.37 -8.66
CA ARG G 41 -22.53 73.00 -9.98
C ARG G 41 -22.12 74.19 -10.80
N LYS G 42 -22.93 75.23 -10.82
CA LYS G 42 -22.66 76.32 -11.75
C LYS G 42 -21.45 77.14 -11.28
N GLY G 43 -21.11 77.01 -10.01
CA GLY G 43 -19.90 77.63 -9.47
C GLY G 43 -18.78 76.66 -9.25
N ALA G 44 -18.88 75.47 -9.81
CA ALA G 44 -17.76 74.52 -9.87
C ALA G 44 -16.66 75.07 -10.77
N ALA G 45 -17.05 75.63 -11.90
CA ALA G 45 -16.12 76.27 -12.83
C ALA G 45 -15.19 77.34 -12.21
N GLU G 46 -15.74 78.34 -11.51
CA GLU G 46 -14.91 79.36 -10.88
C GLU G 46 -13.92 78.74 -9.89
N GLU G 47 -14.33 77.67 -9.23
CA GLU G 47 -13.53 77.05 -8.19
C GLU G 47 -12.28 76.34 -8.69
N VAL G 48 -12.40 75.71 -9.85
CA VAL G 48 -11.24 75.08 -10.45
C VAL G 48 -10.31 76.21 -10.90
N LYS G 49 -10.86 77.17 -11.62
CA LYS G 49 -10.13 78.31 -12.13
C LYS G 49 -9.24 78.92 -11.03
N LYS G 50 -9.75 78.94 -9.79
CA LYS G 50 -9.03 79.53 -8.64
C LYS G 50 -7.94 78.65 -8.05
N LEU G 51 -8.12 77.34 -8.18
CA LEU G 51 -7.12 76.36 -7.75
C LEU G 51 -5.90 76.32 -8.73
N ILE G 52 -6.16 76.23 -10.04
CA ILE G 52 -5.08 76.42 -11.04
C ILE G 52 -4.24 77.65 -10.71
N GLU G 53 -4.91 78.81 -10.57
CA GLU G 53 -4.26 80.06 -10.12
C GLU G 53 -3.46 79.91 -8.80
N LYS G 54 -3.96 79.15 -7.83
CA LYS G 54 -3.21 78.95 -6.58
C LYS G 54 -1.92 78.15 -6.84
N HIS G 55 -1.95 77.26 -7.82
CA HIS G 55 -0.76 76.45 -8.18
C HIS G 55 -0.03 76.95 -9.45
N LYS G 56 -0.15 78.26 -9.70
CA LYS G 56 0.65 79.05 -10.67
C LYS G 56 2.10 78.59 -10.74
N ASP G 57 2.79 78.71 -9.61
CA ASP G 57 4.22 78.47 -9.58
C ASP G 57 4.55 77.00 -9.31
N ASN G 58 3.52 76.16 -9.30
CA ASN G 58 3.67 74.76 -8.90
C ASN G 58 3.55 73.74 -10.05
N VAL G 59 2.50 73.88 -10.86
CA VAL G 59 2.26 72.96 -11.96
C VAL G 59 1.63 73.72 -13.14
N LEU G 60 1.60 73.12 -14.32
CA LEU G 60 0.92 73.71 -15.44
C LEU G 60 -0.29 72.84 -15.66
N VAL G 61 -1.42 73.45 -15.97
CA VAL G 61 -2.70 72.75 -16.07
C VAL G 61 -3.38 72.84 -17.47
N ASP G 62 -3.79 71.71 -18.00
CA ASP G 62 -4.64 71.71 -19.19
C ASP G 62 -5.89 70.92 -18.88
N LEU G 63 -7.03 71.39 -19.38
CA LEU G 63 -8.25 70.66 -19.19
C LEU G 63 -8.99 70.43 -20.52
N TYR G 64 -9.46 69.20 -20.75
CA TYR G 64 -10.03 68.83 -22.06
C TYR G 64 -11.38 68.13 -21.95
N LEU G 65 -12.26 68.38 -22.91
CA LEU G 65 -13.64 67.91 -22.78
C LEU G 65 -13.83 66.65 -23.58
N THR G 66 -14.16 65.55 -22.91
CA THR G 66 -14.32 64.30 -23.62
C THR G 66 -15.75 63.74 -23.49
N ARG G 67 -16.61 64.33 -22.66
CA ARG G 67 -17.95 63.81 -22.53
C ARG G 67 -18.66 63.81 -23.89
N GLY G 68 -19.26 62.68 -24.27
CA GLY G 68 -19.91 62.58 -25.59
C GLY G 68 -19.08 61.95 -26.67
N LEU G 69 -17.79 61.79 -26.41
CA LEU G 69 -16.86 61.19 -27.38
C LEU G 69 -16.09 60.05 -26.79
N GLU G 70 -16.32 59.76 -25.51
CA GLU G 70 -15.53 58.75 -24.76
C GLU G 70 -16.40 58.02 -23.74
N THR G 71 -16.20 56.70 -23.63
CA THR G 71 -16.94 55.86 -22.69
C THR G 71 -16.49 56.06 -21.25
N ASN G 72 -15.17 56.18 -21.06
CA ASN G 72 -14.61 56.21 -19.73
C ASN G 72 -13.94 57.51 -19.39
N SER G 73 -14.50 58.61 -19.88
CA SER G 73 -14.14 59.87 -19.32
C SER G 73 -15.16 60.91 -19.72
N ASP G 74 -15.36 61.91 -18.84
CA ASP G 74 -16.14 63.06 -19.20
C ASP G 74 -15.15 64.20 -19.48
N PHE G 75 -13.99 64.16 -18.83
CA PHE G 75 -12.95 65.19 -19.01
C PHE G 75 -11.61 64.65 -18.52
N PHE G 76 -10.50 65.20 -19.00
CA PHE G 76 -9.20 64.78 -18.45
C PHE G 76 -8.24 65.97 -18.33
N PHE G 77 -7.29 65.83 -17.39
CA PHE G 77 -6.26 66.85 -17.08
C PHE G 77 -4.88 66.47 -17.64
N ARG G 78 -4.15 67.43 -18.17
CA ARG G 78 -2.71 67.22 -18.34
C ARG G 78 -1.95 68.14 -17.41
N ILE G 79 -1.22 67.53 -16.48
CA ILE G 79 -0.41 68.34 -15.59
C ILE G 79 1.07 68.12 -15.90
N ASN G 80 1.78 69.23 -16.08
CA ASN G 80 3.25 69.26 -16.17
C ASN G 80 3.85 69.93 -14.94
N ALA G 81 4.98 69.40 -14.48
CA ALA G 81 5.60 69.82 -13.23
C ALA G 81 7.06 69.46 -13.24
N TYR G 82 7.86 70.29 -12.60
CA TYR G 82 9.26 69.94 -12.40
C TYR G 82 9.41 68.96 -11.24
N ASP G 83 8.34 68.81 -10.48
CA ASP G 83 8.31 67.96 -9.32
C ASP G 83 7.02 67.15 -9.32
N LEU G 84 7.15 65.81 -9.32
CA LEU G 84 5.99 64.91 -9.45
C LEU G 84 5.08 65.09 -8.24
N ALA G 85 5.70 65.28 -7.07
CA ALA G 85 4.98 65.53 -5.81
C ALA G 85 4.03 66.72 -5.96
N LYS G 86 4.49 67.73 -6.69
CA LYS G 86 3.68 68.91 -6.90
C LYS G 86 2.43 68.60 -7.76
N ALA G 87 2.56 67.65 -8.68
CA ALA G 87 1.42 67.21 -9.48
C ALA G 87 0.44 66.46 -8.64
N GLN G 88 0.96 65.62 -7.76
CA GLN G 88 0.14 64.86 -6.82
C GLN G 88 -0.69 65.81 -5.93
N THR G 89 -0.01 66.80 -5.35
CA THR G 89 -0.70 67.77 -4.53
C THR G 89 -1.83 68.42 -5.33
N PHE G 90 -1.58 68.79 -6.57
CA PHE G 90 -2.60 69.50 -7.33
C PHE G 90 -3.77 68.61 -7.52
N MET G 91 -3.50 67.36 -7.88
CA MET G 91 -4.54 66.47 -8.38
C MET G 91 -5.38 66.11 -7.19
N ARG G 92 -4.69 65.99 -6.07
CA ARG G 92 -5.33 65.60 -4.84
C ARG G 92 -6.29 66.70 -4.38
N GLU G 93 -5.87 67.96 -4.54
CA GLU G 93 -6.69 69.13 -4.20
C GLU G 93 -7.80 69.26 -5.21
N PHE G 94 -7.53 68.97 -6.48
CA PHE G 94 -8.64 69.04 -7.42
C PHE G 94 -9.75 68.08 -6.98
N ARG G 95 -9.39 66.96 -6.37
CA ARG G 95 -10.39 65.95 -6.04
C ARG G 95 -11.18 66.39 -4.84
N SER G 96 -10.71 67.44 -4.18
CA SER G 96 -11.38 68.02 -3.01
C SER G 96 -12.41 69.05 -3.39
N THR G 97 -12.30 69.47 -4.64
CA THR G 97 -13.13 70.42 -5.29
C THR G 97 -14.59 69.89 -5.35
N THR G 98 -15.58 70.73 -5.68
CA THR G 98 -16.95 70.20 -5.84
C THR G 98 -17.02 69.13 -6.94
N VAL G 99 -16.54 69.46 -8.14
CA VAL G 99 -16.48 68.49 -9.28
C VAL G 99 -15.68 67.21 -8.92
N GLY G 100 -14.57 67.39 -8.21
CA GLY G 100 -13.72 66.27 -7.82
C GLY G 100 -14.45 65.29 -6.93
N LYS G 101 -15.26 65.80 -6.01
CA LYS G 101 -16.00 64.94 -5.10
C LYS G 101 -17.08 64.12 -5.82
N ASN G 102 -17.57 64.60 -6.96
CA ASN G 102 -18.59 63.84 -7.70
C ASN G 102 -18.06 63.17 -8.94
N ALA G 103 -16.75 63.04 -9.01
CA ALA G 103 -16.14 62.35 -10.14
C ALA G 103 -15.16 61.25 -9.70
N ASP G 104 -15.20 60.16 -10.49
CA ASP G 104 -14.32 58.99 -10.41
C ASP G 104 -13.13 59.07 -11.37
N VAL G 105 -11.99 58.62 -10.91
CA VAL G 105 -10.79 58.49 -11.75
C VAL G 105 -10.88 57.15 -12.46
N PHE G 106 -10.67 57.17 -13.79
CA PHE G 106 -10.78 55.96 -14.63
C PHE G 106 -9.49 55.57 -15.31
N GLU G 107 -8.51 56.47 -15.35
CA GLU G 107 -7.23 56.24 -16.01
C GLU G 107 -6.25 57.21 -15.44
N THR G 108 -5.02 56.79 -15.25
CA THR G 108 -4.00 57.74 -14.84
C THR G 108 -2.71 57.40 -15.52
N LEU G 109 -2.03 58.37 -16.11
CA LEU G 109 -0.77 58.07 -16.75
C LEU G 109 0.29 58.98 -16.24
N VAL G 110 1.41 58.40 -15.81
CA VAL G 110 2.53 59.24 -15.36
C VAL G 110 3.72 59.07 -16.33
N GLY G 111 4.41 60.13 -16.69
CA GLY G 111 5.56 59.99 -17.57
C GLY G 111 6.46 61.16 -17.42
N VAL G 112 7.66 61.09 -17.97
CA VAL G 112 8.60 62.21 -17.85
C VAL G 112 9.21 62.51 -19.21
N THR G 113 9.57 63.76 -19.40
CA THR G 113 10.20 64.22 -20.61
C THR G 113 11.65 63.84 -20.62
N LYS G 114 12.24 63.61 -21.77
CA LYS G 114 13.66 63.23 -21.83
C LYS G 114 14.32 63.85 -23.06
N PRO G 115 15.68 63.89 -23.13
CA PRO G 115 16.26 64.31 -24.41
C PRO G 115 15.96 63.26 -25.49
N LEU G 116 16.19 63.61 -26.74
CA LEU G 116 15.92 62.69 -27.83
C LEU G 116 16.83 61.46 -27.79
N ASN G 117 16.25 60.26 -27.93
CA ASN G 117 17.00 58.99 -27.87
C ASN G 117 17.52 58.55 -29.23
N TYR G 118 16.79 58.93 -30.28
CA TYR G 118 17.12 58.47 -31.62
C TYR G 118 17.37 59.58 -32.64
N ILE G 119 16.42 60.49 -32.77
CA ILE G 119 16.48 61.46 -33.88
C ILE G 119 17.21 62.75 -33.44
N SER G 120 18.42 62.57 -32.93
CA SER G 120 19.18 63.64 -32.39
C SER G 120 20.10 64.19 -33.47
N LYS G 121 20.61 65.40 -33.24
CA LYS G 121 21.59 66.02 -34.14
C LYS G 121 22.82 65.10 -34.33
N ASP G 122 23.16 64.33 -33.30
CA ASP G 122 24.32 63.43 -33.34
C ASP G 122 24.10 62.10 -34.09
N LYS G 123 22.96 61.45 -33.88
CA LYS G 123 22.68 60.10 -34.43
C LYS G 123 21.93 60.08 -35.75
N SER G 124 21.18 61.13 -36.02
CA SER G 124 20.46 61.24 -37.27
C SER G 124 20.34 62.71 -37.70
N PRO G 125 21.47 63.35 -38.06
CA PRO G 125 21.48 64.81 -38.23
C PRO G 125 20.40 65.34 -39.18
N GLY G 126 19.96 64.52 -40.11
CA GLY G 126 19.14 65.02 -41.22
C GLY G 126 17.65 65.08 -40.99
N LEU G 127 17.06 64.00 -40.49
CA LEU G 127 15.68 64.02 -40.04
C LEU G 127 15.58 64.98 -38.86
N ASN G 128 16.61 65.00 -38.01
CA ASN G 128 16.64 65.90 -36.86
C ASN G 128 16.45 67.37 -37.26
N ALA G 129 17.10 67.75 -38.36
CA ALA G 129 16.92 69.05 -39.02
C ALA G 129 15.46 69.26 -39.46
N GLY G 130 14.95 68.27 -40.22
CA GLY G 130 13.59 68.35 -40.74
C GLY G 130 12.59 68.43 -39.61
N LEU G 131 12.93 67.82 -38.48
CA LEU G 131 12.05 67.74 -37.35
C LEU G 131 11.89 69.10 -36.69
N SER G 132 13.01 69.75 -36.37
CA SER G 132 13.02 71.02 -35.64
C SER G 132 12.75 72.24 -36.54
N SER G 133 12.97 72.09 -37.84
CA SER G 133 12.71 73.17 -38.82
C SER G 133 11.44 73.01 -39.68
N ALA G 134 10.33 72.64 -39.05
CA ALA G 134 9.08 72.33 -39.74
C ALA G 134 8.03 72.84 -38.81
N THR G 135 7.11 73.62 -39.33
CA THR G 135 6.34 74.44 -38.44
C THR G 135 4.85 74.34 -38.74
N TYR G 136 4.05 74.27 -37.67
CA TYR G 136 2.61 74.03 -37.77
C TYR G 136 1.89 75.21 -38.42
N SER G 137 0.94 74.95 -39.32
CA SER G 137 0.15 76.00 -40.02
C SER G 137 -1.30 75.79 -39.82
N GLY G 138 -2.10 76.74 -40.24
CA GLY G 138 -3.54 76.52 -40.20
C GLY G 138 -4.21 76.66 -38.84
N PRO G 139 -5.52 76.37 -38.78
CA PRO G 139 -6.33 76.86 -37.66
C PRO G 139 -5.85 76.30 -36.32
N ALA G 140 -6.13 77.05 -35.26
CA ALA G 140 -5.84 76.59 -33.92
C ALA G 140 -6.55 75.26 -33.70
N PRO G 141 -5.83 74.22 -33.25
CA PRO G 141 -6.40 72.86 -33.18
C PRO G 141 -7.55 72.76 -32.23
N ARG G 142 -8.65 72.15 -32.65
CA ARG G 142 -9.79 71.93 -31.78
C ARG G 142 -9.80 70.60 -31.05
N TYR G 143 -8.96 69.64 -31.48
CA TYR G 143 -8.98 68.28 -30.92
C TYR G 143 -7.66 67.80 -30.28
N VAL G 144 -7.77 67.16 -29.11
CA VAL G 144 -6.65 66.54 -28.43
C VAL G 144 -6.79 65.00 -28.47
N ILE G 145 -5.66 64.31 -28.64
CA ILE G 145 -5.59 62.85 -28.58
C ILE G 145 -4.46 62.44 -27.69
N VAL G 146 -4.72 61.56 -26.76
CA VAL G 146 -3.67 61.03 -25.89
C VAL G 146 -3.64 59.53 -26.02
N ILE G 147 -2.46 58.99 -26.34
CA ILE G 147 -2.31 57.56 -26.65
C ILE G 147 -1.15 56.98 -25.90
N PRO G 148 -1.38 56.01 -24.98
CA PRO G 148 -0.24 55.35 -24.32
C PRO G 148 0.34 54.24 -25.21
N VAL G 149 1.66 54.20 -25.30
CA VAL G 149 2.25 53.17 -26.13
C VAL G 149 3.24 52.33 -25.38
N LYS G 150 3.10 51.01 -25.42
CA LYS G 150 4.08 50.07 -24.83
C LYS G 150 4.67 49.09 -25.90
N LYS G 151 6.00 48.96 -25.92
CA LYS G 151 6.70 48.05 -26.85
C LYS G 151 7.06 46.76 -26.12
N ASN G 152 7.22 45.66 -26.85
CA ASN G 152 7.47 44.34 -26.24
C ASN G 152 8.96 44.10 -25.98
N ALA G 153 9.26 43.08 -25.18
CA ALA G 153 10.64 42.78 -24.83
C ALA G 153 11.55 42.63 -26.06
N GLU G 154 10.98 42.16 -27.17
CA GLU G 154 11.75 41.88 -28.36
C GLU G 154 12.30 43.17 -28.93
N TRP G 155 11.48 44.23 -28.85
CA TRP G 155 11.92 45.56 -29.25
C TRP G 155 13.08 46.01 -28.37
N TRP G 156 12.87 46.04 -27.07
CA TRP G 156 13.93 46.45 -26.19
C TRP G 156 15.20 45.61 -26.30
N ASN G 157 15.08 44.32 -26.67
CA ASN G 157 16.25 43.49 -26.92
C ASN G 157 16.95 43.65 -28.30
N MET G 158 16.38 44.40 -29.23
CA MET G 158 17.13 44.81 -30.44
C MET G 158 18.21 45.81 -30.10
N SER G 159 19.31 45.81 -30.86
CA SER G 159 20.45 46.74 -30.66
C SER G 159 20.09 48.22 -30.87
N PRO G 160 20.76 49.14 -30.12
CA PRO G 160 20.55 50.58 -30.37
C PRO G 160 20.51 50.93 -31.86
N GLU G 161 21.36 50.27 -32.63
CA GLU G 161 21.50 50.59 -34.04
C GLU G 161 20.28 50.15 -34.81
N GLU G 162 19.77 48.97 -34.45
CA GLU G 162 18.60 48.41 -35.12
C GLU G 162 17.39 49.24 -34.75
N ARG G 163 17.29 49.61 -33.46
CA ARG G 163 16.14 50.35 -32.97
C ARG G 163 16.18 51.74 -33.53
N LEU G 164 17.37 52.27 -33.81
CA LEU G 164 17.47 53.58 -34.44
C LEU G 164 16.88 53.54 -35.85
N LYS G 165 17.21 52.51 -36.61
CA LYS G 165 16.80 52.44 -38.00
C LYS G 165 15.30 52.50 -38.12
N GLU G 166 14.61 51.91 -37.16
CA GLU G 166 13.15 51.87 -37.17
C GLU G 166 12.54 53.19 -36.77
N MET G 167 13.27 53.93 -35.94
CA MET G 167 12.77 55.22 -35.50
C MET G 167 12.96 56.23 -36.62
N GLU G 168 13.94 55.95 -37.49
CA GLU G 168 14.12 56.69 -38.77
C GLU G 168 12.98 56.32 -39.72
N VAL G 169 12.46 55.12 -39.58
CA VAL G 169 11.33 54.71 -40.40
C VAL G 169 10.01 55.28 -39.83
N HIS G 170 9.94 55.37 -38.51
CA HIS G 170 8.86 56.12 -37.86
C HIS G 170 8.88 57.57 -38.31
N THR G 171 10.02 58.24 -38.31
CA THR G 171 10.05 59.72 -38.55
C THR G 171 9.76 60.16 -40.00
N THR G 172 10.19 59.35 -40.96
CA THR G 172 10.18 59.68 -42.38
C THR G 172 8.82 60.03 -42.94
N PRO G 173 7.83 59.15 -42.80
CA PRO G 173 6.57 59.57 -43.36
C PRO G 173 5.72 60.44 -42.42
N THR G 174 6.24 60.72 -41.21
CA THR G 174 5.48 61.52 -40.24
C THR G 174 5.84 62.98 -40.26
N LEU G 175 7.04 63.35 -40.72
CA LEU G 175 7.51 64.73 -40.71
C LEU G 175 6.55 65.69 -41.36
N ALA G 176 5.91 65.22 -42.43
CA ALA G 176 5.03 66.06 -43.23
C ALA G 176 3.80 66.56 -42.45
N TYR G 177 3.42 65.82 -41.41
CA TYR G 177 2.20 66.10 -40.67
C TYR G 177 2.44 67.19 -39.62
N LEU G 178 3.69 67.54 -39.39
CA LEU G 178 4.03 68.57 -38.42
C LEU G 178 3.44 69.91 -38.76
N VAL G 179 2.84 70.03 -39.95
CA VAL G 179 2.09 71.22 -40.37
C VAL G 179 0.65 71.10 -39.91
N ASN G 180 0.27 69.89 -39.54
CA ASN G 180 -1.10 69.52 -39.34
C ASN G 180 -1.39 69.15 -37.93
N VAL G 181 -0.35 68.67 -37.24
CA VAL G 181 -0.49 67.93 -35.99
C VAL G 181 0.60 68.37 -34.99
N LYS G 182 0.25 68.54 -33.72
CA LYS G 182 1.21 68.88 -32.70
C LYS G 182 1.49 67.69 -31.77
N ARG G 183 2.75 67.53 -31.36
CA ARG G 183 3.13 66.31 -30.67
C ARG G 183 3.99 66.51 -29.44
N LYS G 184 3.72 65.70 -28.41
CA LYS G 184 4.62 65.65 -27.27
C LYS G 184 4.82 64.19 -26.82
N LEU G 185 6.04 63.84 -26.46
CA LEU G 185 6.36 62.49 -26.02
C LEU G 185 6.85 62.51 -24.58
N TYR G 186 6.25 61.64 -23.77
CA TYR G 186 6.64 61.43 -22.39
C TYR G 186 7.08 59.96 -22.27
N HIS G 187 7.92 59.72 -21.27
CA HIS G 187 8.48 58.41 -21.05
C HIS G 187 8.00 57.80 -19.74
N SER G 188 7.59 56.54 -19.78
CA SER G 188 7.01 55.98 -18.59
C SER G 188 7.56 54.67 -18.06
N THR G 189 8.35 53.94 -18.86
CA THR G 189 8.78 52.60 -18.43
C THR G 189 9.23 52.61 -16.97
N GLY G 190 8.72 51.67 -16.18
CA GLY G 190 9.05 51.66 -14.76
C GLY G 190 8.30 52.64 -13.88
N LEU G 191 7.64 53.67 -14.45
CA LEU G 191 6.87 54.61 -13.63
C LEU G 191 5.34 54.38 -13.72
N ASP G 192 4.89 53.88 -14.87
CA ASP G 192 3.49 53.45 -14.97
C ASP G 192 3.42 52.27 -15.90
N ASP G 193 2.21 51.75 -16.06
CA ASP G 193 1.98 50.62 -16.94
C ASP G 193 1.94 51.00 -18.42
N THR G 194 3.01 51.66 -18.87
CA THR G 194 3.22 51.95 -20.28
C THR G 194 4.68 52.33 -20.52
N ASP G 195 5.19 52.11 -21.73
CA ASP G 195 6.52 52.59 -22.09
C ASP G 195 6.48 54.12 -22.34
N PHE G 196 5.43 54.62 -23.01
CA PHE G 196 5.35 56.04 -23.34
C PHE G 196 3.97 56.58 -23.28
N ILE G 197 3.87 57.90 -23.15
CA ILE G 197 2.62 58.60 -23.28
C ILE G 197 2.77 59.61 -24.41
N THR G 198 1.90 59.57 -25.42
CA THR G 198 2.02 60.48 -26.54
C THR G 198 0.85 61.42 -26.56
N TYR G 199 1.13 62.67 -26.94
CA TYR G 199 0.18 63.76 -26.82
C TYR G 199 0.00 64.54 -28.15
N PHE G 200 -1.20 64.61 -28.67
CA PHE G 200 -1.39 65.28 -29.95
C PHE G 200 -2.50 66.31 -29.95
N GLU G 201 -2.29 67.35 -30.72
CA GLU G 201 -3.29 68.38 -30.93
C GLU G 201 -3.50 68.49 -32.46
N THR G 202 -4.72 68.63 -32.95
CA THR G 202 -4.96 68.83 -34.40
C THR G 202 -6.33 69.43 -34.66
N ASP G 203 -6.56 69.92 -35.87
CA ASP G 203 -7.93 70.27 -36.29
C ASP G 203 -8.48 69.35 -37.40
N ASP G 204 -7.59 68.57 -37.99
CA ASP G 204 -7.90 67.70 -39.11
C ASP G 204 -7.79 66.23 -38.71
N LEU G 205 -8.89 65.65 -38.26
CA LEU G 205 -8.88 64.26 -37.81
C LEU G 205 -8.64 63.23 -38.95
N THR G 206 -9.11 63.53 -40.16
CA THR G 206 -8.88 62.66 -41.29
C THR G 206 -7.39 62.59 -41.50
N ALA G 207 -6.73 63.75 -41.45
CA ALA G 207 -5.29 63.81 -41.47
C ALA G 207 -4.68 62.92 -40.39
N PHE G 208 -5.21 63.00 -39.17
CA PHE G 208 -4.67 62.27 -38.05
C PHE G 208 -4.82 60.77 -38.27
N ASN G 209 -5.96 60.41 -38.86
CA ASN G 209 -6.24 59.02 -39.19
C ASN G 209 -5.15 58.52 -40.13
N ASN G 210 -4.96 59.21 -41.24
CA ASN G 210 -3.85 58.91 -42.13
C ASN G 210 -2.47 58.83 -41.51
N LEU G 211 -2.17 59.75 -40.59
CA LEU G 211 -0.92 59.72 -39.86
C LEU G 211 -0.72 58.37 -39.14
N MET G 212 -1.69 57.99 -38.28
CA MET G 212 -1.67 56.67 -37.60
C MET G 212 -1.62 55.49 -38.56
N LEU G 213 -2.28 55.61 -39.72
CA LEU G 213 -2.15 54.59 -40.76
C LEU G 213 -0.73 54.54 -41.31
N SER G 214 -0.06 55.67 -41.47
CA SER G 214 1.37 55.66 -41.84
C SER G 214 2.24 54.83 -40.89
N LEU G 215 1.97 55.03 -39.60
CA LEU G 215 2.76 54.39 -38.56
C LEU G 215 2.38 52.93 -38.39
N ALA G 216 1.09 52.62 -38.54
CA ALA G 216 0.58 51.25 -38.49
C ALA G 216 1.35 50.39 -39.45
N GLN G 217 1.73 51.00 -40.56
CA GLN G 217 2.25 50.26 -41.66
C GLN G 217 3.77 50.03 -41.60
N VAL G 218 4.45 50.51 -40.56
CA VAL G 218 5.91 50.32 -40.51
C VAL G 218 6.34 49.24 -39.51
N LYS G 219 7.54 48.65 -39.70
CA LYS G 219 8.01 47.52 -38.84
C LYS G 219 7.88 47.79 -37.35
N GLU G 220 8.08 49.04 -36.96
CA GLU G 220 7.95 49.44 -35.55
C GLU G 220 6.64 48.99 -34.91
N ASN G 221 5.55 49.04 -35.65
CA ASN G 221 4.24 48.71 -35.09
C ASN G 221 4.18 47.24 -34.69
N LYS G 222 5.03 46.42 -35.28
CA LYS G 222 5.01 44.97 -35.01
C LYS G 222 5.31 44.67 -33.56
N PHE G 223 5.86 45.63 -32.81
CA PHE G 223 6.30 45.42 -31.45
C PHE G 223 5.37 46.03 -30.41
N HIS G 224 4.28 46.62 -30.85
CA HIS G 224 3.35 47.26 -29.91
C HIS G 224 2.49 46.23 -29.18
N VAL G 225 2.51 46.28 -27.85
CA VAL G 225 1.52 45.58 -27.08
C VAL G 225 0.50 46.53 -26.45
N ARG G 226 0.77 47.84 -26.49
CA ARG G 226 -0.22 48.83 -26.13
C ARG G 226 -0.08 49.97 -27.10
N TRP G 227 -1.19 50.36 -27.75
CA TRP G 227 -1.21 51.43 -28.74
C TRP G 227 -2.56 52.14 -28.75
N GLY G 228 -2.94 52.68 -27.59
CA GLY G 228 -4.30 53.14 -27.28
C GLY G 228 -4.71 52.48 -25.96
N SER G 229 -5.94 51.99 -25.88
CA SER G 229 -6.48 51.30 -24.70
C SER G 229 -6.17 52.06 -23.41
N PRO G 230 -6.66 53.30 -23.33
CA PRO G 230 -7.58 53.84 -24.33
C PRO G 230 -6.91 54.88 -25.21
N THR G 231 -7.34 54.93 -26.47
CA THR G 231 -7.10 56.06 -27.37
C THR G 231 -8.14 57.13 -27.00
N THR G 232 -7.70 58.20 -26.35
CA THR G 232 -8.63 59.19 -25.77
C THR G 232 -8.59 60.45 -26.62
N LEU G 233 -9.70 60.72 -27.30
CA LEU G 233 -9.80 61.83 -28.22
C LEU G 233 -10.91 62.67 -27.69
N GLY G 234 -10.63 63.94 -27.45
CA GLY G 234 -11.60 64.83 -26.88
C GLY G 234 -11.35 66.20 -27.40
N THR G 235 -11.69 67.21 -26.61
CA THR G 235 -11.89 68.53 -27.18
C THR G 235 -11.20 69.62 -26.34
N ILE G 236 -10.53 70.55 -27.01
CA ILE G 236 -9.64 71.57 -26.39
C ILE G 236 -10.41 72.84 -26.04
N HIS G 237 -10.26 73.30 -24.80
CA HIS G 237 -10.95 74.47 -24.32
C HIS G 237 -10.20 74.99 -23.12
N SER G 238 -10.45 76.24 -22.73
CA SER G 238 -9.94 76.74 -21.46
C SER G 238 -10.46 75.85 -20.31
N PRO G 239 -9.68 75.67 -19.23
CA PRO G 239 -10.23 74.83 -18.16
C PRO G 239 -11.60 75.28 -17.58
N GLU G 240 -11.86 76.59 -17.37
CA GLU G 240 -13.18 76.98 -16.84
C GLU G 240 -14.29 76.63 -17.82
N ASP G 241 -14.04 76.83 -19.12
CA ASP G 241 -14.97 76.42 -20.17
C ASP G 241 -15.33 74.92 -20.07
N VAL G 242 -14.34 74.06 -19.83
CA VAL G 242 -14.61 72.63 -19.75
C VAL G 242 -15.60 72.36 -18.64
N ILE G 243 -15.30 72.86 -17.44
CA ILE G 243 -16.19 72.68 -16.28
C ILE G 243 -17.58 73.33 -16.47
N LYS G 244 -17.62 74.49 -17.13
CA LYS G 244 -18.86 75.13 -17.47
C LYS G 244 -19.65 74.13 -18.31
N ALA G 245 -18.98 73.44 -19.24
CA ALA G 245 -19.65 72.49 -20.17
C ALA G 245 -20.23 71.30 -19.43
N LEU G 246 -19.56 70.88 -18.35
CA LEU G 246 -19.99 69.75 -17.52
C LEU G 246 -21.13 70.07 -16.56
N ALA G 247 -21.39 71.36 -16.38
CA ALA G 247 -22.45 71.82 -15.47
C ALA G 247 -23.88 71.34 -15.86
N ASP G 248 -24.40 71.79 -17.00
CA ASP G 248 -25.80 71.46 -17.39
C ASP G 248 -25.93 70.20 -18.26
N LYS H 8 -27.44 72.74 -43.84
CA LYS H 8 -28.33 71.62 -44.27
C LYS H 8 -27.65 70.22 -44.27
N ILE H 9 -28.44 69.20 -43.86
CA ILE H 9 -28.01 67.80 -43.72
C ILE H 9 -29.09 66.87 -44.25
N GLU H 10 -28.92 66.35 -45.46
CA GLU H 10 -29.91 65.46 -46.03
C GLU H 10 -29.46 64.03 -45.88
N ARG H 11 -30.28 63.22 -45.22
CA ARG H 11 -29.92 61.83 -44.95
C ARG H 11 -29.27 61.15 -46.15
N GLY H 12 -29.88 61.29 -47.31
CA GLY H 12 -29.38 60.66 -48.53
C GLY H 12 -27.98 61.09 -48.88
N THR H 13 -27.65 62.36 -48.65
CA THR H 13 -26.36 62.90 -49.05
C THR H 13 -25.27 62.57 -48.03
N ILE H 14 -25.53 62.87 -46.76
CA ILE H 14 -24.51 62.72 -45.74
C ILE H 14 -24.03 61.28 -45.65
N LEU H 15 -24.92 60.30 -45.89
CA LEU H 15 -24.61 58.89 -45.65
C LEU H 15 -23.90 58.28 -46.80
N THR H 16 -23.31 59.12 -47.63
CA THR H 16 -22.86 58.77 -48.97
C THR H 16 -21.51 59.42 -49.30
N GLN H 17 -21.10 60.35 -48.46
CA GLN H 17 -19.98 61.24 -48.70
C GLN H 17 -18.79 60.85 -47.85
N PRO H 18 -17.56 61.12 -48.33
CA PRO H 18 -16.40 60.89 -47.50
C PRO H 18 -16.19 62.08 -46.57
N GLY H 19 -15.33 61.97 -45.57
CA GLY H 19 -15.13 63.10 -44.64
C GLY H 19 -16.22 63.31 -43.58
N VAL H 20 -16.98 62.22 -43.30
CA VAL H 20 -18.16 62.22 -42.42
C VAL H 20 -17.92 61.43 -41.11
N PHE H 21 -18.16 62.08 -39.97
CA PHE H 21 -17.86 61.45 -38.71
C PHE H 21 -19.03 60.61 -38.27
N GLY H 22 -18.74 59.39 -37.85
CA GLY H 22 -19.77 58.53 -37.32
C GLY H 22 -19.43 58.37 -35.86
N VAL H 23 -20.40 58.56 -34.97
CA VAL H 23 -20.18 58.40 -33.54
C VAL H 23 -21.25 57.44 -32.94
N PHE H 24 -20.80 56.23 -32.59
CA PHE H 24 -21.66 55.16 -32.08
C PHE H 24 -21.56 55.09 -30.57
N THR H 25 -22.69 55.22 -29.89
CA THR H 25 -22.69 55.27 -28.41
C THR H 25 -23.74 54.33 -27.83
N MET H 26 -23.29 53.24 -27.23
CA MET H 26 -24.20 52.28 -26.58
C MET H 26 -24.49 52.70 -25.12
N PHE H 27 -25.76 52.78 -24.79
CA PHE H 27 -26.18 53.18 -23.46
C PHE H 27 -26.90 52.04 -22.71
N LYS H 28 -26.75 52.04 -21.39
CA LYS H 28 -27.47 51.07 -20.57
C LYS H 28 -28.22 51.75 -19.42
N LEU H 29 -29.54 51.72 -19.46
CA LEU H 29 -30.40 52.31 -18.42
C LEU H 29 -30.06 51.82 -17.03
N ARG H 30 -29.81 52.73 -16.10
CA ARG H 30 -29.61 52.32 -14.72
C ARG H 30 -30.94 51.90 -14.08
N PRO H 31 -30.89 51.01 -13.08
CA PRO H 31 -32.07 50.52 -12.34
C PRO H 31 -33.05 51.61 -11.85
N ASP H 32 -32.54 52.71 -11.31
CA ASP H 32 -33.41 53.76 -10.77
C ASP H 32 -34.30 54.47 -11.80
N TRP H 33 -34.08 54.14 -13.08
CA TRP H 33 -35.00 54.51 -14.18
C TRP H 33 -36.41 54.04 -13.94
N ASN H 34 -36.57 52.83 -13.40
CA ASN H 34 -37.88 52.22 -13.14
C ASN H 34 -38.62 52.93 -12.03
N LYS H 35 -37.88 53.78 -11.33
CA LYS H 35 -38.39 54.52 -10.19
C LYS H 35 -38.51 56.01 -10.52
N VAL H 36 -38.25 56.38 -11.76
CA VAL H 36 -38.64 57.68 -12.27
C VAL H 36 -40.17 57.65 -12.46
N PRO H 37 -40.89 58.69 -12.00
CA PRO H 37 -42.36 58.73 -12.17
C PRO H 37 -42.79 58.39 -13.60
N VAL H 38 -43.69 57.42 -13.74
CA VAL H 38 -44.33 57.08 -15.03
C VAL H 38 -45.23 58.26 -15.38
N ALA H 39 -44.65 59.19 -16.14
CA ALA H 39 -45.20 60.57 -16.31
C ALA H 39 -44.05 61.38 -16.86
N GLU H 40 -42.93 61.32 -16.14
CA GLU H 40 -41.68 61.92 -16.54
C GLU H 40 -41.09 61.06 -17.64
N ARG H 41 -41.20 59.74 -17.43
CA ARG H 41 -40.76 58.70 -18.36
C ARG H 41 -41.48 58.70 -19.71
N LYS H 42 -42.79 58.86 -19.68
CA LYS H 42 -43.53 58.87 -20.92
C LYS H 42 -43.21 60.15 -21.69
N GLY H 43 -42.82 61.20 -20.95
CA GLY H 43 -42.44 62.46 -21.57
C GLY H 43 -41.09 62.42 -22.26
N ALA H 44 -40.30 61.40 -21.91
CA ALA H 44 -38.90 61.24 -22.33
C ALA H 44 -38.71 61.07 -23.82
N ALA H 45 -39.71 60.46 -24.46
CA ALA H 45 -39.69 60.27 -25.90
C ALA H 45 -39.83 61.57 -26.71
N GLU H 46 -40.84 62.40 -26.40
CA GLU H 46 -41.00 63.70 -27.07
C GLU H 46 -39.76 64.61 -26.83
N GLU H 47 -39.17 64.55 -25.64
CA GLU H 47 -37.96 65.33 -25.37
C GLU H 47 -36.79 65.06 -26.32
N VAL H 48 -36.48 63.77 -26.55
CA VAL H 48 -35.47 63.36 -27.54
C VAL H 48 -35.85 63.81 -28.95
N LYS H 49 -37.12 63.60 -29.30
CA LYS H 49 -37.63 63.98 -30.60
C LYS H 49 -37.29 65.44 -30.87
N LYS H 50 -37.47 66.30 -29.85
CA LYS H 50 -37.21 67.76 -29.95
C LYS H 50 -35.72 68.16 -30.03
N LEU H 51 -34.87 67.45 -29.30
CA LEU H 51 -33.44 67.63 -29.34
C LEU H 51 -32.88 67.30 -30.71
N ILE H 52 -33.42 66.24 -31.29
CA ILE H 52 -33.10 65.88 -32.65
C ILE H 52 -33.51 67.01 -33.59
N GLU H 53 -34.74 67.50 -33.47
CA GLU H 53 -35.22 68.63 -34.30
C GLU H 53 -34.35 69.87 -34.20
N LYS H 54 -33.96 70.19 -32.98
CA LYS H 54 -33.02 71.28 -32.70
C LYS H 54 -31.70 71.09 -33.47
N HIS H 55 -31.21 69.86 -33.52
CA HIS H 55 -29.97 69.58 -34.20
C HIS H 55 -30.14 69.14 -35.67
N LYS H 56 -31.32 69.36 -36.26
CA LYS H 56 -31.61 69.09 -37.70
C LYS H 56 -30.36 69.28 -38.55
N ASP H 57 -29.80 70.48 -38.41
CA ASP H 57 -28.77 71.08 -39.25
C ASP H 57 -27.34 70.81 -38.77
N ASN H 58 -27.19 70.09 -37.66
CA ASN H 58 -25.86 69.85 -37.11
C ASN H 58 -25.35 68.40 -37.31
N VAL H 59 -26.22 67.43 -37.00
CA VAL H 59 -25.93 66.00 -37.03
C VAL H 59 -27.16 65.21 -37.52
N LEU H 60 -26.95 64.09 -38.20
CA LEU H 60 -28.03 63.20 -38.52
C LEU H 60 -28.11 62.25 -37.36
N VAL H 61 -29.31 61.88 -36.92
CA VAL H 61 -29.46 60.99 -35.75
C VAL H 61 -30.18 59.65 -36.02
N ASP H 62 -29.59 58.54 -35.62
CA ASP H 62 -30.25 57.21 -35.63
C ASP H 62 -30.30 56.56 -34.24
N LEU H 63 -31.40 55.94 -33.91
CA LEU H 63 -31.55 55.36 -32.58
C LEU H 63 -32.12 53.93 -32.70
N TYR H 64 -31.47 53.00 -32.01
CA TYR H 64 -31.76 51.58 -32.16
C TYR H 64 -32.00 50.93 -30.82
N LEU H 65 -32.87 49.94 -30.82
CA LEU H 65 -33.27 49.28 -29.62
C LEU H 65 -32.55 47.92 -29.48
N THR H 66 -31.76 47.78 -28.41
CA THR H 66 -31.06 46.54 -28.09
C THR H 66 -31.47 45.86 -26.78
N ARG H 67 -32.35 46.47 -25.98
CA ARG H 67 -32.74 45.89 -24.71
C ARG H 67 -33.35 44.51 -24.94
N GLY H 68 -32.83 43.50 -24.22
CA GLY H 68 -33.25 42.09 -24.37
C GLY H 68 -32.50 41.27 -25.42
N LEU H 69 -31.64 41.93 -26.18
CA LEU H 69 -30.80 41.31 -27.18
C LEU H 69 -29.34 41.54 -26.87
N GLU H 70 -29.06 42.43 -25.91
CA GLU H 70 -27.67 42.77 -25.52
C GLU H 70 -27.52 42.96 -24.02
N THR H 71 -26.39 42.48 -23.48
CA THR H 71 -26.00 42.65 -22.07
C THR H 71 -25.60 44.07 -21.71
N ASN H 72 -24.83 44.69 -22.60
CA ASN H 72 -24.28 45.97 -22.30
C ASN H 72 -24.83 47.13 -23.07
N SER H 73 -26.08 47.00 -23.54
CA SER H 73 -26.82 48.16 -23.97
C SER H 73 -28.32 47.90 -23.97
N ASP H 74 -29.09 48.99 -23.78
CA ASP H 74 -30.52 48.94 -23.93
C ASP H 74 -30.89 49.64 -25.20
N PHE H 75 -30.06 50.61 -25.62
CA PHE H 75 -30.27 51.31 -26.88
C PHE H 75 -28.94 51.90 -27.28
N PHE H 76 -28.79 52.32 -28.52
CA PHE H 76 -27.53 52.99 -28.92
C PHE H 76 -27.83 53.96 -30.04
N PHE H 77 -26.99 54.97 -30.18
CA PHE H 77 -27.17 55.97 -31.22
C PHE H 77 -26.18 55.75 -32.37
N ARG H 78 -26.55 56.13 -33.58
CA ARG H 78 -25.55 56.42 -34.60
C ARG H 78 -25.65 57.88 -35.02
N ILE H 79 -24.61 58.66 -34.77
CA ILE H 79 -24.65 60.06 -35.15
C ILE H 79 -23.76 60.22 -36.36
N ASN H 80 -24.25 60.83 -37.43
CA ASN H 80 -23.36 61.25 -38.49
C ASN H 80 -23.17 62.77 -38.51
N ALA H 81 -21.93 63.21 -38.67
CA ALA H 81 -21.66 64.64 -38.60
C ALA H 81 -20.57 65.00 -39.57
N TYR H 82 -20.55 66.25 -40.03
CA TYR H 82 -19.43 66.72 -40.85
C TYR H 82 -18.35 67.25 -39.98
N ASP H 83 -18.69 67.49 -38.71
CA ASP H 83 -17.82 68.14 -37.75
C ASP H 83 -17.89 67.37 -36.43
N LEU H 84 -16.81 66.68 -36.03
CA LEU H 84 -16.90 65.83 -34.84
C LEU H 84 -17.40 66.57 -33.63
N ALA H 85 -16.87 67.77 -33.40
CA ALA H 85 -17.33 68.65 -32.29
C ALA H 85 -18.84 68.79 -32.16
N LYS H 86 -19.54 68.76 -33.31
CA LYS H 86 -20.97 68.87 -33.32
C LYS H 86 -21.62 67.58 -32.93
N ALA H 87 -21.02 66.44 -33.26
CA ALA H 87 -21.50 65.15 -32.78
C ALA H 87 -21.35 65.07 -31.27
N GLN H 88 -20.22 65.55 -30.75
CA GLN H 88 -20.01 65.65 -29.33
C GLN H 88 -21.10 66.53 -28.64
N THR H 89 -21.38 67.72 -29.18
CA THR H 89 -22.42 68.57 -28.61
C THR H 89 -23.77 67.85 -28.58
N PHE H 90 -24.18 67.25 -29.69
CA PHE H 90 -25.41 66.48 -29.67
C PHE H 90 -25.47 65.44 -28.56
N MET H 91 -24.41 64.64 -28.39
CA MET H 91 -24.40 63.56 -27.39
C MET H 91 -24.49 64.13 -25.97
N ARG H 92 -23.70 65.15 -25.73
CA ARG H 92 -23.66 65.83 -24.47
C ARG H 92 -25.05 66.35 -24.10
N GLU H 93 -25.72 66.97 -25.07
CA GLU H 93 -27.08 67.45 -24.85
C GLU H 93 -28.01 66.28 -24.61
N PHE H 94 -27.70 65.14 -25.22
CA PHE H 94 -28.54 63.98 -24.96
C PHE H 94 -28.35 63.49 -23.53
N ARG H 95 -27.15 63.64 -23.00
CA ARG H 95 -26.94 63.15 -21.67
C ARG H 95 -27.54 64.07 -20.58
N SER H 96 -28.17 65.17 -20.98
CA SER H 96 -28.85 66.00 -20.00
C SER H 96 -30.34 65.70 -20.07
N THR H 97 -30.70 64.95 -21.10
CA THR H 97 -32.06 64.52 -21.33
C THR H 97 -32.60 63.67 -20.18
N THR H 98 -33.92 63.49 -20.08
CA THR H 98 -34.42 62.71 -18.93
C THR H 98 -33.93 61.25 -19.00
N VAL H 99 -34.06 60.60 -20.15
CA VAL H 99 -33.46 59.26 -20.35
C VAL H 99 -31.98 59.39 -20.16
N GLY H 100 -31.39 60.43 -20.73
CA GLY H 100 -29.95 60.62 -20.72
C GLY H 100 -29.41 60.70 -19.30
N LYS H 101 -30.22 61.24 -18.40
CA LYS H 101 -29.79 61.33 -17.01
C LYS H 101 -29.96 60.00 -16.30
N ASN H 102 -30.54 58.99 -16.94
CA ASN H 102 -30.71 57.69 -16.27
C ASN H 102 -29.99 56.51 -16.93
N ALA H 103 -29.08 56.84 -17.85
CA ALA H 103 -28.30 55.85 -18.60
C ALA H 103 -26.79 56.10 -18.46
N ASP H 104 -26.02 55.02 -18.24
CA ASP H 104 -24.57 54.99 -18.37
C ASP H 104 -24.14 54.62 -19.79
N VAL H 105 -22.99 55.16 -20.24
CA VAL H 105 -22.44 54.83 -21.54
C VAL H 105 -21.63 53.56 -21.38
N PHE H 106 -21.87 52.57 -22.24
CA PHE H 106 -21.05 51.35 -22.19
C PHE H 106 -20.01 51.07 -23.32
N GLU H 107 -20.15 51.77 -24.44
CA GLU H 107 -19.24 51.70 -25.59
C GLU H 107 -19.34 53.01 -26.33
N THR H 108 -18.22 53.49 -26.87
CA THR H 108 -18.31 54.62 -27.82
C THR H 108 -17.38 54.39 -28.98
N LEU H 109 -17.84 54.64 -30.18
CA LEU H 109 -16.99 54.38 -31.33
C LEU H 109 -16.93 55.57 -32.28
N VAL H 110 -15.76 56.22 -32.30
CA VAL H 110 -15.53 57.30 -33.26
C VAL H 110 -14.89 56.79 -34.54
N GLY H 111 -15.27 57.36 -35.67
CA GLY H 111 -14.72 56.90 -36.93
C GLY H 111 -15.04 57.90 -38.00
N VAL H 112 -14.34 57.81 -39.09
CA VAL H 112 -14.63 58.72 -40.15
C VAL H 112 -14.82 58.00 -41.48
N THR H 113 -15.62 58.57 -42.35
CA THR H 113 -15.81 58.03 -43.70
C THR H 113 -14.66 58.43 -44.65
N LYS H 114 -14.26 57.52 -45.53
CA LYS H 114 -13.15 57.81 -46.47
C LYS H 114 -13.46 57.35 -47.92
N PRO H 115 -12.67 57.78 -48.93
CA PRO H 115 -12.99 57.13 -50.19
C PRO H 115 -12.46 55.70 -50.23
N LEU H 116 -12.86 54.95 -51.24
CA LEU H 116 -12.43 53.59 -51.39
C LEU H 116 -10.89 53.44 -51.53
N ASN H 117 -10.34 52.44 -50.85
CA ASN H 117 -8.93 52.24 -50.73
C ASN H 117 -8.51 51.08 -51.62
N TYR H 118 -9.44 50.14 -51.81
CA TYR H 118 -9.10 48.93 -52.49
C TYR H 118 -10.01 48.71 -53.68
N ILE H 119 -11.30 48.47 -53.45
CA ILE H 119 -12.17 48.02 -54.57
C ILE H 119 -12.71 49.24 -55.29
N SER H 120 -11.78 50.02 -55.86
CA SER H 120 -12.07 51.29 -56.54
C SER H 120 -12.13 51.04 -58.04
N LYS H 121 -12.63 52.03 -58.78
CA LYS H 121 -12.74 51.86 -60.21
C LYS H 121 -11.37 51.71 -60.84
N ASP H 122 -10.41 52.56 -60.47
CA ASP H 122 -9.02 52.34 -60.89
C ASP H 122 -8.48 50.92 -60.60
N LYS H 123 -8.52 50.53 -59.32
CA LYS H 123 -7.72 49.44 -58.77
C LYS H 123 -8.27 48.05 -59.00
N SER H 124 -9.58 47.92 -59.07
CA SER H 124 -10.18 46.61 -59.16
C SER H 124 -11.47 46.77 -59.93
N PRO H 125 -11.37 47.07 -61.24
CA PRO H 125 -12.51 47.45 -62.08
C PRO H 125 -13.65 46.45 -62.10
N GLY H 126 -13.33 45.16 -62.14
CA GLY H 126 -14.39 44.16 -62.22
C GLY H 126 -15.27 44.10 -60.98
N LEU H 127 -14.64 43.92 -59.83
CA LEU H 127 -15.37 43.94 -58.59
C LEU H 127 -16.07 45.28 -58.33
N ASN H 128 -15.44 46.40 -58.67
CA ASN H 128 -16.04 47.69 -58.41
C ASN H 128 -17.38 47.90 -59.09
N ALA H 129 -17.52 47.38 -60.31
CA ALA H 129 -18.76 47.53 -61.06
C ALA H 129 -19.87 46.70 -60.44
N GLY H 130 -19.56 45.51 -59.95
CA GLY H 130 -20.57 44.74 -59.24
C GLY H 130 -21.01 45.37 -57.93
N LEU H 131 -20.10 46.13 -57.31
CA LEU H 131 -20.29 46.78 -56.03
C LEU H 131 -21.29 47.93 -56.14
N SER H 132 -21.03 48.80 -57.10
CA SER H 132 -21.82 50.00 -57.28
C SER H 132 -23.08 49.75 -58.09
N SER H 133 -23.10 48.64 -58.83
CA SER H 133 -24.30 48.25 -59.58
C SER H 133 -25.23 47.33 -58.79
N ALA H 134 -25.11 47.37 -57.46
CA ALA H 134 -25.78 46.41 -56.57
C ALA H 134 -26.80 47.14 -55.74
N THR H 135 -27.92 46.48 -55.45
CA THR H 135 -29.09 47.22 -55.01
C THR H 135 -29.99 46.38 -54.08
N TYR H 136 -30.23 46.89 -52.87
CA TYR H 136 -30.95 46.15 -51.82
C TYR H 136 -32.38 45.79 -52.21
N SER H 137 -32.77 44.53 -52.06
CA SER H 137 -34.13 44.07 -52.42
C SER H 137 -34.88 43.53 -51.23
N GLY H 138 -36.17 43.75 -51.21
CA GLY H 138 -36.99 43.19 -50.15
C GLY H 138 -37.09 44.04 -48.87
N PRO H 139 -37.36 43.35 -47.74
CA PRO H 139 -38.18 44.00 -46.71
C PRO H 139 -37.40 45.07 -45.98
N ALA H 140 -38.07 46.17 -45.66
CA ALA H 140 -37.49 47.22 -44.85
C ALA H 140 -36.80 46.47 -43.73
N PRO H 141 -35.49 46.67 -43.54
CA PRO H 141 -34.74 45.77 -42.65
C PRO H 141 -35.11 46.00 -41.20
N ARG H 142 -35.42 44.94 -40.45
CA ARG H 142 -35.78 45.10 -39.03
C ARG H 142 -34.61 45.19 -38.08
N TYR H 143 -33.45 44.70 -38.50
CA TYR H 143 -32.33 44.50 -37.61
C TYR H 143 -31.14 45.35 -38.01
N VAL H 144 -30.43 45.85 -36.99
CA VAL H 144 -29.11 46.48 -37.12
C VAL H 144 -27.97 45.69 -36.42
N ILE H 145 -26.83 45.60 -37.11
CA ILE H 145 -25.60 45.08 -36.51
C ILE H 145 -24.44 46.12 -36.63
N VAL H 146 -23.72 46.35 -35.53
CA VAL H 146 -22.50 47.18 -35.58
C VAL H 146 -21.30 46.33 -35.11
N ILE H 147 -20.21 46.28 -35.88
CA ILE H 147 -19.06 45.43 -35.56
C ILE H 147 -17.74 46.24 -35.70
N PRO H 148 -17.07 46.57 -34.58
CA PRO H 148 -15.73 47.15 -34.74
C PRO H 148 -14.74 46.10 -35.17
N VAL H 149 -13.83 46.49 -36.05
CA VAL H 149 -12.81 45.56 -36.52
C VAL H 149 -11.44 46.18 -36.35
N LYS H 150 -10.49 45.41 -35.82
CA LYS H 150 -9.10 45.83 -35.79
C LYS H 150 -8.19 44.74 -36.35
N LYS H 151 -7.23 45.11 -37.17
CA LYS H 151 -6.35 44.12 -37.78
C LYS H 151 -4.96 44.26 -37.19
N ASN H 152 -4.14 43.22 -37.25
CA ASN H 152 -2.90 43.26 -36.49
C ASN H 152 -1.82 44.01 -37.25
N ALA H 153 -0.66 44.23 -36.61
CA ALA H 153 0.46 44.88 -37.30
C ALA H 153 0.93 44.09 -38.53
N GLU H 154 0.83 42.77 -38.49
CA GLU H 154 1.27 42.01 -39.65
C GLU H 154 0.50 42.39 -40.91
N TRP H 155 -0.80 42.68 -40.71
CA TRP H 155 -1.67 43.06 -41.79
C TRP H 155 -1.14 44.34 -42.32
N TRP H 156 -1.05 45.33 -41.47
CA TRP H 156 -0.71 46.65 -41.93
C TRP H 156 0.68 46.74 -42.59
N ASN H 157 1.55 45.76 -42.30
CA ASN H 157 2.89 45.73 -42.89
C ASN H 157 2.96 44.98 -44.20
N MET H 158 1.83 44.46 -44.66
CA MET H 158 1.81 43.85 -45.97
C MET H 158 1.77 44.97 -46.94
N SER H 159 2.32 44.73 -48.12
CA SER H 159 2.34 45.75 -49.18
C SER H 159 0.91 46.02 -49.72
N PRO H 160 0.72 47.19 -50.33
CA PRO H 160 -0.59 47.57 -50.85
C PRO H 160 -1.16 46.50 -51.76
N GLU H 161 -0.29 45.89 -52.58
CA GLU H 161 -0.71 44.83 -53.53
C GLU H 161 -1.23 43.55 -52.81
N GLU H 162 -0.58 43.21 -51.70
CA GLU H 162 -0.95 42.04 -50.91
C GLU H 162 -2.29 42.30 -50.25
N ARG H 163 -2.50 43.52 -49.78
CA ARG H 163 -3.72 43.80 -49.05
C ARG H 163 -4.86 43.90 -50.02
N LEU H 164 -4.58 44.37 -51.22
CA LEU H 164 -5.62 44.47 -52.24
C LEU H 164 -6.04 43.10 -52.69
N LYS H 165 -5.05 42.25 -52.96
CA LYS H 165 -5.34 40.85 -53.25
C LYS H 165 -6.28 40.33 -52.15
N GLU H 166 -6.07 40.71 -50.90
CA GLU H 166 -6.89 40.13 -49.83
C GLU H 166 -8.25 40.77 -49.75
N MET H 167 -8.32 42.06 -50.05
CA MET H 167 -9.61 42.74 -50.03
C MET H 167 -10.52 42.30 -51.18
N GLU H 168 -9.91 42.04 -52.35
CA GLU H 168 -10.65 41.46 -53.47
C GLU H 168 -11.27 40.14 -53.01
N VAL H 169 -10.58 39.42 -52.14
CA VAL H 169 -11.09 38.12 -51.70
C VAL H 169 -12.24 38.34 -50.69
N HIS H 170 -12.12 39.42 -49.91
CA HIS H 170 -13.18 39.90 -49.03
C HIS H 170 -14.45 40.18 -49.85
N THR H 171 -14.25 40.74 -51.03
CA THR H 171 -15.35 41.32 -51.80
C THR H 171 -16.16 40.35 -52.64
N THR H 172 -15.51 39.33 -53.19
CA THR H 172 -16.11 38.38 -54.13
C THR H 172 -17.25 37.55 -53.52
N PRO H 173 -17.04 37.01 -52.30
CA PRO H 173 -18.14 36.18 -51.79
C PRO H 173 -19.22 36.97 -51.03
N THR H 174 -19.08 38.29 -51.00
CA THR H 174 -19.99 39.15 -50.28
C THR H 174 -20.90 40.02 -51.16
N LEU H 175 -20.49 40.28 -52.41
CA LEU H 175 -21.30 41.11 -53.32
C LEU H 175 -22.72 40.61 -53.44
N ALA H 176 -22.89 39.30 -53.47
CA ALA H 176 -24.22 38.78 -53.57
C ALA H 176 -25.12 39.02 -52.35
N TYR H 177 -24.56 39.31 -51.18
CA TYR H 177 -25.38 39.63 -49.96
C TYR H 177 -25.92 41.08 -49.91
N LEU H 178 -25.52 41.87 -50.91
CA LEU H 178 -25.96 43.23 -51.04
C LEU H 178 -27.45 43.37 -51.33
N VAL H 179 -28.07 42.30 -51.82
CA VAL H 179 -29.51 42.26 -51.97
C VAL H 179 -30.25 42.06 -50.63
N ASN H 180 -29.56 41.66 -49.56
CA ASN H 180 -30.20 41.35 -48.25
C ASN H 180 -29.71 42.18 -47.11
N VAL H 181 -28.52 42.74 -47.30
CA VAL H 181 -27.83 43.43 -46.25
C VAL H 181 -27.27 44.73 -46.84
N LYS H 182 -27.45 45.82 -46.10
CA LYS H 182 -26.84 47.08 -46.42
C LYS H 182 -25.68 47.29 -45.47
N ARG H 183 -24.54 47.75 -45.98
CA ARG H 183 -23.31 47.96 -45.20
C ARG H 183 -22.84 49.42 -45.17
N LYS H 184 -22.08 49.78 -44.15
CA LYS H 184 -21.39 51.07 -44.18
C LYS H 184 -20.11 50.96 -43.39
N LEU H 185 -19.03 51.48 -43.97
CA LEU H 185 -17.71 51.38 -43.35
C LEU H 185 -17.19 52.75 -42.84
N TYR H 186 -16.86 52.85 -41.55
CA TYR H 186 -16.20 54.04 -41.05
C TYR H 186 -14.81 53.63 -40.63
N HIS H 187 -13.86 54.57 -40.71
CA HIS H 187 -12.46 54.33 -40.42
C HIS H 187 -12.05 54.94 -39.11
N SER H 188 -11.25 54.23 -38.30
CA SER H 188 -10.98 54.65 -36.95
C SER H 188 -9.52 54.71 -36.46
N THR H 189 -8.60 54.01 -37.13
CA THR H 189 -7.22 53.93 -36.65
C THR H 189 -6.71 55.28 -36.16
N GLY H 190 -6.30 55.33 -34.89
CA GLY H 190 -5.75 56.56 -34.34
C GLY H 190 -6.81 57.50 -33.77
N LEU H 191 -8.06 57.35 -34.21
CA LEU H 191 -9.14 58.14 -33.64
C LEU H 191 -9.82 57.46 -32.47
N ASP H 192 -9.79 56.12 -32.45
CA ASP H 192 -10.32 55.30 -31.32
C ASP H 192 -9.66 53.92 -31.26
N ASP H 193 -10.11 53.13 -30.31
CA ASP H 193 -9.57 51.80 -30.16
C ASP H 193 -10.13 50.75 -31.08
N THR H 194 -10.13 51.07 -32.38
CA THR H 194 -10.47 50.08 -33.42
C THR H 194 -9.88 50.53 -34.76
N ASP H 195 -9.73 49.66 -35.75
CA ASP H 195 -9.32 50.13 -37.06
C ASP H 195 -10.55 50.60 -37.83
N PHE H 196 -11.69 49.94 -37.67
CA PHE H 196 -12.85 50.26 -38.47
C PHE H 196 -14.05 50.12 -37.65
N ILE H 197 -15.12 50.83 -38.03
CA ILE H 197 -16.44 50.54 -37.54
C ILE H 197 -17.30 50.09 -38.71
N THR H 198 -17.90 48.90 -38.62
CA THR H 198 -18.79 48.48 -39.68
C THR H 198 -20.24 48.53 -39.21
N TYR H 199 -21.15 48.79 -40.13
CA TYR H 199 -22.55 48.96 -39.80
C TYR H 199 -23.46 48.26 -40.81
N PHE H 200 -24.42 47.48 -40.34
CA PHE H 200 -25.21 46.68 -41.26
C PHE H 200 -26.67 46.70 -40.94
N GLU H 201 -27.51 46.64 -41.96
CA GLU H 201 -28.95 46.54 -41.76
C GLU H 201 -29.42 45.41 -42.62
N THR H 202 -30.13 44.48 -42.01
CA THR H 202 -30.68 43.36 -42.76
C THR H 202 -32.00 43.03 -42.12
N ASP H 203 -32.80 42.24 -42.84
CA ASP H 203 -33.96 41.62 -42.26
C ASP H 203 -33.71 40.13 -42.00
N ASP H 204 -32.70 39.57 -42.68
CA ASP H 204 -32.51 38.10 -42.72
C ASP H 204 -31.26 37.68 -41.97
N LEU H 205 -31.42 37.55 -40.66
CA LEU H 205 -30.32 37.16 -39.80
C LEU H 205 -29.59 35.84 -40.22
N THR H 206 -30.32 34.85 -40.73
CA THR H 206 -29.65 33.63 -41.20
C THR H 206 -28.64 33.95 -42.31
N ALA H 207 -29.06 34.76 -43.31
CA ALA H 207 -28.15 35.32 -44.34
C ALA H 207 -26.97 36.04 -43.70
N PHE H 208 -27.25 36.90 -42.74
CA PHE H 208 -26.14 37.62 -42.11
C PHE H 208 -25.14 36.65 -41.50
N ASN H 209 -25.66 35.58 -40.93
CA ASN H 209 -24.79 34.59 -40.36
C ASN H 209 -23.97 33.94 -41.46
N ASN H 210 -24.62 33.56 -42.56
CA ASN H 210 -23.94 32.89 -43.67
C ASN H 210 -22.92 33.79 -44.28
N LEU H 211 -23.25 35.09 -44.32
CA LEU H 211 -22.34 36.15 -44.74
C LEU H 211 -21.09 36.22 -43.86
N MET H 212 -21.25 36.36 -42.55
CA MET H 212 -20.07 36.44 -41.67
C MET H 212 -19.20 35.21 -41.77
N LEU H 213 -19.84 34.06 -41.94
CA LEU H 213 -19.11 32.78 -42.06
C LEU H 213 -18.23 32.81 -43.31
N SER H 214 -18.79 33.38 -44.40
CA SER H 214 -18.15 33.48 -45.71
C SER H 214 -16.88 34.26 -45.51
N LEU H 215 -16.96 35.28 -44.65
CA LEU H 215 -15.84 36.14 -44.38
C LEU H 215 -14.83 35.57 -43.37
N ALA H 216 -15.27 34.68 -42.47
CA ALA H 216 -14.40 34.11 -41.45
C ALA H 216 -13.53 33.08 -42.12
N GLN H 217 -13.91 32.73 -43.35
CA GLN H 217 -13.30 31.64 -44.07
C GLN H 217 -12.17 32.06 -44.95
N VAL H 218 -11.97 33.36 -45.09
CA VAL H 218 -10.93 33.84 -45.98
C VAL H 218 -9.70 34.32 -45.18
N LYS H 219 -8.55 34.43 -45.85
CA LYS H 219 -7.27 34.71 -45.22
C LYS H 219 -7.30 36.01 -44.41
N GLU H 220 -8.03 36.99 -44.93
CA GLU H 220 -8.13 38.25 -44.24
C GLU H 220 -8.39 38.08 -42.73
N ASN H 221 -9.34 37.23 -42.38
CA ASN H 221 -9.71 36.96 -40.98
C ASN H 221 -8.54 36.58 -40.05
N LYS H 222 -7.46 36.05 -40.62
CA LYS H 222 -6.33 35.57 -39.86
C LYS H 222 -5.71 36.74 -39.18
N PHE H 223 -5.97 37.95 -39.68
CA PHE H 223 -5.31 39.15 -39.17
C PHE H 223 -6.13 39.95 -38.17
N HIS H 224 -7.41 39.60 -37.98
CA HIS H 224 -8.27 40.34 -37.05
C HIS H 224 -7.84 40.06 -35.62
N VAL H 225 -7.65 41.12 -34.86
CA VAL H 225 -7.48 40.99 -33.40
C VAL H 225 -8.76 41.47 -32.67
N ARG H 226 -9.61 42.20 -33.38
CA ARG H 226 -10.93 42.52 -32.90
C ARG H 226 -11.86 42.45 -34.12
N TRP H 227 -13.03 41.85 -33.91
CA TRP H 227 -13.99 41.56 -34.96
C TRP H 227 -15.27 41.36 -34.16
N GLY H 228 -15.78 42.45 -33.57
CA GLY H 228 -16.84 42.41 -32.57
C GLY H 228 -16.32 42.86 -31.22
N SER H 229 -16.74 42.19 -30.15
CA SER H 229 -16.44 42.55 -28.75
C SER H 229 -16.58 44.04 -28.53
N PRO H 230 -17.82 44.54 -28.58
CA PRO H 230 -19.02 43.73 -28.73
C PRO H 230 -19.59 43.66 -30.18
N THR H 231 -20.16 42.51 -30.53
CA THR H 231 -21.00 42.44 -31.71
C THR H 231 -22.38 42.92 -31.22
N THR H 232 -22.87 44.05 -31.73
CA THR H 232 -24.11 44.63 -31.24
C THR H 232 -25.17 44.45 -32.31
N LEU H 233 -26.21 43.71 -31.95
CA LEU H 233 -27.32 43.47 -32.87
C LEU H 233 -28.57 43.85 -32.16
N GLY H 234 -29.29 44.81 -32.74
CA GLY H 234 -30.51 45.27 -32.19
C GLY H 234 -31.46 45.52 -33.33
N THR H 235 -32.49 46.29 -33.02
CA THR H 235 -33.65 46.33 -33.82
C THR H 235 -33.91 47.80 -34.27
N ILE H 236 -34.40 48.00 -35.50
CA ILE H 236 -34.55 49.35 -36.08
C ILE H 236 -35.95 49.94 -35.89
N HIS H 237 -36.01 51.15 -35.34
CA HIS H 237 -37.27 51.88 -35.13
C HIS H 237 -36.97 53.37 -35.24
N SER H 238 -38.03 54.19 -35.27
CA SER H 238 -37.91 55.63 -35.14
C SER H 238 -37.47 56.00 -33.73
N PRO H 239 -36.71 57.12 -33.59
CA PRO H 239 -36.15 57.42 -32.27
C PRO H 239 -37.22 57.57 -31.19
N GLU H 240 -38.35 58.21 -31.51
CA GLU H 240 -39.42 58.27 -30.52
C GLU H 240 -39.92 56.87 -30.13
N ASP H 241 -40.06 55.95 -31.08
CA ASP H 241 -40.51 54.57 -30.80
C ASP H 241 -39.55 53.77 -29.89
N VAL H 242 -38.24 53.91 -30.13
CA VAL H 242 -37.18 53.37 -29.26
C VAL H 242 -37.32 53.89 -27.82
N ILE H 243 -37.37 55.21 -27.64
CA ILE H 243 -37.62 55.75 -26.31
C ILE H 243 -38.94 55.23 -25.74
N LYS H 244 -40.00 55.23 -26.54
CA LYS H 244 -41.31 54.73 -26.10
C LYS H 244 -41.19 53.30 -25.55
N ALA H 245 -40.34 52.50 -26.19
CA ALA H 245 -40.15 51.09 -25.86
C ALA H 245 -39.40 50.90 -24.55
N LEU H 246 -38.71 51.94 -24.12
CA LEU H 246 -37.96 51.90 -22.89
C LEU H 246 -38.78 52.42 -21.72
N ALA H 247 -39.93 53.01 -22.03
CA ALA H 247 -40.81 53.67 -21.05
C ALA H 247 -41.36 52.70 -20.02
N ASP H 248 -42.15 51.73 -20.46
CA ASP H 248 -42.82 50.77 -19.53
C ASP H 248 -41.91 49.63 -19.02
N LYS I 8 -48.25 29.48 -34.33
CA LYS I 8 -48.27 28.50 -33.21
C LYS I 8 -46.93 27.79 -33.04
N ILE I 9 -46.65 27.44 -31.79
CA ILE I 9 -45.35 27.02 -31.34
C ILE I 9 -45.52 25.77 -30.49
N GLU I 10 -45.17 24.62 -31.05
CA GLU I 10 -45.26 23.41 -30.29
C GLU I 10 -43.86 23.05 -29.96
N ARG I 11 -43.63 22.83 -28.67
CA ARG I 11 -42.29 22.63 -28.13
C ARG I 11 -41.52 21.53 -28.87
N GLY I 12 -42.24 20.48 -29.28
CA GLY I 12 -41.68 19.34 -29.98
C GLY I 12 -41.19 19.68 -31.37
N THR I 13 -41.93 20.55 -32.04
CA THR I 13 -41.56 21.07 -33.36
C THR I 13 -40.41 22.10 -33.27
N ILE I 14 -40.63 23.15 -32.49
CA ILE I 14 -39.75 24.30 -32.52
C ILE I 14 -38.31 23.93 -32.11
N LEU I 15 -38.12 22.95 -31.24
CA LEU I 15 -36.76 22.52 -30.86
C LEU I 15 -36.08 21.63 -31.94
N THR I 16 -36.84 21.29 -32.96
CA THR I 16 -36.45 20.31 -33.99
C THR I 16 -36.02 20.95 -35.32
N GLN I 17 -36.51 22.16 -35.56
CA GLN I 17 -36.42 22.80 -36.86
C GLN I 17 -35.27 23.79 -37.03
N PRO I 18 -34.87 24.01 -38.28
CA PRO I 18 -33.87 25.02 -38.63
C PRO I 18 -34.50 26.39 -38.68
N GLY I 19 -33.69 27.44 -38.56
CA GLY I 19 -34.21 28.81 -38.66
C GLY I 19 -34.90 29.26 -37.37
N VAL I 20 -34.52 28.64 -36.24
CA VAL I 20 -35.04 28.99 -34.92
C VAL I 20 -34.02 29.74 -34.07
N PHE I 21 -34.38 30.93 -33.62
CA PHE I 21 -33.51 31.72 -32.79
C PHE I 21 -33.54 31.26 -31.35
N GLY I 22 -32.36 31.28 -30.75
CA GLY I 22 -32.24 31.03 -29.34
C GLY I 22 -31.60 32.26 -28.72
N VAL I 23 -32.14 32.70 -27.60
CA VAL I 23 -31.65 33.88 -26.93
C VAL I 23 -31.45 33.37 -25.54
N PHE I 24 -30.20 33.15 -25.18
CA PHE I 24 -29.84 32.80 -23.80
C PHE I 24 -29.50 34.07 -23.03
N THR I 25 -30.03 34.21 -21.81
CA THR I 25 -29.80 35.43 -21.01
C THR I 25 -29.70 35.13 -19.54
N MET I 26 -28.51 35.26 -19.00
CA MET I 26 -28.18 35.03 -17.58
C MET I 26 -28.44 36.28 -16.71
N PHE I 27 -29.20 36.09 -15.63
CA PHE I 27 -29.53 37.21 -14.77
C PHE I 27 -28.96 37.03 -13.40
N LYS I 28 -28.56 38.13 -12.77
CA LYS I 28 -28.13 38.09 -11.37
C LYS I 28 -28.94 39.05 -10.50
N LEU I 29 -29.65 38.51 -9.52
CA LEU I 29 -30.45 39.34 -8.59
C LEU I 29 -29.64 40.42 -7.89
N ARG I 30 -30.13 41.65 -7.87
CA ARG I 30 -29.50 42.71 -7.08
C ARG I 30 -29.85 42.57 -5.61
N PRO I 31 -28.96 43.05 -4.72
CA PRO I 31 -29.21 42.98 -3.26
C PRO I 31 -30.50 43.63 -2.78
N ASP I 32 -30.93 44.72 -3.39
CA ASP I 32 -32.20 45.32 -2.96
C ASP I 32 -33.44 44.51 -3.44
N TRP I 33 -33.20 43.28 -3.88
CA TRP I 33 -34.25 42.28 -4.09
C TRP I 33 -34.72 41.68 -2.77
N ASN I 34 -33.86 41.64 -1.75
CA ASN I 34 -34.24 41.15 -0.40
C ASN I 34 -35.12 42.15 0.34
N LYS I 35 -35.14 43.38 -0.17
CA LYS I 35 -35.94 44.46 0.40
C LYS I 35 -37.29 44.68 -0.33
N VAL I 36 -37.51 43.99 -1.46
CA VAL I 36 -38.86 43.87 -2.07
C VAL I 36 -39.79 43.22 -1.04
N PRO I 37 -41.02 43.77 -0.91
CA PRO I 37 -41.89 43.24 0.13
C PRO I 37 -42.36 41.80 -0.17
N VAL I 38 -41.88 40.83 0.62
CA VAL I 38 -42.41 39.45 0.59
C VAL I 38 -43.92 39.54 0.66
N ALA I 39 -44.61 38.94 -0.31
CA ALA I 39 -46.06 39.20 -0.58
C ALA I 39 -46.16 39.58 -2.03
N GLU I 40 -45.32 40.55 -2.40
CA GLU I 40 -45.13 40.91 -3.78
C GLU I 40 -43.94 40.12 -4.33
N ARG I 41 -43.11 39.59 -3.42
CA ARG I 41 -41.97 38.73 -3.79
C ARG I 41 -42.43 37.30 -4.11
N LYS I 42 -43.53 36.88 -3.46
CA LYS I 42 -44.11 35.55 -3.66
C LYS I 42 -45.08 35.51 -4.85
N GLY I 43 -45.77 36.62 -5.11
CA GLY I 43 -46.51 36.78 -6.36
C GLY I 43 -45.64 36.90 -7.61
N ALA I 44 -44.32 36.99 -7.43
CA ALA I 44 -43.37 37.12 -8.56
C ALA I 44 -43.39 35.93 -9.52
N ALA I 45 -43.57 34.72 -8.97
CA ALA I 45 -43.61 33.51 -9.78
C ALA I 45 -44.85 33.44 -10.69
N GLU I 46 -46.03 33.58 -10.09
CA GLU I 46 -47.30 33.66 -10.82
C GLU I 46 -47.28 34.73 -11.94
N GLU I 47 -46.56 35.82 -11.70
CA GLU I 47 -46.45 36.88 -12.66
C GLU I 47 -45.75 36.35 -13.87
N VAL I 48 -44.65 35.66 -13.63
CA VAL I 48 -43.81 35.14 -14.68
C VAL I 48 -44.59 34.08 -15.48
N LYS I 49 -45.22 33.16 -14.75
CA LYS I 49 -46.00 32.08 -15.34
C LYS I 49 -47.06 32.64 -16.32
N LYS I 50 -47.69 33.76 -15.93
CA LYS I 50 -48.70 34.43 -16.77
C LYS I 50 -48.11 35.19 -17.96
N LEU I 51 -46.93 35.76 -17.79
CA LEU I 51 -46.23 36.37 -18.89
C LEU I 51 -45.76 35.34 -19.92
N ILE I 52 -45.50 34.11 -19.47
CA ILE I 52 -45.11 33.03 -20.39
C ILE I 52 -46.31 32.60 -21.25
N GLU I 53 -47.47 32.44 -20.61
CA GLU I 53 -48.70 32.13 -21.31
C GLU I 53 -49.14 33.25 -22.24
N LYS I 54 -48.86 34.51 -21.88
CA LYS I 54 -49.20 35.63 -22.76
C LYS I 54 -48.51 35.44 -24.08
N HIS I 55 -47.28 34.92 -23.98
CA HIS I 55 -46.43 34.64 -25.13
C HIS I 55 -46.45 33.16 -25.58
N LYS I 56 -47.46 32.37 -25.21
CA LYS I 56 -47.64 30.97 -25.66
C LYS I 56 -47.23 30.82 -27.11
N ASP I 57 -47.75 31.74 -27.92
CA ASP I 57 -47.66 31.71 -29.40
C ASP I 57 -46.55 32.56 -30.02
N ASN I 58 -45.76 33.22 -29.19
CA ASN I 58 -44.71 34.12 -29.67
C ASN I 58 -43.30 33.56 -29.50
N VAL I 59 -43.04 33.01 -28.32
CA VAL I 59 -41.76 32.43 -28.06
C VAL I 59 -41.97 31.16 -27.27
N LEU I 60 -40.93 30.32 -27.22
CA LEU I 60 -40.85 29.20 -26.26
C LEU I 60 -39.91 29.54 -25.10
N VAL I 61 -40.40 29.31 -23.88
CA VAL I 61 -39.64 29.70 -22.69
C VAL I 61 -39.13 28.51 -21.83
N ASP I 62 -37.82 28.54 -21.52
CA ASP I 62 -37.24 27.72 -20.47
C ASP I 62 -36.60 28.63 -19.43
N LEU I 63 -36.65 28.23 -18.17
CA LEU I 63 -36.02 28.93 -17.06
C LEU I 63 -35.22 27.99 -16.15
N TYR I 64 -34.00 28.36 -15.80
CA TYR I 64 -33.09 27.42 -15.15
C TYR I 64 -32.52 28.09 -13.92
N LEU I 65 -32.26 27.28 -12.89
CA LEU I 65 -31.75 27.82 -11.62
C LEU I 65 -30.25 27.65 -11.49
N THR I 66 -29.51 28.74 -11.42
CA THR I 66 -28.09 28.65 -11.27
C THR I 66 -27.63 29.18 -9.94
N ARG I 67 -28.50 29.83 -9.17
CA ARG I 67 -28.08 30.36 -7.85
C ARG I 67 -27.35 29.30 -6.98
N GLY I 68 -26.21 29.72 -6.40
CA GLY I 68 -25.40 28.87 -5.53
C GLY I 68 -24.38 28.03 -6.30
N LEU I 69 -24.33 28.21 -7.61
CA LEU I 69 -23.57 27.32 -8.46
C LEU I 69 -22.81 28.09 -9.53
N GLU I 70 -23.15 29.38 -9.67
CA GLU I 70 -22.55 30.24 -10.69
C GLU I 70 -22.27 31.59 -10.10
N THR I 71 -21.06 32.11 -10.31
CA THR I 71 -20.70 33.44 -9.81
C THR I 71 -21.62 34.54 -10.37
N ASN I 72 -21.92 34.43 -11.67
CA ASN I 72 -22.47 35.53 -12.45
C ASN I 72 -23.90 35.32 -13.01
N SER I 73 -24.73 34.55 -12.27
CA SER I 73 -26.15 34.37 -12.59
C SER I 73 -26.83 33.67 -11.44
N ASP I 74 -28.07 34.05 -11.17
CA ASP I 74 -28.85 33.33 -10.19
C ASP I 74 -29.81 32.48 -11.00
N PHE I 75 -30.13 32.96 -12.21
CA PHE I 75 -30.97 32.25 -13.19
C PHE I 75 -30.68 32.61 -14.66
N PHE I 76 -31.25 31.84 -15.58
CA PHE I 76 -31.13 32.15 -16.99
C PHE I 76 -32.26 31.54 -17.82
N PHE I 77 -32.70 32.28 -18.85
CA PHE I 77 -33.75 31.84 -19.74
C PHE I 77 -33.15 31.20 -20.99
N ARG I 78 -33.87 30.22 -21.54
CA ARG I 78 -33.71 29.84 -22.93
C ARG I 78 -34.95 30.19 -23.74
N ILE I 79 -34.83 31.24 -24.57
CA ILE I 79 -35.94 31.64 -25.45
C ILE I 79 -35.76 31.07 -26.84
N ASN I 80 -36.77 30.32 -27.31
CA ASN I 80 -36.77 29.89 -28.70
C ASN I 80 -37.85 30.61 -29.52
N ALA I 81 -37.43 31.21 -30.63
CA ALA I 81 -38.40 31.96 -31.45
C ALA I 81 -38.16 31.79 -32.94
N TYR I 82 -39.23 31.85 -33.74
CA TYR I 82 -39.07 31.95 -35.20
C TYR I 82 -38.64 33.35 -35.62
N ASP I 83 -38.89 34.31 -34.74
CA ASP I 83 -38.62 35.72 -34.98
C ASP I 83 -37.77 36.36 -33.87
N LEU I 84 -36.55 36.80 -34.21
CA LEU I 84 -35.68 37.42 -33.20
C LEU I 84 -36.39 38.59 -32.48
N ALA I 85 -37.09 39.42 -33.24
CA ALA I 85 -37.74 40.60 -32.67
C ALA I 85 -38.71 40.26 -31.54
N LYS I 86 -39.28 39.06 -31.63
CA LYS I 86 -40.32 38.60 -30.71
C LYS I 86 -39.73 38.03 -29.42
N ALA I 87 -38.58 37.38 -29.55
CA ALA I 87 -37.74 37.04 -28.39
C ALA I 87 -37.37 38.33 -27.65
N GLN I 88 -36.81 39.31 -28.35
CA GLN I 88 -36.58 40.65 -27.77
C GLN I 88 -37.80 41.16 -26.96
N THR I 89 -38.96 41.22 -27.59
CA THR I 89 -40.17 41.70 -26.94
C THR I 89 -40.51 40.92 -25.69
N PHE I 90 -40.32 39.61 -25.70
CA PHE I 90 -40.57 38.81 -24.47
C PHE I 90 -39.60 39.18 -23.37
N MET I 91 -38.32 39.18 -23.70
CA MET I 91 -37.25 39.49 -22.76
C MET I 91 -37.45 40.87 -22.19
N ARG I 92 -37.90 41.77 -23.04
CA ARG I 92 -38.04 43.12 -22.67
C ARG I 92 -39.20 43.23 -21.71
N GLU I 93 -40.17 42.33 -21.86
CA GLU I 93 -41.37 42.38 -21.02
C GLU I 93 -41.12 41.68 -19.70
N PHE I 94 -40.14 40.80 -19.71
CA PHE I 94 -39.77 40.14 -18.49
C PHE I 94 -39.08 41.13 -17.59
N ARG I 95 -38.17 41.92 -18.17
CA ARG I 95 -37.35 42.79 -17.36
C ARG I 95 -38.19 43.86 -16.72
N SER I 96 -39.48 43.89 -17.09
CA SER I 96 -40.43 44.83 -16.53
C SER I 96 -41.19 44.20 -15.40
N THR I 97 -40.94 42.91 -15.20
CA THR I 97 -41.59 42.12 -14.21
C THR I 97 -40.96 42.40 -12.85
N THR I 98 -41.58 41.92 -11.76
CA THR I 98 -41.07 42.18 -10.39
C THR I 98 -39.67 41.56 -10.10
N VAL I 99 -39.41 40.39 -10.68
CA VAL I 99 -38.05 39.81 -10.65
C VAL I 99 -37.19 40.64 -11.58
N GLY I 100 -37.74 40.93 -12.76
CA GLY I 100 -37.06 41.70 -13.81
C GLY I 100 -36.55 43.05 -13.34
N LYS I 101 -37.34 43.73 -12.53
CA LYS I 101 -36.95 45.02 -11.99
C LYS I 101 -35.81 44.93 -10.97
N ASN I 102 -35.62 43.75 -10.38
CA ASN I 102 -34.56 43.63 -9.39
C ASN I 102 -33.35 42.77 -9.77
N ALA I 103 -33.16 42.48 -11.06
CA ALA I 103 -31.92 41.81 -11.48
C ALA I 103 -31.28 42.43 -12.70
N ASP I 104 -29.95 42.43 -12.67
CA ASP I 104 -29.09 42.81 -13.82
C ASP I 104 -28.77 41.67 -14.76
N VAL I 105 -28.45 42.02 -16.01
CA VAL I 105 -28.16 41.02 -17.05
C VAL I 105 -26.68 40.84 -17.04
N PHE I 106 -26.22 39.60 -16.93
CA PHE I 106 -24.77 39.39 -16.97
C PHE I 106 -24.22 38.68 -18.21
N GLU I 107 -25.08 37.93 -18.92
CA GLU I 107 -24.79 37.30 -20.23
C GLU I 107 -25.99 37.24 -21.14
N THR I 108 -25.74 37.41 -22.44
CA THR I 108 -26.78 37.25 -23.46
C THR I 108 -26.08 36.62 -24.64
N LEU I 109 -26.66 35.58 -25.21
CA LEU I 109 -26.06 34.87 -26.32
C LEU I 109 -27.19 34.64 -27.28
N VAL I 110 -27.07 35.26 -28.44
CA VAL I 110 -28.07 35.12 -29.49
C VAL I 110 -27.55 34.13 -30.55
N GLY I 111 -28.40 33.25 -31.05
CA GLY I 111 -27.98 32.33 -32.08
C GLY I 111 -29.13 31.91 -32.93
N VAL I 112 -28.83 31.12 -33.95
CA VAL I 112 -29.87 30.56 -34.79
C VAL I 112 -29.52 29.14 -35.17
N THR I 113 -30.56 28.35 -35.23
CA THR I 113 -30.58 26.94 -35.59
C THR I 113 -30.33 26.76 -37.07
N LYS I 114 -29.54 25.76 -37.44
CA LYS I 114 -29.27 25.56 -38.88
C LYS I 114 -29.43 24.11 -39.36
N PRO I 115 -29.51 23.89 -40.69
CA PRO I 115 -29.39 22.48 -41.10
C PRO I 115 -27.97 21.99 -40.84
N LEU I 116 -27.81 20.67 -40.76
CA LEU I 116 -26.54 20.06 -40.44
C LEU I 116 -25.52 20.42 -41.51
N ASN I 117 -24.29 20.79 -41.13
CA ASN I 117 -23.29 21.19 -42.12
C ASN I 117 -22.36 20.07 -42.52
N TYR I 118 -22.24 19.10 -41.60
CA TYR I 118 -21.23 18.08 -41.69
C TYR I 118 -21.81 16.67 -41.64
N ILE I 119 -22.44 16.36 -40.51
CA ILE I 119 -22.90 14.99 -40.27
C ILE I 119 -24.31 14.80 -40.85
N SER I 120 -24.45 15.07 -42.15
CA SER I 120 -25.71 15.01 -42.89
C SER I 120 -25.88 13.71 -43.66
N LYS I 121 -27.11 13.47 -44.13
CA LYS I 121 -27.39 12.26 -44.89
C LYS I 121 -26.50 12.21 -46.15
N ASP I 122 -26.18 13.37 -46.70
CA ASP I 122 -25.35 13.42 -47.90
C ASP I 122 -23.87 13.23 -47.60
N LYS I 123 -23.36 13.88 -46.56
CA LYS I 123 -21.92 14.01 -46.38
C LYS I 123 -21.32 12.96 -45.48
N SER I 124 -22.08 12.51 -44.51
CA SER I 124 -21.65 11.45 -43.65
C SER I 124 -22.81 10.54 -43.25
N PRO I 125 -23.44 9.86 -44.25
CA PRO I 125 -24.72 9.13 -44.05
C PRO I 125 -24.64 8.16 -42.88
N GLY I 126 -23.48 7.52 -42.72
CA GLY I 126 -23.24 6.48 -41.74
C GLY I 126 -23.36 7.06 -40.36
N LEU I 127 -22.56 8.10 -40.08
CA LEU I 127 -22.63 8.66 -38.74
C LEU I 127 -23.97 9.29 -38.48
N ASN I 128 -24.48 10.01 -39.49
CA ASN I 128 -25.79 10.64 -39.41
C ASN I 128 -26.92 9.69 -39.08
N ALA I 129 -26.88 8.48 -39.64
CA ALA I 129 -27.89 7.48 -39.33
C ALA I 129 -27.85 7.24 -37.84
N GLY I 130 -26.65 7.22 -37.26
CA GLY I 130 -26.51 7.01 -35.83
C GLY I 130 -27.10 8.13 -35.01
N LEU I 131 -26.85 9.35 -35.45
CA LEU I 131 -27.26 10.55 -34.74
C LEU I 131 -28.79 10.68 -34.61
N SER I 132 -29.50 10.39 -35.69
CA SER I 132 -30.93 10.69 -35.70
C SER I 132 -31.77 9.58 -35.07
N SER I 133 -31.30 8.34 -35.12
CA SER I 133 -31.98 7.24 -34.44
C SER I 133 -31.35 7.00 -33.07
N ALA I 134 -31.01 8.08 -32.40
CA ALA I 134 -30.44 8.01 -31.07
C ALA I 134 -31.41 8.63 -30.10
N THR I 135 -31.46 8.07 -28.90
CA THR I 135 -32.58 8.23 -28.01
C THR I 135 -32.05 8.23 -26.58
N TYR I 136 -32.58 9.15 -25.78
CA TYR I 136 -32.25 9.25 -24.36
C TYR I 136 -32.92 8.17 -23.47
N SER I 137 -32.12 7.51 -22.63
CA SER I 137 -32.68 6.61 -21.58
C SER I 137 -32.42 7.12 -20.18
N GLY I 138 -33.04 6.46 -19.22
CA GLY I 138 -32.91 6.83 -17.82
C GLY I 138 -33.51 8.18 -17.43
N PRO I 139 -33.24 8.61 -16.18
CA PRO I 139 -33.95 9.65 -15.40
C PRO I 139 -34.07 10.96 -16.13
N ALA I 140 -35.10 11.73 -15.76
CA ALA I 140 -35.21 13.09 -16.26
C ALA I 140 -33.89 13.81 -15.96
N PRO I 141 -33.31 14.46 -16.97
CA PRO I 141 -32.10 15.23 -16.69
C PRO I 141 -32.38 16.24 -15.57
N ARG I 142 -31.51 16.28 -14.56
CA ARG I 142 -31.58 17.32 -13.55
C ARG I 142 -30.76 18.61 -13.80
N TYR I 143 -29.70 18.51 -14.62
CA TYR I 143 -28.81 19.63 -14.85
C TYR I 143 -28.88 20.13 -16.28
N VAL I 144 -28.60 21.41 -16.46
CA VAL I 144 -28.39 21.97 -17.78
C VAL I 144 -26.98 22.56 -17.88
N ILE I 145 -26.37 22.44 -19.05
CA ILE I 145 -25.11 23.14 -19.27
C ILE I 145 -25.18 23.92 -20.55
N VAL I 146 -24.68 25.15 -20.50
CA VAL I 146 -24.61 25.98 -21.69
C VAL I 146 -23.21 26.47 -21.84
N ILE I 147 -22.68 26.28 -23.04
CA ILE I 147 -21.30 26.61 -23.38
C ILE I 147 -21.21 27.29 -24.75
N PRO I 148 -20.83 28.58 -24.79
CA PRO I 148 -20.52 29.23 -26.05
C PRO I 148 -19.18 28.73 -26.62
N VAL I 149 -19.13 28.49 -27.91
CA VAL I 149 -17.90 28.00 -28.55
C VAL I 149 -17.48 28.90 -29.70
N LYS I 150 -16.19 29.26 -29.73
CA LYS I 150 -15.64 30.06 -30.80
C LYS I 150 -14.35 29.42 -31.29
N LYS I 151 -14.26 29.23 -32.60
CA LYS I 151 -13.06 28.66 -33.25
C LYS I 151 -12.23 29.75 -33.95
N ASN I 152 -10.90 29.62 -33.98
CA ASN I 152 -10.01 30.63 -34.62
C ASN I 152 -10.03 30.71 -36.17
N ALA I 153 -9.48 31.78 -36.68
CA ALA I 153 -9.42 31.98 -38.09
C ALA I 153 -8.73 30.77 -38.77
N GLU I 154 -7.76 30.15 -38.09
CA GLU I 154 -7.12 28.96 -38.67
C GLU I 154 -8.12 27.87 -39.02
N TRP I 155 -9.13 27.69 -38.18
CA TRP I 155 -10.16 26.67 -38.38
C TRP I 155 -10.96 27.00 -39.65
N TRP I 156 -11.62 28.13 -39.64
CA TRP I 156 -12.43 28.51 -40.75
C TRP I 156 -11.69 28.56 -42.10
N ASN I 157 -10.36 28.56 -42.07
CA ASN I 157 -9.65 28.63 -43.33
C ASN I 157 -9.26 27.24 -43.83
N MET I 158 -9.71 26.19 -43.14
CA MET I 158 -9.41 24.82 -43.53
C MET I 158 -10.49 24.48 -44.51
N SER I 159 -10.21 23.66 -45.53
CA SER I 159 -11.25 23.35 -46.52
C SER I 159 -12.45 22.69 -45.84
N PRO I 160 -13.65 22.76 -46.45
CA PRO I 160 -14.80 22.03 -45.85
C PRO I 160 -14.54 20.54 -45.69
N GLU I 161 -13.76 19.95 -46.60
CA GLU I 161 -13.38 18.56 -46.50
C GLU I 161 -12.55 18.30 -45.24
N GLU I 162 -11.59 19.19 -44.96
CA GLU I 162 -10.73 19.06 -43.76
C GLU I 162 -11.58 19.23 -42.49
N ARG I 163 -12.47 20.20 -42.49
CA ARG I 163 -13.30 20.43 -41.34
C ARG I 163 -14.28 19.29 -41.17
N LEU I 164 -14.76 18.70 -42.25
CA LEU I 164 -15.62 17.52 -42.11
C LEU I 164 -14.91 16.32 -41.44
N LYS I 165 -13.68 16.02 -41.82
CA LYS I 165 -12.99 14.89 -41.17
C LYS I 165 -12.98 15.17 -39.68
N GLU I 166 -12.80 16.44 -39.34
CA GLU I 166 -12.67 16.80 -37.96
C GLU I 166 -13.96 16.60 -37.19
N MET I 167 -15.08 16.91 -37.83
CA MET I 167 -16.36 16.79 -37.19
C MET I 167 -16.82 15.35 -37.15
N GLU I 168 -16.26 14.53 -38.04
CA GLU I 168 -16.50 13.11 -37.94
C GLU I 168 -15.73 12.55 -36.75
N VAL I 169 -14.53 13.07 -36.49
CA VAL I 169 -13.84 12.73 -35.24
C VAL I 169 -14.62 13.14 -33.97
N HIS I 170 -15.21 14.33 -33.99
CA HIS I 170 -16.04 14.86 -32.91
C HIS I 170 -17.23 13.96 -32.67
N THR I 171 -17.84 13.49 -33.76
CA THR I 171 -19.05 12.70 -33.65
C THR I 171 -18.82 11.26 -33.22
N THR I 172 -17.69 10.66 -33.62
CA THR I 172 -17.48 9.20 -33.43
C THR I 172 -17.53 8.69 -31.99
N PRO I 173 -16.74 9.27 -31.06
CA PRO I 173 -16.81 8.91 -29.65
C PRO I 173 -18.00 9.51 -28.89
N THR I 174 -18.74 10.45 -29.49
CA THR I 174 -19.77 11.13 -28.70
C THR I 174 -21.20 10.62 -28.89
N LEU I 175 -21.46 10.00 -30.03
CA LEU I 175 -22.79 9.46 -30.30
C LEU I 175 -23.23 8.61 -29.16
N ALA I 176 -22.32 7.85 -28.58
CA ALA I 176 -22.67 6.93 -27.50
C ALA I 176 -23.11 7.63 -26.24
N TYR I 177 -22.85 8.94 -26.13
CA TYR I 177 -23.25 9.73 -24.96
C TYR I 177 -24.66 10.23 -25.03
N LEU I 178 -25.31 10.08 -26.19
CA LEU I 178 -26.69 10.50 -26.38
C LEU I 178 -27.74 9.70 -25.60
N VAL I 179 -27.35 8.73 -24.79
CA VAL I 179 -28.33 8.09 -23.91
C VAL I 179 -28.32 8.70 -22.51
N ASN I 180 -27.31 9.52 -22.28
CA ASN I 180 -27.08 10.23 -21.01
C ASN I 180 -27.33 11.70 -21.16
N VAL I 181 -27.03 12.21 -22.37
CA VAL I 181 -26.90 13.62 -22.62
C VAL I 181 -27.79 14.05 -23.76
N LYS I 182 -28.48 15.16 -23.55
CA LYS I 182 -29.25 15.81 -24.61
C LYS I 182 -28.46 17.02 -25.10
N ARG I 183 -28.51 17.29 -26.40
CA ARG I 183 -27.74 18.38 -26.94
C ARG I 183 -28.61 19.18 -27.90
N LYS I 184 -28.30 20.47 -28.03
CA LYS I 184 -28.86 21.34 -29.10
C LYS I 184 -27.75 22.32 -29.50
N LEU I 185 -27.63 22.57 -30.81
CA LEU I 185 -26.59 23.46 -31.38
C LEU I 185 -27.15 24.73 -32.09
N TYR I 186 -26.87 25.92 -31.55
CA TYR I 186 -27.22 27.15 -32.23
C TYR I 186 -25.95 27.78 -32.85
N HIS I 187 -26.12 28.47 -33.98
CA HIS I 187 -25.06 29.21 -34.68
C HIS I 187 -25.12 30.73 -34.50
N SER I 188 -23.97 31.36 -34.30
CA SER I 188 -23.94 32.78 -33.89
C SER I 188 -22.90 33.65 -34.58
N THR I 189 -22.00 33.08 -35.38
CA THR I 189 -20.97 33.89 -36.02
C THR I 189 -21.62 35.07 -36.71
N GLY I 190 -21.14 36.27 -36.41
CA GLY I 190 -21.69 37.49 -37.03
C GLY I 190 -22.90 38.03 -36.31
N LEU I 191 -23.63 37.15 -35.61
CA LEU I 191 -24.80 37.57 -34.83
C LEU I 191 -24.48 38.03 -33.39
N ASP I 192 -23.53 37.34 -32.74
CA ASP I 192 -23.04 37.69 -31.40
C ASP I 192 -21.54 37.31 -31.29
N ASP I 193 -20.96 37.55 -30.13
CA ASP I 193 -19.55 37.23 -29.91
C ASP I 193 -19.17 35.75 -29.68
N THR I 194 -19.63 34.88 -30.58
CA THR I 194 -19.36 33.45 -30.44
C THR I 194 -19.69 32.78 -31.77
N ASP I 195 -19.04 31.66 -32.05
CA ASP I 195 -19.34 30.94 -33.27
C ASP I 195 -20.59 30.07 -33.11
N PHE I 196 -20.77 29.53 -31.90
CA PHE I 196 -21.88 28.62 -31.56
C PHE I 196 -22.32 28.73 -30.13
N ILE I 197 -23.56 28.35 -29.84
CA ILE I 197 -24.03 28.25 -28.48
C ILE I 197 -24.36 26.81 -28.30
N THR I 198 -23.78 26.15 -27.30
CA THR I 198 -24.12 24.75 -27.14
C THR I 198 -24.95 24.56 -25.87
N TYR I 199 -25.91 23.64 -25.95
CA TYR I 199 -26.93 23.44 -24.93
C TYR I 199 -27.08 21.94 -24.56
N PHE I 200 -26.82 21.61 -23.30
CA PHE I 200 -26.84 20.20 -22.86
C PHE I 200 -27.73 19.95 -21.66
N GLU I 201 -28.40 18.81 -21.63
CA GLU I 201 -29.20 18.42 -20.47
C GLU I 201 -28.65 17.05 -20.09
N THR I 202 -28.35 16.86 -18.82
CA THR I 202 -27.92 15.54 -18.35
C THR I 202 -28.26 15.31 -16.88
N ASP I 203 -28.24 14.05 -16.45
CA ASP I 203 -28.35 13.74 -15.05
C ASP I 203 -27.02 13.25 -14.47
N ASP I 204 -26.08 12.84 -15.33
CA ASP I 204 -24.80 12.25 -14.89
C ASP I 204 -23.60 13.15 -15.19
N LEU I 205 -23.21 13.97 -14.23
CA LEU I 205 -22.18 14.99 -14.51
C LEU I 205 -20.79 14.39 -14.70
N THR I 206 -20.47 13.40 -13.89
CA THR I 206 -19.32 12.55 -14.12
C THR I 206 -19.31 12.12 -15.58
N ALA I 207 -20.42 11.61 -16.09
CA ALA I 207 -20.47 11.28 -17.53
C ALA I 207 -20.19 12.51 -18.36
N PHE I 208 -20.82 13.63 -17.99
CA PHE I 208 -20.66 14.84 -18.80
C PHE I 208 -19.17 15.25 -18.91
N ASN I 209 -18.52 15.20 -17.75
CA ASN I 209 -17.09 15.44 -17.63
C ASN I 209 -16.29 14.52 -18.58
N ASN I 210 -16.53 13.21 -18.52
CA ASN I 210 -15.83 12.28 -19.42
C ASN I 210 -16.03 12.56 -20.92
N LEU I 211 -17.19 13.14 -21.27
CA LEU I 211 -17.52 13.52 -22.61
C LEU I 211 -16.77 14.78 -23.09
N MET I 212 -16.68 15.84 -22.27
CA MET I 212 -15.79 16.98 -22.60
C MET I 212 -14.33 16.57 -22.73
N LEU I 213 -13.87 15.71 -21.83
CA LEU I 213 -12.51 15.26 -21.87
C LEU I 213 -12.24 14.56 -23.22
N SER I 214 -13.17 13.68 -23.63
CA SER I 214 -13.10 13.00 -24.94
C SER I 214 -12.86 14.02 -26.04
N LEU I 215 -13.55 15.17 -25.92
CA LEU I 215 -13.57 16.25 -26.91
C LEU I 215 -12.38 17.18 -26.76
N ALA I 216 -11.86 17.27 -25.54
CA ALA I 216 -10.71 18.10 -25.32
C ALA I 216 -9.51 17.45 -26.03
N GLN I 217 -9.57 16.12 -26.09
CA GLN I 217 -8.42 15.30 -26.50
C GLN I 217 -8.31 15.14 -28.02
N VAL I 218 -9.23 15.75 -28.76
CA VAL I 218 -9.17 15.70 -30.22
C VAL I 218 -8.71 16.99 -30.90
N LYS I 219 -8.41 16.86 -32.19
CA LYS I 219 -7.65 17.89 -32.91
C LYS I 219 -8.44 19.17 -32.93
N GLU I 220 -9.75 19.04 -33.15
CA GLU I 220 -10.61 20.20 -33.30
C GLU I 220 -10.45 21.17 -32.12
N ASN I 221 -10.04 20.64 -30.95
CA ASN I 221 -9.97 21.47 -29.73
C ASN I 221 -8.80 22.44 -29.73
N LYS I 222 -7.82 22.17 -30.57
CA LYS I 222 -6.70 23.07 -30.80
C LYS I 222 -7.11 24.43 -31.37
N PHE I 223 -8.33 24.49 -31.91
CA PHE I 223 -8.81 25.67 -32.63
C PHE I 223 -9.77 26.49 -31.81
N HIS I 224 -10.15 26.04 -30.61
CA HIS I 224 -11.12 26.81 -29.81
C HIS I 224 -10.42 27.99 -29.22
N VAL I 225 -10.99 29.17 -29.40
CA VAL I 225 -10.56 30.33 -28.63
C VAL I 225 -11.58 30.79 -27.59
N ARG I 226 -12.79 30.25 -27.66
CA ARG I 226 -13.73 30.31 -26.57
C ARG I 226 -14.33 28.92 -26.45
N TRP I 227 -14.41 28.40 -25.23
CA TRP I 227 -14.90 27.03 -25.00
C TRP I 227 -15.43 27.02 -23.61
N GLY I 228 -16.26 28.00 -23.33
CA GLY I 228 -16.80 28.26 -21.99
C GLY I 228 -16.86 29.78 -21.74
N SER I 229 -16.43 30.19 -20.56
CA SER I 229 -16.25 31.62 -20.22
C SER I 229 -17.47 32.43 -20.60
N PRO I 230 -18.61 32.15 -19.94
CA PRO I 230 -18.73 31.18 -18.87
C PRO I 230 -19.26 29.82 -19.31
N THR I 231 -18.70 28.74 -18.73
CA THR I 231 -19.38 27.45 -18.68
C THR I 231 -20.43 27.59 -17.59
N THR I 232 -21.69 27.43 -17.99
CA THR I 232 -22.83 27.70 -17.12
C THR I 232 -23.56 26.40 -16.84
N LEU I 233 -23.57 26.01 -15.56
CA LEU I 233 -24.21 24.74 -15.14
C LEU I 233 -25.10 25.02 -14.00
N GLY I 234 -26.37 24.73 -14.21
CA GLY I 234 -27.37 24.81 -13.18
C GLY I 234 -28.39 23.70 -13.36
N THR I 235 -29.57 23.98 -12.89
CA THR I 235 -30.46 22.93 -12.54
C THR I 235 -31.81 23.18 -13.23
N ILE I 236 -32.47 22.12 -13.71
CA ILE I 236 -33.74 22.22 -14.48
C ILE I 236 -35.00 22.18 -13.61
N HIS I 237 -35.89 23.15 -13.80
CA HIS I 237 -37.20 23.13 -13.17
C HIS I 237 -38.20 23.81 -14.08
N SER I 238 -39.46 23.84 -13.62
CA SER I 238 -40.51 24.59 -14.26
C SER I 238 -40.29 26.06 -13.94
N PRO I 239 -40.50 26.95 -14.93
CA PRO I 239 -40.38 28.37 -14.72
C PRO I 239 -40.93 28.85 -13.37
N GLU I 240 -42.17 28.54 -13.02
CA GLU I 240 -42.63 28.98 -11.71
C GLU I 240 -41.76 28.49 -10.56
N ASP I 241 -41.24 27.26 -10.63
CA ASP I 241 -40.40 26.69 -9.55
C ASP I 241 -39.02 27.33 -9.41
N VAL I 242 -38.47 27.81 -10.52
CA VAL I 242 -37.20 28.54 -10.48
C VAL I 242 -37.43 29.88 -9.79
N ILE I 243 -38.49 30.60 -10.13
CA ILE I 243 -38.77 31.87 -9.45
C ILE I 243 -39.17 31.60 -7.98
N LYS I 244 -39.99 30.58 -7.76
CA LYS I 244 -40.37 30.20 -6.41
C LYS I 244 -39.11 30.06 -5.56
N ALA I 245 -38.12 29.33 -6.07
CA ALA I 245 -36.86 29.11 -5.35
C ALA I 245 -36.00 30.36 -5.11
N LEU I 246 -36.20 31.40 -5.94
CA LEU I 246 -35.50 32.69 -5.82
C LEU I 246 -36.06 33.58 -4.71
N ALA I 247 -37.37 33.44 -4.47
CA ALA I 247 -38.13 34.28 -3.53
C ALA I 247 -37.44 34.48 -2.18
N ASP I 248 -37.34 33.38 -1.43
CA ASP I 248 -36.70 33.38 -0.11
C ASP I 248 -35.17 33.17 -0.18
N LYS J 8 -26.29 8.91 5.46
CA LYS J 8 -25.20 9.48 6.32
C LYS J 8 -23.86 9.84 5.61
N ILE J 9 -23.28 10.98 5.98
CA ILE J 9 -22.00 11.52 5.42
C ILE J 9 -20.89 11.65 6.47
N GLU J 10 -19.83 10.84 6.36
CA GLU J 10 -18.71 10.91 7.32
C GLU J 10 -17.49 11.58 6.70
N ARG J 11 -16.93 12.57 7.41
CA ARG J 11 -15.80 13.33 6.89
C ARG J 11 -14.73 12.49 6.21
N GLY J 12 -14.13 11.58 6.97
CA GLY J 12 -13.00 10.78 6.51
C GLY J 12 -13.29 9.84 5.36
N THR J 13 -14.57 9.62 5.11
CA THR J 13 -15.06 8.84 3.97
C THR J 13 -15.29 9.71 2.70
N ILE J 14 -16.02 10.82 2.84
CA ILE J 14 -16.38 11.62 1.67
C ILE J 14 -15.14 12.27 1.01
N LEU J 15 -14.15 12.62 1.81
CA LEU J 15 -12.92 13.20 1.29
C LEU J 15 -11.99 12.17 0.67
N THR J 16 -12.48 10.96 0.57
CA THR J 16 -11.65 9.84 0.26
C THR J 16 -12.09 9.16 -1.02
N GLN J 17 -13.37 9.27 -1.33
CA GLN J 17 -13.99 8.57 -2.42
C GLN J 17 -14.01 9.37 -3.71
N PRO J 18 -14.18 8.68 -4.85
CA PRO J 18 -14.54 9.24 -6.17
C PRO J 18 -16.02 9.54 -6.30
N GLY J 19 -16.39 10.42 -7.22
CA GLY J 19 -17.80 10.67 -7.49
C GLY J 19 -18.33 11.69 -6.49
N VAL J 20 -17.40 12.42 -5.88
CA VAL J 20 -17.71 13.47 -4.92
C VAL J 20 -17.57 14.86 -5.56
N PHE J 21 -18.66 15.62 -5.53
CA PHE J 21 -18.64 17.01 -6.01
C PHE J 21 -18.02 17.97 -5.02
N GLY J 22 -17.14 18.83 -5.54
CA GLY J 22 -16.57 19.90 -4.74
C GLY J 22 -17.16 21.21 -5.22
N VAL J 23 -17.71 22.00 -4.30
CA VAL J 23 -18.14 23.35 -4.68
C VAL J 23 -17.44 24.42 -3.84
N PHE J 24 -16.53 25.16 -4.47
CA PHE J 24 -15.78 26.17 -3.76
C PHE J 24 -16.41 27.52 -4.08
N THR J 25 -16.71 28.36 -3.07
CA THR J 25 -17.40 29.62 -3.36
C THR J 25 -16.79 30.73 -2.54
N MET J 26 -16.04 31.61 -3.19
CA MET J 26 -15.47 32.79 -2.51
C MET J 26 -16.50 33.90 -2.39
N PHE J 27 -16.67 34.45 -1.19
CA PHE J 27 -17.61 35.52 -0.93
C PHE J 27 -16.88 36.78 -0.51
N LYS J 28 -17.39 37.95 -0.89
CA LYS J 28 -16.85 39.23 -0.41
C LYS J 28 -17.93 40.01 0.28
N LEU J 29 -17.73 40.34 1.55
CA LEU J 29 -18.71 41.13 2.30
C LEU J 29 -18.95 42.46 1.64
N ARG J 30 -20.20 42.91 1.67
CA ARG J 30 -20.52 44.23 1.15
C ARG J 30 -20.30 45.27 2.21
N PRO J 31 -20.05 46.53 1.80
CA PRO J 31 -19.87 47.57 2.81
C PRO J 31 -21.02 47.62 3.78
N ASP J 32 -22.26 47.66 3.30
CA ASP J 32 -23.42 47.93 4.19
C ASP J 32 -23.68 46.87 5.30
N TRP J 33 -22.83 45.83 5.31
CA TRP J 33 -22.63 44.89 6.44
C TRP J 33 -22.02 45.49 7.73
N ASN J 34 -21.26 46.59 7.60
CA ASN J 34 -20.72 47.31 8.76
C ASN J 34 -21.84 48.03 9.49
N LYS J 35 -22.97 48.14 8.80
CA LYS J 35 -24.05 49.00 9.18
C LYS J 35 -25.24 48.16 9.61
N VAL J 36 -25.15 46.88 9.28
CA VAL J 36 -26.04 45.91 9.88
C VAL J 36 -25.74 45.95 11.37
N PRO J 37 -26.80 46.01 12.23
CA PRO J 37 -26.63 46.06 13.71
C PRO J 37 -25.59 45.04 14.26
N VAL J 38 -24.61 45.49 15.07
CA VAL J 38 -23.80 44.55 15.87
C VAL J 38 -24.74 43.95 16.94
N ALA J 39 -24.90 42.62 16.91
CA ALA J 39 -25.98 41.88 17.60
C ALA J 39 -26.43 40.80 16.64
N GLU J 40 -27.30 41.20 15.69
CA GLU J 40 -27.67 40.41 14.54
C GLU J 40 -26.41 39.95 13.77
N ARG J 41 -25.37 40.80 13.76
CA ARG J 41 -24.05 40.44 13.22
C ARG J 41 -23.35 39.31 14.01
N LYS J 42 -23.47 39.33 15.33
CA LYS J 42 -22.76 38.35 16.17
C LYS J 42 -23.49 36.98 16.29
N GLY J 43 -24.82 37.03 16.48
CA GLY J 43 -25.70 35.85 16.38
C GLY J 43 -25.90 35.38 14.94
N ALA J 44 -24.84 35.52 14.12
CA ALA J 44 -24.85 35.11 12.72
C ALA J 44 -24.07 33.82 12.59
N ALA J 45 -23.07 33.71 13.47
CA ALA J 45 -22.23 32.53 13.55
C ALA J 45 -23.10 31.35 13.93
N GLU J 46 -23.94 31.55 14.95
CA GLU J 46 -24.88 30.51 15.35
C GLU J 46 -25.82 30.14 14.18
N GLU J 47 -26.17 31.11 13.33
CA GLU J 47 -27.08 30.84 12.21
C GLU J 47 -26.50 29.88 11.21
N VAL J 48 -25.26 30.17 10.78
CA VAL J 48 -24.49 29.34 9.84
C VAL J 48 -24.22 27.96 10.45
N LYS J 49 -23.76 27.97 11.69
CA LYS J 49 -23.61 26.76 12.46
C LYS J 49 -24.89 25.91 12.40
N LYS J 50 -26.05 26.48 12.69
CA LYS J 50 -27.29 25.67 12.63
C LYS J 50 -27.62 25.22 11.20
N LEU J 51 -27.32 26.08 10.24
CA LEU J 51 -27.48 25.73 8.83
C LEU J 51 -26.63 24.53 8.44
N ILE J 52 -25.42 24.43 8.99
CA ILE J 52 -24.53 23.30 8.68
C ILE J 52 -25.07 21.98 9.25
N GLU J 53 -25.51 22.03 10.49
CA GLU J 53 -26.08 20.87 11.16
C GLU J 53 -27.39 20.39 10.54
N LYS J 54 -28.24 21.31 10.07
CA LYS J 54 -29.42 20.92 9.30
C LYS J 54 -29.00 20.01 8.12
N HIS J 55 -27.88 20.36 7.45
CA HIS J 55 -27.37 19.58 6.33
C HIS J 55 -26.22 18.63 6.66
N LYS J 56 -26.17 18.16 7.92
CA LYS J 56 -25.27 17.09 8.33
C LYS J 56 -25.26 15.96 7.32
N ASP J 57 -26.43 15.60 6.81
CA ASP J 57 -26.59 14.42 5.96
C ASP J 57 -26.55 14.71 4.46
N ASN J 58 -26.63 15.99 4.12
CA ASN J 58 -26.76 16.39 2.74
C ASN J 58 -25.40 16.81 2.19
N VAL J 59 -24.66 17.63 2.95
CA VAL J 59 -23.32 18.07 2.51
C VAL J 59 -22.33 18.17 3.66
N LEU J 60 -21.03 18.21 3.32
CA LEU J 60 -19.95 18.45 4.29
C LEU J 60 -19.43 19.84 4.04
N VAL J 61 -19.27 20.63 5.10
CA VAL J 61 -18.96 22.05 4.99
C VAL J 61 -17.60 22.45 5.60
N ASP J 62 -16.81 23.18 4.84
CA ASP J 62 -15.58 23.77 5.35
C ASP J 62 -15.73 25.23 5.05
N LEU J 63 -15.27 26.07 5.96
CA LEU J 63 -15.33 27.51 5.73
C LEU J 63 -13.96 28.06 6.08
N TYR J 64 -13.42 28.98 5.28
CA TYR J 64 -12.09 29.50 5.55
C TYR J 64 -12.04 31.03 5.53
N LEU J 65 -11.11 31.61 6.28
CA LEU J 65 -11.01 33.08 6.45
C LEU J 65 -9.94 33.70 5.57
N THR J 66 -10.36 34.57 4.62
CA THR J 66 -9.45 35.21 3.68
C THR J 66 -9.35 36.73 3.81
N ARG J 67 -10.29 37.35 4.51
CA ARG J 67 -10.28 38.80 4.67
C ARG J 67 -8.90 39.28 5.11
N GLY J 68 -8.33 40.21 4.37
CA GLY J 68 -7.05 40.81 4.75
C GLY J 68 -5.87 40.19 4.05
N LEU J 69 -6.11 39.09 3.36
CA LEU J 69 -5.10 38.44 2.54
C LEU J 69 -5.57 38.25 1.10
N GLU J 70 -6.76 38.69 0.76
CA GLU J 70 -7.30 38.46 -0.56
C GLU J 70 -8.17 39.64 -1.04
N THR J 71 -7.96 40.11 -2.27
CA THR J 71 -8.68 41.30 -2.76
C THR J 71 -10.14 40.96 -2.97
N ASN J 72 -10.36 39.79 -3.55
CA ASN J 72 -11.71 39.43 -4.01
C ASN J 72 -12.42 38.42 -3.14
N SER J 73 -12.10 38.38 -1.85
CA SER J 73 -12.85 37.54 -0.98
C SER J 73 -12.48 37.84 0.44
N ASP J 74 -13.51 37.81 1.30
CA ASP J 74 -13.34 37.84 2.73
C ASP J 74 -13.47 36.44 3.31
N PHE J 75 -14.20 35.56 2.63
CA PHE J 75 -14.29 34.18 3.09
C PHE J 75 -14.68 33.22 1.97
N PHE J 76 -14.35 31.94 2.09
CA PHE J 76 -14.88 30.98 1.14
C PHE J 76 -15.29 29.63 1.73
N PHE J 77 -16.22 28.96 1.06
CA PHE J 77 -16.72 27.63 1.46
C PHE J 77 -16.09 26.51 0.62
N ARG J 78 -15.91 25.34 1.20
CA ARG J 78 -15.67 24.14 0.41
C ARG J 78 -16.75 23.13 0.73
N ILE J 79 -17.65 22.91 -0.23
CA ILE J 79 -18.73 21.98 -0.04
C ILE J 79 -18.39 20.66 -0.74
N ASN J 80 -18.57 19.54 -0.06
CA ASN J 80 -18.40 18.24 -0.70
C ASN J 80 -19.71 17.50 -0.62
N ALA J 81 -20.18 16.98 -1.75
CA ALA J 81 -21.47 16.33 -1.74
C ALA J 81 -21.48 15.18 -2.71
N TYR J 82 -22.36 14.22 -2.46
CA TYR J 82 -22.57 13.13 -3.39
C TYR J 82 -23.45 13.56 -4.55
N ASP J 83 -24.26 14.59 -4.29
CA ASP J 83 -25.17 15.11 -5.27
C ASP J 83 -24.99 16.62 -5.46
N LEU J 84 -24.77 17.10 -6.69
CA LEU J 84 -24.45 18.52 -6.87
C LEU J 84 -25.65 19.37 -6.53
N ALA J 85 -26.83 18.85 -6.81
CA ALA J 85 -28.09 19.49 -6.47
C ALA J 85 -28.12 19.88 -5.00
N LYS J 86 -27.58 19.04 -4.14
CA LYS J 86 -27.66 19.31 -2.71
C LYS J 86 -26.69 20.38 -2.22
N ALA J 87 -25.52 20.41 -2.85
CA ALA J 87 -24.55 21.48 -2.66
C ALA J 87 -25.16 22.82 -3.05
N GLN J 88 -25.84 22.87 -4.21
CA GLN J 88 -26.65 24.04 -4.57
C GLN J 88 -27.69 24.41 -3.46
N THR J 89 -28.57 23.48 -3.13
CA THR J 89 -29.53 23.71 -2.05
C THR J 89 -28.83 24.35 -0.85
N PHE J 90 -27.68 23.82 -0.43
CA PHE J 90 -27.06 24.39 0.73
C PHE J 90 -26.50 25.77 0.51
N MET J 91 -25.90 26.00 -0.64
CA MET J 91 -25.29 27.31 -0.88
C MET J 91 -26.39 28.32 -0.97
N ARG J 92 -27.48 27.91 -1.61
CA ARG J 92 -28.61 28.76 -1.86
C ARG J 92 -29.20 29.15 -0.50
N GLU J 93 -29.13 28.23 0.45
CA GLU J 93 -29.65 28.46 1.78
C GLU J 93 -28.68 29.29 2.63
N PHE J 94 -27.38 29.23 2.33
CA PHE J 94 -26.43 30.08 3.03
C PHE J 94 -26.61 31.55 2.66
N ARG J 95 -26.89 31.80 1.40
CA ARG J 95 -27.01 33.17 0.98
C ARG J 95 -28.28 33.83 1.52
N SER J 96 -29.19 33.04 2.08
CA SER J 96 -30.42 33.58 2.73
C SER J 96 -30.15 33.97 4.17
N THR J 97 -29.06 33.41 4.70
CA THR J 97 -28.52 33.72 6.02
C THR J 97 -28.27 35.22 6.22
N THR J 98 -28.07 35.67 7.47
CA THR J 98 -27.78 37.09 7.71
C THR J 98 -26.57 37.56 6.90
N VAL J 99 -25.51 36.76 6.99
CA VAL J 99 -24.20 37.02 6.38
C VAL J 99 -24.21 36.88 4.85
N GLY J 100 -25.01 35.93 4.35
CA GLY J 100 -25.12 35.67 2.90
C GLY J 100 -25.99 36.71 2.23
N LYS J 101 -26.80 37.39 3.04
CA LYS J 101 -27.62 38.51 2.58
C LYS J 101 -26.77 39.78 2.49
N ASN J 102 -25.59 39.75 3.08
CA ASN J 102 -24.75 40.93 3.04
C ASN J 102 -23.42 40.72 2.32
N ALA J 103 -23.28 39.64 1.54
CA ALA J 103 -22.06 39.42 0.76
C ALA J 103 -22.32 39.02 -0.70
N ASP J 104 -21.43 39.45 -1.61
CA ASP J 104 -21.53 39.13 -3.04
C ASP J 104 -20.62 37.97 -3.42
N VAL J 105 -21.06 37.10 -4.32
CA VAL J 105 -20.18 35.99 -4.77
C VAL J 105 -19.20 36.52 -5.76
N PHE J 106 -17.90 36.30 -5.51
CA PHE J 106 -16.86 36.69 -6.45
C PHE J 106 -16.16 35.60 -7.20
N GLU J 107 -16.39 34.34 -6.85
CA GLU J 107 -15.82 33.21 -7.58
C GLU J 107 -16.48 31.91 -7.15
N THR J 108 -16.80 31.06 -8.12
CA THR J 108 -17.40 29.74 -7.84
C THR J 108 -16.72 28.68 -8.69
N LEU J 109 -16.39 27.57 -8.08
CA LEU J 109 -15.70 26.55 -8.80
C LEU J 109 -16.32 25.20 -8.52
N VAL J 110 -16.80 24.55 -9.57
CA VAL J 110 -17.46 23.23 -9.43
C VAL J 110 -16.61 22.10 -9.96
N GLY J 111 -16.52 21.01 -9.22
CA GLY J 111 -15.69 19.95 -9.74
C GLY J 111 -16.04 18.62 -9.12
N VAL J 112 -15.41 17.57 -9.62
CA VAL J 112 -15.79 16.25 -9.17
C VAL J 112 -14.56 15.41 -8.98
N THR J 113 -14.60 14.61 -7.93
CA THR J 113 -13.53 13.75 -7.58
C THR J 113 -13.47 12.58 -8.56
N LYS J 114 -12.28 12.08 -8.92
CA LYS J 114 -12.26 10.86 -9.79
C LYS J 114 -11.29 9.77 -9.34
N PRO J 115 -11.35 8.54 -9.90
CA PRO J 115 -10.20 7.66 -9.66
C PRO J 115 -8.93 8.22 -10.30
N LEU J 116 -7.79 7.71 -9.84
CA LEU J 116 -6.48 8.09 -10.37
C LEU J 116 -6.40 7.87 -11.89
N ASN J 117 -5.78 8.75 -12.63
CA ASN J 117 -5.71 8.63 -14.09
C ASN J 117 -4.32 8.23 -14.50
N TYR J 118 -3.33 8.60 -13.66
CA TYR J 118 -1.92 8.43 -13.98
C TYR J 118 -1.12 7.63 -12.96
N ILE J 119 -1.07 8.10 -11.72
CA ILE J 119 -0.24 7.43 -10.73
C ILE J 119 -1.02 6.36 -9.96
N SER J 120 -1.64 5.45 -10.70
CA SER J 120 -2.43 4.35 -10.14
C SER J 120 -1.56 3.13 -9.94
N LYS J 121 -2.06 2.18 -9.16
CA LYS J 121 -1.35 0.91 -8.95
C LYS J 121 -1.03 0.30 -10.30
N ASP J 122 -2.03 0.21 -11.20
CA ASP J 122 -1.84 -0.29 -12.58
C ASP J 122 -0.74 0.35 -13.44
N LYS J 123 -0.75 1.66 -13.54
CA LYS J 123 0.09 2.36 -14.50
C LYS J 123 1.44 2.82 -13.99
N SER J 124 1.51 3.20 -12.73
CA SER J 124 2.77 3.61 -12.10
C SER J 124 3.01 3.06 -10.67
N PRO J 125 3.11 1.73 -10.51
CA PRO J 125 3.11 1.16 -9.16
C PRO J 125 4.16 1.70 -8.19
N GLY J 126 5.29 2.17 -8.69
CA GLY J 126 6.37 2.63 -7.81
C GLY J 126 6.01 3.94 -7.13
N LEU J 127 5.48 4.84 -7.93
CA LEU J 127 5.06 6.12 -7.38
C LEU J 127 3.73 5.98 -6.69
N ASN J 128 2.87 5.08 -7.16
CA ASN J 128 1.58 4.96 -6.51
C ASN J 128 1.72 4.44 -5.06
N ALA J 129 2.65 3.49 -4.84
CA ALA J 129 2.92 2.95 -3.51
C ALA J 129 3.48 4.03 -2.61
N GLY J 130 4.39 4.83 -3.15
CA GLY J 130 5.01 5.90 -2.40
C GLY J 130 4.01 6.97 -2.00
N LEU J 131 2.95 7.11 -2.81
CA LEU J 131 1.90 8.10 -2.61
C LEU J 131 0.91 7.76 -1.51
N SER J 132 0.56 6.49 -1.42
CA SER J 132 -0.54 6.10 -0.55
C SER J 132 -0.04 5.68 0.79
N SER J 133 1.25 5.52 0.90
CA SER J 133 1.84 5.17 2.16
C SER J 133 2.55 6.38 2.68
N ALA J 134 2.17 7.56 2.22
CA ALA J 134 2.80 8.79 2.68
C ALA J 134 1.83 9.51 3.60
N THR J 135 2.32 9.97 4.73
CA THR J 135 1.43 10.44 5.80
C THR J 135 1.87 11.84 6.24
N TYR J 136 0.94 12.71 6.68
CA TYR J 136 1.22 14.12 7.03
C TYR J 136 1.79 14.27 8.43
N SER J 137 2.82 15.10 8.57
CA SER J 137 3.57 15.22 9.84
C SER J 137 3.60 16.61 10.42
N GLY J 138 3.46 16.69 11.73
CA GLY J 138 3.65 17.95 12.40
C GLY J 138 2.45 18.87 12.39
N PRO J 139 2.70 20.18 12.64
CA PRO J 139 1.66 21.05 13.13
C PRO J 139 0.40 20.87 12.31
N ALA J 140 -0.75 20.87 12.98
CA ALA J 140 -2.03 21.04 12.27
C ALA J 140 -1.90 22.27 11.36
N PRO J 141 -2.33 22.14 10.11
CA PRO J 141 -2.17 23.21 9.14
C PRO J 141 -3.00 24.40 9.52
N ARG J 142 -2.38 25.57 9.45
CA ARG J 142 -3.08 26.82 9.68
C ARG J 142 -3.62 27.45 8.40
N TYR J 143 -3.04 27.10 7.25
CA TYR J 143 -3.28 27.83 6.00
C TYR J 143 -3.96 26.96 4.99
N VAL J 144 -4.82 27.55 4.17
CA VAL J 144 -5.36 26.84 3.01
C VAL J 144 -4.93 27.54 1.71
N ILE J 145 -4.73 26.77 0.64
CA ILE J 145 -4.55 27.32 -0.71
C ILE J 145 -5.47 26.59 -1.71
N VAL J 146 -6.18 27.36 -2.52
CA VAL J 146 -7.00 26.80 -3.56
C VAL J 146 -6.58 27.35 -4.94
N ILE J 147 -6.24 26.45 -5.87
CA ILE J 147 -5.68 26.87 -7.14
C ILE J 147 -6.37 26.17 -8.31
N PRO J 148 -7.17 26.93 -9.08
CA PRO J 148 -7.73 26.29 -10.27
C PRO J 148 -6.66 26.10 -11.32
N VAL J 149 -6.63 24.91 -11.91
CA VAL J 149 -5.69 24.65 -13.01
C VAL J 149 -6.37 24.23 -14.32
N LYS J 150 -6.01 24.88 -15.44
CA LYS J 150 -6.50 24.50 -16.77
C LYS J 150 -5.30 24.30 -17.71
N LYS J 151 -5.26 23.13 -18.34
CA LYS J 151 -4.21 22.83 -19.31
C LYS J 151 -4.70 23.18 -20.71
N ASN J 152 -3.79 23.39 -21.67
CA ASN J 152 -4.18 23.79 -23.04
C ASN J 152 -4.52 22.61 -23.93
N ALA J 153 -4.86 22.89 -25.19
CA ALA J 153 -5.20 21.81 -26.14
C ALA J 153 -4.04 20.89 -26.54
N GLU J 154 -2.82 21.42 -26.63
CA GLU J 154 -1.66 20.58 -26.90
C GLU J 154 -1.52 19.50 -25.86
N TRP J 155 -1.75 19.86 -24.58
CA TRP J 155 -1.61 18.87 -23.53
C TRP J 155 -2.58 17.77 -23.83
N TRP J 156 -3.85 18.12 -23.87
CA TRP J 156 -4.87 17.12 -24.01
C TRP J 156 -4.75 16.28 -25.26
N ASN J 157 -4.11 16.80 -26.30
CA ASN J 157 -3.86 15.99 -27.49
C ASN J 157 -2.65 15.05 -27.45
N MET J 158 -1.73 15.23 -26.50
CA MET J 158 -0.63 14.30 -26.36
C MET J 158 -1.20 12.98 -25.94
N SER J 159 -0.53 11.89 -26.32
CA SER J 159 -0.98 10.55 -25.96
C SER J 159 -1.00 10.33 -24.46
N PRO J 160 -1.85 9.40 -24.00
CA PRO J 160 -1.79 9.09 -22.55
C PRO J 160 -0.45 8.53 -22.05
N GLU J 161 0.38 8.00 -22.95
CA GLU J 161 1.72 7.58 -22.57
C GLU J 161 2.56 8.82 -22.21
N GLU J 162 2.36 9.89 -22.99
CA GLU J 162 3.11 11.12 -22.93
C GLU J 162 2.75 11.85 -21.67
N ARG J 163 1.44 11.93 -21.39
CA ARG J 163 0.96 12.62 -20.22
C ARG J 163 1.39 11.90 -18.93
N LEU J 164 1.25 10.57 -18.92
CA LEU J 164 1.77 9.77 -17.82
C LEU J 164 3.24 10.11 -17.52
N LYS J 165 4.08 10.14 -18.55
CA LYS J 165 5.48 10.49 -18.38
C LYS J 165 5.59 11.88 -17.66
N GLU J 166 4.74 12.83 -18.02
CA GLU J 166 4.82 14.17 -17.41
C GLU J 166 4.23 14.22 -16.03
N MET J 167 3.26 13.34 -15.76
CA MET J 167 2.72 13.24 -14.41
C MET J 167 3.64 12.50 -13.46
N GLU J 168 4.42 11.56 -13.99
CA GLU J 168 5.45 10.90 -13.23
C GLU J 168 6.55 11.89 -12.78
N VAL J 169 6.79 12.91 -13.60
CA VAL J 169 7.75 13.98 -13.30
C VAL J 169 7.15 14.92 -12.26
N HIS J 170 5.87 15.21 -12.42
CA HIS J 170 5.06 15.97 -11.42
C HIS J 170 5.19 15.31 -10.06
N THR J 171 5.03 13.98 -10.00
CA THR J 171 4.94 13.23 -8.73
C THR J 171 6.27 12.96 -7.98
N THR J 172 7.35 12.65 -8.70
CA THR J 172 8.59 12.19 -8.05
C THR J 172 9.17 13.14 -6.99
N PRO J 173 9.40 14.41 -7.34
CA PRO J 173 9.96 15.30 -6.34
C PRO J 173 8.91 15.94 -5.40
N THR J 174 7.63 15.60 -5.58
CA THR J 174 6.59 16.18 -4.72
C THR J 174 6.06 15.27 -3.62
N LEU J 175 6.27 13.96 -3.76
CA LEU J 175 5.90 12.99 -2.74
C LEU J 175 6.51 13.34 -1.44
N ALA J 176 7.73 13.84 -1.49
CA ALA J 176 8.41 14.33 -0.30
C ALA J 176 7.73 15.49 0.46
N TYR J 177 6.87 16.22 -0.25
CA TYR J 177 6.13 17.36 0.29
C TYR J 177 4.87 16.93 1.04
N LEU J 178 4.62 15.62 1.08
CA LEU J 178 3.37 15.14 1.65
C LEU J 178 3.33 15.15 3.17
N VAL J 179 4.49 15.29 3.81
CA VAL J 179 4.57 15.41 5.28
C VAL J 179 4.23 16.85 5.69
N ASN J 180 4.29 17.74 4.71
CA ASN J 180 4.26 19.18 4.89
C ASN J 180 2.97 19.84 4.44
N VAL J 181 2.31 19.16 3.49
CA VAL J 181 1.34 19.75 2.61
C VAL J 181 0.30 18.66 2.39
N LYS J 182 -0.98 19.03 2.56
CA LYS J 182 -2.09 18.13 2.25
C LYS J 182 -2.62 18.53 0.87
N ARG J 183 -3.16 17.57 0.11
CA ARG J 183 -3.68 17.86 -1.24
C ARG J 183 -5.03 17.20 -1.51
N LYS J 184 -5.88 17.87 -2.29
CA LYS J 184 -6.97 17.17 -2.92
C LYS J 184 -7.13 17.65 -4.35
N LEU J 185 -7.64 16.79 -5.24
CA LEU J 185 -7.80 17.18 -6.65
C LEU J 185 -9.21 16.91 -7.08
N TYR J 186 -9.86 17.94 -7.63
CA TYR J 186 -11.20 17.84 -8.20
C TYR J 186 -11.05 18.02 -9.72
N HIS J 187 -11.89 17.38 -10.51
CA HIS J 187 -11.81 17.54 -11.99
C HIS J 187 -12.99 18.35 -12.50
N SER J 188 -12.77 19.19 -13.52
CA SER J 188 -13.78 20.17 -13.88
C SER J 188 -14.07 20.31 -15.37
N THR J 189 -13.26 19.72 -16.23
CA THR J 189 -13.49 20.02 -17.66
C THR J 189 -14.94 19.76 -18.01
N GLY J 190 -15.56 20.69 -18.71
CA GLY J 190 -16.95 20.53 -19.07
C GLY J 190 -17.93 20.92 -17.99
N LEU J 191 -17.49 20.96 -16.72
CA LEU J 191 -18.38 21.34 -15.62
C LEU J 191 -18.27 22.81 -15.18
N ASP J 192 -17.04 23.32 -15.21
CA ASP J 192 -16.76 24.75 -14.98
C ASP J 192 -15.58 25.23 -15.87
N ASP J 193 -15.18 26.49 -15.68
CA ASP J 193 -14.13 27.10 -16.48
C ASP J 193 -12.73 26.85 -15.93
N THR J 194 -12.43 25.57 -15.74
CA THR J 194 -11.12 25.10 -15.39
C THR J 194 -11.12 23.58 -15.61
N ASP J 195 -9.93 23.01 -15.82
CA ASP J 195 -9.76 21.57 -15.94
C ASP J 195 -9.70 20.95 -14.56
N PHE J 196 -9.04 21.61 -13.61
CA PHE J 196 -8.91 21.11 -12.23
C PHE J 196 -9.03 22.15 -11.15
N ILE J 197 -9.46 21.70 -9.96
CA ILE J 197 -9.48 22.53 -8.75
C ILE J 197 -8.61 21.82 -7.75
N THR J 198 -7.50 22.45 -7.36
CA THR J 198 -6.56 21.81 -6.47
C THR J 198 -6.62 22.47 -5.15
N TYR J 199 -6.60 21.66 -4.09
CA TYR J 199 -6.80 22.14 -2.74
C TYR J 199 -5.66 21.70 -1.83
N PHE J 200 -5.07 22.69 -1.13
CA PHE J 200 -3.93 22.42 -0.23
C PHE J 200 -4.11 22.93 1.15
N GLU J 201 -3.56 22.22 2.13
CA GLU J 201 -3.54 22.66 3.51
C GLU J 201 -2.10 22.57 3.97
N THR J 202 -1.57 23.65 4.52
CA THR J 202 -0.24 23.59 5.08
C THR J 202 -0.08 24.53 6.24
N ASP J 203 1.06 24.38 6.91
CA ASP J 203 1.51 25.32 7.91
C ASP J 203 2.81 26.02 7.52
N ASP J 204 3.48 25.50 6.49
CA ASP J 204 4.76 26.06 6.05
C ASP J 204 4.63 26.70 4.68
N LEU J 205 4.50 28.01 4.66
CA LEU J 205 4.23 28.67 3.41
C LEU J 205 5.51 28.73 2.60
N THR J 206 6.65 28.94 3.28
CA THR J 206 7.98 28.89 2.65
C THR J 206 8.22 27.55 1.96
N ALA J 207 7.85 26.45 2.64
CA ALA J 207 7.83 25.12 2.04
C ALA J 207 6.96 25.14 0.79
N PHE J 208 5.74 25.67 0.91
CA PHE J 208 4.75 25.59 -0.18
C PHE J 208 5.22 26.32 -1.42
N ASN J 209 5.88 27.45 -1.21
CA ASN J 209 6.50 28.18 -2.29
C ASN J 209 7.59 27.35 -2.94
N ASN J 210 8.43 26.72 -2.13
CA ASN J 210 9.44 25.86 -2.72
C ASN J 210 8.79 24.76 -3.55
N LEU J 211 7.62 24.30 -3.10
CA LEU J 211 6.88 23.24 -3.75
C LEU J 211 6.40 23.71 -5.10
N MET J 212 5.80 24.91 -5.18
CA MET J 212 5.29 25.35 -6.49
C MET J 212 6.46 25.61 -7.42
N LEU J 213 7.60 26.09 -6.90
CA LEU J 213 8.70 26.35 -7.80
C LEU J 213 9.15 25.03 -8.42
N SER J 214 9.27 24.01 -7.59
CA SER J 214 9.57 22.70 -8.07
C SER J 214 8.70 22.34 -9.25
N LEU J 215 7.43 22.75 -9.24
CA LEU J 215 6.48 22.32 -10.26
C LEU J 215 6.40 23.27 -11.43
N ALA J 216 6.90 24.49 -11.24
CA ALA J 216 6.91 25.49 -12.29
C ALA J 216 7.98 25.08 -13.26
N GLN J 217 8.95 24.35 -12.74
CA GLN J 217 10.22 24.09 -13.43
C GLN J 217 10.21 22.80 -14.25
N VAL J 218 9.09 22.08 -14.26
CA VAL J 218 8.99 20.88 -15.06
C VAL J 218 8.21 21.17 -16.36
N LYS J 219 8.38 20.31 -17.37
CA LYS J 219 7.66 20.43 -18.66
C LYS J 219 6.16 20.67 -18.52
N GLU J 220 5.52 19.99 -17.59
CA GLU J 220 4.07 20.12 -17.44
C GLU J 220 3.71 21.59 -17.37
N ASN J 221 4.40 22.36 -16.54
CA ASN J 221 4.03 23.77 -16.39
C ASN J 221 3.91 24.55 -17.75
N LYS J 222 4.63 24.08 -18.78
CA LYS J 222 4.52 24.70 -20.12
C LYS J 222 3.11 24.64 -20.74
N PHE J 223 2.22 23.83 -20.18
CA PHE J 223 0.91 23.64 -20.78
C PHE J 223 -0.20 24.35 -20.03
N HIS J 224 0.10 24.91 -18.85
CA HIS J 224 -0.89 25.65 -18.10
C HIS J 224 -1.29 26.93 -18.85
N VAL J 225 -2.59 27.11 -18.95
CA VAL J 225 -3.15 28.38 -19.36
C VAL J 225 -3.86 29.05 -18.19
N ARG J 226 -4.04 28.29 -17.11
CA ARG J 226 -4.52 28.83 -15.85
C ARG J 226 -3.95 28.00 -14.68
N TRP J 227 -3.34 28.69 -13.73
CA TRP J 227 -2.61 28.05 -12.68
C TRP J 227 -2.67 29.08 -11.58
N GLY J 228 -3.86 29.24 -11.00
CA GLY J 228 -4.13 30.41 -10.18
C GLY J 228 -5.30 31.25 -10.69
N SER J 229 -5.21 32.57 -10.50
CA SER J 229 -6.19 33.55 -11.05
C SER J 229 -7.66 33.17 -10.78
N PRO J 230 -8.02 33.11 -9.51
CA PRO J 230 -7.14 33.55 -8.46
C PRO J 230 -6.42 32.42 -7.70
N THR J 231 -5.23 32.71 -7.17
CA THR J 231 -4.59 31.86 -6.16
C THR J 231 -5.12 32.32 -4.81
N THR J 232 -6.02 31.54 -4.23
CA THR J 232 -6.68 31.95 -2.99
C THR J 232 -6.03 31.21 -1.84
N LEU J 233 -5.38 31.97 -0.97
CA LEU J 233 -4.66 31.43 0.18
C LEU J 233 -5.26 32.14 1.35
N GLY J 234 -5.73 31.36 2.32
CA GLY J 234 -6.28 31.91 3.52
C GLY J 234 -5.99 31.06 4.74
N THR J 235 -6.91 31.10 5.68
CA THR J 235 -6.57 30.76 7.03
C THR J 235 -7.67 29.87 7.64
N ILE J 236 -7.25 28.73 8.17
CA ILE J 236 -8.16 27.63 8.55
C ILE J 236 -8.66 27.84 9.97
N HIS J 237 -9.98 27.67 10.12
CA HIS J 237 -10.71 27.71 11.42
C HIS J 237 -12.03 26.95 11.29
N SER J 238 -12.75 26.90 12.39
CA SER J 238 -14.10 26.34 12.41
C SER J 238 -15.10 27.34 11.83
N PRO J 239 -16.09 26.85 11.05
CA PRO J 239 -17.12 27.72 10.46
C PRO J 239 -17.47 28.94 11.33
N GLU J 240 -17.95 28.69 12.54
CA GLU J 240 -18.46 29.75 13.40
C GLU J 240 -17.38 30.72 13.83
N ASP J 241 -16.16 30.21 13.99
CA ASP J 241 -15.03 31.09 14.17
C ASP J 241 -14.74 32.00 12.95
N VAL J 242 -14.95 31.51 11.71
CA VAL J 242 -14.79 32.37 10.54
C VAL J 242 -15.87 33.44 10.60
N ILE J 243 -17.11 33.03 10.82
CA ILE J 243 -18.18 34.02 10.90
C ILE J 243 -17.92 35.03 12.04
N LYS J 244 -17.40 34.54 13.17
CA LYS J 244 -17.12 35.37 14.34
C LYS J 244 -16.11 36.46 14.02
N ALA J 245 -15.07 36.09 13.28
CA ALA J 245 -13.99 37.01 12.92
C ALA J 245 -14.44 38.02 11.86
N LEU J 246 -15.46 37.69 11.08
CA LEU J 246 -15.98 38.69 10.14
C LEU J 246 -16.95 39.64 10.85
N ALA J 247 -17.28 39.35 12.11
CA ALA J 247 -18.24 40.16 12.85
C ALA J 247 -17.78 41.63 12.99
N ASP J 248 -16.67 41.84 13.69
CA ASP J 248 -16.15 43.21 13.93
C ASP J 248 -15.29 43.79 12.80
N LYS K 8 47.56 -40.41 -35.33
CA LYS K 8 46.39 -40.92 -34.54
C LYS K 8 45.44 -39.87 -33.92
N ILE K 9 44.30 -40.34 -33.44
CA ILE K 9 43.31 -39.47 -32.83
C ILE K 9 42.77 -40.16 -31.60
N GLU K 10 42.92 -39.52 -30.45
CA GLU K 10 42.41 -40.08 -29.23
C GLU K 10 41.24 -39.30 -28.75
N ARG K 11 40.20 -40.01 -28.36
CA ARG K 11 38.97 -39.40 -27.85
C ARG K 11 39.30 -38.47 -26.69
N GLY K 12 40.16 -38.98 -25.79
CA GLY K 12 40.60 -38.27 -24.59
C GLY K 12 41.26 -36.92 -24.85
N THR K 13 42.12 -36.88 -25.87
CA THR K 13 42.87 -35.71 -26.26
C THR K 13 42.10 -34.73 -27.15
N ILE K 14 41.47 -35.23 -28.23
CA ILE K 14 40.84 -34.34 -29.21
C ILE K 14 39.63 -33.63 -28.67
N LEU K 15 38.96 -34.25 -27.70
CA LEU K 15 37.79 -33.62 -27.09
C LEU K 15 38.18 -32.45 -26.16
N THR K 16 39.46 -32.43 -25.83
CA THR K 16 40.08 -31.57 -24.82
C THR K 16 40.70 -30.31 -25.41
N GLN K 17 41.04 -30.40 -26.70
CA GLN K 17 41.97 -29.49 -27.36
C GLN K 17 41.31 -28.36 -28.17
N PRO K 18 42.03 -27.20 -28.27
CA PRO K 18 41.61 -26.05 -29.09
C PRO K 18 41.93 -26.29 -30.57
N GLY K 19 41.20 -25.59 -31.44
CA GLY K 19 41.44 -25.69 -32.87
C GLY K 19 40.82 -26.93 -33.49
N VAL K 20 39.75 -27.43 -32.89
CA VAL K 20 39.15 -28.69 -33.31
C VAL K 20 37.78 -28.46 -33.94
N PHE K 21 37.56 -29.00 -35.13
CA PHE K 21 36.28 -28.78 -35.80
C PHE K 21 35.24 -29.76 -35.37
N GLY K 22 34.04 -29.25 -35.22
CA GLY K 22 32.89 -30.04 -34.87
C GLY K 22 31.88 -29.81 -35.96
N VAL K 23 31.49 -30.89 -36.63
CA VAL K 23 30.42 -30.83 -37.60
C VAL K 23 29.28 -31.64 -37.06
N PHE K 24 28.14 -30.97 -36.86
CA PHE K 24 26.92 -31.62 -36.37
C PHE K 24 25.92 -31.84 -37.51
N THR K 25 25.48 -33.08 -37.72
CA THR K 25 24.60 -33.35 -38.87
C THR K 25 23.38 -34.22 -38.52
N MET K 26 22.22 -33.55 -38.51
CA MET K 26 20.93 -34.19 -38.26
C MET K 26 20.30 -34.79 -39.53
N PHE K 27 20.01 -36.10 -39.50
CA PHE K 27 19.48 -36.84 -40.63
C PHE K 27 18.14 -37.37 -40.27
N LYS K 28 17.22 -37.33 -41.22
CA LYS K 28 15.92 -37.96 -41.05
C LYS K 28 15.74 -39.01 -42.14
N LEU K 29 15.39 -40.23 -41.74
CA LEU K 29 15.13 -41.34 -42.67
C LEU K 29 13.87 -41.13 -43.46
N ARG K 30 13.98 -41.29 -44.76
CA ARG K 30 12.88 -41.15 -45.70
C ARG K 30 11.93 -42.33 -45.59
N PRO K 31 10.64 -42.16 -45.96
CA PRO K 31 9.73 -43.26 -45.81
C PRO K 31 10.18 -44.48 -46.62
N ASP K 32 10.84 -44.30 -47.75
CA ASP K 32 11.18 -45.51 -48.51
C ASP K 32 12.30 -46.37 -47.86
N TRP K 33 12.71 -45.97 -46.65
CA TRP K 33 13.54 -46.80 -45.76
C TRP K 33 12.81 -48.03 -45.17
N ASN K 34 11.50 -47.92 -44.99
CA ASN K 34 10.68 -49.03 -44.48
C ASN K 34 10.52 -50.10 -45.52
N LYS K 35 10.99 -49.85 -46.73
CA LYS K 35 10.82 -50.83 -47.77
C LYS K 35 12.13 -51.35 -48.29
N VAL K 36 13.24 -50.86 -47.75
CA VAL K 36 14.50 -51.55 -47.96
C VAL K 36 14.35 -52.92 -47.30
N PRO K 37 14.59 -54.02 -48.06
CA PRO K 37 14.38 -55.34 -47.48
C PRO K 37 15.14 -55.52 -46.16
N VAL K 38 14.39 -55.61 -45.07
CA VAL K 38 14.93 -55.94 -43.74
C VAL K 38 15.92 -57.10 -43.89
N ALA K 39 17.16 -56.88 -43.43
CA ALA K 39 18.32 -57.77 -43.71
C ALA K 39 19.41 -56.95 -44.38
N GLU K 40 19.06 -56.32 -45.51
CA GLU K 40 19.88 -55.24 -46.07
C GLU K 40 19.88 -54.06 -45.07
N ARG K 41 18.77 -53.89 -44.35
CA ARG K 41 18.63 -52.90 -43.27
C ARG K 41 19.41 -53.30 -42.04
N LYS K 42 19.48 -54.60 -41.81
CA LYS K 42 20.13 -55.12 -40.59
C LYS K 42 21.66 -55.11 -40.71
N GLY K 43 22.17 -55.08 -41.94
CA GLY K 43 23.59 -55.02 -42.15
C GLY K 43 24.10 -53.60 -42.33
N ALA K 44 23.21 -52.63 -42.21
CA ALA K 44 23.64 -51.26 -42.34
C ALA K 44 24.57 -50.86 -41.18
N ALA K 45 24.24 -51.36 -39.99
CA ALA K 45 24.97 -51.06 -38.74
C ALA K 45 26.43 -51.43 -38.86
N GLU K 46 26.67 -52.67 -39.27
CA GLU K 46 28.02 -53.18 -39.46
C GLU K 46 28.80 -52.39 -40.53
N GLU K 47 28.12 -51.82 -41.53
CA GLU K 47 28.79 -51.02 -42.58
C GLU K 47 29.29 -49.63 -42.11
N VAL K 48 28.42 -48.92 -41.39
CA VAL K 48 28.77 -47.66 -40.72
C VAL K 48 29.94 -47.87 -39.74
N LYS K 49 29.93 -48.99 -39.03
CA LYS K 49 31.01 -49.41 -38.15
C LYS K 49 32.36 -49.42 -38.93
N LYS K 50 32.41 -50.12 -40.06
CA LYS K 50 33.61 -50.17 -40.91
C LYS K 50 33.97 -48.82 -41.47
N LEU K 51 32.98 -47.96 -41.62
CA LEU K 51 33.28 -46.66 -42.16
C LEU K 51 34.07 -45.85 -41.13
N ILE K 52 33.54 -45.78 -39.91
CA ILE K 52 34.19 -45.20 -38.74
C ILE K 52 35.55 -45.81 -38.44
N GLU K 53 35.69 -47.12 -38.54
CA GLU K 53 37.01 -47.74 -38.41
C GLU K 53 38.00 -47.33 -39.53
N LYS K 54 37.47 -46.96 -40.70
CA LYS K 54 38.29 -46.57 -41.84
C LYS K 54 38.89 -45.20 -41.57
N HIS K 55 38.18 -44.40 -40.81
CA HIS K 55 38.61 -43.04 -40.52
C HIS K 55 39.03 -42.95 -39.06
N LYS K 56 39.54 -44.06 -38.50
CA LYS K 56 40.12 -44.10 -37.15
C LYS K 56 40.97 -42.84 -36.93
N ASP K 57 41.74 -42.50 -37.98
CA ASP K 57 42.87 -41.57 -37.91
C ASP K 57 42.59 -40.28 -38.63
N ASN K 58 41.33 -40.08 -39.02
CA ASN K 58 40.92 -38.81 -39.61
C ASN K 58 39.89 -38.02 -38.77
N VAL K 59 38.82 -38.67 -38.34
CA VAL K 59 37.84 -38.00 -37.48
C VAL K 59 37.47 -38.84 -36.27
N LEU K 60 36.91 -38.20 -35.24
CA LEU K 60 36.31 -38.90 -34.12
C LEU K 60 34.81 -38.90 -34.32
N VAL K 61 34.19 -40.08 -34.27
CA VAL K 61 32.75 -40.18 -34.57
C VAL K 61 31.80 -40.47 -33.37
N ASP K 62 30.67 -39.75 -33.32
CA ASP K 62 29.64 -39.99 -32.32
C ASP K 62 28.31 -40.08 -33.01
N LEU K 63 27.50 -41.06 -32.63
CA LEU K 63 26.17 -41.19 -33.17
C LEU K 63 25.10 -41.19 -32.10
N TYR K 64 24.02 -40.48 -32.34
CA TYR K 64 23.00 -40.32 -31.31
C TYR K 64 21.62 -40.59 -31.89
N LEU K 65 20.74 -41.15 -31.04
CA LEU K 65 19.42 -41.60 -31.47
C LEU K 65 18.35 -40.64 -30.98
N THR K 66 17.69 -39.97 -31.93
CA THR K 66 16.61 -39.03 -31.66
C THR K 66 15.23 -39.48 -32.20
N ARG K 67 15.21 -40.50 -33.06
CA ARG K 67 13.94 -40.99 -33.55
C ARG K 67 12.99 -41.17 -32.40
N GLY K 68 11.82 -40.52 -32.48
CA GLY K 68 10.77 -40.68 -31.47
C GLY K 68 10.84 -39.60 -30.42
N LEU K 69 11.91 -38.82 -30.46
CA LEU K 69 12.00 -37.72 -29.58
C LEU K 69 12.15 -36.44 -30.34
N GLU K 70 12.26 -36.50 -31.67
CA GLU K 70 12.49 -35.28 -32.45
C GLU K 70 11.71 -35.26 -33.77
N THR K 71 11.02 -34.15 -34.07
CA THR K 71 10.38 -33.99 -35.37
C THR K 71 11.36 -34.03 -36.53
N ASN K 72 12.54 -33.42 -36.40
CA ASN K 72 13.37 -33.22 -37.58
C ASN K 72 14.66 -33.95 -37.70
N SER K 73 14.79 -35.04 -36.93
CA SER K 73 15.85 -36.01 -37.14
C SER K 73 15.48 -37.34 -36.47
N ASP K 74 16.07 -38.43 -36.97
CA ASP K 74 15.91 -39.75 -36.39
C ASP K 74 17.18 -40.08 -35.69
N PHE K 75 18.27 -39.49 -36.19
CA PHE K 75 19.56 -39.60 -35.56
C PHE K 75 20.40 -38.42 -35.96
N PHE K 76 21.56 -38.25 -35.31
CA PHE K 76 22.55 -37.24 -35.71
C PHE K 76 23.94 -37.62 -35.29
N PHE K 77 24.89 -37.09 -36.06
CA PHE K 77 26.30 -37.34 -35.86
C PHE K 77 26.94 -36.17 -35.16
N ARG K 78 28.02 -36.41 -34.42
CA ARG K 78 28.94 -35.35 -34.06
C ARG K 78 30.32 -35.81 -34.52
N ILE K 79 30.92 -35.01 -35.39
CA ILE K 79 32.23 -35.33 -35.96
C ILE K 79 33.26 -34.36 -35.44
N ASN K 80 34.36 -34.84 -34.91
CA ASN K 80 35.41 -33.93 -34.51
C ASN K 80 36.63 -34.11 -35.39
N ALA K 81 37.11 -33.03 -35.99
CA ALA K 81 38.30 -33.19 -36.83
C ALA K 81 39.36 -32.15 -36.53
N TYR K 82 40.60 -32.42 -36.95
CA TYR K 82 41.65 -31.38 -36.97
C TYR K 82 41.62 -30.57 -38.30
N ASP K 83 41.01 -31.17 -39.32
CA ASP K 83 41.00 -30.70 -40.70
C ASP K 83 39.55 -30.70 -41.20
N LEU K 84 38.87 -29.55 -41.27
CA LEU K 84 37.45 -29.55 -41.75
C LEU K 84 37.19 -30.44 -42.98
N ALA K 85 38.07 -30.38 -43.98
CA ALA K 85 37.94 -31.24 -45.17
C ALA K 85 37.75 -32.73 -44.81
N LYS K 86 38.50 -33.21 -43.83
CA LYS K 86 38.42 -34.61 -43.45
C LYS K 86 37.07 -34.96 -42.81
N ALA K 87 36.46 -34.00 -42.13
CA ALA K 87 35.07 -34.18 -41.65
C ALA K 87 34.11 -34.20 -42.84
N GLN K 88 34.31 -33.32 -43.83
CA GLN K 88 33.51 -33.34 -45.05
C GLN K 88 33.64 -34.70 -45.77
N THR K 89 34.88 -35.18 -45.97
CA THR K 89 35.13 -36.49 -46.58
C THR K 89 34.40 -37.59 -45.79
N PHE K 90 34.45 -37.52 -44.44
CA PHE K 90 33.81 -38.57 -43.67
C PHE K 90 32.33 -38.61 -43.94
N MET K 91 31.70 -37.44 -43.88
CA MET K 91 30.26 -37.30 -43.96
C MET K 91 29.73 -37.68 -45.30
N ARG K 92 30.42 -37.14 -46.29
CA ARG K 92 30.18 -37.40 -47.67
C ARG K 92 30.21 -38.90 -47.92
N GLU K 93 31.18 -39.60 -47.31
CA GLU K 93 31.28 -41.05 -47.44
C GLU K 93 30.19 -41.77 -46.63
N PHE K 94 29.68 -41.12 -45.58
CA PHE K 94 28.54 -41.71 -44.86
C PHE K 94 27.25 -41.66 -45.69
N ARG K 95 27.05 -40.60 -46.44
CA ARG K 95 25.81 -40.48 -47.19
C ARG K 95 25.74 -41.43 -48.38
N SER K 96 26.83 -42.17 -48.61
CA SER K 96 26.89 -43.20 -49.64
C SER K 96 26.61 -44.57 -49.05
N THR K 97 26.70 -44.65 -47.73
CA THR K 97 26.35 -45.83 -46.99
C THR K 97 24.86 -46.19 -47.21
N THR K 98 24.48 -47.43 -46.96
CA THR K 98 23.09 -47.84 -47.09
C THR K 98 22.05 -46.95 -46.34
N VAL K 99 22.23 -46.73 -45.04
CA VAL K 99 21.45 -45.72 -44.30
C VAL K 99 21.59 -44.33 -44.92
N GLY K 100 22.80 -43.98 -45.37
CA GLY K 100 23.03 -42.63 -45.91
C GLY K 100 22.25 -42.33 -47.17
N LYS K 101 22.16 -43.34 -48.03
CA LYS K 101 21.39 -43.30 -49.26
C LYS K 101 19.90 -43.20 -48.97
N ASN K 102 19.51 -43.40 -47.71
CA ASN K 102 18.10 -43.37 -47.31
C ASN K 102 17.71 -42.29 -46.32
N ALA K 103 18.60 -41.32 -46.10
CA ALA K 103 18.28 -40.25 -45.21
C ALA K 103 18.65 -38.90 -45.79
N ASP K 104 17.76 -37.94 -45.60
CA ASP K 104 18.01 -36.52 -45.88
C ASP K 104 18.61 -35.79 -44.67
N VAL K 105 19.51 -34.86 -44.96
CA VAL K 105 20.09 -33.98 -43.94
C VAL K 105 19.07 -32.92 -43.61
N PHE K 106 18.71 -32.79 -42.34
CA PHE K 106 17.77 -31.73 -41.95
C PHE K 106 18.41 -30.53 -41.22
N GLU K 107 19.61 -30.76 -40.67
CA GLU K 107 20.43 -29.71 -40.08
C GLU K 107 21.91 -30.03 -40.11
N THR K 108 22.72 -29.01 -40.39
CA THR K 108 24.17 -29.13 -40.23
C THR K 108 24.68 -27.95 -39.42
N LEU K 109 25.61 -28.16 -38.49
CA LEU K 109 26.23 -27.04 -37.80
C LEU K 109 27.73 -27.25 -37.68
N VAL K 110 28.48 -26.28 -38.21
CA VAL K 110 29.94 -26.34 -38.25
C VAL K 110 30.49 -25.31 -37.29
N GLY K 111 31.46 -25.70 -36.49
CA GLY K 111 32.06 -24.75 -35.54
C GLY K 111 33.43 -25.23 -35.13
N VAL K 112 34.17 -24.40 -34.42
CA VAL K 112 35.51 -24.83 -33.97
C VAL K 112 35.72 -24.57 -32.50
N THR K 113 36.48 -25.45 -31.87
CA THR K 113 36.99 -25.30 -30.51
C THR K 113 38.03 -24.17 -30.37
N LYS K 114 37.88 -23.31 -29.37
CA LYS K 114 38.83 -22.18 -29.17
C LYS K 114 39.26 -22.11 -27.73
N PRO K 115 40.37 -21.39 -27.43
CA PRO K 115 40.77 -21.20 -26.01
C PRO K 115 39.73 -20.34 -25.30
N LEU K 116 39.72 -20.36 -23.97
CA LEU K 116 38.78 -19.54 -23.20
C LEU K 116 38.92 -18.04 -23.50
N ASN K 117 37.79 -17.37 -23.69
CA ASN K 117 37.79 -15.95 -24.00
C ASN K 117 37.49 -15.22 -22.72
N TYR K 118 36.67 -15.82 -21.86
CA TYR K 118 36.27 -15.14 -20.63
C TYR K 118 36.74 -15.75 -19.29
N ILE K 119 36.38 -16.99 -19.01
CA ILE K 119 36.57 -17.53 -17.67
C ILE K 119 37.89 -18.27 -17.69
N SER K 120 38.95 -17.49 -17.98
CA SER K 120 40.35 -17.99 -18.06
C SER K 120 41.09 -17.69 -16.78
N LYS K 121 42.23 -18.35 -16.62
CA LYS K 121 43.09 -18.19 -15.45
C LYS K 121 43.46 -16.71 -15.14
N ASP K 122 43.72 -15.93 -16.18
CA ASP K 122 44.08 -14.51 -16.06
C ASP K 122 42.93 -13.57 -15.77
N LYS K 123 41.85 -13.69 -16.52
CA LYS K 123 40.77 -12.75 -16.45
C LYS K 123 39.82 -13.04 -15.29
N SER K 124 39.57 -14.31 -15.00
CA SER K 124 38.57 -14.66 -14.02
C SER K 124 39.01 -15.82 -13.14
N PRO K 125 40.07 -15.61 -12.35
CA PRO K 125 40.80 -16.67 -11.64
C PRO K 125 39.96 -17.64 -10.76
N GLY K 126 39.08 -17.13 -9.91
CA GLY K 126 38.32 -17.98 -8.99
C GLY K 126 37.29 -18.85 -9.69
N LEU K 127 36.53 -18.25 -10.60
CA LEU K 127 35.53 -18.97 -11.37
C LEU K 127 36.21 -20.00 -12.25
N ASN K 128 37.33 -19.64 -12.86
CA ASN K 128 38.16 -20.60 -13.61
C ASN K 128 38.56 -21.82 -12.77
N ALA K 129 39.02 -21.59 -11.54
CA ALA K 129 39.40 -22.65 -10.60
C ALA K 129 38.23 -23.59 -10.32
N GLY K 130 37.05 -23.02 -10.08
CA GLY K 130 35.86 -23.84 -9.92
C GLY K 130 35.64 -24.73 -11.12
N LEU K 131 35.80 -24.15 -12.32
CA LEU K 131 35.59 -24.82 -13.61
C LEU K 131 36.55 -25.97 -13.89
N SER K 132 37.85 -25.64 -13.97
CA SER K 132 38.90 -26.59 -14.40
C SER K 132 39.04 -27.82 -13.48
N SER K 133 38.72 -27.61 -12.19
CA SER K 133 38.78 -28.64 -11.16
C SER K 133 37.38 -29.16 -10.77
N ALA K 134 36.54 -29.42 -11.74
CA ALA K 134 35.22 -29.95 -11.44
C ALA K 134 35.15 -31.29 -12.12
N THR K 135 34.26 -32.10 -11.61
CA THR K 135 34.29 -33.49 -11.93
C THR K 135 32.84 -34.01 -11.97
N TYR K 136 32.48 -34.62 -13.09
CA TYR K 136 31.17 -35.25 -13.22
C TYR K 136 31.03 -36.42 -12.22
N SER K 137 29.96 -36.43 -11.45
CA SER K 137 29.60 -37.61 -10.68
C SER K 137 28.22 -38.08 -11.05
N GLY K 138 28.07 -39.36 -11.29
CA GLY K 138 26.73 -39.82 -11.53
C GLY K 138 26.68 -40.91 -12.53
N PRO K 139 25.45 -41.33 -12.87
CA PRO K 139 25.36 -42.44 -13.79
C PRO K 139 25.96 -42.10 -15.17
N ALA K 140 26.22 -43.12 -15.98
CA ALA K 140 26.48 -42.90 -17.41
C ALA K 140 25.35 -42.07 -18.02
N PRO K 141 25.70 -40.88 -18.56
CA PRO K 141 24.70 -40.00 -19.16
C PRO K 141 23.93 -40.72 -20.28
N ARG K 142 22.62 -40.77 -20.13
CA ARG K 142 21.80 -41.38 -21.13
C ARG K 142 21.42 -40.43 -22.26
N TYR K 143 21.55 -39.14 -22.00
CA TYR K 143 20.93 -38.14 -22.84
C TYR K 143 21.92 -37.10 -23.36
N VAL K 144 21.87 -36.86 -24.68
CA VAL K 144 22.55 -35.73 -25.33
C VAL K 144 21.61 -34.54 -25.62
N ILE K 145 22.14 -33.32 -25.44
CA ILE K 145 21.49 -32.08 -25.88
C ILE K 145 22.49 -31.27 -26.72
N VAL K 146 22.01 -30.72 -27.84
CA VAL K 146 22.82 -29.89 -28.70
C VAL K 146 21.95 -28.68 -28.95
N ILE K 147 22.49 -27.48 -28.73
CA ILE K 147 21.72 -26.24 -28.80
C ILE K 147 22.59 -25.22 -29.52
N PRO K 148 22.21 -24.84 -30.73
CA PRO K 148 22.93 -23.72 -31.32
C PRO K 148 22.55 -22.39 -30.66
N VAL K 149 23.55 -21.52 -30.43
CA VAL K 149 23.32 -20.19 -29.86
C VAL K 149 23.89 -19.05 -30.78
N LYS K 150 23.08 -18.04 -31.04
CA LYS K 150 23.50 -16.81 -31.69
C LYS K 150 23.10 -15.67 -30.80
N LYS K 151 23.96 -14.65 -30.74
CA LYS K 151 23.69 -13.42 -29.96
C LYS K 151 23.64 -12.20 -30.91
N ASN K 152 22.85 -11.19 -30.57
CA ASN K 152 22.71 -10.03 -31.45
C ASN K 152 23.89 -9.00 -31.47
N ALA K 153 23.77 -7.98 -32.32
CA ALA K 153 24.82 -7.02 -32.49
C ALA K 153 25.09 -6.31 -31.19
N GLU K 154 24.03 -6.11 -30.42
CA GLU K 154 24.12 -5.36 -29.17
C GLU K 154 25.15 -5.98 -28.26
N TRP K 155 25.09 -7.32 -28.17
CA TRP K 155 26.02 -8.10 -27.40
C TRP K 155 27.45 -7.84 -27.85
N TRP K 156 27.67 -7.96 -29.16
CA TRP K 156 29.00 -7.91 -29.70
C TRP K 156 29.60 -6.50 -29.67
N ASN K 157 28.73 -5.50 -29.70
CA ASN K 157 29.13 -4.12 -29.45
C ASN K 157 29.41 -3.72 -27.99
N MET K 158 29.00 -4.51 -27.02
CA MET K 158 29.47 -4.28 -25.64
C MET K 158 31.00 -4.46 -25.55
N SER K 159 31.62 -3.79 -24.58
CA SER K 159 33.06 -3.90 -24.41
C SER K 159 33.43 -5.31 -23.94
N PRO K 160 34.70 -5.72 -24.12
CA PRO K 160 35.23 -6.92 -23.49
C PRO K 160 34.91 -6.93 -22.00
N GLU K 161 35.11 -5.79 -21.32
CA GLU K 161 34.80 -5.64 -19.89
C GLU K 161 33.33 -5.96 -19.56
N GLU K 162 32.39 -5.37 -20.29
CA GLU K 162 30.98 -5.61 -20.02
C GLU K 162 30.60 -7.06 -20.29
N ARG K 163 31.13 -7.63 -21.37
CA ARG K 163 30.83 -9.02 -21.75
C ARG K 163 31.37 -10.00 -20.73
N LEU K 164 32.61 -9.80 -20.30
CA LEU K 164 33.18 -10.62 -19.23
C LEU K 164 32.26 -10.64 -18.01
N LYS K 165 31.85 -9.45 -17.55
CA LYS K 165 30.99 -9.37 -16.38
C LYS K 165 29.79 -10.31 -16.54
N GLU K 166 29.19 -10.31 -17.73
CA GLU K 166 28.00 -11.10 -17.99
C GLU K 166 28.29 -12.60 -18.04
N MET K 167 29.47 -12.97 -18.54
CA MET K 167 29.86 -14.37 -18.62
C MET K 167 30.22 -14.94 -17.26
N GLU K 168 30.78 -14.11 -16.40
CA GLU K 168 30.92 -14.47 -15.02
C GLU K 168 29.56 -14.76 -14.40
N VAL K 169 28.56 -13.95 -14.70
CA VAL K 169 27.22 -14.21 -14.20
C VAL K 169 26.73 -15.57 -14.70
N HIS K 170 27.07 -15.90 -15.96
CA HIS K 170 26.74 -17.17 -16.67
C HIS K 170 27.29 -18.35 -15.93
N THR K 171 28.53 -18.18 -15.48
CA THR K 171 29.31 -19.21 -14.81
C THR K 171 28.88 -19.39 -13.36
N THR K 172 28.39 -18.34 -12.73
CA THR K 172 28.07 -18.40 -11.29
C THR K 172 27.10 -19.51 -10.88
N PRO K 173 25.89 -19.54 -11.48
CA PRO K 173 24.95 -20.55 -10.97
C PRO K 173 25.03 -21.93 -11.69
N THR K 174 25.97 -22.06 -12.67
CA THR K 174 26.01 -23.24 -13.55
C THR K 174 27.15 -24.19 -13.20
N LEU K 175 28.11 -23.68 -12.45
CA LEU K 175 29.22 -24.50 -11.95
C LEU K 175 28.80 -25.72 -11.14
N ALA K 176 27.73 -25.54 -10.35
CA ALA K 176 27.16 -26.62 -9.52
C ALA K 176 26.65 -27.76 -10.36
N TYR K 177 26.22 -27.46 -11.60
CA TYR K 177 25.60 -28.45 -12.50
C TYR K 177 26.63 -29.37 -13.15
N LEU K 178 27.91 -29.07 -12.93
CA LEU K 178 29.01 -29.89 -13.43
C LEU K 178 29.13 -31.28 -12.81
N VAL K 179 28.48 -31.54 -11.68
CA VAL K 179 28.44 -32.94 -11.21
C VAL K 179 27.38 -33.73 -12.02
N ASN K 180 26.51 -32.99 -12.70
CA ASN K 180 25.29 -33.52 -13.24
C ASN K 180 25.36 -33.71 -14.73
N VAL K 181 26.11 -32.77 -15.32
CA VAL K 181 26.02 -32.37 -16.70
C VAL K 181 27.47 -32.23 -17.22
N LYS K 182 27.66 -32.60 -18.48
CA LYS K 182 28.93 -32.48 -19.14
C LYS K 182 28.76 -31.52 -20.27
N ARG K 183 29.74 -30.65 -20.50
CA ARG K 183 29.55 -29.59 -21.50
C ARG K 183 30.64 -29.41 -22.52
N LYS K 184 30.23 -29.09 -23.76
CA LYS K 184 31.22 -28.67 -24.77
C LYS K 184 30.78 -27.48 -25.64
N LEU K 185 31.74 -26.60 -25.89
CA LEU K 185 31.52 -25.36 -26.60
C LEU K 185 32.34 -25.26 -27.91
N TYR K 186 31.65 -25.04 -29.02
CA TYR K 186 32.28 -24.83 -30.32
C TYR K 186 31.91 -23.42 -30.77
N HIS K 187 32.75 -22.81 -31.59
CA HIS K 187 32.51 -21.46 -32.11
C HIS K 187 32.27 -21.46 -33.59
N SER K 188 31.26 -20.68 -33.99
CA SER K 188 30.78 -20.75 -35.35
C SER K 188 30.69 -19.48 -36.17
N THR K 189 30.63 -18.30 -35.54
CA THR K 189 30.44 -17.01 -36.26
C THR K 189 31.28 -16.87 -37.54
N GLY K 190 30.58 -16.66 -38.66
CA GLY K 190 31.17 -16.62 -39.99
C GLY K 190 31.39 -17.97 -40.66
N LEU K 191 31.42 -19.04 -39.88
CA LEU K 191 31.62 -20.39 -40.41
C LEU K 191 30.24 -21.01 -40.67
N ASP K 192 29.25 -20.66 -39.86
CA ASP K 192 27.87 -21.09 -40.08
C ASP K 192 26.89 -20.05 -39.48
N ASP K 193 25.59 -20.33 -39.62
CA ASP K 193 24.51 -19.43 -39.16
C ASP K 193 24.22 -19.62 -37.69
N THR K 194 25.29 -19.71 -36.93
CA THR K 194 25.22 -19.56 -35.50
C THR K 194 26.51 -18.92 -34.98
N ASP K 195 26.43 -18.33 -33.80
CA ASP K 195 27.56 -17.86 -33.01
C ASP K 195 28.29 -19.03 -32.30
N PHE K 196 27.53 -19.97 -31.72
CA PHE K 196 28.12 -21.12 -31.02
C PHE K 196 27.34 -22.37 -31.23
N ILE K 197 28.02 -23.49 -30.98
CA ILE K 197 27.36 -24.79 -30.81
C ILE K 197 27.60 -25.31 -29.41
N THR K 198 26.55 -25.58 -28.67
CA THR K 198 26.75 -26.06 -27.32
C THR K 198 26.32 -27.52 -27.25
N TYR K 199 27.08 -28.32 -26.51
CA TYR K 199 26.92 -29.74 -26.53
C TYR K 199 26.84 -30.26 -25.09
N PHE K 200 25.81 -31.06 -24.78
CA PHE K 200 25.58 -31.53 -23.39
C PHE K 200 25.28 -32.99 -23.21
N GLU K 201 25.80 -33.56 -22.13
CA GLU K 201 25.52 -34.95 -21.82
C GLU K 201 25.03 -34.99 -20.39
N THR K 202 23.91 -35.67 -20.14
CA THR K 202 23.40 -35.73 -18.77
C THR K 202 22.50 -36.94 -18.57
N ASP K 203 22.31 -37.36 -17.32
CA ASP K 203 21.31 -38.37 -17.00
C ASP K 203 20.06 -37.74 -16.38
N ASP K 204 20.24 -36.57 -15.79
CA ASP K 204 19.16 -35.93 -15.08
C ASP K 204 18.50 -34.77 -15.85
N LEU K 205 17.38 -35.06 -16.51
CA LEU K 205 16.77 -34.07 -17.37
C LEU K 205 16.08 -32.92 -16.58
N THR K 206 15.46 -33.26 -15.44
CA THR K 206 14.93 -32.27 -14.50
C THR K 206 16.05 -31.32 -14.13
N ALA K 207 17.23 -31.86 -13.85
CA ALA K 207 18.36 -30.99 -13.58
C ALA K 207 18.69 -30.09 -14.77
N PHE K 208 18.58 -30.63 -16.00
CA PHE K 208 19.06 -29.85 -17.11
C PHE K 208 18.06 -28.74 -17.33
N ASN K 209 16.79 -29.04 -17.05
CA ASN K 209 15.76 -28.05 -17.17
C ASN K 209 16.13 -26.91 -16.23
N ASN K 210 16.37 -27.23 -14.96
CA ASN K 210 16.78 -26.22 -13.97
C ASN K 210 18.00 -25.39 -14.34
N LEU K 211 19.02 -26.06 -14.84
CA LEU K 211 20.15 -25.39 -15.46
C LEU K 211 19.78 -24.39 -16.62
N MET K 212 18.98 -24.78 -17.60
CA MET K 212 18.56 -23.81 -18.60
C MET K 212 17.77 -22.72 -17.94
N LEU K 213 16.88 -23.06 -17.01
CA LEU K 213 16.04 -22.01 -16.40
C LEU K 213 16.91 -20.99 -15.65
N SER K 214 17.94 -21.48 -14.94
CA SER K 214 19.06 -20.67 -14.42
C SER K 214 19.61 -19.60 -15.38
N LEU K 215 19.91 -20.01 -16.61
CA LEU K 215 20.59 -19.17 -17.54
C LEU K 215 19.60 -18.24 -18.21
N ALA K 216 18.34 -18.69 -18.34
CA ALA K 216 17.27 -17.89 -18.95
C ALA K 216 17.09 -16.61 -18.15
N GLN K 217 17.41 -16.72 -16.87
CA GLN K 217 17.12 -15.73 -15.86
C GLN K 217 18.20 -14.73 -15.65
N VAL K 218 19.24 -14.77 -16.49
CA VAL K 218 20.31 -13.80 -16.36
C VAL K 218 20.39 -12.90 -17.59
N LYS K 219 20.98 -11.72 -17.38
CA LYS K 219 21.04 -10.67 -18.41
C LYS K 219 21.53 -11.15 -19.77
N GLU K 220 22.46 -12.12 -19.78
CA GLU K 220 23.04 -12.59 -21.05
C GLU K 220 21.95 -13.07 -22.00
N ASN K 221 20.96 -13.78 -21.48
CA ASN K 221 19.83 -14.26 -22.29
C ASN K 221 19.10 -13.15 -23.05
N LYS K 222 19.24 -11.90 -22.64
CA LYS K 222 18.54 -10.81 -23.29
C LYS K 222 19.01 -10.58 -24.72
N PHE K 223 20.17 -11.14 -25.07
CA PHE K 223 20.85 -10.83 -26.31
C PHE K 223 20.77 -11.95 -27.31
N HIS K 224 20.32 -13.11 -26.86
CA HIS K 224 20.01 -14.25 -27.73
C HIS K 224 18.95 -13.97 -28.83
N VAL K 225 19.33 -14.25 -30.06
CA VAL K 225 18.38 -14.29 -31.17
C VAL K 225 18.25 -15.72 -31.71
N ARG K 226 19.16 -16.60 -31.25
CA ARG K 226 19.01 -18.06 -31.40
C ARG K 226 19.49 -18.79 -30.15
N TRP K 227 18.62 -19.58 -29.56
CA TRP K 227 18.92 -20.30 -28.34
C TRP K 227 18.24 -21.66 -28.51
N GLY K 228 18.66 -22.42 -29.51
CA GLY K 228 17.92 -23.59 -29.95
C GLY K 228 17.48 -23.48 -31.41
N SER K 229 16.24 -23.87 -31.67
CA SER K 229 15.69 -23.90 -33.02
C SER K 229 16.65 -24.55 -34.00
N PRO K 230 16.88 -25.88 -33.88
CA PRO K 230 16.29 -26.78 -32.92
C PRO K 230 17.13 -27.00 -31.69
N THR K 231 16.48 -27.12 -30.53
CA THR K 231 17.05 -27.77 -29.36
C THR K 231 16.97 -29.27 -29.63
N THR K 232 18.10 -29.93 -29.77
CA THR K 232 18.03 -31.35 -30.14
C THR K 232 18.38 -32.21 -28.94
N LEU K 233 17.43 -33.05 -28.51
CA LEU K 233 17.61 -33.89 -27.31
C LEU K 233 17.32 -35.30 -27.69
N GLY K 234 18.35 -36.13 -27.62
CA GLY K 234 18.19 -37.52 -27.91
C GLY K 234 19.06 -38.31 -26.96
N THR K 235 19.43 -39.50 -27.42
CA THR K 235 19.81 -40.57 -26.52
C THR K 235 21.14 -41.25 -26.93
N ILE K 236 22.01 -41.44 -25.96
CA ILE K 236 23.40 -41.85 -26.19
C ILE K 236 23.60 -43.35 -26.27
N HIS K 237 24.24 -43.80 -27.34
CA HIS K 237 24.55 -45.19 -27.52
C HIS K 237 25.78 -45.26 -28.37
N SER K 238 26.38 -46.45 -28.44
CA SER K 238 27.43 -46.73 -29.40
C SER K 238 26.90 -46.50 -30.83
N PRO K 239 27.79 -46.17 -31.79
CA PRO K 239 27.30 -45.94 -33.14
C PRO K 239 26.55 -47.17 -33.73
N GLU K 240 27.03 -48.38 -33.48
CA GLU K 240 26.32 -49.55 -33.97
C GLU K 240 24.93 -49.74 -33.34
N ASP K 241 24.78 -49.53 -32.04
CA ASP K 241 23.48 -49.74 -31.43
C ASP K 241 22.40 -48.78 -31.91
N VAL K 242 22.83 -47.59 -32.36
CA VAL K 242 21.95 -46.58 -32.97
C VAL K 242 21.38 -47.05 -34.32
N ILE K 243 22.25 -47.48 -35.24
CA ILE K 243 21.80 -47.90 -36.56
C ILE K 243 20.97 -49.16 -36.43
N LYS K 244 21.35 -50.04 -35.51
CA LYS K 244 20.55 -51.23 -35.21
C LYS K 244 19.13 -50.80 -34.85
N ALA K 245 19.04 -49.75 -34.06
CA ALA K 245 17.73 -49.27 -33.58
C ALA K 245 16.94 -48.57 -34.68
N LEU K 246 17.61 -48.06 -35.71
CA LEU K 246 16.91 -47.55 -36.88
C LEU K 246 16.39 -48.68 -37.77
N ALA K 247 16.96 -49.88 -37.59
CA ALA K 247 16.67 -51.05 -38.41
C ALA K 247 15.20 -51.48 -38.42
N ASP K 248 14.62 -51.84 -37.29
CA ASP K 248 13.19 -52.24 -37.31
C ASP K 248 12.23 -51.06 -37.08
N LYS L 8 4.79 -51.07 -12.47
CA LYS L 8 3.34 -50.72 -12.68
C LYS L 8 3.09 -49.20 -12.81
N ILE L 9 2.23 -48.83 -13.76
CA ILE L 9 1.89 -47.43 -14.03
C ILE L 9 0.39 -47.17 -13.89
N GLU L 10 0.02 -46.33 -12.93
CA GLU L 10 -1.40 -46.08 -12.68
C GLU L 10 -1.85 -44.73 -13.18
N ARG L 11 -2.92 -44.72 -13.98
CA ARG L 11 -3.32 -43.51 -14.67
C ARG L 11 -3.50 -42.37 -13.68
N GLY L 12 -4.29 -42.62 -12.63
CA GLY L 12 -4.56 -41.63 -11.61
C GLY L 12 -3.33 -41.09 -10.91
N THR L 13 -2.29 -41.92 -10.83
CA THR L 13 -1.14 -41.58 -10.04
C THR L 13 -0.15 -40.73 -10.86
N ILE L 14 0.17 -41.22 -12.05
CA ILE L 14 1.20 -40.61 -12.91
C ILE L 14 0.85 -39.18 -13.43
N LEU L 15 -0.46 -38.90 -13.53
CA LEU L 15 -0.94 -37.60 -14.01
C LEU L 15 -1.01 -36.57 -12.92
N THR L 16 -0.66 -36.99 -11.71
CA THR L 16 -0.82 -36.24 -10.48
C THR L 16 0.53 -35.87 -9.81
N GLN L 17 1.61 -36.36 -10.40
CA GLN L 17 2.92 -36.39 -9.75
C GLN L 17 4.02 -35.63 -10.45
N PRO L 18 5.08 -35.27 -9.69
CA PRO L 18 6.26 -34.59 -10.19
C PRO L 18 7.26 -35.52 -10.83
N GLY L 19 8.11 -34.94 -11.67
CA GLY L 19 9.16 -35.69 -12.34
C GLY L 19 8.65 -36.66 -13.39
N VAL L 20 7.48 -36.38 -13.97
CA VAL L 20 6.91 -37.23 -15.02
C VAL L 20 7.16 -36.57 -16.37
N PHE L 21 7.66 -37.33 -17.32
CA PHE L 21 7.91 -36.76 -18.64
C PHE L 21 6.69 -36.94 -19.51
N GLY L 22 6.36 -35.87 -20.25
CA GLY L 22 5.31 -35.89 -21.27
C GLY L 22 5.96 -35.74 -22.64
N VAL L 23 5.69 -36.70 -23.53
CA VAL L 23 6.11 -36.57 -24.94
C VAL L 23 4.89 -36.42 -25.85
N PHE L 24 4.70 -35.19 -26.35
CA PHE L 24 3.62 -34.93 -27.28
C PHE L 24 4.12 -35.05 -28.73
N THR L 25 3.40 -35.84 -29.54
CA THR L 25 3.82 -36.11 -30.90
C THR L 25 2.64 -36.13 -31.86
N MET L 26 2.75 -35.25 -32.85
CA MET L 26 1.72 -34.95 -33.86
C MET L 26 2.09 -35.59 -35.20
N PHE L 27 1.19 -36.46 -35.66
CA PHE L 27 1.47 -37.22 -36.85
C PHE L 27 0.55 -36.78 -37.95
N LYS L 28 1.05 -36.78 -39.20
CA LYS L 28 0.22 -36.58 -40.40
C LYS L 28 0.34 -37.72 -41.40
N LEU L 29 -0.74 -38.44 -41.62
CA LEU L 29 -0.78 -39.59 -42.54
C LEU L 29 -0.38 -39.26 -44.00
N ARG L 30 0.55 -40.00 -44.57
CA ARG L 30 0.89 -39.77 -45.97
C ARG L 30 -0.26 -40.26 -46.85
N PRO L 31 -0.33 -39.78 -48.11
CA PRO L 31 -1.44 -40.15 -48.99
C PRO L 31 -1.41 -41.60 -49.40
N ASP L 32 -0.24 -42.22 -49.47
CA ASP L 32 -0.15 -43.65 -49.84
C ASP L 32 -0.70 -44.59 -48.73
N TRP L 33 -1.19 -43.98 -47.66
CA TRP L 33 -2.01 -44.67 -46.67
C TRP L 33 -3.37 -45.07 -47.25
N ASN L 34 -3.94 -44.25 -48.13
CA ASN L 34 -5.25 -44.57 -48.73
C ASN L 34 -5.10 -45.79 -49.64
N LYS L 35 -3.87 -46.26 -49.80
CA LYS L 35 -3.56 -47.33 -50.74
C LYS L 35 -2.97 -48.58 -50.08
N VAL L 36 -2.83 -48.54 -48.76
CA VAL L 36 -2.67 -49.78 -48.01
C VAL L 36 -3.97 -50.59 -48.14
N PRO L 37 -3.88 -51.93 -48.25
CA PRO L 37 -5.13 -52.71 -48.33
C PRO L 37 -6.08 -52.48 -47.15
N VAL L 38 -7.29 -51.98 -47.44
CA VAL L 38 -8.46 -52.16 -46.56
C VAL L 38 -8.40 -53.63 -46.17
N ALA L 39 -8.23 -53.90 -44.87
CA ALA L 39 -7.98 -55.26 -44.28
C ALA L 39 -6.67 -55.30 -43.49
N GLU L 40 -5.64 -54.67 -44.05
CA GLU L 40 -4.37 -54.44 -43.36
C GLU L 40 -4.42 -53.05 -42.72
N ARG L 41 -5.18 -52.18 -43.34
CA ARG L 41 -5.62 -50.95 -42.70
C ARG L 41 -6.59 -51.26 -41.55
N LYS L 42 -7.57 -52.15 -41.80
CA LYS L 42 -8.59 -52.41 -40.78
C LYS L 42 -8.09 -53.14 -39.54
N GLY L 43 -6.87 -53.63 -39.61
CA GLY L 43 -6.17 -54.22 -38.48
C GLY L 43 -5.02 -53.38 -37.95
N ALA L 44 -5.01 -52.09 -38.27
CA ALA L 44 -4.00 -51.21 -37.70
C ALA L 44 -4.34 -50.83 -36.26
N ALA L 45 -5.64 -50.68 -35.99
CA ALA L 45 -6.15 -50.28 -34.69
C ALA L 45 -5.85 -51.32 -33.62
N GLU L 46 -5.99 -52.59 -33.98
CA GLU L 46 -5.74 -53.67 -33.05
C GLU L 46 -4.24 -53.76 -32.74
N GLU L 47 -3.42 -53.33 -33.70
CA GLU L 47 -1.98 -53.41 -33.57
C GLU L 47 -1.47 -52.37 -32.59
N VAL L 48 -2.06 -51.18 -32.68
CA VAL L 48 -1.74 -50.11 -31.78
C VAL L 48 -2.15 -50.52 -30.37
N LYS L 49 -3.40 -51.01 -30.23
CA LYS L 49 -3.94 -51.45 -28.94
C LYS L 49 -3.02 -52.48 -28.27
N LYS L 50 -2.51 -53.43 -29.07
CA LYS L 50 -1.57 -54.46 -28.59
C LYS L 50 -0.24 -53.84 -28.16
N LEU L 51 0.24 -52.87 -28.94
CA LEU L 51 1.42 -52.09 -28.57
C LEU L 51 1.29 -51.42 -27.21
N ILE L 52 0.20 -50.68 -26.98
CA ILE L 52 -0.07 -50.06 -25.66
C ILE L 52 -0.09 -51.06 -24.51
N GLU L 53 -0.84 -52.16 -24.64
CA GLU L 53 -0.77 -53.22 -23.63
C GLU L 53 0.64 -53.75 -23.35
N LYS L 54 1.51 -53.77 -24.37
CA LYS L 54 2.88 -54.24 -24.19
C LYS L 54 3.64 -53.34 -23.24
N HIS L 55 3.46 -52.06 -23.45
CA HIS L 55 4.10 -51.04 -22.64
C HIS L 55 3.22 -50.62 -21.44
N LYS L 56 2.42 -51.55 -20.91
CA LYS L 56 1.53 -51.29 -19.75
C LYS L 56 2.29 -50.67 -18.59
N ASP L 57 3.53 -51.10 -18.39
CA ASP L 57 4.31 -50.74 -17.22
C ASP L 57 5.50 -49.83 -17.53
N ASN L 58 5.51 -49.28 -18.74
CA ASN L 58 6.57 -48.39 -19.20
C ASN L 58 6.15 -46.90 -19.36
N VAL L 59 4.95 -46.73 -19.93
CA VAL L 59 4.47 -45.44 -20.32
C VAL L 59 2.96 -45.45 -20.19
N LEU L 60 2.35 -44.27 -20.04
CA LEU L 60 0.93 -44.10 -20.12
C LEU L 60 0.63 -43.45 -21.45
N VAL L 61 -0.26 -44.07 -22.25
CA VAL L 61 -0.58 -43.59 -23.60
C VAL L 61 -1.94 -42.91 -23.77
N ASP L 62 -1.97 -41.77 -24.45
CA ASP L 62 -3.22 -41.13 -24.86
C ASP L 62 -3.12 -40.84 -26.34
N LEU L 63 -4.24 -41.01 -27.05
CA LEU L 63 -4.32 -40.73 -28.46
C LEU L 63 -5.56 -39.83 -28.72
N TYR L 64 -5.43 -38.81 -29.58
CA TYR L 64 -6.47 -37.82 -29.88
C TYR L 64 -6.63 -37.64 -31.38
N LEU L 65 -7.85 -37.36 -31.83
CA LEU L 65 -8.08 -37.28 -33.27
C LEU L 65 -8.16 -35.83 -33.77
N THR L 66 -7.28 -35.46 -34.69
CA THR L 66 -7.29 -34.08 -35.15
C THR L 66 -7.61 -33.91 -36.63
N ARG L 67 -7.72 -35.01 -37.38
CA ARG L 67 -8.00 -34.93 -38.81
C ARG L 67 -9.29 -34.17 -38.99
N GLY L 68 -9.33 -33.28 -39.98
CA GLY L 68 -10.52 -32.49 -40.23
C GLY L 68 -10.53 -31.25 -39.35
N LEU L 69 -9.61 -31.17 -38.40
CA LEU L 69 -9.54 -29.97 -37.60
C LEU L 69 -8.20 -29.29 -37.61
N GLU L 70 -7.18 -29.91 -38.20
CA GLU L 70 -5.81 -29.38 -38.16
C GLU L 70 -5.07 -29.56 -39.48
N THR L 71 -4.32 -28.55 -39.88
CA THR L 71 -3.53 -28.64 -41.08
C THR L 71 -2.40 -29.66 -40.94
N ASN L 72 -1.71 -29.65 -39.80
CA ASN L 72 -0.44 -30.35 -39.66
C ASN L 72 -0.43 -31.60 -38.78
N SER L 73 -1.61 -32.17 -38.60
CA SER L 73 -1.80 -33.46 -37.94
C SER L 73 -3.14 -34.12 -38.30
N ASP L 74 -3.13 -35.45 -38.28
CA ASP L 74 -4.37 -36.21 -38.33
C ASP L 74 -4.71 -36.73 -36.93
N PHE L 75 -3.68 -36.95 -36.12
CA PHE L 75 -3.84 -37.46 -34.76
C PHE L 75 -2.61 -37.11 -33.98
N PHE L 76 -2.67 -37.13 -32.64
CA PHE L 76 -1.43 -36.96 -31.87
C PHE L 76 -1.40 -37.80 -30.58
N PHE L 77 -0.19 -38.13 -30.10
CA PHE L 77 -0.04 -38.96 -28.90
C PHE L 77 0.33 -38.08 -27.73
N ARG L 78 -0.16 -38.41 -26.53
CA ARG L 78 0.45 -37.90 -25.29
C ARG L 78 0.94 -39.06 -24.45
N ILE L 79 2.26 -39.16 -24.36
CA ILE L 79 2.92 -40.15 -23.55
C ILE L 79 3.41 -39.48 -22.27
N ASN L 80 3.21 -40.18 -21.15
CA ASN L 80 3.71 -39.80 -19.83
C ASN L 80 4.56 -40.93 -19.32
N ALA L 81 5.76 -40.62 -18.87
CA ALA L 81 6.70 -41.66 -18.46
C ALA L 81 7.52 -41.21 -17.27
N TYR L 82 7.96 -42.12 -16.41
CA TYR L 82 8.93 -41.76 -15.36
C TYR L 82 10.35 -41.65 -15.92
N ASP L 83 10.55 -42.27 -17.08
CA ASP L 83 11.84 -42.37 -17.69
C ASP L 83 11.75 -41.93 -19.15
N LEU L 84 12.34 -40.79 -19.52
CA LEU L 84 12.10 -40.28 -20.89
C LEU L 84 12.52 -41.30 -21.94
N ALA L 85 13.54 -42.10 -21.62
CA ALA L 85 14.07 -43.06 -22.58
C ALA L 85 12.99 -44.04 -22.98
N LYS L 86 12.08 -44.35 -22.08
CA LYS L 86 11.01 -45.30 -22.36
C LYS L 86 9.91 -44.71 -23.25
N ALA L 87 9.65 -43.40 -23.11
CA ALA L 87 8.75 -42.71 -24.02
C ALA L 87 9.33 -42.76 -25.41
N GLN L 88 10.63 -42.55 -25.55
CA GLN L 88 11.29 -42.80 -26.83
C GLN L 88 11.02 -44.22 -27.39
N THR L 89 11.24 -45.25 -26.57
CA THR L 89 11.11 -46.62 -27.03
C THR L 89 9.69 -46.85 -27.51
N PHE L 90 8.70 -46.40 -26.73
CA PHE L 90 7.30 -46.58 -27.15
C PHE L 90 7.09 -45.90 -28.48
N MET L 91 7.41 -44.61 -28.58
CA MET L 91 7.23 -43.89 -29.83
C MET L 91 7.91 -44.56 -31.02
N ARG L 92 9.16 -44.98 -30.84
CA ARG L 92 9.92 -45.59 -31.88
C ARG L 92 9.22 -46.86 -32.39
N GLU L 93 8.62 -47.60 -31.46
CA GLU L 93 7.87 -48.83 -31.79
C GLU L 93 6.55 -48.49 -32.42
N PHE L 94 5.91 -47.42 -31.99
CA PHE L 94 4.75 -46.98 -32.73
C PHE L 94 5.04 -46.70 -34.19
N ARG L 95 6.17 -46.07 -34.45
CA ARG L 95 6.50 -45.71 -35.81
C ARG L 95 6.87 -46.92 -36.69
N SER L 96 6.99 -48.10 -36.06
CA SER L 96 7.15 -49.35 -36.79
C SER L 96 5.80 -49.98 -37.05
N THR L 97 4.77 -49.44 -36.41
CA THR L 97 3.40 -49.93 -36.54
C THR L 97 2.86 -49.82 -38.01
N THR L 98 1.74 -50.45 -38.35
CA THR L 98 1.23 -50.23 -39.72
C THR L 98 0.92 -48.76 -40.00
N VAL L 99 0.26 -48.10 -39.05
CA VAL L 99 -0.06 -46.68 -39.19
C VAL L 99 1.20 -45.84 -39.05
N GLY L 100 2.14 -46.33 -38.24
CA GLY L 100 3.39 -45.64 -38.02
C GLY L 100 4.15 -45.55 -39.31
N LYS L 101 4.12 -46.62 -40.08
CA LYS L 101 4.84 -46.68 -41.34
C LYS L 101 4.27 -45.73 -42.41
N ASN L 102 3.05 -45.22 -42.22
CA ASN L 102 2.43 -44.34 -43.21
C ASN L 102 2.10 -42.94 -42.73
N ALA L 103 2.77 -42.48 -41.68
CA ALA L 103 2.56 -41.10 -41.22
C ALA L 103 3.89 -40.47 -40.96
N ASP L 104 3.98 -39.15 -41.16
CA ASP L 104 5.18 -38.34 -40.87
C ASP L 104 5.01 -37.61 -39.56
N VAL L 105 6.11 -37.38 -38.84
CA VAL L 105 6.04 -36.60 -37.58
C VAL L 105 6.06 -35.11 -37.94
N PHE L 106 5.10 -34.32 -37.46
CA PHE L 106 5.05 -32.88 -37.78
C PHE L 106 5.27 -31.97 -36.59
N GLU L 107 5.21 -32.52 -35.38
CA GLU L 107 5.51 -31.79 -34.18
C GLU L 107 5.88 -32.69 -33.04
N THR L 108 6.92 -32.34 -32.29
CA THR L 108 7.22 -33.06 -31.05
C THR L 108 7.55 -32.10 -29.93
N LEU L 109 7.02 -32.39 -28.76
CA LEU L 109 7.14 -31.51 -27.63
C LEU L 109 7.52 -32.33 -26.41
N VAL L 110 8.70 -32.06 -25.88
CA VAL L 110 9.19 -32.81 -24.73
C VAL L 110 9.06 -31.92 -23.47
N GLY L 111 8.71 -32.50 -22.34
CA GLY L 111 8.41 -31.67 -21.17
C GLY L 111 8.39 -32.56 -19.97
N VAL L 112 8.63 -31.98 -18.80
CA VAL L 112 8.64 -32.74 -17.55
C VAL L 112 7.75 -32.01 -16.51
N THR L 113 7.18 -32.80 -15.62
CA THR L 113 6.32 -32.33 -14.54
C THR L 113 7.13 -31.80 -13.36
N LYS L 114 6.71 -30.67 -12.79
CA LYS L 114 7.41 -30.06 -11.59
C LYS L 114 6.48 -29.64 -10.41
N PRO L 115 7.01 -29.58 -9.15
CA PRO L 115 6.13 -29.02 -8.09
C PRO L 115 5.76 -27.58 -8.41
N LEU L 116 4.72 -27.08 -7.75
CA LEU L 116 4.30 -25.73 -8.02
C LEU L 116 5.39 -24.73 -7.71
N ASN L 117 5.61 -23.80 -8.61
CA ASN L 117 6.62 -22.76 -8.49
C ASN L 117 6.10 -21.50 -7.80
N TYR L 118 4.81 -21.23 -7.99
CA TYR L 118 4.28 -19.94 -7.65
C TYR L 118 3.11 -20.13 -6.74
N ILE L 119 2.10 -20.86 -7.21
CA ILE L 119 0.85 -20.89 -6.47
C ILE L 119 0.78 -22.09 -5.53
N SER L 120 1.85 -22.27 -4.74
CA SER L 120 1.97 -23.35 -3.78
C SER L 120 1.32 -22.91 -2.51
N LYS L 121 1.13 -23.85 -1.58
CA LYS L 121 0.60 -23.56 -0.24
C LYS L 121 1.43 -22.50 0.50
N ASP L 122 2.78 -22.59 0.44
CA ASP L 122 3.73 -21.63 1.08
C ASP L 122 3.67 -20.23 0.53
N LYS L 123 3.86 -20.11 -0.78
CA LYS L 123 4.07 -18.85 -1.42
C LYS L 123 2.79 -18.06 -1.68
N SER L 124 1.66 -18.75 -1.85
CA SER L 124 0.37 -18.10 -2.13
C SER L 124 -0.80 -18.94 -1.64
N PRO L 125 -1.01 -18.96 -0.32
CA PRO L 125 -1.93 -19.89 0.33
C PRO L 125 -3.37 -19.79 -0.12
N GLY L 126 -3.82 -18.59 -0.45
CA GLY L 126 -5.24 -18.38 -0.67
C GLY L 126 -5.72 -18.85 -2.01
N LEU L 127 -4.98 -18.49 -3.03
CA LEU L 127 -5.24 -18.98 -4.35
C LEU L 127 -4.99 -20.47 -4.42
N ASN L 128 -4.00 -20.96 -3.68
CA ASN L 128 -3.70 -22.37 -3.69
C ASN L 128 -4.87 -23.15 -3.11
N ALA L 129 -5.52 -22.57 -2.12
CA ALA L 129 -6.66 -23.21 -1.52
C ALA L 129 -7.70 -23.44 -2.60
N GLY L 130 -8.02 -22.43 -3.39
CA GLY L 130 -8.92 -22.60 -4.52
C GLY L 130 -8.46 -23.53 -5.64
N LEU L 131 -7.15 -23.73 -5.77
CA LEU L 131 -6.61 -24.54 -6.86
C LEU L 131 -6.92 -25.97 -6.58
N SER L 132 -6.59 -26.39 -5.37
CA SER L 132 -6.73 -27.77 -4.96
C SER L 132 -8.17 -28.16 -4.53
N SER L 133 -9.05 -27.18 -4.35
CA SER L 133 -10.42 -27.42 -3.90
C SER L 133 -11.45 -27.35 -5.00
N ALA L 134 -10.98 -27.15 -6.22
CA ALA L 134 -11.86 -27.04 -7.36
C ALA L 134 -11.96 -28.39 -8.01
N THR L 135 -13.11 -28.63 -8.61
CA THR L 135 -13.47 -29.94 -9.10
C THR L 135 -14.30 -29.78 -10.39
N TYR L 136 -14.00 -30.60 -11.39
CA TYR L 136 -14.63 -30.51 -12.70
C TYR L 136 -16.10 -31.00 -12.67
N SER L 137 -17.03 -30.17 -13.17
CA SER L 137 -18.46 -30.50 -13.29
C SER L 137 -18.95 -30.82 -14.70
N GLY L 138 -20.08 -31.51 -14.79
CA GLY L 138 -20.74 -31.74 -16.08
C GLY L 138 -19.95 -32.53 -17.12
N PRO L 139 -20.44 -32.51 -18.38
CA PRO L 139 -20.28 -33.65 -19.28
C PRO L 139 -18.82 -34.01 -19.45
N ALA L 140 -18.57 -35.27 -19.81
CA ALA L 140 -17.22 -35.72 -20.10
C ALA L 140 -16.69 -34.88 -21.26
N PRO L 141 -15.44 -34.37 -21.12
CA PRO L 141 -14.88 -33.48 -22.13
C PRO L 141 -14.74 -34.20 -23.47
N ARG L 142 -15.26 -33.62 -24.55
CA ARG L 142 -15.07 -34.18 -25.89
C ARG L 142 -13.81 -33.70 -26.63
N TYR L 143 -13.30 -32.53 -26.27
CA TYR L 143 -12.19 -31.95 -27.01
C TYR L 143 -10.93 -31.73 -26.18
N VAL L 144 -9.79 -31.77 -26.87
CA VAL L 144 -8.45 -31.59 -26.29
C VAL L 144 -7.78 -30.40 -26.98
N ILE L 145 -6.98 -29.63 -26.23
CA ILE L 145 -6.12 -28.55 -26.72
C ILE L 145 -4.74 -28.66 -26.04
N VAL L 146 -3.68 -28.56 -26.86
CA VAL L 146 -2.31 -28.59 -26.40
C VAL L 146 -1.66 -27.36 -26.92
N ILE L 147 -1.04 -26.56 -26.04
CA ILE L 147 -0.48 -25.27 -26.46
C ILE L 147 0.94 -25.08 -25.92
N PRO L 148 1.96 -25.11 -26.79
CA PRO L 148 3.29 -24.78 -26.26
C PRO L 148 3.44 -23.29 -25.98
N VAL L 149 4.00 -22.97 -24.82
CA VAL L 149 4.24 -21.57 -24.45
C VAL L 149 5.71 -21.28 -24.20
N LYS L 150 6.21 -20.17 -24.75
CA LYS L 150 7.58 -19.74 -24.43
C LYS L 150 7.56 -18.25 -24.02
N LYS L 151 8.19 -17.93 -22.90
CA LYS L 151 8.31 -16.53 -22.48
C LYS L 151 9.71 -15.98 -22.86
N ASN L 152 9.86 -14.66 -22.92
CA ASN L 152 11.11 -14.05 -23.38
C ASN L 152 12.14 -13.82 -22.28
N ALA L 153 13.33 -13.38 -22.66
CA ALA L 153 14.37 -13.02 -21.71
C ALA L 153 13.86 -12.06 -20.62
N GLU L 154 13.03 -11.10 -21.00
CA GLU L 154 12.58 -10.07 -20.08
C GLU L 154 11.81 -10.65 -18.95
N TRP L 155 11.02 -11.67 -19.26
CA TRP L 155 10.17 -12.27 -18.27
C TRP L 155 11.05 -13.02 -17.30
N TRP L 156 12.00 -13.78 -17.84
CA TRP L 156 12.88 -14.60 -17.02
C TRP L 156 13.84 -13.78 -16.18
N ASN L 157 14.08 -12.53 -16.57
CA ASN L 157 14.96 -11.65 -15.81
C ASN L 157 14.30 -10.85 -14.69
N MET L 158 13.00 -11.04 -14.58
CA MET L 158 12.24 -10.50 -13.48
C MET L 158 12.54 -11.28 -12.22
N SER L 159 12.58 -10.57 -11.11
CA SER L 159 12.66 -11.21 -9.81
C SER L 159 11.54 -12.27 -9.62
N PRO L 160 11.78 -13.27 -8.76
CA PRO L 160 10.71 -14.24 -8.52
C PRO L 160 9.47 -13.58 -7.94
N GLU L 161 9.68 -12.54 -7.15
CA GLU L 161 8.58 -11.77 -6.53
C GLU L 161 7.67 -11.13 -7.58
N GLU L 162 8.28 -10.55 -8.62
CA GLU L 162 7.54 -9.92 -9.71
C GLU L 162 6.78 -10.99 -10.46
N ARG L 163 7.48 -12.10 -10.72
CA ARG L 163 6.92 -13.20 -11.46
C ARG L 163 5.80 -13.91 -10.72
N LEU L 164 5.97 -14.13 -9.42
CA LEU L 164 4.86 -14.59 -8.56
C LEU L 164 3.60 -13.70 -8.66
N LYS L 165 3.74 -12.38 -8.51
CA LYS L 165 2.58 -11.52 -8.55
C LYS L 165 1.96 -11.62 -9.95
N GLU L 166 2.78 -11.77 -11.00
CA GLU L 166 2.20 -12.00 -12.33
C GLU L 166 1.43 -13.32 -12.44
N MET L 167 1.98 -14.34 -11.82
CA MET L 167 1.35 -15.63 -11.77
C MET L 167 0.09 -15.70 -10.85
N GLU L 168 -0.08 -14.74 -9.95
CA GLU L 168 -1.30 -14.71 -9.15
C GLU L 168 -2.41 -14.04 -9.93
N VAL L 169 -2.00 -13.23 -10.90
CA VAL L 169 -2.95 -12.53 -11.80
C VAL L 169 -3.52 -13.51 -12.80
N HIS L 170 -2.64 -14.41 -13.23
CA HIS L 170 -2.93 -15.45 -14.18
C HIS L 170 -3.95 -16.38 -13.57
N THR L 171 -3.79 -16.62 -12.27
CA THR L 171 -4.61 -17.57 -11.56
C THR L 171 -5.97 -17.00 -11.20
N THR L 172 -6.02 -15.73 -10.84
CA THR L 172 -7.24 -15.17 -10.28
C THR L 172 -8.48 -15.38 -11.16
N PRO L 173 -8.44 -15.02 -12.46
CA PRO L 173 -9.69 -15.05 -13.20
C PRO L 173 -9.95 -16.40 -13.89
N THR L 174 -8.94 -17.29 -13.81
CA THR L 174 -8.95 -18.58 -14.50
C THR L 174 -9.47 -19.68 -13.60
N LEU L 175 -9.20 -19.64 -12.30
CA LEU L 175 -9.68 -20.70 -11.41
C LEU L 175 -11.15 -21.01 -11.59
N ALA L 176 -11.97 -20.01 -11.91
CA ALA L 176 -13.40 -20.27 -12.11
C ALA L 176 -13.62 -21.37 -13.13
N TYR L 177 -12.73 -21.44 -14.13
CA TYR L 177 -12.90 -22.36 -15.27
C TYR L 177 -12.51 -23.79 -14.91
N LEU L 178 -12.02 -23.99 -13.71
CA LEU L 178 -11.74 -25.35 -13.29
C LEU L 178 -12.96 -26.24 -13.23
N VAL L 179 -14.16 -25.69 -13.16
CA VAL L 179 -15.35 -26.53 -13.23
C VAL L 179 -15.64 -26.97 -14.69
N ASN L 180 -14.92 -26.40 -15.63
CA ASN L 180 -15.35 -26.39 -17.01
C ASN L 180 -14.28 -26.97 -17.87
N VAL L 181 -13.06 -26.80 -17.37
CA VAL L 181 -11.82 -27.10 -18.07
C VAL L 181 -10.86 -27.98 -17.21
N LYS L 182 -10.06 -28.81 -17.86
CA LYS L 182 -9.06 -29.61 -17.16
C LYS L 182 -7.68 -29.25 -17.68
N ARG L 183 -6.74 -28.99 -16.77
CA ARG L 183 -5.46 -28.47 -17.19
C ARG L 183 -4.27 -29.32 -16.75
N LYS L 184 -3.22 -29.41 -17.56
CA LYS L 184 -1.96 -29.91 -17.04
C LYS L 184 -0.78 -29.13 -17.63
N LEU L 185 0.24 -28.91 -16.79
CA LEU L 185 1.42 -28.15 -17.20
C LEU L 185 2.69 -29.00 -17.15
N TYR L 186 3.38 -29.10 -18.28
CA TYR L 186 4.70 -29.68 -18.37
C TYR L 186 5.70 -28.53 -18.53
N HIS L 187 6.93 -28.73 -18.07
CA HIS L 187 8.01 -27.75 -18.25
C HIS L 187 9.07 -28.25 -19.25
N SER L 188 9.59 -27.35 -20.12
CA SER L 188 10.42 -27.74 -21.28
C SER L 188 11.76 -27.05 -21.53
N THR L 189 11.96 -25.90 -20.89
CA THR L 189 13.13 -25.04 -21.15
C THR L 189 14.40 -25.88 -21.08
N GLY L 190 15.22 -25.80 -22.13
CA GLY L 190 16.44 -26.60 -22.22
C GLY L 190 16.24 -27.99 -22.81
N LEU L 191 15.01 -28.51 -22.72
CA LEU L 191 14.71 -29.83 -23.18
C LEU L 191 14.05 -29.77 -24.54
N ASP L 192 13.44 -28.65 -24.87
CA ASP L 192 12.89 -28.46 -26.22
C ASP L 192 12.65 -26.97 -26.56
N ASP L 193 12.22 -26.72 -27.78
CA ASP L 193 11.99 -25.35 -28.17
C ASP L 193 10.67 -24.73 -27.67
N THR L 194 10.51 -24.72 -26.35
CA THR L 194 9.41 -24.00 -25.68
C THR L 194 9.72 -23.95 -24.20
N ASP L 195 9.14 -23.00 -23.47
CA ASP L 195 9.30 -23.02 -22.01
C ASP L 195 8.41 -24.03 -21.33
N PHE L 196 7.21 -24.21 -21.87
CA PHE L 196 6.14 -25.07 -21.30
C PHE L 196 5.27 -25.74 -22.35
N ILE L 197 4.62 -26.83 -21.97
CA ILE L 197 3.63 -27.45 -22.82
C ILE L 197 2.39 -27.45 -21.97
N THR L 198 1.33 -26.85 -22.47
CA THR L 198 0.06 -26.89 -21.73
C THR L 198 -0.94 -27.81 -22.43
N TYR L 199 -1.80 -28.39 -21.59
CA TYR L 199 -2.67 -29.47 -21.96
C TYR L 199 -4.04 -29.26 -21.33
N PHE L 200 -5.10 -29.25 -22.15
CA PHE L 200 -6.43 -28.91 -21.68
C PHE L 200 -7.47 -29.86 -22.24
N GLU L 201 -8.47 -30.19 -21.41
CA GLU L 201 -9.58 -31.03 -21.81
C GLU L 201 -10.86 -30.23 -21.52
N THR L 202 -11.69 -30.00 -22.53
CA THR L 202 -12.98 -29.36 -22.25
C THR L 202 -14.12 -29.85 -23.14
N ASP L 203 -15.35 -29.65 -22.67
CA ASP L 203 -16.54 -29.77 -23.50
C ASP L 203 -17.08 -28.44 -24.05
N ASP L 204 -16.60 -27.31 -23.52
CA ASP L 204 -17.19 -26.02 -23.84
C ASP L 204 -16.14 -25.13 -24.53
N LEU L 205 -16.15 -25.11 -25.86
CA LEU L 205 -15.11 -24.36 -26.60
C LEU L 205 -15.31 -22.84 -26.47
N THR L 206 -16.57 -22.43 -26.34
CA THR L 206 -16.87 -21.03 -26.10
C THR L 206 -16.28 -20.61 -24.79
N ALA L 207 -16.47 -21.41 -23.74
CA ALA L 207 -15.85 -21.13 -22.45
C ALA L 207 -14.34 -21.14 -22.56
N PHE L 208 -13.78 -22.05 -23.35
CA PHE L 208 -12.32 -22.09 -23.45
C PHE L 208 -11.81 -20.85 -24.16
N ASN L 209 -12.56 -20.36 -25.16
CA ASN L 209 -12.18 -19.16 -25.88
C ASN L 209 -12.18 -18.00 -24.90
N ASN L 210 -13.25 -17.85 -24.14
CA ASN L 210 -13.35 -16.84 -23.10
C ASN L 210 -12.22 -16.89 -22.08
N LEU L 211 -11.88 -18.10 -21.65
CA LEU L 211 -10.77 -18.30 -20.75
C LEU L 211 -9.42 -17.77 -21.31
N MET L 212 -9.02 -18.20 -22.51
CA MET L 212 -7.83 -17.62 -23.17
C MET L 212 -7.86 -16.11 -23.30
N LEU L 213 -9.07 -15.56 -23.49
CA LEU L 213 -9.22 -14.11 -23.63
C LEU L 213 -8.90 -13.45 -22.31
N SER L 214 -9.32 -14.12 -21.24
CA SER L 214 -9.03 -13.71 -19.87
C SER L 214 -7.55 -13.48 -19.62
N LEU L 215 -6.79 -14.39 -20.20
CA LEU L 215 -5.37 -14.51 -19.97
C LEU L 215 -4.61 -13.61 -20.93
N ALA L 216 -5.16 -13.44 -22.13
CA ALA L 216 -4.53 -12.60 -23.13
C ALA L 216 -4.53 -11.19 -22.58
N GLN L 217 -5.47 -10.92 -21.68
CA GLN L 217 -5.74 -9.57 -21.24
C GLN L 217 -4.95 -9.17 -20.01
N VAL L 218 -3.96 -9.95 -19.62
CA VAL L 218 -3.21 -9.65 -18.39
C VAL L 218 -1.75 -9.46 -18.74
N LYS L 219 -0.99 -8.79 -17.86
CA LYS L 219 0.41 -8.48 -18.13
C LYS L 219 1.22 -9.67 -18.62
N GLU L 220 1.08 -10.83 -17.97
CA GLU L 220 1.93 -11.93 -18.34
C GLU L 220 1.90 -12.14 -19.85
N ASN L 221 0.75 -11.92 -20.50
CA ASN L 221 0.66 -12.21 -21.94
C ASN L 221 1.64 -11.40 -22.76
N LYS L 222 2.09 -10.30 -22.17
CA LYS L 222 3.10 -9.42 -22.81
C LYS L 222 4.46 -10.09 -23.04
N PHE L 223 4.78 -11.14 -22.32
CA PHE L 223 6.09 -11.75 -22.43
C PHE L 223 6.18 -13.00 -23.32
N HIS L 224 5.05 -13.50 -23.81
CA HIS L 224 4.99 -14.65 -24.69
C HIS L 224 5.63 -14.38 -26.05
N VAL L 225 6.60 -15.22 -26.41
CA VAL L 225 7.10 -15.22 -27.76
C VAL L 225 6.63 -16.45 -28.50
N ARG L 226 6.00 -17.39 -27.81
CA ARG L 226 5.20 -18.42 -28.48
C ARG L 226 4.01 -18.73 -27.59
N TRP L 227 2.82 -18.77 -28.16
CA TRP L 227 1.62 -19.00 -27.38
C TRP L 227 0.64 -19.84 -28.23
N GLY L 228 1.06 -21.05 -28.59
CA GLY L 228 0.43 -21.79 -29.69
C GLY L 228 1.46 -22.22 -30.70
N SER L 229 1.16 -22.00 -31.98
CA SER L 229 2.09 -22.31 -33.09
C SER L 229 2.82 -23.62 -32.90
N PRO L 230 2.10 -24.73 -33.01
CA PRO L 230 0.66 -24.73 -33.31
C PRO L 230 -0.23 -24.78 -32.09
N THR L 231 -1.36 -24.10 -32.16
CA THR L 231 -2.47 -24.35 -31.23
C THR L 231 -3.24 -25.57 -31.73
N THR L 232 -3.10 -26.70 -31.05
CA THR L 232 -3.67 -27.96 -31.55
C THR L 232 -4.92 -28.39 -30.81
N LEU L 233 -6.02 -28.48 -31.55
CA LEU L 233 -7.33 -28.73 -30.97
C LEU L 233 -7.90 -29.88 -31.69
N GLY L 234 -8.09 -30.98 -30.97
CA GLY L 234 -8.69 -32.15 -31.55
C GLY L 234 -9.72 -32.74 -30.61
N THR L 235 -9.94 -34.04 -30.75
CA THR L 235 -11.11 -34.64 -30.19
C THR L 235 -10.71 -35.93 -29.43
N ILE L 236 -11.26 -36.12 -28.23
CA ILE L 236 -10.83 -37.19 -27.29
C ILE L 236 -11.52 -38.55 -27.51
N HIS L 237 -10.76 -39.58 -27.84
CA HIS L 237 -11.38 -40.88 -28.07
C HIS L 237 -10.51 -41.96 -27.49
N SER L 238 -11.04 -43.19 -27.43
CA SER L 238 -10.22 -44.36 -27.09
C SER L 238 -9.08 -44.53 -28.11
N PRO L 239 -7.89 -45.00 -27.65
CA PRO L 239 -6.77 -45.13 -28.57
C PRO L 239 -7.12 -45.95 -29.80
N GLU L 240 -7.86 -47.05 -29.64
CA GLU L 240 -8.35 -47.79 -30.83
C GLU L 240 -9.34 -47.03 -31.74
N ASP L 241 -10.34 -46.36 -31.15
CA ASP L 241 -11.28 -45.56 -31.92
C ASP L 241 -10.65 -44.43 -32.75
N VAL L 242 -9.55 -43.86 -32.29
CA VAL L 242 -8.75 -42.97 -33.17
C VAL L 242 -8.25 -43.67 -34.45
N ILE L 243 -7.46 -44.73 -34.31
CA ILE L 243 -6.98 -45.44 -35.48
C ILE L 243 -8.13 -45.97 -36.32
N LYS L 244 -9.20 -46.44 -35.67
CA LYS L 244 -10.39 -46.95 -36.38
C LYS L 244 -11.03 -45.85 -37.21
N ALA L 245 -10.93 -44.60 -36.72
CA ALA L 245 -11.51 -43.44 -37.39
C ALA L 245 -10.61 -43.05 -38.55
N LEU L 246 -9.34 -43.43 -38.48
CA LEU L 246 -8.41 -42.97 -39.49
C LEU L 246 -8.43 -43.90 -40.69
N ALA L 247 -9.01 -45.08 -40.49
CA ALA L 247 -8.92 -46.18 -41.45
C ALA L 247 -9.62 -45.93 -42.80
N ASP L 248 -10.92 -45.60 -42.74
CA ASP L 248 -11.72 -45.26 -43.96
C ASP L 248 -11.43 -43.84 -44.55
N LYS M 8 -32.32 -30.00 -37.34
CA LYS M 8 -32.42 -29.05 -38.50
C LYS M 8 -31.45 -27.84 -38.42
N ILE M 9 -31.00 -27.41 -39.62
CA ILE M 9 -30.09 -26.29 -39.82
C ILE M 9 -30.60 -25.43 -40.95
N GLU M 10 -31.01 -24.19 -40.65
CA GLU M 10 -31.47 -23.31 -41.71
C GLU M 10 -30.47 -22.19 -41.89
N ARG M 11 -30.04 -22.03 -43.13
CA ARG M 11 -28.99 -21.09 -43.52
C ARG M 11 -29.16 -19.67 -42.96
N GLY M 12 -30.39 -19.17 -43.00
CA GLY M 12 -30.68 -17.84 -42.50
C GLY M 12 -30.39 -17.74 -41.02
N THR M 13 -30.72 -18.81 -40.29
CA THR M 13 -30.58 -18.80 -38.85
C THR M 13 -29.14 -18.97 -38.41
N ILE M 14 -28.47 -19.96 -38.99
CA ILE M 14 -27.15 -20.36 -38.51
C ILE M 14 -26.01 -19.32 -38.80
N LEU M 15 -26.19 -18.47 -39.80
CA LEU M 15 -25.16 -17.52 -40.16
C LEU M 15 -25.39 -16.23 -39.43
N THR M 16 -26.30 -16.28 -38.45
CA THR M 16 -26.89 -15.13 -37.80
C THR M 16 -26.80 -15.23 -36.30
N GLN M 17 -26.69 -16.45 -35.82
CA GLN M 17 -26.65 -16.70 -34.40
C GLN M 17 -25.25 -16.82 -33.81
N PRO M 18 -25.16 -16.50 -32.51
CA PRO M 18 -24.01 -16.74 -31.62
C PRO M 18 -23.81 -18.22 -31.32
N GLY M 19 -22.58 -18.59 -31.02
CA GLY M 19 -22.30 -19.98 -30.70
C GLY M 19 -22.24 -20.93 -31.91
N VAL M 20 -21.95 -20.40 -33.10
CA VAL M 20 -21.87 -21.27 -34.26
C VAL M 20 -20.41 -21.43 -34.60
N PHE M 21 -19.93 -22.67 -34.77
CA PHE M 21 -18.52 -22.88 -35.09
C PHE M 21 -18.26 -22.75 -36.59
N GLY M 22 -17.17 -22.10 -36.97
CA GLY M 22 -16.80 -22.02 -38.37
C GLY M 22 -15.49 -22.79 -38.55
N VAL M 23 -15.46 -23.68 -39.54
CA VAL M 23 -14.21 -24.33 -39.90
C VAL M 23 -13.87 -24.04 -41.37
N PHE M 24 -12.78 -23.29 -41.53
CA PHE M 24 -12.26 -22.95 -42.83
C PHE M 24 -11.04 -23.81 -43.11
N THR M 25 -10.95 -24.33 -44.33
CA THR M 25 -9.91 -25.31 -44.70
C THR M 25 -9.61 -25.17 -46.20
N MET M 26 -8.36 -24.89 -46.49
CA MET M 26 -7.92 -24.64 -47.84
C MET M 26 -7.14 -25.87 -48.29
N PHE M 27 -7.51 -26.38 -49.46
CA PHE M 27 -6.99 -27.65 -50.00
C PHE M 27 -6.20 -27.36 -51.23
N LYS M 28 -5.17 -28.16 -51.49
CA LYS M 28 -4.39 -28.02 -52.72
C LYS M 28 -4.22 -29.35 -53.41
N LEU M 29 -4.81 -29.45 -54.60
CA LEU M 29 -4.83 -30.71 -55.36
C LEU M 29 -3.43 -31.18 -55.64
N ARG M 30 -3.15 -32.43 -55.34
CA ARG M 30 -1.86 -32.96 -55.68
C ARG M 30 -1.73 -33.11 -57.19
N PRO M 31 -0.49 -33.02 -57.73
CA PRO M 31 -0.28 -33.29 -59.15
C PRO M 31 -0.84 -34.64 -59.61
N ASP M 32 -0.82 -35.65 -58.74
CA ASP M 32 -1.28 -36.97 -59.22
C ASP M 32 -2.82 -37.13 -59.26
N TRP M 33 -3.53 -36.00 -59.22
CA TRP M 33 -4.97 -35.88 -59.54
C TRP M 33 -5.23 -35.77 -61.05
N ASN M 34 -4.24 -35.31 -61.79
CA ASN M 34 -4.35 -35.16 -63.24
C ASN M 34 -4.21 -36.53 -63.86
N LYS M 35 -3.85 -37.51 -63.04
CA LYS M 35 -3.64 -38.85 -63.55
C LYS M 35 -4.75 -39.81 -63.12
N VAL M 36 -5.60 -39.34 -62.21
CA VAL M 36 -6.86 -40.03 -61.93
C VAL M 36 -7.70 -40.04 -63.22
N PRO M 37 -8.29 -41.20 -63.55
CA PRO M 37 -9.00 -41.31 -64.83
C PRO M 37 -10.21 -40.39 -64.91
N VAL M 38 -10.23 -39.53 -65.93
CA VAL M 38 -11.44 -38.74 -66.27
C VAL M 38 -12.58 -39.73 -66.37
N ALA M 39 -13.58 -39.54 -65.52
CA ALA M 39 -14.68 -40.50 -65.31
C ALA M 39 -14.84 -40.47 -63.83
N GLU M 40 -13.92 -41.13 -63.14
CA GLU M 40 -13.77 -41.03 -61.72
C GLU M 40 -13.72 -39.56 -61.30
N ARG M 41 -12.93 -38.76 -62.01
CA ARG M 41 -12.87 -37.33 -61.83
C ARG M 41 -14.21 -36.64 -62.15
N LYS M 42 -14.87 -37.06 -63.21
CA LYS M 42 -16.16 -36.44 -63.54
C LYS M 42 -17.24 -36.74 -62.49
N GLY M 43 -17.14 -37.92 -61.88
CA GLY M 43 -18.04 -38.37 -60.81
C GLY M 43 -17.75 -37.79 -59.44
N ALA M 44 -16.69 -36.98 -59.35
CA ALA M 44 -16.20 -36.38 -58.12
C ALA M 44 -17.10 -35.29 -57.61
N ALA M 45 -17.65 -34.50 -58.53
CA ALA M 45 -18.61 -33.47 -58.17
C ALA M 45 -19.91 -34.05 -57.61
N GLU M 46 -20.48 -35.03 -58.31
CA GLU M 46 -21.71 -35.66 -57.85
C GLU M 46 -21.48 -36.23 -56.44
N GLU M 47 -20.28 -36.72 -56.17
CA GLU M 47 -19.96 -37.27 -54.84
C GLU M 47 -19.96 -36.27 -53.71
N VAL M 48 -19.57 -35.04 -54.00
CA VAL M 48 -19.52 -34.01 -52.95
C VAL M 48 -20.94 -33.53 -52.73
N LYS M 49 -21.66 -33.31 -53.82
CA LYS M 49 -23.05 -32.94 -53.74
C LYS M 49 -23.75 -33.86 -52.75
N LYS M 50 -23.58 -35.16 -52.93
CA LYS M 50 -24.27 -36.14 -52.11
C LYS M 50 -23.81 -36.11 -50.66
N LEU M 51 -22.49 -36.00 -50.46
CA LEU M 51 -21.89 -35.88 -49.13
C LEU M 51 -22.48 -34.69 -48.34
N ILE M 52 -22.76 -33.60 -49.04
CA ILE M 52 -23.39 -32.41 -48.42
C ILE M 52 -24.87 -32.66 -48.05
N GLU M 53 -25.61 -33.33 -48.95
CA GLU M 53 -27.00 -33.72 -48.65
C GLU M 53 -27.01 -34.61 -47.42
N LYS M 54 -26.10 -35.59 -47.34
CA LYS M 54 -25.97 -36.42 -46.15
C LYS M 54 -25.92 -35.62 -44.85
N HIS M 55 -25.15 -34.54 -44.85
CA HIS M 55 -24.97 -33.77 -43.64
C HIS M 55 -25.87 -32.53 -43.59
N LYS M 56 -26.83 -32.41 -44.54
CA LYS M 56 -28.01 -31.49 -44.46
C LYS M 56 -28.24 -30.87 -43.08
N ASP M 57 -28.38 -31.74 -42.07
CA ASP M 57 -28.83 -31.37 -40.72
C ASP M 57 -27.74 -31.48 -39.65
N ASN M 58 -26.49 -31.55 -40.10
CA ASN M 58 -25.34 -31.59 -39.20
C ASN M 58 -24.50 -30.32 -39.36
N VAL M 59 -24.20 -29.97 -40.60
CA VAL M 59 -23.37 -28.81 -40.87
C VAL M 59 -23.95 -27.97 -42.02
N LEU M 60 -23.67 -26.67 -42.03
CA LEU M 60 -23.87 -25.87 -43.24
C LEU M 60 -22.58 -25.84 -44.08
N VAL M 61 -22.71 -26.12 -45.38
CA VAL M 61 -21.52 -26.22 -46.26
C VAL M 61 -21.41 -25.15 -47.34
N ASP M 62 -20.26 -24.51 -47.40
CA ASP M 62 -19.94 -23.57 -48.46
C ASP M 62 -18.67 -24.02 -49.15
N LEU M 63 -18.64 -23.93 -50.48
CA LEU M 63 -17.40 -24.25 -51.19
C LEU M 63 -17.04 -23.18 -52.21
N TYR M 64 -15.75 -22.86 -52.29
CA TYR M 64 -15.23 -21.73 -53.08
C TYR M 64 -13.99 -22.07 -53.92
N LEU M 65 -13.88 -21.45 -55.09
CA LEU M 65 -12.82 -21.78 -56.04
C LEU M 65 -11.74 -20.73 -55.99
N THR M 66 -10.51 -21.16 -55.65
CA THR M 66 -9.35 -20.27 -55.56
C THR M 66 -8.27 -20.65 -56.55
N ARG M 67 -8.36 -21.82 -57.15
CA ARG M 67 -7.38 -22.22 -58.18
C ARG M 67 -7.24 -21.13 -59.23
N GLY M 68 -6.01 -20.68 -59.44
CA GLY M 68 -5.77 -19.60 -60.37
C GLY M 68 -5.49 -18.27 -59.73
N LEU M 69 -5.98 -18.10 -58.51
CA LEU M 69 -5.79 -16.86 -57.78
C LEU M 69 -4.97 -17.02 -56.50
N GLU M 70 -4.57 -18.25 -56.16
CA GLU M 70 -3.90 -18.51 -54.88
C GLU M 70 -2.78 -19.54 -54.96
N THR M 71 -1.61 -19.23 -54.40
CA THR M 71 -0.53 -20.21 -54.36
C THR M 71 -0.93 -21.50 -53.60
N ASN M 72 -1.48 -21.35 -52.39
CA ASN M 72 -1.64 -22.51 -51.55
C ASN M 72 -3.05 -22.99 -51.35
N SER M 73 -3.91 -22.68 -52.31
CA SER M 73 -5.16 -23.42 -52.40
C SER M 73 -5.69 -23.53 -53.82
N ASP M 74 -6.42 -24.60 -54.08
CA ASP M 74 -7.23 -24.68 -55.29
C ASP M 74 -8.68 -24.36 -54.93
N PHE M 75 -9.08 -24.75 -53.72
CA PHE M 75 -10.46 -24.52 -53.25
C PHE M 75 -10.46 -24.54 -51.76
N PHE M 76 -11.53 -24.08 -51.13
CA PHE M 76 -11.61 -24.12 -49.70
C PHE M 76 -13.03 -24.17 -49.24
N PHE M 77 -13.25 -24.88 -48.13
CA PHE M 77 -14.59 -25.03 -47.55
C PHE M 77 -14.87 -23.98 -46.48
N ARG M 78 -16.15 -23.62 -46.30
CA ARG M 78 -16.56 -23.00 -45.06
C ARG M 78 -17.65 -23.82 -44.43
N ILE M 79 -17.33 -24.45 -43.28
CA ILE M 79 -18.32 -25.26 -42.56
C ILE M 79 -18.85 -24.53 -41.33
N ASN M 80 -20.17 -24.42 -41.23
CA ASN M 80 -20.79 -23.92 -40.01
C ASN M 80 -21.50 -25.05 -39.24
N ALA M 81 -21.44 -25.03 -37.92
CA ALA M 81 -22.00 -26.09 -37.11
C ALA M 81 -22.28 -25.62 -35.70
N TYR M 82 -23.31 -26.17 -35.08
CA TYR M 82 -23.53 -25.94 -33.65
C TYR M 82 -22.62 -26.81 -32.76
N ASP M 83 -22.09 -27.88 -33.35
CA ASP M 83 -21.29 -28.88 -32.66
C ASP M 83 -19.96 -28.96 -33.40
N LEU M 84 -18.82 -28.68 -32.76
CA LEU M 84 -17.57 -28.71 -33.53
C LEU M 84 -17.29 -30.13 -33.95
N ALA M 85 -17.76 -31.10 -33.17
CA ALA M 85 -17.46 -32.49 -33.49
C ALA M 85 -18.00 -32.78 -34.86
N LYS M 86 -19.22 -32.30 -35.12
CA LYS M 86 -19.89 -32.53 -36.39
C LYS M 86 -19.16 -31.90 -37.59
N ALA M 87 -18.72 -30.65 -37.46
CA ALA M 87 -17.76 -30.05 -38.41
C ALA M 87 -16.55 -30.97 -38.68
N GLN M 88 -15.98 -31.58 -37.62
CA GLN M 88 -14.88 -32.51 -37.83
C GLN M 88 -15.30 -33.77 -38.59
N THR M 89 -16.43 -34.38 -38.23
CA THR M 89 -16.87 -35.55 -38.99
C THR M 89 -17.02 -35.25 -40.52
N PHE M 90 -17.57 -34.09 -40.85
CA PHE M 90 -17.88 -33.82 -42.24
C PHE M 90 -16.58 -33.72 -43.01
N MET M 91 -15.64 -32.94 -42.45
CA MET M 91 -14.35 -32.67 -43.10
C MET M 91 -13.61 -33.98 -43.27
N ARG M 92 -13.61 -34.77 -42.20
CA ARG M 92 -13.05 -36.10 -42.24
C ARG M 92 -13.59 -36.90 -43.43
N GLU M 93 -14.92 -36.91 -43.59
CA GLU M 93 -15.57 -37.67 -44.66
C GLU M 93 -15.35 -37.04 -46.04
N PHE M 94 -15.22 -35.71 -46.09
CA PHE M 94 -14.81 -35.11 -47.35
C PHE M 94 -13.40 -35.52 -47.77
N ARG M 95 -12.51 -35.73 -46.81
CA ARG M 95 -11.19 -36.22 -47.17
C ARG M 95 -11.14 -37.70 -47.56
N SER M 96 -12.24 -38.41 -47.35
CA SER M 96 -12.41 -39.75 -47.93
C SER M 96 -12.92 -39.71 -49.37
N THR M 97 -13.31 -38.52 -49.80
CA THR M 97 -13.95 -38.32 -51.10
C THR M 97 -12.93 -38.57 -52.24
N THR M 98 -13.38 -38.65 -53.49
CA THR M 98 -12.42 -38.78 -54.61
C THR M 98 -11.48 -37.57 -54.67
N VAL M 99 -12.02 -36.36 -54.61
CA VAL M 99 -11.19 -35.15 -54.50
C VAL M 99 -10.37 -35.16 -53.20
N GLY M 100 -11.04 -35.38 -52.09
CA GLY M 100 -10.42 -35.28 -50.78
C GLY M 100 -9.22 -36.20 -50.68
N LYS M 101 -9.31 -37.37 -51.34
CA LYS M 101 -8.17 -38.28 -51.42
C LYS M 101 -6.99 -37.67 -52.16
N ASN M 102 -7.28 -36.81 -53.15
CA ASN M 102 -6.22 -36.33 -54.00
C ASN M 102 -5.84 -34.90 -53.69
N ALA M 103 -6.13 -34.45 -52.49
CA ALA M 103 -5.78 -33.07 -52.18
C ALA M 103 -5.25 -32.95 -50.75
N ASP M 104 -4.22 -32.13 -50.58
CA ASP M 104 -3.64 -31.81 -49.25
C ASP M 104 -4.22 -30.53 -48.61
N VAL M 105 -4.33 -30.56 -47.28
CA VAL M 105 -4.73 -29.42 -46.47
C VAL M 105 -3.56 -28.44 -46.33
N PHE M 106 -3.79 -27.18 -46.69
CA PHE M 106 -2.77 -26.15 -46.53
C PHE M 106 -3.06 -25.16 -45.43
N GLU M 107 -4.34 -24.99 -45.12
CA GLU M 107 -4.75 -24.12 -44.04
C GLU M 107 -6.00 -24.63 -43.42
N THR M 108 -6.09 -24.53 -42.10
CA THR M 108 -7.36 -24.78 -41.39
C THR M 108 -7.46 -23.73 -40.30
N LEU M 109 -8.65 -23.15 -40.18
CA LEU M 109 -8.94 -22.08 -39.22
C LEU M 109 -10.25 -22.46 -38.57
N VAL M 110 -10.18 -22.63 -37.25
CA VAL M 110 -11.35 -22.95 -36.42
C VAL M 110 -11.78 -21.72 -35.64
N GLY M 111 -13.07 -21.50 -35.51
CA GLY M 111 -13.53 -20.39 -34.69
C GLY M 111 -14.99 -20.48 -34.41
N VAL M 112 -15.41 -19.60 -33.52
CA VAL M 112 -16.80 -19.56 -33.07
C VAL M 112 -17.36 -18.12 -33.01
N THR M 113 -18.62 -18.03 -33.39
CA THR M 113 -19.48 -16.85 -33.43
C THR M 113 -19.83 -16.42 -32.02
N LYS M 114 -19.84 -15.11 -31.76
CA LYS M 114 -20.17 -14.59 -30.42
C LYS M 114 -21.04 -13.35 -30.48
N PRO M 115 -21.71 -12.99 -29.36
CA PRO M 115 -22.44 -11.71 -29.35
C PRO M 115 -21.51 -10.51 -29.42
N LEU M 116 -22.04 -9.36 -29.83
CA LEU M 116 -21.21 -8.18 -30.05
C LEU M 116 -20.46 -7.78 -28.75
N ASN M 117 -19.16 -7.53 -28.82
CA ASN M 117 -18.35 -7.16 -27.66
C ASN M 117 -18.26 -5.67 -27.49
N TYR M 118 -18.38 -4.93 -28.60
CA TYR M 118 -18.20 -3.48 -28.57
C TYR M 118 -19.37 -2.71 -29.14
N ILE M 119 -19.70 -2.98 -30.40
CA ILE M 119 -20.68 -2.14 -31.06
C ILE M 119 -22.11 -2.65 -30.89
N SER M 120 -22.52 -2.79 -29.62
CA SER M 120 -23.82 -3.31 -29.25
C SER M 120 -24.77 -2.17 -28.90
N LYS M 121 -26.05 -2.50 -28.75
CA LYS M 121 -27.02 -1.48 -28.43
C LYS M 121 -26.61 -0.78 -27.13
N ASP M 122 -26.06 -1.53 -26.17
CA ASP M 122 -25.74 -0.99 -24.83
C ASP M 122 -24.51 -0.11 -24.78
N LYS M 123 -23.45 -0.57 -25.42
CA LYS M 123 -22.13 0.01 -25.29
C LYS M 123 -21.87 1.15 -26.26
N SER M 124 -22.48 1.06 -27.46
CA SER M 124 -22.30 2.07 -28.47
C SER M 124 -23.52 2.30 -29.36
N PRO M 125 -24.66 2.73 -28.76
CA PRO M 125 -25.97 2.73 -29.44
C PRO M 125 -26.05 3.43 -30.79
N GLY M 126 -25.20 4.44 -30.99
CA GLY M 126 -25.27 5.23 -32.20
C GLY M 126 -24.63 4.56 -33.38
N LEU M 127 -23.46 3.98 -33.16
CA LEU M 127 -22.80 3.17 -34.18
C LEU M 127 -23.46 1.80 -34.42
N ASN M 128 -24.09 1.23 -33.38
CA ASN M 128 -24.90 0.02 -33.55
C ASN M 128 -26.10 0.30 -34.45
N ALA M 129 -26.64 1.49 -34.33
CA ALA M 129 -27.69 1.90 -35.20
C ALA M 129 -27.14 1.99 -36.62
N GLY M 130 -26.02 2.71 -36.79
CA GLY M 130 -25.45 2.89 -38.12
C GLY M 130 -25.23 1.57 -38.81
N LEU M 131 -24.80 0.60 -38.00
CA LEU M 131 -24.40 -0.71 -38.43
C LEU M 131 -25.60 -1.51 -38.95
N SER M 132 -26.56 -1.74 -38.07
CA SER M 132 -27.78 -2.51 -38.42
C SER M 132 -28.82 -1.72 -39.29
N SER M 133 -28.54 -0.47 -39.71
CA SER M 133 -29.37 0.11 -40.78
C SER M 133 -28.69 0.86 -41.99
N ALA M 134 -28.29 -0.01 -42.91
CA ALA M 134 -28.22 0.13 -44.38
C ALA M 134 -27.78 -1.30 -44.78
N THR M 135 -28.23 -1.75 -45.94
CA THR M 135 -28.29 -3.18 -46.25
C THR M 135 -27.62 -3.44 -47.63
N TYR M 136 -27.10 -4.66 -47.88
CA TYR M 136 -26.44 -5.01 -49.17
C TYR M 136 -27.31 -4.77 -50.46
N SER M 137 -26.70 -4.14 -51.49
CA SER M 137 -27.36 -3.86 -52.77
C SER M 137 -26.53 -4.23 -53.99
N GLY M 138 -27.22 -4.35 -55.12
CA GLY M 138 -26.55 -4.69 -56.36
C GLY M 138 -26.11 -6.14 -56.45
N PRO M 139 -25.22 -6.42 -57.40
CA PRO M 139 -25.21 -7.73 -57.99
C PRO M 139 -24.83 -8.75 -56.95
N ALA M 140 -25.18 -10.01 -57.23
CA ALA M 140 -24.67 -11.16 -56.45
C ALA M 140 -23.14 -11.11 -56.36
N PRO M 141 -22.58 -11.23 -55.15
CA PRO M 141 -21.15 -11.03 -54.93
C PRO M 141 -20.42 -12.13 -55.63
N ARG M 142 -19.36 -11.81 -56.37
CA ARG M 142 -18.72 -12.89 -57.11
C ARG M 142 -17.55 -13.47 -56.37
N TYR M 143 -16.97 -12.67 -55.49
CA TYR M 143 -15.74 -13.01 -54.76
C TYR M 143 -15.97 -13.25 -53.28
N VAL M 144 -15.14 -14.10 -52.69
CA VAL M 144 -15.09 -14.28 -51.25
C VAL M 144 -13.67 -13.90 -50.80
N ILE M 145 -13.58 -13.26 -49.63
CA ILE M 145 -12.28 -13.06 -48.99
C ILE M 145 -12.24 -13.68 -47.60
N VAL M 146 -11.14 -14.31 -47.24
CA VAL M 146 -11.01 -14.74 -45.87
C VAL M 146 -9.68 -14.26 -45.33
N ILE M 147 -9.72 -13.53 -44.23
CA ILE M 147 -8.51 -12.97 -43.61
C ILE M 147 -8.47 -13.32 -42.12
N PRO M 148 -7.49 -14.15 -41.69
CA PRO M 148 -7.40 -14.32 -40.25
C PRO M 148 -6.70 -13.13 -39.60
N VAL M 149 -7.20 -12.71 -38.43
CA VAL M 149 -6.62 -11.56 -37.72
C VAL M 149 -6.22 -11.93 -36.31
N LYS M 150 -4.99 -11.54 -35.93
CA LYS M 150 -4.47 -11.73 -34.57
C LYS M 150 -3.88 -10.39 -34.02
N LYS M 151 -4.34 -9.97 -32.85
CA LYS M 151 -3.84 -8.76 -32.18
C LYS M 151 -2.80 -9.08 -31.07
N ASN M 152 -1.95 -8.13 -30.77
CA ASN M 152 -0.87 -8.35 -29.83
C ASN M 152 -1.30 -8.24 -28.37
N ALA M 153 -0.38 -8.58 -27.47
CA ALA M 153 -0.68 -8.55 -26.06
C ALA M 153 -0.96 -7.10 -25.64
N GLU M 154 -0.48 -6.18 -26.45
CA GLU M 154 -0.58 -4.78 -26.11
C GLU M 154 -1.99 -4.31 -26.25
N TRP M 155 -2.66 -4.84 -27.29
CA TRP M 155 -4.06 -4.59 -27.53
C TRP M 155 -4.81 -5.10 -26.33
N TRP M 156 -4.63 -6.38 -26.04
CA TRP M 156 -5.49 -7.07 -25.12
C TRP M 156 -5.33 -6.49 -23.73
N ASN M 157 -4.26 -5.74 -23.55
CA ASN M 157 -3.95 -5.21 -22.25
C ASN M 157 -4.51 -3.82 -22.05
N MET M 158 -5.14 -3.28 -23.09
CA MET M 158 -5.83 -2.02 -22.94
C MET M 158 -7.12 -2.34 -22.26
N SER M 159 -7.66 -1.35 -21.57
CA SER M 159 -8.93 -1.48 -20.90
C SER M 159 -10.08 -1.69 -21.90
N PRO M 160 -11.16 -2.34 -21.42
CA PRO M 160 -12.35 -2.45 -22.24
C PRO M 160 -12.74 -1.10 -22.84
N GLU M 161 -12.71 -0.04 -22.01
CA GLU M 161 -12.95 1.34 -22.48
C GLU M 161 -12.00 1.74 -23.62
N GLU M 162 -10.70 1.48 -23.45
CA GLU M 162 -9.75 1.88 -24.49
C GLU M 162 -10.08 1.15 -25.84
N ARG M 163 -10.45 -0.13 -25.74
CA ARG M 163 -10.62 -0.96 -26.92
C ARG M 163 -11.95 -0.62 -27.61
N LEU M 164 -12.94 -0.28 -26.80
CA LEU M 164 -14.21 0.18 -27.30
C LEU M 164 -14.05 1.47 -28.14
N LYS M 165 -13.36 2.46 -27.60
CA LYS M 165 -13.08 3.66 -28.36
C LYS M 165 -12.42 3.23 -29.71
N GLU M 166 -11.51 2.25 -29.71
CA GLU M 166 -10.77 1.90 -30.93
C GLU M 166 -11.62 1.22 -31.95
N MET M 167 -12.57 0.44 -31.46
CA MET M 167 -13.50 -0.24 -32.32
C MET M 167 -14.59 0.65 -32.88
N GLU M 168 -14.94 1.69 -32.12
CA GLU M 168 -15.84 2.72 -32.66
C GLU M 168 -15.18 3.37 -33.87
N VAL M 169 -13.85 3.49 -33.82
CA VAL M 169 -13.11 4.17 -34.90
C VAL M 169 -13.07 3.31 -36.16
N HIS M 170 -12.87 1.99 -35.94
CA HIS M 170 -12.89 0.90 -36.97
C HIS M 170 -14.19 0.92 -37.73
N THR M 171 -15.29 1.01 -36.98
CA THR M 171 -16.62 0.91 -37.50
C THR M 171 -16.96 2.11 -38.42
N THR M 172 -16.59 3.31 -38.00
CA THR M 172 -17.03 4.50 -38.69
C THR M 172 -16.84 4.45 -40.20
N PRO M 173 -15.62 4.18 -40.69
CA PRO M 173 -15.44 4.24 -42.15
C PRO M 173 -16.05 3.07 -42.91
N THR M 174 -16.33 1.96 -42.21
CA THR M 174 -16.86 0.72 -42.81
C THR M 174 -18.34 0.82 -43.09
N LEU M 175 -19.01 1.66 -42.32
CA LEU M 175 -20.44 1.93 -42.52
C LEU M 175 -20.83 2.27 -43.93
N ALA M 176 -19.97 2.98 -44.64
CA ALA M 176 -20.20 3.15 -46.07
C ALA M 176 -20.31 1.83 -46.87
N TYR M 177 -19.47 0.84 -46.56
CA TYR M 177 -19.31 -0.39 -47.36
C TYR M 177 -20.35 -1.47 -47.04
N LEU M 178 -21.34 -1.10 -46.23
CA LEU M 178 -22.52 -1.92 -45.99
C LEU M 178 -23.35 -2.24 -47.22
N VAL M 179 -23.25 -1.43 -48.27
CA VAL M 179 -24.05 -1.65 -49.48
C VAL M 179 -23.38 -2.60 -50.47
N ASN M 180 -22.14 -3.01 -50.16
CA ASN M 180 -21.12 -3.34 -51.13
C ASN M 180 -20.49 -4.68 -50.86
N VAL M 181 -20.36 -4.95 -49.54
CA VAL M 181 -19.56 -6.00 -48.93
C VAL M 181 -20.33 -6.65 -47.78
N LYS M 182 -20.38 -7.97 -47.76
CA LYS M 182 -21.02 -8.72 -46.70
C LYS M 182 -19.93 -9.25 -45.80
N ARG M 183 -20.19 -9.24 -44.50
CA ARG M 183 -19.14 -9.54 -43.51
C ARG M 183 -19.58 -10.65 -42.57
N LYS M 184 -18.62 -11.44 -42.07
CA LYS M 184 -18.89 -12.33 -40.91
C LYS M 184 -17.66 -12.46 -40.00
N LEU M 185 -17.90 -12.49 -38.71
CA LEU M 185 -16.82 -12.47 -37.78
C LEU M 185 -16.82 -13.73 -36.91
N TYR M 186 -15.77 -14.56 -36.99
CA TYR M 186 -15.59 -15.68 -36.07
C TYR M 186 -14.47 -15.37 -35.09
N HIS M 187 -14.57 -15.91 -33.87
CA HIS M 187 -13.61 -15.62 -32.80
C HIS M 187 -12.79 -16.85 -32.57
N SER M 188 -11.48 -16.71 -32.37
CA SER M 188 -10.58 -17.88 -32.37
C SER M 188 -9.57 -18.02 -31.24
N THR M 189 -9.44 -17.02 -30.38
CA THR M 189 -8.27 -16.93 -29.50
C THR M 189 -8.29 -18.14 -28.61
N GLY M 190 -7.20 -18.90 -28.59
CA GLY M 190 -7.24 -20.17 -27.85
C GLY M 190 -7.84 -21.39 -28.55
N LEU M 191 -8.61 -21.18 -29.61
CA LEU M 191 -9.15 -22.28 -30.39
C LEU M 191 -8.28 -22.63 -31.58
N ASP M 192 -7.49 -21.65 -32.02
CA ASP M 192 -6.57 -21.82 -33.11
C ASP M 192 -5.58 -20.65 -33.08
N ASP M 193 -4.61 -20.68 -34.01
CA ASP M 193 -3.50 -19.73 -34.04
C ASP M 193 -3.91 -18.41 -34.69
N THR M 194 -4.91 -17.74 -34.12
CA THR M 194 -5.39 -16.45 -34.60
C THR M 194 -6.47 -15.98 -33.63
N ASP M 195 -6.69 -14.69 -33.52
CA ASP M 195 -7.72 -14.16 -32.64
C ASP M 195 -9.09 -14.16 -33.31
N PHE M 196 -9.11 -13.96 -34.63
CA PHE M 196 -10.35 -13.82 -35.41
C PHE M 196 -10.26 -14.42 -36.79
N ILE M 197 -11.40 -14.74 -37.36
CA ILE M 197 -11.45 -15.13 -38.74
C ILE M 197 -12.42 -14.19 -39.36
N THR M 198 -12.00 -13.49 -40.40
CA THR M 198 -12.96 -12.62 -41.04
C THR M 198 -13.31 -13.15 -42.43
N TYR M 199 -14.57 -13.07 -42.74
CA TYR M 199 -15.14 -13.65 -43.90
C TYR M 199 -15.88 -12.55 -44.69
N PHE M 200 -15.58 -12.42 -45.99
CA PHE M 200 -16.27 -11.40 -46.79
C PHE M 200 -16.81 -11.89 -48.15
N GLU M 201 -17.88 -11.23 -48.60
CA GLU M 201 -18.40 -11.45 -49.95
C GLU M 201 -18.58 -10.10 -50.63
N THR M 202 -18.10 -9.95 -51.86
CA THR M 202 -18.30 -8.71 -52.57
C THR M 202 -18.21 -8.91 -54.09
N ASP M 203 -18.80 -7.96 -54.83
CA ASP M 203 -18.61 -7.91 -56.26
C ASP M 203 -17.62 -6.81 -56.73
N ASP M 204 -17.19 -5.94 -55.83
CA ASP M 204 -16.35 -4.79 -56.20
C ASP M 204 -15.00 -4.81 -55.48
N LEU M 205 -14.00 -5.41 -56.11
CA LEU M 205 -12.72 -5.56 -55.44
C LEU M 205 -11.95 -4.24 -55.28
N THR M 206 -12.29 -3.24 -56.09
CA THR M 206 -11.76 -1.88 -55.90
C THR M 206 -12.33 -1.31 -54.62
N ALA M 207 -13.65 -1.41 -54.45
CA ALA M 207 -14.26 -1.01 -53.18
C ALA M 207 -13.64 -1.75 -51.97
N PHE M 208 -13.46 -3.06 -52.09
CA PHE M 208 -12.89 -3.79 -50.98
C PHE M 208 -11.49 -3.27 -50.69
N ASN M 209 -10.73 -2.95 -51.75
CA ASN M 209 -9.37 -2.49 -51.53
C ASN M 209 -9.41 -1.19 -50.72
N ASN M 210 -10.27 -0.26 -51.14
CA ASN M 210 -10.46 1.00 -50.42
C ASN M 210 -10.91 0.86 -48.96
N LEU M 211 -11.74 -0.13 -48.66
CA LEU M 211 -12.17 -0.45 -47.31
C LEU M 211 -11.01 -0.92 -46.40
N MET M 212 -10.25 -1.91 -46.86
CA MET M 212 -9.07 -2.34 -46.11
C MET M 212 -8.10 -1.20 -45.94
N LEU M 213 -8.05 -0.31 -46.91
CA LEU M 213 -7.19 0.85 -46.78
C LEU M 213 -7.67 1.83 -45.67
N SER M 214 -8.98 1.98 -45.56
CA SER M 214 -9.59 2.76 -44.47
C SER M 214 -9.22 2.26 -43.08
N LEU M 215 -9.15 0.94 -42.96
CA LEU M 215 -8.85 0.32 -41.69
C LEU M 215 -7.34 0.30 -41.47
N ALA M 216 -6.56 0.36 -42.53
CA ALA M 216 -5.14 0.21 -42.37
C ALA M 216 -4.71 1.50 -41.67
N GLN M 217 -5.55 2.52 -41.80
CA GLN M 217 -5.21 3.93 -41.47
C GLN M 217 -5.70 4.37 -40.09
N VAL M 218 -6.33 3.47 -39.36
CA VAL M 218 -6.74 3.76 -38.00
C VAL M 218 -5.78 3.11 -37.00
N LYS M 219 -5.73 3.67 -35.80
CA LYS M 219 -4.85 3.20 -34.75
C LYS M 219 -4.93 1.68 -34.53
N GLU M 220 -6.12 1.09 -34.62
CA GLU M 220 -6.21 -0.35 -34.29
C GLU M 220 -5.24 -1.14 -35.13
N ASN M 221 -4.87 -0.62 -36.30
CA ASN M 221 -4.02 -1.39 -37.19
C ASN M 221 -2.66 -1.65 -36.55
N LYS M 222 -2.24 -0.69 -35.73
CA LYS M 222 -0.94 -0.76 -35.06
C LYS M 222 -0.72 -2.00 -34.24
N PHE M 223 -1.81 -2.67 -33.84
CA PHE M 223 -1.71 -3.84 -32.97
C PHE M 223 -1.74 -5.20 -33.68
N HIS M 224 -1.91 -5.18 -35.01
CA HIS M 224 -2.08 -6.41 -35.74
C HIS M 224 -0.72 -7.10 -35.86
N VAL M 225 -0.65 -8.39 -35.47
CA VAL M 225 0.53 -9.26 -35.74
C VAL M 225 0.28 -10.29 -36.84
N ARG M 226 -0.99 -10.43 -37.24
CA ARG M 226 -1.43 -11.21 -38.38
C ARG M 226 -2.64 -10.49 -38.88
N TRP M 227 -2.72 -10.28 -40.19
CA TRP M 227 -3.83 -9.52 -40.80
C TRP M 227 -3.84 -9.95 -42.26
N GLY M 228 -4.13 -11.25 -42.47
CA GLY M 228 -3.75 -12.00 -43.69
C GLY M 228 -2.91 -13.26 -43.44
N SER M 229 -1.99 -13.56 -44.36
CA SER M 229 -1.05 -14.69 -44.25
C SER M 229 -1.75 -15.97 -43.76
N PRO M 230 -2.64 -16.50 -44.60
CA PRO M 230 -2.85 -15.94 -45.92
C PRO M 230 -4.09 -15.07 -46.07
N THR M 231 -4.02 -14.08 -46.95
CA THR M 231 -5.22 -13.44 -47.41
C THR M 231 -5.75 -14.29 -48.55
N THR M 232 -6.91 -14.89 -48.36
CA THR M 232 -7.46 -15.80 -49.37
C THR M 232 -8.66 -15.21 -50.09
N LEU M 233 -8.53 -15.06 -51.40
CA LEU M 233 -9.51 -14.34 -52.19
C LEU M 233 -9.78 -15.20 -53.37
N GLY M 234 -10.99 -15.74 -53.41
CA GLY M 234 -11.40 -16.59 -54.50
C GLY M 234 -12.82 -16.28 -54.94
N THR M 235 -13.45 -17.26 -55.57
CA THR M 235 -14.59 -16.97 -56.42
C THR M 235 -15.79 -17.83 -56.01
N ILE M 236 -16.97 -17.19 -55.85
CA ILE M 236 -18.19 -17.86 -55.34
C ILE M 236 -18.99 -18.70 -56.37
N HIS M 237 -19.23 -19.96 -56.01
CA HIS M 237 -20.08 -20.83 -56.81
C HIS M 237 -20.77 -21.86 -55.92
N SER M 238 -21.70 -22.60 -56.52
CA SER M 238 -22.28 -23.79 -55.92
C SER M 238 -21.23 -24.91 -55.75
N PRO M 239 -21.35 -25.72 -54.68
CA PRO M 239 -20.34 -26.73 -54.40
C PRO M 239 -20.09 -27.70 -55.57
N GLU M 240 -21.16 -28.12 -56.24
CA GLU M 240 -20.95 -29.00 -57.37
C GLU M 240 -20.14 -28.35 -58.50
N ASP M 241 -20.38 -27.06 -58.78
CA ASP M 241 -19.59 -26.28 -59.76
C ASP M 241 -18.12 -26.03 -59.46
N VAL M 242 -17.77 -25.83 -58.18
CA VAL M 242 -16.36 -25.76 -57.79
C VAL M 242 -15.65 -27.05 -58.21
N ILE M 243 -16.18 -28.19 -57.77
CA ILE M 243 -15.60 -29.47 -58.12
C ILE M 243 -15.60 -29.68 -59.64
N LYS M 244 -16.69 -29.30 -60.30
CA LYS M 244 -16.77 -29.45 -61.77
C LYS M 244 -15.65 -28.70 -62.43
N ALA M 245 -15.37 -27.50 -61.94
CA ALA M 245 -14.29 -26.70 -62.52
C ALA M 245 -12.87 -27.24 -62.15
N LEU M 246 -12.77 -27.98 -61.06
CA LEU M 246 -11.52 -28.60 -60.69
C LEU M 246 -11.21 -29.85 -61.53
N ALA M 247 -12.25 -30.36 -62.20
CA ALA M 247 -12.25 -31.69 -62.79
C ALA M 247 -11.30 -31.90 -63.97
N ASP M 248 -11.26 -30.91 -64.87
CA ASP M 248 -10.48 -31.03 -66.14
C ASP M 248 -9.11 -30.32 -66.16
N LYS N 8 -13.04 -6.44 -77.46
CA LYS N 8 -11.57 -6.25 -77.74
C LYS N 8 -10.73 -5.60 -76.62
N ILE N 9 -9.45 -5.98 -76.62
CA ILE N 9 -8.51 -5.58 -75.59
C ILE N 9 -7.24 -5.16 -76.29
N GLU N 10 -6.94 -3.86 -76.24
CA GLU N 10 -5.74 -3.34 -76.88
C GLU N 10 -4.62 -3.19 -75.84
N ARG N 11 -3.46 -3.74 -76.15
CA ARG N 11 -2.35 -3.79 -75.21
C ARG N 11 -2.19 -2.42 -74.62
N GLY N 12 -2.11 -1.42 -75.49
CA GLY N 12 -1.72 -0.05 -75.13
C GLY N 12 -2.74 0.75 -74.34
N THR N 13 -3.98 0.27 -74.29
CA THR N 13 -5.07 0.90 -73.56
C THR N 13 -5.23 0.33 -72.16
N ILE N 14 -5.30 -1.00 -72.07
CA ILE N 14 -5.46 -1.67 -70.78
C ILE N 14 -4.29 -1.42 -69.80
N LEU N 15 -3.06 -1.27 -70.33
CA LEU N 15 -1.87 -1.03 -69.49
C LEU N 15 -1.78 0.40 -68.95
N THR N 16 -2.71 1.24 -69.41
CA THR N 16 -2.80 2.67 -69.16
C THR N 16 -3.88 3.01 -68.13
N GLN N 17 -4.91 2.15 -68.04
CA GLN N 17 -6.18 2.47 -67.35
C GLN N 17 -6.26 2.03 -65.90
N PRO N 18 -7.08 2.76 -65.09
CA PRO N 18 -7.39 2.33 -63.74
C PRO N 18 -8.46 1.24 -63.78
N GLY N 19 -8.63 0.50 -62.70
CA GLY N 19 -9.65 -0.54 -62.65
C GLY N 19 -9.21 -1.86 -63.28
N VAL N 20 -7.91 -2.00 -63.56
CA VAL N 20 -7.38 -3.19 -64.21
C VAL N 20 -6.74 -4.17 -63.21
N PHE N 21 -7.19 -5.40 -63.23
CA PHE N 21 -6.56 -6.40 -62.41
C PHE N 21 -5.28 -6.99 -63.01
N GLY N 22 -4.25 -7.04 -62.17
CA GLY N 22 -3.04 -7.72 -62.51
C GLY N 22 -2.92 -8.99 -61.69
N VAL N 23 -2.78 -10.12 -62.36
CA VAL N 23 -2.42 -11.33 -61.62
C VAL N 23 -1.01 -11.75 -62.04
N PHE N 24 -0.10 -11.78 -61.08
CA PHE N 24 1.22 -12.29 -61.34
C PHE N 24 1.32 -13.69 -60.76
N THR N 25 1.86 -14.65 -61.53
CA THR N 25 1.99 -16.00 -61.02
C THR N 25 3.31 -16.63 -61.40
N MET N 26 4.10 -17.00 -60.39
CA MET N 26 5.40 -17.65 -60.57
C MET N 26 5.28 -19.15 -60.44
N PHE N 27 5.77 -19.83 -61.48
CA PHE N 27 5.64 -21.29 -61.66
C PHE N 27 7.00 -21.94 -61.62
N LYS N 28 7.08 -23.12 -60.99
CA LYS N 28 8.33 -23.94 -61.03
C LYS N 28 8.07 -25.33 -61.61
N LEU N 29 8.72 -25.65 -62.73
CA LEU N 29 8.59 -26.94 -63.36
C LEU N 29 9.05 -28.05 -62.43
N ARG N 30 8.24 -29.07 -62.26
CA ARG N 30 8.65 -30.23 -61.48
C ARG N 30 9.72 -31.10 -62.19
N PRO N 31 10.52 -31.88 -61.42
CA PRO N 31 11.49 -32.77 -62.09
C PRO N 31 10.86 -33.70 -63.15
N ASP N 32 9.62 -34.18 -62.92
CA ASP N 32 9.08 -35.14 -63.91
C ASP N 32 8.61 -34.54 -65.22
N TRP N 33 8.96 -33.28 -65.42
CA TRP N 33 8.80 -32.61 -66.70
C TRP N 33 9.87 -33.05 -67.71
N ASN N 34 11.07 -33.38 -67.23
CA ASN N 34 12.14 -33.87 -68.11
C ASN N 34 11.84 -35.23 -68.70
N LYS N 35 10.87 -35.93 -68.11
CA LYS N 35 10.52 -37.30 -68.50
C LYS N 35 9.30 -37.35 -69.40
N VAL N 36 8.71 -36.18 -69.66
CA VAL N 36 7.68 -36.02 -70.70
C VAL N 36 8.34 -36.20 -72.09
N PRO N 37 7.77 -37.05 -72.96
CA PRO N 37 8.37 -37.32 -74.27
C PRO N 37 8.86 -36.05 -74.96
N VAL N 38 10.13 -36.01 -75.34
CA VAL N 38 10.70 -34.85 -76.05
C VAL N 38 10.03 -34.73 -77.42
N ALA N 39 9.15 -33.73 -77.55
CA ALA N 39 8.29 -33.59 -78.73
C ALA N 39 6.93 -33.13 -78.25
N GLU N 40 6.37 -33.87 -77.31
CA GLU N 40 5.17 -33.43 -76.62
C GLU N 40 5.51 -32.26 -75.63
N ARG N 41 6.77 -32.22 -75.18
CA ARG N 41 7.39 -31.03 -74.59
C ARG N 41 7.52 -29.87 -75.62
N LYS N 42 7.89 -30.22 -76.86
CA LYS N 42 8.10 -29.22 -77.91
C LYS N 42 6.77 -28.68 -78.51
N GLY N 43 5.69 -29.43 -78.33
CA GLY N 43 4.36 -29.01 -78.79
C GLY N 43 3.68 -28.09 -77.79
N ALA N 44 4.29 -27.98 -76.60
CA ALA N 44 3.73 -27.19 -75.49
C ALA N 44 3.62 -25.68 -75.79
N ALA N 45 4.65 -25.13 -76.44
CA ALA N 45 4.72 -23.71 -76.79
C ALA N 45 3.58 -23.31 -77.69
N GLU N 46 3.38 -24.12 -78.73
CA GLU N 46 2.27 -23.94 -79.64
C GLU N 46 0.96 -23.95 -78.87
N GLU N 47 0.79 -24.95 -77.99
CA GLU N 47 -0.41 -25.07 -77.16
C GLU N 47 -0.70 -23.84 -76.29
N VAL N 48 0.35 -23.16 -75.79
CA VAL N 48 0.24 -21.91 -75.01
C VAL N 48 -0.11 -20.73 -75.94
N LYS N 49 0.56 -20.67 -77.08
CA LYS N 49 0.29 -19.64 -78.07
C LYS N 49 -1.20 -19.60 -78.43
N LYS N 50 -1.79 -20.79 -78.61
CA LYS N 50 -3.22 -20.96 -78.98
C LYS N 50 -4.16 -20.53 -77.85
N LEU N 51 -3.82 -20.89 -76.60
CA LEU N 51 -4.60 -20.51 -75.43
C LEU N 51 -4.69 -19.00 -75.27
N ILE N 52 -3.55 -18.32 -75.42
CA ILE N 52 -3.49 -16.88 -75.30
C ILE N 52 -4.36 -16.23 -76.34
N GLU N 53 -4.35 -16.79 -77.54
CA GLU N 53 -5.18 -16.26 -78.60
C GLU N 53 -6.66 -16.62 -78.42
N LYS N 54 -6.97 -17.71 -77.70
CA LYS N 54 -8.38 -18.05 -77.48
C LYS N 54 -8.97 -17.01 -76.53
N HIS N 55 -8.12 -16.50 -75.64
CA HIS N 55 -8.50 -15.42 -74.72
C HIS N 55 -8.07 -14.01 -75.16
N LYS N 56 -7.85 -13.83 -76.47
CA LYS N 56 -7.63 -12.52 -77.14
C LYS N 56 -8.38 -11.43 -76.39
N ASP N 57 -9.67 -11.68 -76.14
CA ASP N 57 -10.63 -10.65 -75.74
C ASP N 57 -10.96 -10.64 -74.23
N ASN N 58 -10.25 -11.46 -73.46
CA ASN N 58 -10.55 -11.58 -72.03
C ASN N 58 -9.47 -11.00 -71.15
N VAL N 59 -8.22 -11.33 -71.48
CA VAL N 59 -7.08 -10.88 -70.71
C VAL N 59 -5.93 -10.54 -71.66
N LEU N 60 -4.91 -9.89 -71.12
CA LEU N 60 -3.69 -9.61 -71.84
C LEU N 60 -2.61 -10.41 -71.15
N VAL N 61 -1.87 -11.17 -71.94
CA VAL N 61 -0.88 -12.11 -71.38
C VAL N 61 0.58 -11.59 -71.55
N ASP N 62 1.39 -11.75 -70.51
CA ASP N 62 2.84 -11.65 -70.64
C ASP N 62 3.43 -12.85 -69.94
N LEU N 63 4.58 -13.29 -70.43
CA LEU N 63 5.19 -14.49 -69.91
C LEU N 63 6.68 -14.28 -69.85
N TYR N 64 7.28 -14.50 -68.69
CA TYR N 64 8.71 -14.17 -68.52
C TYR N 64 9.56 -15.35 -68.08
N LEU N 65 10.84 -15.28 -68.44
CA LEU N 65 11.71 -16.42 -68.23
C LEU N 65 12.66 -16.23 -67.05
N THR N 66 12.43 -16.97 -65.96
CA THR N 66 13.33 -16.91 -64.81
C THR N 66 14.24 -18.13 -64.52
N ARG N 67 14.10 -19.24 -65.25
CA ARG N 67 14.97 -20.40 -65.05
C ARG N 67 16.47 -20.04 -65.14
N GLY N 68 17.22 -20.32 -64.07
CA GLY N 68 18.64 -20.03 -64.08
C GLY N 68 18.93 -18.72 -63.41
N LEU N 69 17.87 -17.99 -63.07
CA LEU N 69 17.99 -16.76 -62.31
C LEU N 69 17.19 -16.73 -61.02
N GLU N 70 16.26 -17.67 -60.85
CA GLU N 70 15.41 -17.66 -59.64
C GLU N 70 15.30 -19.03 -59.07
N THR N 71 15.31 -19.08 -57.73
CA THR N 71 15.19 -20.33 -57.01
C THR N 71 13.76 -20.83 -57.13
N ASN N 72 12.79 -19.94 -56.97
CA ASN N 72 11.39 -20.36 -56.82
C ASN N 72 10.47 -20.03 -57.99
N SER N 73 11.03 -19.96 -59.20
CA SER N 73 10.26 -19.91 -60.44
C SER N 73 11.18 -20.21 -61.61
N ASP N 74 10.70 -20.92 -62.62
CA ASP N 74 11.45 -20.96 -63.88
C ASP N 74 10.78 -19.99 -64.84
N PHE N 75 9.53 -19.64 -64.55
CA PHE N 75 8.79 -18.71 -65.40
C PHE N 75 7.59 -18.11 -64.68
N PHE N 76 7.15 -16.93 -65.11
CA PHE N 76 6.00 -16.29 -64.46
C PHE N 76 5.19 -15.50 -65.46
N PHE N 77 3.88 -15.42 -65.18
CA PHE N 77 2.87 -14.79 -66.04
C PHE N 77 2.53 -13.44 -65.50
N ARG N 78 2.18 -12.52 -66.39
CA ARG N 78 1.44 -11.35 -65.92
C ARG N 78 0.20 -11.24 -66.75
N ILE N 79 -0.92 -11.42 -66.05
CA ILE N 79 -2.23 -11.29 -66.63
C ILE N 79 -2.82 -9.97 -66.23
N ASN N 80 -3.34 -9.23 -67.22
CA ASN N 80 -4.11 -8.05 -66.92
C ASN N 80 -5.53 -8.24 -67.38
N ALA N 81 -6.50 -7.76 -66.62
CA ALA N 81 -7.89 -7.99 -67.03
C ALA N 81 -8.84 -6.98 -66.46
N TYR N 82 -9.96 -6.80 -67.15
CA TYR N 82 -11.01 -5.94 -66.64
C TYR N 82 -11.84 -6.66 -65.58
N ASP N 83 -11.67 -7.97 -65.49
CA ASP N 83 -12.50 -8.81 -64.66
C ASP N 83 -11.63 -9.84 -63.98
N LEU N 84 -11.55 -9.84 -62.66
CA LEU N 84 -10.62 -10.77 -61.98
C LEU N 84 -11.01 -12.22 -62.30
N ALA N 85 -12.31 -12.46 -62.32
CA ALA N 85 -12.85 -13.77 -62.60
C ALA N 85 -12.29 -14.29 -63.91
N LYS N 86 -11.95 -13.39 -64.85
CA LYS N 86 -11.47 -13.81 -66.17
C LYS N 86 -10.01 -14.15 -66.13
N ALA N 87 -9.24 -13.34 -65.41
CA ALA N 87 -7.86 -13.66 -65.11
C ALA N 87 -7.77 -15.05 -64.47
N GLN N 88 -8.68 -15.34 -63.54
CA GLN N 88 -8.76 -16.65 -62.93
C GLN N 88 -8.97 -17.77 -63.97
N THR N 89 -10.00 -17.62 -64.80
CA THR N 89 -10.32 -18.59 -65.84
C THR N 89 -9.12 -18.87 -66.76
N PHE N 90 -8.42 -17.83 -67.18
CA PHE N 90 -7.27 -18.05 -68.01
C PHE N 90 -6.22 -18.90 -67.33
N MET N 91 -5.82 -18.46 -66.14
CA MET N 91 -4.78 -19.10 -65.35
C MET N 91 -5.11 -20.56 -65.09
N ARG N 92 -6.39 -20.82 -64.84
CA ARG N 92 -6.89 -22.13 -64.53
C ARG N 92 -6.70 -23.04 -65.76
N GLU N 93 -6.95 -22.45 -66.94
CA GLU N 93 -6.83 -23.14 -68.22
C GLU N 93 -5.38 -23.35 -68.61
N PHE N 94 -4.51 -22.40 -68.23
CA PHE N 94 -3.09 -22.60 -68.46
C PHE N 94 -2.61 -23.77 -67.64
N ARG N 95 -3.20 -23.95 -66.47
CA ARG N 95 -2.82 -25.06 -65.62
C ARG N 95 -3.26 -26.45 -66.11
N SER N 96 -4.07 -26.48 -67.17
CA SER N 96 -4.51 -27.70 -67.86
C SER N 96 -3.66 -28.02 -69.10
N THR N 97 -2.70 -27.14 -69.33
CA THR N 97 -1.87 -27.16 -70.49
C THR N 97 -0.73 -28.16 -70.21
N THR N 98 -0.10 -28.69 -71.26
CA THR N 98 1.03 -29.63 -71.08
C THR N 98 2.09 -29.15 -70.10
N VAL N 99 2.62 -27.94 -70.30
CA VAL N 99 3.49 -27.28 -69.29
C VAL N 99 2.74 -27.12 -67.96
N GLY N 100 1.50 -26.67 -68.04
CA GLY N 100 0.69 -26.42 -66.86
C GLY N 100 0.63 -27.61 -65.93
N LYS N 101 0.37 -28.79 -66.51
CA LYS N 101 0.25 -30.00 -65.74
C LYS N 101 1.56 -30.40 -65.03
N ASN N 102 2.72 -30.10 -65.64
CA ASN N 102 4.03 -30.42 -65.04
C ASN N 102 4.78 -29.33 -64.28
N ALA N 103 4.09 -28.26 -63.90
CA ALA N 103 4.66 -27.20 -63.04
C ALA N 103 3.74 -26.93 -61.85
N ASP N 104 4.33 -26.48 -60.74
CA ASP N 104 3.64 -26.04 -59.52
C ASP N 104 3.67 -24.52 -59.35
N VAL N 105 2.63 -23.91 -58.80
CA VAL N 105 2.68 -22.49 -58.44
C VAL N 105 3.50 -22.26 -57.19
N PHE N 106 4.38 -21.25 -57.23
CA PHE N 106 5.16 -20.81 -56.04
C PHE N 106 4.89 -19.40 -55.46
N GLU N 107 4.15 -18.60 -56.21
CA GLU N 107 3.84 -17.24 -55.86
C GLU N 107 2.64 -16.77 -56.70
N THR N 108 1.75 -16.00 -56.07
CA THR N 108 0.63 -15.46 -56.79
C THR N 108 0.39 -14.09 -56.21
N LEU N 109 0.22 -13.10 -57.07
CA LEU N 109 0.00 -11.77 -56.59
C LEU N 109 -1.13 -11.16 -57.36
N VAL N 110 -2.21 -10.84 -56.63
CA VAL N 110 -3.40 -10.20 -57.19
C VAL N 110 -3.38 -8.72 -56.80
N GLY N 111 -3.66 -7.85 -57.75
CA GLY N 111 -3.71 -6.44 -57.49
C GLY N 111 -4.58 -5.68 -58.47
N VAL N 112 -4.87 -4.43 -58.14
CA VAL N 112 -5.69 -3.60 -59.00
C VAL N 112 -5.10 -2.21 -59.18
N THR N 113 -5.35 -1.71 -60.38
CA THR N 113 -4.89 -0.44 -60.84
C THR N 113 -5.85 0.66 -60.39
N LYS N 114 -5.33 1.77 -59.89
CA LYS N 114 -6.17 2.88 -59.42
C LYS N 114 -5.66 4.20 -59.96
N PRO N 115 -6.42 5.28 -59.76
CA PRO N 115 -5.87 6.61 -60.09
C PRO N 115 -4.63 6.96 -59.26
N LEU N 116 -3.96 8.04 -59.65
CA LEU N 116 -2.86 8.57 -58.87
C LEU N 116 -3.31 9.10 -57.50
N ASN N 117 -2.70 8.59 -56.43
CA ASN N 117 -3.05 8.99 -55.06
C ASN N 117 -2.33 10.23 -54.54
N TYR N 118 -1.10 10.48 -55.01
CA TYR N 118 -0.28 11.56 -54.47
C TYR N 118 0.30 12.48 -55.54
N ILE N 119 1.02 11.91 -56.49
CA ILE N 119 1.67 12.75 -57.50
C ILE N 119 0.67 13.07 -58.63
N SER N 120 -0.54 13.52 -58.28
CA SER N 120 -1.60 13.86 -59.27
C SER N 120 -1.50 15.33 -59.78
N LYS N 121 -2.26 15.71 -60.80
CA LYS N 121 -2.32 17.12 -61.18
C LYS N 121 -2.75 18.05 -60.01
N ASP N 122 -3.77 17.62 -59.25
CA ASP N 122 -4.27 18.44 -58.14
C ASP N 122 -3.37 18.56 -56.92
N LYS N 123 -2.71 17.47 -56.51
CA LYS N 123 -1.97 17.47 -55.24
C LYS N 123 -0.48 17.79 -55.32
N SER N 124 0.17 17.32 -56.36
CA SER N 124 1.54 17.68 -56.61
C SER N 124 1.68 18.00 -58.10
N PRO N 125 1.30 19.22 -58.50
CA PRO N 125 1.25 19.54 -59.92
C PRO N 125 2.64 19.50 -60.56
N GLY N 126 3.64 20.02 -59.85
CA GLY N 126 5.01 20.07 -60.34
C GLY N 126 5.62 18.73 -60.72
N LEU N 127 5.58 17.77 -59.81
CA LEU N 127 6.16 16.47 -60.12
C LEU N 127 5.27 15.69 -61.09
N ASN N 128 3.98 16.00 -61.10
CA ASN N 128 3.02 15.32 -61.98
C ASN N 128 3.35 15.61 -63.42
N ALA N 129 3.47 16.89 -63.76
CA ALA N 129 3.94 17.29 -65.09
C ALA N 129 5.27 16.60 -65.46
N GLY N 130 6.28 16.74 -64.57
CA GLY N 130 7.54 15.97 -64.66
C GLY N 130 7.33 14.51 -65.04
N LEU N 131 6.45 13.82 -64.32
CA LEU N 131 6.19 12.40 -64.59
C LEU N 131 5.75 12.13 -66.06
N SER N 132 4.54 12.55 -66.43
CA SER N 132 3.96 12.20 -67.74
C SER N 132 4.63 12.86 -68.96
N SER N 133 5.62 13.74 -68.70
CA SER N 133 6.51 14.24 -69.75
C SER N 133 7.96 13.76 -69.54
N ALA N 134 8.11 12.46 -69.41
CA ALA N 134 9.41 11.78 -69.46
C ALA N 134 9.18 10.51 -70.29
N THR N 135 10.22 10.06 -70.97
CA THR N 135 10.02 9.10 -72.06
C THR N 135 11.17 8.10 -72.09
N TYR N 136 10.86 6.80 -72.26
CA TYR N 136 11.90 5.76 -72.32
C TYR N 136 12.83 5.89 -73.57
N SER N 137 14.15 5.81 -73.36
CA SER N 137 15.16 5.88 -74.43
C SER N 137 16.01 4.61 -74.53
N GLY N 138 16.64 4.40 -75.68
CA GLY N 138 17.56 3.28 -75.83
C GLY N 138 16.87 1.93 -76.05
N PRO N 139 17.60 0.81 -75.87
CA PRO N 139 17.19 -0.46 -76.46
C PRO N 139 15.93 -1.00 -75.79
N ALA N 140 15.20 -1.87 -76.47
CA ALA N 140 14.04 -2.49 -75.86
C ALA N 140 14.52 -3.32 -74.67
N PRO N 141 13.84 -3.17 -73.52
CA PRO N 141 14.33 -3.81 -72.31
C PRO N 141 14.43 -5.33 -72.47
N ARG N 142 15.54 -5.89 -71.98
CA ARG N 142 15.73 -7.34 -71.89
C ARG N 142 15.28 -7.95 -70.53
N TYR N 143 15.27 -7.14 -69.48
CA TYR N 143 15.04 -7.66 -68.13
C TYR N 143 13.74 -7.12 -67.53
N VAL N 144 13.00 -7.99 -66.85
CA VAL N 144 11.87 -7.60 -66.04
C VAL N 144 12.20 -7.79 -64.55
N ILE N 145 11.57 -6.96 -63.70
CA ILE N 145 11.62 -7.13 -62.26
C ILE N 145 10.22 -6.95 -61.72
N VAL N 146 9.82 -7.82 -60.80
CA VAL N 146 8.56 -7.69 -60.13
C VAL N 146 8.84 -7.77 -58.63
N ILE N 147 8.39 -6.73 -57.91
CA ILE N 147 8.68 -6.57 -56.47
C ILE N 147 7.42 -6.22 -55.68
N PRO N 148 6.95 -7.14 -54.80
CA PRO N 148 5.82 -6.77 -53.94
C PRO N 148 6.28 -5.87 -52.79
N VAL N 149 5.45 -4.88 -52.46
CA VAL N 149 5.77 -3.92 -51.41
C VAL N 149 4.63 -3.78 -50.39
N LYS N 150 4.93 -3.93 -49.09
CA LYS N 150 3.95 -3.77 -48.00
C LYS N 150 4.47 -2.79 -46.96
N LYS N 151 3.67 -1.81 -46.58
CA LYS N 151 4.14 -0.78 -45.64
C LYS N 151 3.45 -1.00 -44.30
N ASN N 152 4.13 -0.71 -43.19
CA ASN N 152 3.52 -0.97 -41.87
C ASN N 152 2.38 -0.02 -41.48
N ALA N 153 1.84 -0.26 -40.28
CA ALA N 153 0.68 0.45 -39.73
C ALA N 153 1.03 1.86 -39.39
N GLU N 154 2.33 2.09 -39.25
CA GLU N 154 2.84 3.40 -38.89
C GLU N 154 2.77 4.35 -40.04
N TRP N 155 3.11 3.88 -41.25
CA TRP N 155 2.87 4.58 -42.51
C TRP N 155 1.39 4.92 -42.62
N TRP N 156 0.53 3.90 -42.65
CA TRP N 156 -0.87 4.12 -42.89
C TRP N 156 -1.55 5.07 -41.87
N ASN N 157 -1.06 5.10 -40.65
CA ASN N 157 -1.59 6.05 -39.69
C ASN N 157 -1.05 7.49 -39.82
N MET N 158 -0.14 7.75 -40.76
CA MET N 158 0.28 9.14 -41.01
C MET N 158 -0.80 9.88 -41.79
N SER N 159 -0.89 11.18 -41.59
CA SER N 159 -1.89 11.95 -42.30
C SER N 159 -1.57 11.93 -43.79
N PRO N 160 -2.62 12.03 -44.66
CA PRO N 160 -2.34 12.12 -46.11
C PRO N 160 -1.34 13.22 -46.47
N GLU N 161 -1.30 14.30 -45.67
CA GLU N 161 -0.39 15.41 -45.90
C GLU N 161 1.05 14.97 -45.64
N GLU N 162 1.24 14.10 -44.65
CA GLU N 162 2.58 13.61 -44.33
C GLU N 162 3.00 12.58 -45.35
N ARG N 163 2.07 11.73 -45.76
CA ARG N 163 2.39 10.70 -46.73
C ARG N 163 2.68 11.27 -48.13
N LEU N 164 1.98 12.37 -48.48
CA LEU N 164 2.26 13.10 -49.71
C LEU N 164 3.69 13.58 -49.64
N LYS N 165 4.05 14.23 -48.55
CA LYS N 165 5.44 14.66 -48.42
C LYS N 165 6.41 13.54 -48.78
N GLU N 166 6.08 12.30 -48.44
CA GLU N 166 7.08 11.22 -48.55
C GLU N 166 7.13 10.63 -49.94
N MET N 167 5.98 10.65 -50.60
CA MET N 167 5.86 10.18 -51.96
C MET N 167 6.38 11.19 -52.96
N GLU N 168 6.47 12.45 -52.54
CA GLU N 168 7.15 13.48 -53.30
C GLU N 168 8.66 13.28 -53.18
N VAL N 169 9.12 12.82 -52.00
CA VAL N 169 10.54 12.47 -51.85
C VAL N 169 10.82 11.19 -52.66
N HIS N 170 9.89 10.23 -52.67
CA HIS N 170 10.02 9.03 -53.53
C HIS N 170 10.26 9.45 -54.97
N THR N 171 9.48 10.42 -55.42
CA THR N 171 9.36 10.78 -56.84
C THR N 171 10.57 11.51 -57.46
N THR N 172 11.22 12.35 -56.67
CA THR N 172 12.23 13.28 -57.16
C THR N 172 13.54 12.64 -57.64
N PRO N 173 14.16 11.71 -56.87
CA PRO N 173 15.37 11.16 -57.51
C PRO N 173 15.01 10.04 -58.50
N THR N 174 13.72 9.68 -58.58
CA THR N 174 13.30 8.61 -59.47
C THR N 174 13.05 9.08 -60.89
N LEU N 175 12.56 10.31 -61.02
CA LEU N 175 12.28 10.91 -62.32
C LEU N 175 13.42 10.62 -63.33
N ALA N 176 14.64 11.06 -62.97
CA ALA N 176 15.90 10.70 -63.66
C ALA N 176 15.89 9.35 -64.44
N TYR N 177 15.52 8.24 -63.75
CA TYR N 177 15.48 6.85 -64.28
C TYR N 177 14.33 6.51 -65.25
N LEU N 178 13.49 7.49 -65.59
CA LEU N 178 12.43 7.18 -66.53
C LEU N 178 12.93 7.01 -67.97
N VAL N 179 14.13 7.47 -68.28
CA VAL N 179 14.70 7.19 -69.61
C VAL N 179 15.23 5.76 -69.72
N ASN N 180 15.36 5.08 -68.57
CA ASN N 180 16.10 3.85 -68.44
C ASN N 180 15.23 2.67 -68.11
N VAL N 181 14.18 2.97 -67.34
CA VAL N 181 13.35 2.00 -66.60
C VAL N 181 11.87 2.33 -66.86
N LYS N 182 11.06 1.30 -67.09
CA LYS N 182 9.61 1.45 -67.23
C LYS N 182 8.94 0.89 -66.00
N ARG N 183 7.81 1.46 -65.62
CA ARG N 183 7.15 1.11 -64.35
C ARG N 183 5.64 0.96 -64.46
N LYS N 184 5.08 0.11 -63.59
CA LYS N 184 3.65 0.05 -63.36
C LYS N 184 3.40 -0.27 -61.88
N LEU N 185 2.31 0.29 -61.34
CA LEU N 185 1.90 0.08 -59.96
C LEU N 185 0.50 -0.55 -59.80
N TYR N 186 0.43 -1.80 -59.33
CA TYR N 186 -0.87 -2.37 -58.91
C TYR N 186 -1.04 -2.21 -57.39
N HIS N 187 -2.28 -2.10 -56.92
CA HIS N 187 -2.55 -1.95 -55.46
C HIS N 187 -3.20 -3.21 -54.91
N SER N 188 -2.86 -3.62 -53.68
CA SER N 188 -3.29 -4.94 -53.20
C SER N 188 -3.83 -5.08 -51.80
N THR N 189 -3.78 -4.04 -50.99
CA THR N 189 -4.23 -4.17 -49.59
C THR N 189 -5.63 -4.79 -49.56
N GLY N 190 -5.79 -5.87 -48.81
CA GLY N 190 -7.10 -6.45 -48.62
C GLY N 190 -7.45 -7.42 -49.71
N LEU N 191 -6.67 -7.42 -50.79
CA LEU N 191 -6.87 -8.32 -51.92
C LEU N 191 -5.88 -9.48 -51.90
N ASP N 192 -4.70 -9.23 -51.38
CA ASP N 192 -3.66 -10.25 -51.25
C ASP N 192 -2.70 -9.85 -50.14
N ASP N 193 -1.70 -10.67 -49.92
CA ASP N 193 -0.73 -10.41 -48.86
C ASP N 193 0.38 -9.44 -49.27
N THR N 194 -0.04 -8.30 -49.80
CA THR N 194 0.87 -7.17 -50.03
C THR N 194 0.09 -5.85 -50.23
N ASP N 195 0.72 -4.73 -49.89
CA ASP N 195 0.12 -3.43 -50.15
C ASP N 195 0.11 -3.07 -51.65
N PHE N 196 1.18 -3.43 -52.36
CA PHE N 196 1.37 -3.06 -53.76
C PHE N 196 2.08 -4.13 -54.57
N ILE N 197 1.87 -4.11 -55.87
CA ILE N 197 2.74 -4.86 -56.75
C ILE N 197 3.41 -3.83 -57.66
N THR N 198 4.73 -3.93 -57.76
CA THR N 198 5.47 -3.06 -58.68
C THR N 198 6.12 -3.92 -59.72
N TYR N 199 6.17 -3.35 -60.93
CA TYR N 199 6.53 -4.03 -62.15
C TYR N 199 7.42 -3.11 -63.00
N PHE N 200 8.63 -3.60 -63.35
CA PHE N 200 9.60 -2.80 -64.11
C PHE N 200 10.20 -3.57 -65.24
N GLU N 201 10.46 -2.85 -66.31
CA GLU N 201 11.20 -3.38 -67.45
C GLU N 201 12.42 -2.49 -67.63
N THR N 202 13.63 -3.07 -67.73
CA THR N 202 14.87 -2.29 -67.99
C THR N 202 15.88 -3.09 -68.79
N ASP N 203 16.84 -2.41 -69.42
CA ASP N 203 17.96 -3.11 -69.99
C ASP N 203 19.21 -2.90 -69.15
N ASP N 204 19.13 -1.97 -68.21
CA ASP N 204 20.28 -1.59 -67.43
C ASP N 204 20.11 -1.95 -65.95
N LEU N 205 20.64 -3.10 -65.56
CA LEU N 205 20.50 -3.59 -64.20
C LEU N 205 21.35 -2.84 -63.19
N THR N 206 22.48 -2.32 -63.65
CA THR N 206 23.31 -1.44 -62.85
C THR N 206 22.51 -0.17 -62.51
N ALA N 207 21.80 0.39 -63.48
CA ALA N 207 21.03 1.61 -63.24
C ALA N 207 19.96 1.33 -62.21
N PHE N 208 19.21 0.25 -62.46
CA PHE N 208 18.15 -0.16 -61.58
C PHE N 208 18.63 -0.33 -60.14
N ASN N 209 19.84 -0.87 -59.96
CA ASN N 209 20.37 -1.06 -58.64
C ASN N 209 20.52 0.28 -57.98
N ASN N 210 21.03 1.25 -58.72
CA ASN N 210 21.14 2.62 -58.26
C ASN N 210 19.79 3.25 -58.02
N LEU N 211 18.82 2.88 -58.85
CA LEU N 211 17.49 3.37 -58.62
C LEU N 211 16.99 2.84 -57.26
N MET N 212 16.93 1.51 -57.08
CA MET N 212 16.58 0.94 -55.76
C MET N 212 17.33 1.62 -54.61
N LEU N 213 18.64 1.78 -54.75
CA LEU N 213 19.41 2.38 -53.68
C LEU N 213 18.97 3.80 -53.32
N SER N 214 18.61 4.61 -54.32
CA SER N 214 18.04 5.95 -54.06
C SER N 214 16.82 5.91 -53.16
N LEU N 215 15.95 4.96 -53.49
CA LEU N 215 14.74 4.77 -52.74
C LEU N 215 15.01 4.12 -51.41
N ALA N 216 16.13 3.40 -51.27
CA ALA N 216 16.42 2.69 -50.03
C ALA N 216 16.74 3.77 -49.04
N GLN N 217 17.24 4.87 -49.58
CA GLN N 217 17.90 5.89 -48.80
C GLN N 217 17.03 7.02 -48.30
N VAL N 218 15.72 6.98 -48.58
CA VAL N 218 14.78 7.99 -48.07
C VAL N 218 13.85 7.46 -46.98
N LYS N 219 13.31 8.40 -46.20
CA LYS N 219 12.45 8.09 -45.07
C LYS N 219 11.35 7.06 -45.40
N GLU N 220 10.79 7.10 -46.60
CA GLU N 220 9.74 6.15 -46.91
C GLU N 220 10.19 4.70 -46.63
N ASN N 221 11.45 4.39 -46.90
CA ASN N 221 11.92 3.01 -46.77
C ASN N 221 11.82 2.48 -45.35
N LYS N 222 11.95 3.36 -44.38
CA LYS N 222 11.79 2.99 -42.97
C LYS N 222 10.46 2.30 -42.65
N PHE N 223 9.48 2.35 -43.55
CA PHE N 223 8.15 1.78 -43.28
C PHE N 223 7.85 0.43 -43.99
N HIS N 224 8.75 -0.01 -44.87
CA HIS N 224 8.52 -1.27 -45.54
C HIS N 224 8.66 -2.42 -44.55
N VAL N 225 7.74 -3.37 -44.65
CA VAL N 225 7.88 -4.64 -43.98
C VAL N 225 7.96 -5.77 -45.01
N ARG N 226 7.67 -5.46 -46.27
CA ARG N 226 7.95 -6.35 -47.41
C ARG N 226 8.36 -5.45 -48.54
N TRP N 227 9.48 -5.77 -49.19
CA TRP N 227 10.05 -4.91 -50.24
C TRP N 227 10.84 -5.85 -51.14
N GLY N 228 10.14 -6.88 -51.61
CA GLY N 228 10.75 -8.04 -52.23
C GLY N 228 10.10 -9.31 -51.73
N SER N 229 10.95 -10.31 -51.46
CA SER N 229 10.58 -11.60 -50.85
C SER N 229 9.29 -12.19 -51.45
N PRO N 230 9.33 -12.55 -52.75
CA PRO N 230 10.55 -12.55 -53.57
C PRO N 230 10.77 -11.29 -54.39
N THR N 231 12.03 -10.90 -54.55
CA THR N 231 12.39 -9.94 -55.60
C THR N 231 12.57 -10.80 -56.83
N THR N 232 11.70 -10.67 -57.82
CA THR N 232 11.78 -11.55 -58.99
C THR N 232 12.38 -10.86 -60.23
N LEU N 233 13.52 -11.35 -60.71
CA LEU N 233 14.18 -10.73 -61.85
C LEU N 233 14.48 -11.76 -62.87
N GLY N 234 13.86 -11.61 -64.01
CA GLY N 234 14.06 -12.52 -65.10
C GLY N 234 14.09 -11.79 -66.43
N THR N 235 13.74 -12.50 -67.48
CA THR N 235 14.14 -12.06 -68.75
C THR N 235 12.95 -12.05 -69.68
N ILE N 236 12.91 -11.06 -70.58
CA ILE N 236 11.74 -10.73 -71.43
C ILE N 236 11.81 -11.39 -72.82
N HIS N 237 10.75 -12.12 -73.19
CA HIS N 237 10.56 -12.69 -74.54
C HIS N 237 9.05 -12.89 -74.81
N SER N 238 8.72 -13.35 -76.03
CA SER N 238 7.33 -13.70 -76.42
C SER N 238 6.83 -14.97 -75.70
N PRO N 239 5.49 -15.17 -75.62
CA PRO N 239 5.07 -16.35 -74.90
C PRO N 239 5.65 -17.62 -75.49
N GLU N 240 5.47 -17.83 -76.78
CA GLU N 240 5.99 -19.04 -77.38
C GLU N 240 7.47 -19.22 -77.10
N ASP N 241 8.25 -18.15 -77.18
CA ASP N 241 9.68 -18.28 -76.93
C ASP N 241 9.94 -18.74 -75.49
N VAL N 242 9.20 -18.24 -74.50
CA VAL N 242 9.44 -18.68 -73.10
C VAL N 242 9.21 -20.19 -72.91
N ILE N 243 8.16 -20.73 -73.53
CA ILE N 243 7.91 -22.16 -73.47
C ILE N 243 8.93 -22.99 -74.27
N LYS N 244 9.37 -22.50 -75.43
CA LYS N 244 10.39 -23.19 -76.24
C LYS N 244 11.69 -23.30 -75.44
N ALA N 245 12.03 -22.22 -74.74
CA ALA N 245 13.23 -22.14 -73.91
C ALA N 245 13.18 -23.12 -72.73
N LEU N 246 11.97 -23.38 -72.23
CA LEU N 246 11.75 -24.30 -71.12
C LEU N 246 11.78 -25.78 -71.47
N ALA N 247 11.97 -26.09 -72.75
CA ALA N 247 11.78 -27.43 -73.33
C ALA N 247 12.90 -28.48 -73.09
N ASP N 248 14.15 -28.14 -73.47
CA ASP N 248 15.26 -29.14 -73.58
C ASP N 248 16.08 -29.44 -72.31
N LYS O 8 35.86 -12.21 -75.44
CA LYS O 8 37.00 -12.79 -74.64
C LYS O 8 36.87 -12.43 -73.16
N ILE O 9 37.11 -13.45 -72.34
CA ILE O 9 36.97 -13.38 -70.90
C ILE O 9 38.19 -14.06 -70.33
N GLU O 10 39.04 -13.29 -69.67
CA GLU O 10 40.16 -13.85 -68.95
C GLU O 10 39.93 -13.68 -67.46
N ARG O 11 40.03 -14.80 -66.75
CA ARG O 11 39.76 -14.91 -65.33
C ARG O 11 40.23 -13.72 -64.49
N GLY O 12 41.49 -13.30 -64.65
CA GLY O 12 42.06 -12.24 -63.82
C GLY O 12 41.60 -10.83 -64.12
N THR O 13 40.97 -10.65 -65.27
CA THR O 13 40.47 -9.35 -65.69
C THR O 13 39.01 -9.18 -65.27
N ILE O 14 38.20 -10.22 -65.48
CA ILE O 14 36.77 -10.17 -65.16
C ILE O 14 36.46 -10.24 -63.63
N LEU O 15 37.41 -10.76 -62.84
CA LEU O 15 37.27 -10.78 -61.37
C LEU O 15 37.67 -9.45 -60.69
N THR O 16 38.27 -8.58 -61.49
CA THR O 16 38.93 -7.33 -61.09
C THR O 16 38.05 -6.10 -61.31
N GLN O 17 37.11 -6.20 -62.25
CA GLN O 17 36.48 -5.03 -62.89
C GLN O 17 35.09 -4.67 -62.40
N PRO O 18 34.64 -3.41 -62.61
CA PRO O 18 33.27 -2.98 -62.31
C PRO O 18 32.26 -3.52 -63.36
N GLY O 19 31.00 -3.62 -62.98
CA GLY O 19 29.94 -3.99 -63.90
C GLY O 19 29.90 -5.48 -64.18
N VAL O 20 30.51 -6.29 -63.32
CA VAL O 20 30.47 -7.72 -63.59
C VAL O 20 29.29 -8.32 -62.84
N PHE O 21 28.55 -9.21 -63.50
CA PHE O 21 27.40 -9.84 -62.83
C PHE O 21 27.79 -11.13 -62.14
N GLY O 22 27.33 -11.33 -60.91
CA GLY O 22 27.58 -12.59 -60.26
C GLY O 22 26.29 -13.36 -60.06
N VAL O 23 26.31 -14.66 -60.34
CA VAL O 23 25.13 -15.49 -60.07
C VAL O 23 25.55 -16.74 -59.31
N PHE O 24 25.32 -16.70 -58.00
CA PHE O 24 25.58 -17.86 -57.12
C PHE O 24 24.33 -18.71 -57.04
N THR O 25 24.49 -20.01 -57.26
CA THR O 25 23.35 -20.96 -57.34
C THR O 25 23.70 -22.25 -56.58
N MET O 26 22.98 -22.45 -55.48
CA MET O 26 23.23 -23.59 -54.62
C MET O 26 22.33 -24.76 -55.01
N PHE O 27 22.94 -25.85 -55.47
CA PHE O 27 22.16 -27.02 -55.86
C PHE O 27 22.10 -28.14 -54.82
N LYS O 28 20.98 -28.86 -54.77
CA LYS O 28 20.86 -30.09 -53.96
C LYS O 28 20.47 -31.31 -54.78
N LEU O 29 21.31 -32.33 -54.78
CA LEU O 29 21.03 -33.54 -55.52
C LEU O 29 19.80 -34.22 -54.98
N ARG O 30 18.94 -34.67 -55.87
CA ARG O 30 17.77 -35.41 -55.42
C ARG O 30 18.18 -36.85 -55.11
N PRO O 31 17.38 -37.57 -54.29
CA PRO O 31 17.70 -38.94 -53.88
C PRO O 31 17.63 -40.00 -55.00
N ASP O 32 16.90 -39.72 -56.09
CA ASP O 32 16.94 -40.60 -57.27
C ASP O 32 18.19 -40.37 -58.17
N TRP O 33 19.14 -39.58 -57.70
CA TRP O 33 20.43 -39.49 -58.34
C TRP O 33 21.20 -40.78 -58.16
N ASN O 34 21.09 -41.39 -56.98
CA ASN O 34 21.85 -42.59 -56.62
C ASN O 34 21.44 -43.80 -57.43
N LYS O 35 20.35 -43.63 -58.17
CA LYS O 35 19.73 -44.69 -58.97
C LYS O 35 19.94 -44.48 -60.47
N VAL O 36 20.65 -43.41 -60.82
CA VAL O 36 21.14 -43.22 -62.17
C VAL O 36 22.29 -44.21 -62.39
N PRO O 37 22.29 -44.95 -63.53
CA PRO O 37 23.35 -45.97 -63.78
C PRO O 37 24.82 -45.46 -63.62
N VAL O 38 25.53 -46.03 -62.66
CA VAL O 38 26.96 -45.72 -62.44
C VAL O 38 27.69 -46.07 -63.75
N ALA O 39 28.06 -45.03 -64.49
CA ALA O 39 28.48 -45.14 -65.91
C ALA O 39 28.04 -43.86 -66.61
N GLU O 40 26.74 -43.62 -66.55
CA GLU O 40 26.16 -42.37 -67.00
C GLU O 40 26.25 -41.30 -65.90
N ARG O 41 26.46 -41.73 -64.66
CA ARG O 41 26.86 -40.86 -63.54
C ARG O 41 28.35 -40.47 -63.62
N LYS O 42 29.22 -41.46 -63.83
CA LYS O 42 30.64 -41.18 -64.00
C LYS O 42 30.89 -40.39 -65.29
N GLY O 43 29.95 -40.52 -66.23
CA GLY O 43 29.98 -39.76 -67.47
C GLY O 43 29.46 -38.33 -67.36
N ALA O 44 29.02 -37.92 -66.16
CA ALA O 44 28.43 -36.57 -65.97
C ALA O 44 29.44 -35.43 -65.70
N ALA O 45 30.63 -35.78 -65.20
CA ALA O 45 31.74 -34.85 -65.04
C ALA O 45 32.21 -34.28 -66.38
N GLU O 46 32.66 -35.17 -67.28
CA GLU O 46 33.12 -34.76 -68.60
C GLU O 46 32.17 -33.74 -69.21
N GLU O 47 30.89 -34.08 -69.22
CA GLU O 47 29.82 -33.20 -69.68
C GLU O 47 29.89 -31.73 -69.19
N VAL O 48 30.06 -31.55 -67.88
CA VAL O 48 30.12 -30.20 -67.32
C VAL O 48 31.39 -29.52 -67.81
N LYS O 49 32.47 -30.28 -67.92
CA LYS O 49 33.73 -29.72 -68.33
C LYS O 49 33.56 -29.15 -69.72
N LYS O 50 32.78 -29.84 -70.56
CA LYS O 50 32.56 -29.50 -71.99
C LYS O 50 31.60 -28.35 -72.18
N LEU O 51 30.67 -28.22 -71.23
CA LEU O 51 29.76 -27.09 -71.23
C LEU O 51 30.49 -25.81 -70.80
N ILE O 52 31.40 -25.93 -69.84
CA ILE O 52 32.17 -24.78 -69.41
C ILE O 52 33.04 -24.29 -70.54
N GLU O 53 33.58 -25.21 -71.34
CA GLU O 53 34.44 -24.92 -72.52
C GLU O 53 33.67 -24.24 -73.63
N LYS O 54 32.46 -24.76 -73.88
CA LYS O 54 31.50 -24.17 -74.81
C LYS O 54 31.12 -22.73 -74.42
N HIS O 55 31.07 -22.44 -73.13
CA HIS O 55 30.83 -21.06 -72.71
C HIS O 55 32.09 -20.34 -72.22
N LYS O 56 33.25 -20.72 -72.78
CA LYS O 56 34.56 -20.08 -72.54
C LYS O 56 34.46 -18.57 -72.62
N ASP O 57 33.74 -18.12 -73.64
CA ASP O 57 33.71 -16.72 -74.08
C ASP O 57 32.46 -15.95 -73.66
N ASN O 58 31.58 -16.59 -72.88
CA ASN O 58 30.36 -15.95 -72.40
C ASN O 58 30.36 -15.79 -70.88
N VAL O 59 30.88 -16.80 -70.16
CA VAL O 59 30.91 -16.79 -68.68
C VAL O 59 32.22 -17.31 -68.08
N LEU O 60 32.52 -16.83 -66.87
CA LEU O 60 33.50 -17.46 -66.03
C LEU O 60 32.79 -18.42 -65.07
N VAL O 61 33.20 -19.68 -65.08
CA VAL O 61 32.59 -20.62 -64.14
C VAL O 61 33.49 -20.92 -62.94
N ASP O 62 32.85 -21.12 -61.78
CA ASP O 62 33.52 -21.64 -60.60
C ASP O 62 32.57 -22.64 -59.98
N LEU O 63 33.11 -23.65 -59.33
CA LEU O 63 32.26 -24.70 -58.80
C LEU O 63 32.83 -25.18 -57.46
N TYR O 64 31.96 -25.43 -56.49
CA TYR O 64 32.45 -25.69 -55.14
C TYR O 64 31.68 -26.84 -54.52
N LEU O 65 32.33 -27.50 -53.57
CA LEU O 65 31.76 -28.70 -53.04
C LEU O 65 31.29 -28.41 -51.65
N THR O 66 29.97 -28.51 -51.48
CA THR O 66 29.34 -28.27 -50.18
C THR O 66 28.71 -29.52 -49.52
N ARG O 67 28.54 -30.60 -50.29
CA ARG O 67 28.00 -31.84 -49.76
C ARG O 67 28.76 -32.23 -48.51
N GLY O 68 28.03 -32.48 -47.41
CA GLY O 68 28.68 -32.98 -46.20
C GLY O 68 29.02 -31.90 -45.20
N LEU O 69 28.92 -30.65 -45.64
CA LEU O 69 29.06 -29.50 -44.74
C LEU O 69 27.82 -28.62 -44.74
N GLU O 70 26.81 -28.95 -45.56
CA GLU O 70 25.72 -28.01 -45.74
C GLU O 70 24.38 -28.65 -45.95
N THR O 71 23.40 -28.20 -45.17
CA THR O 71 22.08 -28.76 -45.22
C THR O 71 21.47 -28.55 -46.59
N ASN O 72 21.54 -27.32 -47.11
CA ASN O 72 20.79 -26.99 -48.29
C ASN O 72 21.59 -26.82 -49.58
N SER O 73 22.70 -27.56 -49.66
CA SER O 73 23.39 -27.79 -50.92
C SER O 73 24.35 -28.97 -50.89
N ASP O 74 24.67 -29.47 -52.08
CA ASP O 74 25.74 -30.43 -52.27
C ASP O 74 26.88 -29.79 -53.07
N PHE O 75 26.53 -28.88 -53.97
CA PHE O 75 27.52 -28.06 -54.70
C PHE O 75 26.90 -26.70 -54.99
N PHE O 76 27.72 -25.71 -55.29
CA PHE O 76 27.17 -24.44 -55.77
C PHE O 76 28.10 -23.80 -56.79
N PHE O 77 27.50 -23.04 -57.72
CA PHE O 77 28.21 -22.36 -58.82
C PHE O 77 28.39 -20.90 -58.50
N ARG O 78 29.57 -20.36 -58.80
CA ARG O 78 29.71 -18.90 -58.97
C ARG O 78 29.96 -18.60 -60.43
N ILE O 79 29.05 -17.84 -61.03
CA ILE O 79 29.17 -17.42 -62.42
C ILE O 79 29.44 -15.93 -62.45
N ASN O 80 30.36 -15.51 -63.29
CA ASN O 80 30.58 -14.10 -63.51
C ASN O 80 30.37 -13.84 -64.98
N ALA O 81 29.71 -12.75 -65.32
CA ALA O 81 29.42 -12.50 -66.72
C ALA O 81 29.42 -11.01 -66.94
N TYR O 82 29.57 -10.58 -68.19
CA TYR O 82 29.40 -9.16 -68.50
C TYR O 82 27.95 -8.90 -68.84
N ASP O 83 27.22 -9.97 -69.08
CA ASP O 83 25.83 -9.88 -69.54
C ASP O 83 24.96 -10.82 -68.72
N LEU O 84 23.95 -10.31 -67.98
CA LEU O 84 23.23 -11.20 -67.06
C LEU O 84 22.58 -12.33 -67.85
N ALA O 85 22.03 -11.97 -69.02
CA ALA O 85 21.35 -12.94 -69.87
C ALA O 85 22.25 -14.14 -70.11
N LYS O 86 23.53 -13.90 -70.41
CA LYS O 86 24.44 -15.02 -70.70
C LYS O 86 24.70 -15.91 -69.48
N ALA O 87 24.68 -15.30 -68.28
CA ALA O 87 24.74 -16.05 -67.04
C ALA O 87 23.53 -16.99 -66.98
N GLN O 88 22.35 -16.46 -67.35
CA GLN O 88 21.11 -17.24 -67.38
C GLN O 88 21.24 -18.43 -68.33
N THR O 89 21.60 -18.15 -69.59
CA THR O 89 21.77 -19.23 -70.55
C THR O 89 22.68 -20.30 -70.00
N PHE O 90 23.81 -19.94 -69.43
CA PHE O 90 24.69 -20.99 -68.94
C PHE O 90 23.98 -21.76 -67.86
N MET O 91 23.44 -21.04 -66.89
CA MET O 91 22.84 -21.69 -65.76
C MET O 91 21.70 -22.59 -66.24
N ARG O 92 21.12 -22.21 -67.35
CA ARG O 92 19.97 -22.89 -67.88
C ARG O 92 20.40 -24.19 -68.59
N GLU O 93 21.44 -24.13 -69.40
CA GLU O 93 21.93 -25.33 -70.03
C GLU O 93 22.53 -26.26 -68.99
N PHE O 94 23.06 -25.73 -67.90
CA PHE O 94 23.62 -26.62 -66.91
C PHE O 94 22.51 -27.47 -66.36
N ARG O 95 21.35 -26.86 -66.18
CA ARG O 95 20.20 -27.58 -65.67
C ARG O 95 19.58 -28.58 -66.64
N SER O 96 20.18 -28.71 -67.83
CA SER O 96 19.79 -29.73 -68.81
C SER O 96 20.79 -30.87 -68.83
N THR O 97 21.98 -30.59 -68.29
CA THR O 97 23.06 -31.52 -68.02
C THR O 97 22.53 -32.78 -67.26
N THR O 98 23.23 -33.91 -67.27
CA THR O 98 22.86 -35.07 -66.42
C THR O 98 22.84 -34.77 -64.91
N VAL O 99 23.86 -34.12 -64.36
CA VAL O 99 23.74 -33.66 -62.95
C VAL O 99 22.59 -32.64 -62.77
N GLY O 100 22.51 -31.67 -63.67
CA GLY O 100 21.49 -30.65 -63.61
C GLY O 100 20.10 -31.25 -63.48
N LYS O 101 19.89 -32.39 -64.13
CA LYS O 101 18.56 -33.00 -64.19
C LYS O 101 18.23 -33.71 -62.90
N ASN O 102 19.21 -33.93 -62.03
CA ASN O 102 18.95 -34.59 -60.76
C ASN O 102 19.21 -33.73 -59.52
N ALA O 103 19.28 -32.41 -59.72
CA ALA O 103 19.51 -31.45 -58.64
C ALA O 103 18.45 -30.36 -58.59
N ASP O 104 17.89 -30.08 -57.42
CA ASP O 104 17.01 -28.92 -57.29
C ASP O 104 17.78 -27.73 -56.81
N VAL O 105 17.34 -26.53 -57.21
CA VAL O 105 17.98 -25.26 -56.81
C VAL O 105 17.45 -24.86 -55.43
N PHE O 106 18.34 -24.49 -54.51
CA PHE O 106 17.92 -24.19 -53.15
C PHE O 106 18.22 -22.77 -52.74
N GLU O 107 19.09 -22.11 -53.51
CA GLU O 107 19.43 -20.69 -53.34
C GLU O 107 20.02 -20.14 -54.61
N THR O 108 19.54 -18.97 -55.01
CA THR O 108 20.10 -18.22 -56.14
C THR O 108 20.36 -16.80 -55.63
N LEU O 109 21.51 -16.23 -55.94
CA LEU O 109 21.86 -14.88 -55.51
C LEU O 109 22.49 -14.08 -56.68
N VAL O 110 21.81 -13.00 -57.10
CA VAL O 110 22.29 -12.19 -58.24
C VAL O 110 22.84 -10.85 -57.80
N GLY O 111 23.88 -10.38 -58.49
CA GLY O 111 24.50 -9.17 -58.08
C GLY O 111 25.42 -8.61 -59.12
N VAL O 112 25.83 -7.39 -58.88
CA VAL O 112 26.68 -6.72 -59.80
C VAL O 112 27.78 -5.98 -59.08
N THR O 113 28.98 -6.24 -59.57
CA THR O 113 30.21 -5.61 -59.18
C THR O 113 30.06 -4.12 -59.42
N LYS O 114 30.56 -3.30 -58.49
CA LYS O 114 30.61 -1.86 -58.74
C LYS O 114 31.97 -1.23 -58.42
N PRO O 115 32.11 0.09 -58.65
CA PRO O 115 33.30 0.74 -58.07
C PRO O 115 33.17 0.94 -56.55
N LEU O 116 34.31 1.23 -55.92
CA LEU O 116 34.40 1.54 -54.48
C LEU O 116 33.51 2.72 -54.09
N ASN O 117 32.66 2.54 -53.08
CA ASN O 117 31.74 3.59 -52.63
C ASN O 117 32.29 4.40 -51.45
N TYR O 118 33.12 3.76 -50.62
CA TYR O 118 33.59 4.36 -49.40
C TYR O 118 35.12 4.36 -49.23
N ILE O 119 35.77 3.22 -49.42
CA ILE O 119 37.23 3.22 -49.23
C ILE O 119 38.02 3.38 -50.55
N SER O 120 37.70 4.47 -51.23
CA SER O 120 38.34 4.86 -52.49
C SER O 120 39.56 5.75 -52.20
N LYS O 121 40.40 5.95 -53.20
CA LYS O 121 41.48 6.94 -53.07
C LYS O 121 40.93 8.33 -52.64
N ASP O 122 39.80 8.71 -53.24
CA ASP O 122 39.27 10.07 -53.11
C ASP O 122 38.63 10.33 -51.75
N LYS O 123 37.97 9.32 -51.21
CA LYS O 123 37.24 9.50 -49.94
C LYS O 123 37.98 9.06 -48.66
N SER O 124 38.89 8.11 -48.79
CA SER O 124 39.56 7.54 -47.63
C SER O 124 40.97 7.12 -48.02
N PRO O 125 41.82 8.11 -48.40
CA PRO O 125 43.07 7.84 -49.11
C PRO O 125 44.02 6.90 -48.37
N GLY O 126 44.07 7.02 -47.05
CA GLY O 126 44.86 6.11 -46.20
C GLY O 126 44.35 4.67 -46.22
N LEU O 127 43.08 4.46 -45.97
CA LEU O 127 42.55 3.09 -45.84
C LEU O 127 42.45 2.32 -47.16
N ASN O 128 42.23 3.07 -48.24
CA ASN O 128 42.36 2.58 -49.62
C ASN O 128 43.75 2.02 -49.93
N ALA O 129 44.79 2.73 -49.47
CA ALA O 129 46.14 2.32 -49.75
C ALA O 129 46.42 0.98 -49.12
N GLY O 130 45.94 0.82 -47.89
CA GLY O 130 46.19 -0.40 -47.15
C GLY O 130 45.51 -1.55 -47.84
N LEU O 131 44.31 -1.28 -48.36
CA LEU O 131 43.47 -2.25 -49.07
C LEU O 131 44.11 -2.73 -50.36
N SER O 132 44.61 -1.81 -51.19
CA SER O 132 45.07 -2.13 -52.54
C SER O 132 46.47 -2.72 -52.63
N SER O 133 47.22 -2.63 -51.53
CA SER O 133 48.62 -3.05 -51.50
C SER O 133 48.84 -4.11 -50.42
N ALA O 134 47.74 -4.76 -49.99
CA ALA O 134 47.79 -5.93 -49.12
C ALA O 134 47.99 -7.15 -50.02
N THR O 135 48.66 -8.17 -49.51
CA THR O 135 49.14 -9.25 -50.35
C THR O 135 48.81 -10.59 -49.65
N TYR O 136 48.08 -11.49 -50.32
CA TYR O 136 47.74 -12.80 -49.75
C TYR O 136 48.98 -13.69 -49.53
N SER O 137 49.18 -14.18 -48.29
CA SER O 137 50.38 -14.97 -47.92
C SER O 137 49.99 -16.43 -47.63
N GLY O 138 50.92 -17.39 -47.87
CA GLY O 138 50.66 -18.82 -47.57
C GLY O 138 49.59 -19.56 -48.39
N PRO O 139 49.17 -20.79 -47.91
CA PRO O 139 48.73 -21.92 -48.74
C PRO O 139 47.51 -21.64 -49.57
N ALA O 140 47.48 -22.26 -50.76
CA ALA O 140 46.34 -22.18 -51.67
C ALA O 140 45.05 -22.43 -50.85
N PRO O 141 44.11 -21.46 -50.86
CA PRO O 141 42.88 -21.57 -50.10
C PRO O 141 42.05 -22.84 -50.38
N ARG O 142 41.83 -23.65 -49.36
CA ARG O 142 40.96 -24.82 -49.49
C ARG O 142 39.49 -24.54 -49.37
N TYR O 143 39.12 -23.42 -48.75
CA TYR O 143 37.74 -23.22 -48.34
C TYR O 143 37.10 -22.01 -49.05
N VAL O 144 35.81 -22.13 -49.34
CA VAL O 144 35.01 -21.01 -49.83
C VAL O 144 33.90 -20.66 -48.81
N ILE O 145 33.72 -19.38 -48.56
CA ILE O 145 32.55 -18.95 -47.80
C ILE O 145 31.75 -17.96 -48.68
N VAL O 146 30.44 -18.12 -48.74
CA VAL O 146 29.60 -17.14 -49.42
C VAL O 146 28.50 -16.65 -48.48
N ILE O 147 28.49 -15.32 -48.27
CA ILE O 147 27.58 -14.67 -47.29
C ILE O 147 26.68 -13.52 -47.89
N PRO O 148 25.34 -13.74 -47.94
CA PRO O 148 24.53 -12.64 -48.42
C PRO O 148 24.19 -11.63 -47.33
N VAL O 149 24.42 -10.33 -47.56
CA VAL O 149 24.24 -9.31 -46.51
C VAL O 149 23.15 -8.30 -46.87
N LYS O 150 22.24 -8.02 -45.94
CA LYS O 150 21.26 -6.98 -46.14
C LYS O 150 21.26 -6.02 -44.94
N LYS O 151 21.31 -4.73 -45.25
CA LYS O 151 21.20 -3.69 -44.23
C LYS O 151 19.77 -3.03 -44.19
N ASN O 152 19.37 -2.56 -43.00
CA ASN O 152 18.03 -2.04 -42.78
C ASN O 152 17.82 -0.59 -43.23
N ALA O 153 16.56 -0.15 -43.22
CA ALA O 153 16.23 1.19 -43.71
C ALA O 153 17.04 2.29 -43.02
N GLU O 154 17.40 2.07 -41.76
CA GLU O 154 18.11 3.07 -40.96
C GLU O 154 19.49 3.27 -41.51
N TRP O 155 20.12 2.16 -41.85
CA TRP O 155 21.45 2.24 -42.36
C TRP O 155 21.42 3.21 -43.51
N TRP O 156 20.63 2.89 -44.51
CA TRP O 156 20.56 3.63 -45.75
C TRP O 156 20.04 5.05 -45.56
N ASN O 157 19.45 5.34 -44.42
CA ASN O 157 18.97 6.70 -44.18
C ASN O 157 19.99 7.61 -43.58
N MET O 158 21.05 7.02 -43.02
CA MET O 158 22.19 7.78 -42.57
C MET O 158 22.78 8.57 -43.75
N SER O 159 23.54 9.63 -43.43
CA SER O 159 24.18 10.45 -44.46
C SER O 159 25.37 9.70 -44.98
N PRO O 160 25.73 9.92 -46.26
CA PRO O 160 26.96 9.31 -46.78
C PRO O 160 28.16 9.53 -45.86
N GLU O 161 28.17 10.63 -45.10
CA GLU O 161 29.25 10.89 -44.13
C GLU O 161 29.20 9.90 -42.96
N GLU O 162 27.99 9.65 -42.43
CA GLU O 162 27.85 8.77 -41.28
C GLU O 162 28.23 7.38 -41.71
N ARG O 163 27.79 7.00 -42.92
CA ARG O 163 28.00 5.65 -43.40
C ARG O 163 29.46 5.42 -43.71
N LEU O 164 30.10 6.43 -44.30
CA LEU O 164 31.50 6.30 -44.67
C LEU O 164 32.34 6.05 -43.43
N LYS O 165 32.07 6.80 -42.35
CA LYS O 165 32.82 6.64 -41.11
C LYS O 165 32.65 5.21 -40.60
N GLU O 166 31.46 4.63 -40.78
CA GLU O 166 31.21 3.24 -40.38
C GLU O 166 31.98 2.20 -41.21
N MET O 167 31.97 2.36 -42.53
CA MET O 167 32.81 1.57 -43.42
C MET O 167 34.34 1.76 -43.24
N GLU O 168 34.76 2.92 -42.75
CA GLU O 168 36.14 3.07 -42.32
C GLU O 168 36.42 2.15 -41.11
N VAL O 169 35.47 2.10 -40.17
CA VAL O 169 35.60 1.20 -39.02
C VAL O 169 35.57 -0.28 -39.46
N HIS O 170 34.63 -0.65 -40.34
CA HIS O 170 34.64 -1.98 -41.01
C HIS O 170 36.07 -2.30 -41.41
N THR O 171 36.69 -1.37 -42.13
CA THR O 171 37.95 -1.62 -42.80
C THR O 171 39.17 -1.67 -41.89
N THR O 172 39.13 -0.98 -40.74
CA THR O 172 40.34 -0.89 -39.92
C THR O 172 40.86 -2.23 -39.33
N PRO O 173 39.98 -3.03 -38.70
CA PRO O 173 40.53 -4.26 -38.11
C PRO O 173 40.57 -5.43 -39.11
N THR O 174 40.00 -5.22 -40.30
CA THR O 174 39.87 -6.29 -41.25
C THR O 174 40.99 -6.37 -42.27
N LEU O 175 41.65 -5.25 -42.56
CA LEU O 175 42.80 -5.24 -43.48
C LEU O 175 43.83 -6.28 -43.14
N ALA O 176 44.10 -6.45 -41.86
CA ALA O 176 45.11 -7.43 -41.43
C ALA O 176 44.86 -8.89 -41.89
N TYR O 177 43.60 -9.21 -42.23
CA TYR O 177 43.20 -10.57 -42.58
C TYR O 177 43.42 -10.84 -44.05
N LEU O 178 43.91 -9.84 -44.77
CA LEU O 178 44.13 -9.96 -46.21
C LEU O 178 45.35 -10.81 -46.56
N VAL O 179 46.08 -11.26 -45.54
CA VAL O 179 47.19 -12.20 -45.73
C VAL O 179 46.65 -13.63 -45.64
N ASN O 180 45.44 -13.72 -45.10
CA ASN O 180 44.81 -14.93 -44.65
C ASN O 180 43.58 -15.31 -45.49
N VAL O 181 42.81 -14.28 -45.86
CA VAL O 181 41.50 -14.42 -46.40
C VAL O 181 41.41 -13.59 -47.67
N LYS O 182 40.73 -14.10 -48.69
CA LYS O 182 40.54 -13.38 -49.98
C LYS O 182 39.07 -12.99 -50.10
N ARG O 183 38.79 -11.79 -50.63
CA ARG O 183 37.44 -11.22 -50.50
C ARG O 183 36.89 -10.64 -51.80
N LYS O 184 35.61 -10.88 -52.09
CA LYS O 184 34.92 -10.19 -53.22
C LYS O 184 33.56 -9.64 -52.87
N LEU O 185 33.28 -8.43 -53.34
CA LEU O 185 32.00 -7.76 -53.06
C LEU O 185 31.09 -7.53 -54.28
N TYR O 186 29.93 -8.20 -54.28
CA TYR O 186 28.87 -7.90 -55.25
C TYR O 186 27.72 -7.03 -54.67
N HIS O 187 26.97 -6.35 -55.54
CA HIS O 187 25.87 -5.44 -55.11
C HIS O 187 24.55 -5.88 -55.64
N SER O 188 23.52 -5.90 -54.79
CA SER O 188 22.27 -6.61 -55.12
C SER O 188 20.97 -5.93 -54.85
N THR O 189 20.94 -4.92 -53.99
CA THR O 189 19.67 -4.21 -53.67
C THR O 189 18.89 -3.91 -54.92
N GLY O 190 17.64 -4.37 -54.98
CA GLY O 190 16.84 -4.17 -56.18
C GLY O 190 16.97 -5.28 -57.20
N LEU O 191 18.09 -5.98 -57.21
CA LEU O 191 18.30 -7.02 -58.20
C LEU O 191 17.92 -8.38 -57.63
N ASP O 192 18.11 -8.53 -56.31
CA ASP O 192 17.70 -9.74 -55.60
C ASP O 192 17.43 -9.39 -54.11
N ASP O 193 16.94 -10.37 -53.38
CA ASP O 193 16.58 -10.19 -51.96
C ASP O 193 17.79 -10.14 -50.99
N THR O 194 18.72 -9.24 -51.27
CA THR O 194 19.85 -9.01 -50.39
C THR O 194 20.58 -7.80 -50.92
N ASP O 195 21.23 -7.05 -50.03
CA ASP O 195 21.94 -5.83 -50.42
C ASP O 195 23.27 -6.16 -51.04
N PHE O 196 23.87 -7.27 -50.60
CA PHE O 196 25.26 -7.63 -50.99
C PHE O 196 25.47 -9.12 -50.99
N ILE O 197 26.27 -9.59 -51.95
CA ILE O 197 26.75 -10.95 -51.90
C ILE O 197 28.24 -10.85 -51.62
N THR O 198 28.71 -11.50 -50.56
CA THR O 198 30.13 -11.43 -50.26
C THR O 198 30.71 -12.81 -50.39
N TYR O 199 31.93 -12.84 -50.89
CA TYR O 199 32.60 -14.06 -51.29
C TYR O 199 34.01 -14.07 -50.72
N PHE O 200 34.37 -15.20 -50.08
CA PHE O 200 35.66 -15.39 -49.38
C PHE O 200 36.37 -16.72 -49.64
N GLU O 201 37.68 -16.65 -49.84
CA GLU O 201 38.49 -17.84 -49.96
C GLU O 201 39.48 -17.82 -48.79
N THR O 202 39.65 -18.95 -48.11
CA THR O 202 40.69 -19.02 -47.06
C THR O 202 41.18 -20.44 -46.78
N ASP O 203 42.33 -20.54 -46.13
CA ASP O 203 42.76 -21.83 -45.63
C ASP O 203 42.66 -21.92 -44.10
N ASP O 204 42.47 -20.77 -43.47
CA ASP O 204 42.44 -20.71 -42.03
C ASP O 204 41.06 -20.28 -41.60
N LEU O 205 40.17 -21.25 -41.39
CA LEU O 205 38.83 -21.00 -40.89
C LEU O 205 38.83 -20.36 -39.48
N THR O 206 39.79 -20.74 -38.64
CA THR O 206 39.93 -20.16 -37.28
C THR O 206 40.17 -18.67 -37.39
N ALA O 207 41.01 -18.25 -38.34
CA ALA O 207 41.18 -16.83 -38.63
C ALA O 207 39.87 -16.23 -39.14
N PHE O 208 39.21 -16.92 -40.07
CA PHE O 208 37.97 -16.41 -40.63
C PHE O 208 36.96 -16.12 -39.54
N ASN O 209 36.88 -17.02 -38.59
CA ASN O 209 36.01 -16.87 -37.41
C ASN O 209 36.36 -15.58 -36.67
N ASN O 210 37.64 -15.43 -36.36
CA ASN O 210 38.16 -14.24 -35.69
C ASN O 210 37.94 -12.99 -36.51
N LEU O 211 38.13 -13.09 -37.83
CA LEU O 211 37.71 -12.06 -38.76
C LEU O 211 36.22 -11.65 -38.67
N MET O 212 35.30 -12.60 -38.73
CA MET O 212 33.90 -12.21 -38.59
C MET O 212 33.61 -11.62 -37.23
N LEU O 213 34.24 -12.13 -36.17
CA LEU O 213 33.96 -11.58 -34.85
C LEU O 213 34.37 -10.13 -34.76
N SER O 214 35.48 -9.78 -35.40
CA SER O 214 35.93 -8.40 -35.50
C SER O 214 34.85 -7.50 -36.04
N LEU O 215 34.18 -7.98 -37.08
CA LEU O 215 33.11 -7.27 -37.74
C LEU O 215 31.76 -7.31 -36.99
N ALA O 216 31.53 -8.35 -36.18
CA ALA O 216 30.28 -8.43 -35.41
C ALA O 216 30.31 -7.38 -34.29
N GLN O 217 31.51 -6.92 -33.98
CA GLN O 217 31.75 -6.11 -32.79
C GLN O 217 31.75 -4.61 -33.02
N VAL O 218 31.58 -4.19 -34.27
CA VAL O 218 31.49 -2.79 -34.63
C VAL O 218 30.02 -2.37 -34.92
N LYS O 219 29.76 -1.05 -34.87
CA LYS O 219 28.39 -0.46 -35.08
C LYS O 219 27.67 -0.93 -36.34
N GLU O 220 28.37 -0.98 -37.46
CA GLU O 220 27.78 -1.44 -38.71
C GLU O 220 26.86 -2.69 -38.54
N ASN O 221 27.28 -3.61 -37.68
CA ASN O 221 26.58 -4.90 -37.47
C ASN O 221 25.19 -4.70 -36.89
N LYS O 222 24.99 -3.53 -36.28
CA LYS O 222 23.74 -3.24 -35.65
C LYS O 222 22.65 -3.11 -36.68
N PHE O 223 23.05 -3.03 -37.96
CA PHE O 223 22.16 -2.67 -39.06
C PHE O 223 21.85 -3.82 -39.97
N HIS O 224 22.47 -4.96 -39.70
CA HIS O 224 22.30 -6.16 -40.55
C HIS O 224 20.95 -6.83 -40.29
N VAL O 225 20.17 -7.08 -41.34
CA VAL O 225 18.94 -7.87 -41.22
C VAL O 225 19.13 -9.21 -41.88
N ARG O 226 20.14 -9.32 -42.73
CA ARG O 226 20.60 -10.59 -43.25
C ARG O 226 22.09 -10.52 -43.18
N TRP O 227 22.69 -11.56 -42.62
CA TRP O 227 24.13 -11.65 -42.54
C TRP O 227 24.59 -13.12 -42.58
N GLY O 228 24.26 -13.82 -43.67
CA GLY O 228 24.27 -15.29 -43.70
C GLY O 228 22.86 -15.68 -44.12
N SER O 229 22.35 -16.80 -43.60
CA SER O 229 21.00 -17.32 -43.95
C SER O 229 20.76 -17.37 -45.42
N PRO O 230 21.53 -18.21 -46.14
CA PRO O 230 22.48 -19.15 -45.51
C PRO O 230 23.90 -18.62 -45.52
N THR O 231 24.64 -18.95 -44.46
CA THR O 231 26.09 -18.86 -44.52
C THR O 231 26.55 -20.16 -45.17
N THR O 232 27.31 -20.04 -46.26
CA THR O 232 27.70 -21.19 -47.08
C THR O 232 29.19 -21.42 -47.09
N LEU O 233 29.64 -22.38 -46.30
CA LEU O 233 31.04 -22.73 -46.28
C LEU O 233 31.16 -24.09 -46.91
N GLY O 234 31.95 -24.15 -47.97
CA GLY O 234 32.29 -25.38 -48.66
C GLY O 234 33.74 -25.35 -49.14
N THR O 235 34.02 -26.19 -50.12
CA THR O 235 35.37 -26.57 -50.34
C THR O 235 35.78 -26.34 -51.80
N ILE O 236 36.95 -25.80 -52.01
CA ILE O 236 37.45 -25.43 -53.36
C ILE O 236 38.11 -26.56 -54.20
N HIS O 237 37.63 -26.74 -55.45
CA HIS O 237 38.20 -27.70 -56.42
C HIS O 237 37.92 -27.24 -57.86
N SER O 238 38.60 -27.89 -58.81
CA SER O 238 38.27 -27.77 -60.23
C SER O 238 36.86 -28.33 -60.51
N PRO O 239 36.13 -27.70 -61.45
CA PRO O 239 34.77 -28.12 -61.76
C PRO O 239 34.63 -29.62 -61.95
N GLU O 240 35.53 -30.22 -62.72
CA GLU O 240 35.46 -31.67 -62.96
C GLU O 240 35.59 -32.48 -61.65
N ASP O 241 36.55 -32.11 -60.80
CA ASP O 241 36.74 -32.77 -59.49
C ASP O 241 35.52 -32.71 -58.58
N VAL O 242 34.81 -31.58 -58.60
CA VAL O 242 33.54 -31.42 -57.86
C VAL O 242 32.53 -32.48 -58.30
N ILE O 243 32.27 -32.55 -59.59
CA ILE O 243 31.31 -33.52 -60.09
C ILE O 243 31.79 -34.98 -59.86
N LYS O 244 33.08 -35.25 -60.03
CA LYS O 244 33.63 -36.57 -59.73
C LYS O 244 33.27 -37.00 -58.29
N ALA O 245 33.17 -36.05 -57.36
CA ALA O 245 33.00 -36.33 -55.92
C ALA O 245 31.55 -36.54 -55.57
N LEU O 246 30.69 -36.05 -56.45
CA LEU O 246 29.26 -36.25 -56.34
C LEU O 246 28.86 -37.60 -56.94
N ALA O 247 29.69 -38.08 -57.87
CA ALA O 247 29.47 -39.30 -58.65
C ALA O 247 29.12 -40.50 -57.77
N ASP O 248 30.11 -40.96 -56.99
CA ASP O 248 29.99 -42.13 -56.09
C ASP O 248 29.44 -41.85 -54.65
N LYS P 8 -41.96 -62.89 46.50
CA LYS P 8 -42.24 -62.02 47.68
C LYS P 8 -41.13 -61.00 47.87
N ILE P 9 -41.46 -59.92 48.60
CA ILE P 9 -40.55 -58.76 48.83
C ILE P 9 -40.68 -58.19 50.25
N GLU P 10 -39.86 -58.67 51.18
CA GLU P 10 -39.91 -58.21 52.57
C GLU P 10 -39.15 -56.91 52.70
N ARG P 11 -39.75 -55.94 53.41
CA ARG P 11 -39.19 -54.59 53.51
C ARG P 11 -37.70 -54.53 53.93
N GLY P 12 -37.35 -55.27 54.97
CA GLY P 12 -35.98 -55.26 55.47
C GLY P 12 -35.03 -56.22 54.75
N THR P 13 -35.54 -56.96 53.76
CA THR P 13 -34.66 -57.77 52.91
C THR P 13 -34.27 -56.91 51.72
N ILE P 14 -35.28 -56.46 50.98
CA ILE P 14 -35.02 -55.70 49.77
C ILE P 14 -34.15 -54.42 49.98
N LEU P 15 -34.28 -53.76 51.14
CA LEU P 15 -33.48 -52.55 51.47
C LEU P 15 -32.03 -52.88 51.90
N THR P 16 -31.75 -54.18 51.96
CA THR P 16 -30.52 -54.74 52.54
C THR P 16 -29.55 -55.30 51.51
N GLN P 17 -30.11 -55.90 50.44
CA GLN P 17 -29.37 -56.65 49.42
C GLN P 17 -28.86 -55.80 48.27
N PRO P 18 -27.77 -56.27 47.58
CA PRO P 18 -27.21 -55.67 46.36
C PRO P 18 -28.08 -55.96 45.14
N GLY P 19 -27.94 -55.15 44.09
CA GLY P 19 -28.68 -55.35 42.85
C GLY P 19 -30.09 -54.79 42.89
N VAL P 20 -30.38 -53.94 43.87
CA VAL P 20 -31.73 -53.36 44.00
C VAL P 20 -31.84 -52.00 43.34
N PHE P 21 -32.80 -51.88 42.42
CA PHE P 21 -33.02 -50.60 41.78
C PHE P 21 -33.77 -49.63 42.71
N GLY P 22 -33.36 -48.36 42.64
CA GLY P 22 -34.02 -47.29 43.39
C GLY P 22 -34.42 -46.16 42.48
N VAL P 23 -35.71 -45.81 42.50
CA VAL P 23 -36.24 -44.75 41.65
C VAL P 23 -36.99 -43.71 42.46
N PHE P 24 -36.34 -42.56 42.61
CA PHE P 24 -36.88 -41.43 43.35
C PHE P 24 -37.54 -40.44 42.40
N THR P 25 -38.84 -40.18 42.58
CA THR P 25 -39.56 -39.21 41.75
C THR P 25 -40.20 -38.13 42.64
N MET P 26 -39.77 -36.88 42.44
CA MET P 26 -40.36 -35.68 43.07
C MET P 26 -41.50 -35.11 42.21
N PHE P 27 -42.73 -35.09 42.73
CA PHE P 27 -43.84 -34.47 41.99
C PHE P 27 -44.24 -33.15 42.63
N LYS P 28 -44.84 -32.27 41.81
CA LYS P 28 -45.42 -31.02 42.33
C LYS P 28 -46.87 -30.87 41.88
N LEU P 29 -47.76 -30.65 42.84
CA LEU P 29 -49.16 -30.42 42.54
C LEU P 29 -49.34 -29.11 41.80
N ARG P 30 -50.15 -29.15 40.75
CA ARG P 30 -50.49 -27.97 39.97
C ARG P 30 -51.63 -27.20 40.65
N PRO P 31 -51.92 -25.95 40.18
CA PRO P 31 -53.03 -25.17 40.73
C PRO P 31 -54.45 -25.72 40.45
N ASP P 32 -54.63 -26.47 39.34
CA ASP P 32 -55.95 -27.08 39.00
C ASP P 32 -56.31 -28.34 39.83
N TRP P 33 -55.52 -28.60 40.86
CA TRP P 33 -55.82 -29.57 41.90
C TRP P 33 -56.78 -28.91 42.89
N ASN P 34 -56.60 -27.62 43.14
CA ASN P 34 -57.44 -26.88 44.10
C ASN P 34 -58.89 -26.75 43.67
N LYS P 35 -59.20 -27.19 42.45
CA LYS P 35 -60.56 -27.13 41.86
C LYS P 35 -61.21 -28.49 41.56
N VAL P 36 -60.52 -29.58 41.87
CA VAL P 36 -61.07 -30.93 41.71
C VAL P 36 -62.09 -31.17 42.84
N PRO P 37 -63.37 -31.46 42.49
CA PRO P 37 -64.44 -31.60 43.48
C PRO P 37 -64.03 -32.40 44.71
N VAL P 38 -64.36 -31.89 45.90
CA VAL P 38 -64.06 -32.58 47.16
C VAL P 38 -65.12 -33.67 47.42
N ALA P 39 -64.64 -34.82 47.90
CA ALA P 39 -65.30 -36.15 47.83
C ALA P 39 -64.42 -37.02 46.93
N GLU P 40 -64.12 -36.49 45.73
CA GLU P 40 -63.16 -37.04 44.76
C GLU P 40 -61.68 -36.75 45.12
N ARG P 41 -61.44 -35.61 45.79
CA ARG P 41 -60.11 -35.26 46.35
C ARG P 41 -59.75 -36.09 47.59
N LYS P 42 -60.74 -36.34 48.45
CA LYS P 42 -60.51 -37.22 49.62
C LYS P 42 -60.46 -38.66 49.18
N GLY P 43 -60.83 -38.93 47.93
CA GLY P 43 -60.77 -40.27 47.36
C GLY P 43 -59.42 -40.53 46.63
N ALA P 44 -58.40 -39.70 46.93
CA ALA P 44 -57.11 -39.88 46.17
C ALA P 44 -56.12 -40.66 46.90
N ALA P 45 -56.03 -40.33 48.32
CA ALA P 45 -55.19 -41.15 49.20
C ALA P 45 -55.46 -42.73 49.22
N GLU P 46 -56.77 -43.08 49.19
CA GLU P 46 -57.20 -44.52 49.15
C GLU P 46 -56.86 -45.22 47.81
N GLU P 47 -57.09 -44.53 46.68
CA GLU P 47 -56.69 -45.03 45.35
C GLU P 47 -55.22 -45.42 45.31
N VAL P 48 -54.39 -44.56 45.93
CA VAL P 48 -52.97 -44.82 46.13
C VAL P 48 -52.70 -46.08 46.98
N LYS P 49 -53.33 -46.18 48.14
CA LYS P 49 -53.21 -47.38 49.00
C LYS P 49 -53.37 -48.68 48.19
N LYS P 50 -54.53 -48.80 47.52
CA LYS P 50 -54.87 -49.91 46.63
C LYS P 50 -53.77 -50.19 45.58
N LEU P 51 -53.24 -49.11 45.00
CA LEU P 51 -52.11 -49.21 44.06
C LEU P 51 -50.80 -49.72 44.68
N ILE P 52 -50.64 -49.45 45.98
CA ILE P 52 -49.45 -49.92 46.67
C ILE P 52 -49.65 -51.37 47.05
N GLU P 53 -50.87 -51.72 47.48
CA GLU P 53 -51.22 -53.13 47.70
C GLU P 53 -51.17 -53.92 46.38
N LYS P 54 -51.26 -53.21 45.21
CA LYS P 54 -51.31 -53.96 43.84
C LYS P 54 -49.85 -54.40 43.61
N HIS P 55 -48.87 -53.52 43.74
CA HIS P 55 -47.50 -53.84 43.43
C HIS P 55 -46.76 -54.41 44.68
N LYS P 56 -47.48 -55.12 45.56
CA LYS P 56 -46.91 -55.72 46.79
C LYS P 56 -45.67 -56.58 46.48
N ASP P 57 -45.79 -57.44 45.46
CA ASP P 57 -44.79 -58.42 45.08
C ASP P 57 -43.86 -57.88 43.98
N ASN P 58 -44.12 -56.64 43.56
CA ASN P 58 -43.39 -56.04 42.44
C ASN P 58 -42.31 -55.06 42.87
N VAL P 59 -42.69 -54.14 43.75
CA VAL P 59 -41.81 -53.05 44.21
C VAL P 59 -42.05 -52.77 45.69
N LEU P 60 -41.14 -52.00 46.28
CA LEU P 60 -41.35 -51.48 47.63
C LEU P 60 -41.62 -50.01 47.51
N VAL P 61 -42.65 -49.54 48.18
CA VAL P 61 -43.05 -48.14 48.03
C VAL P 61 -42.81 -47.28 49.29
N ASP P 62 -42.28 -46.08 49.08
CA ASP P 62 -42.22 -45.06 50.13
C ASP P 62 -42.80 -43.71 49.68
N LEU P 63 -43.60 -43.09 50.53
CA LEU P 63 -44.08 -41.72 50.25
C LEU P 63 -43.59 -40.70 51.30
N TYR P 64 -43.02 -39.58 50.83
CA TYR P 64 -42.63 -38.46 51.71
C TYR P 64 -43.27 -37.13 51.35
N LEU P 65 -43.58 -36.36 52.41
CA LEU P 65 -44.38 -35.12 52.35
C LEU P 65 -43.47 -33.90 52.47
N THR P 66 -43.41 -33.11 51.38
CA THR P 66 -42.49 -31.95 51.22
C THR P 66 -43.14 -30.62 50.81
N ARG P 67 -44.46 -30.63 50.60
CA ARG P 67 -45.18 -29.37 50.47
C ARG P 67 -44.82 -28.49 51.66
N GLY P 68 -44.32 -27.28 51.35
CA GLY P 68 -44.12 -26.22 52.34
C GLY P 68 -42.70 -26.14 52.82
N LEU P 69 -41.92 -27.17 52.47
CA LEU P 69 -40.52 -27.25 52.81
C LEU P 69 -39.63 -27.26 51.59
N GLU P 70 -40.21 -27.48 50.41
CA GLU P 70 -39.47 -27.51 49.14
C GLU P 70 -40.05 -26.55 48.09
N THR P 71 -39.21 -26.04 47.19
CA THR P 71 -39.69 -25.31 46.02
C THR P 71 -40.22 -26.26 44.92
N ASN P 72 -39.49 -27.33 44.62
CA ASN P 72 -39.88 -28.17 43.49
C ASN P 72 -40.40 -29.54 43.85
N SER P 73 -41.21 -29.59 44.90
CA SER P 73 -42.01 -30.78 45.23
C SER P 73 -43.19 -30.49 46.18
N ASP P 74 -44.20 -31.35 46.12
CA ASP P 74 -45.21 -31.29 47.15
C ASP P 74 -45.11 -32.57 47.91
N PHE P 75 -44.32 -33.50 47.35
CA PHE P 75 -44.21 -34.88 47.84
C PHE P 75 -43.25 -35.68 46.95
N PHE P 76 -42.72 -36.78 47.51
CA PHE P 76 -41.92 -37.68 46.69
C PHE P 76 -41.99 -39.16 47.05
N PHE P 77 -41.75 -39.98 46.03
CA PHE P 77 -41.72 -41.43 46.11
C PHE P 77 -40.32 -42.00 46.17
N ARG P 78 -40.20 -43.08 46.94
CA ARG P 78 -39.06 -43.98 46.79
C ARG P 78 -39.56 -45.38 46.44
N ILE P 79 -39.27 -45.76 45.20
CA ILE P 79 -39.56 -47.11 44.76
C ILE P 79 -38.27 -47.95 44.79
N ASN P 80 -38.34 -49.10 45.45
CA ASN P 80 -37.30 -50.11 45.33
C ASN P 80 -37.81 -51.26 44.43
N ALA P 81 -36.92 -51.89 43.68
CA ALA P 81 -37.32 -52.97 42.75
C ALA P 81 -36.16 -53.87 42.35
N TYR P 82 -36.41 -55.18 42.19
CA TYR P 82 -35.36 -56.09 41.68
C TYR P 82 -35.24 -55.99 40.16
N ASP P 83 -36.22 -55.35 39.56
CA ASP P 83 -36.34 -55.29 38.12
C ASP P 83 -36.83 -53.87 37.82
N LEU P 84 -36.04 -53.10 37.06
CA LEU P 84 -36.34 -51.67 36.87
C LEU P 84 -37.70 -51.44 36.20
N ALA P 85 -37.94 -52.19 35.12
CA ALA P 85 -39.20 -52.15 34.40
C ALA P 85 -40.35 -52.15 35.41
N LYS P 86 -40.34 -53.10 36.35
CA LYS P 86 -41.40 -53.23 37.36
C LYS P 86 -41.66 -51.95 38.16
N ALA P 87 -40.59 -51.19 38.42
CA ALA P 87 -40.72 -49.91 39.08
C ALA P 87 -41.43 -48.93 38.14
N GLN P 88 -41.09 -48.98 36.84
CA GLN P 88 -41.67 -48.06 35.84
C GLN P 88 -43.15 -48.18 35.82
N THR P 89 -43.59 -49.45 35.79
CA THR P 89 -44.99 -49.84 35.65
C THR P 89 -45.83 -49.22 36.76
N PHE P 90 -45.29 -49.27 37.98
CA PHE P 90 -45.96 -48.68 39.13
C PHE P 90 -45.99 -47.16 39.00
N MET P 91 -44.85 -46.54 38.70
CA MET P 91 -44.77 -45.09 38.61
C MET P 91 -45.73 -44.60 37.53
N ARG P 92 -45.73 -45.30 36.40
CA ARG P 92 -46.58 -45.01 35.26
C ARG P 92 -48.06 -45.07 35.66
N GLU P 93 -48.36 -46.06 36.52
CA GLU P 93 -49.71 -46.30 37.03
C GLU P 93 -50.11 -45.37 38.19
N PHE P 94 -49.13 -44.83 38.90
CA PHE P 94 -49.44 -43.73 39.81
C PHE P 94 -49.99 -42.50 39.03
N ARG P 95 -49.27 -42.12 37.97
CA ARG P 95 -49.58 -40.91 37.22
C ARG P 95 -50.85 -41.02 36.42
N SER P 96 -51.58 -42.11 36.67
CA SER P 96 -52.96 -42.32 36.19
C SER P 96 -53.98 -42.17 37.32
N THR P 97 -53.51 -42.28 38.57
CA THR P 97 -54.31 -42.02 39.77
C THR P 97 -54.76 -40.57 39.83
N THR P 98 -55.75 -40.28 40.66
CA THR P 98 -56.34 -38.94 40.73
C THR P 98 -55.29 -37.85 40.96
N VAL P 99 -54.38 -38.08 41.90
CA VAL P 99 -53.34 -37.11 42.22
C VAL P 99 -52.30 -37.14 41.12
N GLY P 100 -52.07 -38.33 40.56
CA GLY P 100 -51.07 -38.53 39.49
C GLY P 100 -51.44 -37.77 38.24
N LYS P 101 -52.74 -37.55 38.08
CA LYS P 101 -53.29 -36.67 37.06
C LYS P 101 -53.09 -35.17 37.35
N ASN P 102 -53.10 -34.74 38.62
CA ASN P 102 -53.00 -33.31 38.94
C ASN P 102 -51.64 -32.81 39.38
N ALA P 103 -50.57 -33.56 39.09
CA ALA P 103 -49.22 -33.12 39.48
C ALA P 103 -48.20 -33.37 38.39
N ASP P 104 -47.09 -32.63 38.42
CA ASP P 104 -46.02 -32.74 37.41
C ASP P 104 -44.74 -33.28 38.02
N VAL P 105 -43.99 -34.07 37.26
CA VAL P 105 -42.65 -34.50 37.67
C VAL P 105 -41.69 -33.28 37.68
N PHE P 106 -40.81 -33.20 38.69
CA PHE P 106 -39.79 -32.13 38.76
C PHE P 106 -38.37 -32.67 38.98
N GLU P 107 -38.30 -34.00 39.21
CA GLU P 107 -37.04 -34.73 39.46
C GLU P 107 -37.11 -36.27 39.63
N THR P 108 -36.50 -36.96 38.66
CA THR P 108 -36.38 -38.40 38.70
C THR P 108 -34.92 -38.83 38.82
N LEU P 109 -34.65 -39.60 39.86
CA LEU P 109 -33.32 -40.17 40.07
C LEU P 109 -33.42 -41.69 39.99
N VAL P 110 -32.59 -42.28 39.14
CA VAL P 110 -32.52 -43.74 38.96
C VAL P 110 -31.15 -44.28 39.37
N GLY P 111 -31.16 -45.29 40.22
CA GLY P 111 -29.91 -45.87 40.71
C GLY P 111 -30.04 -47.33 41.13
N VAL P 112 -28.88 -47.96 41.33
CA VAL P 112 -28.83 -49.37 41.70
C VAL P 112 -28.00 -49.58 42.97
N THR P 113 -28.41 -50.59 43.74
CA THR P 113 -27.71 -51.07 44.92
C THR P 113 -26.54 -51.98 44.52
N LYS P 114 -25.38 -51.73 45.12
CA LYS P 114 -24.13 -52.49 44.87
C LYS P 114 -23.47 -52.99 46.17
N PRO P 115 -22.54 -53.97 46.07
CA PRO P 115 -21.68 -54.32 47.22
C PRO P 115 -20.71 -53.21 47.60
N LEU P 116 -20.00 -53.38 48.72
CA LEU P 116 -19.13 -52.33 49.25
C LEU P 116 -17.85 -52.22 48.42
N ASN P 117 -17.53 -51.00 47.96
CA ASN P 117 -16.34 -50.84 47.11
C ASN P 117 -15.11 -50.61 47.97
N TYR P 118 -15.29 -49.93 49.11
CA TYR P 118 -14.15 -49.48 49.89
C TYR P 118 -14.14 -49.98 51.33
N ILE P 119 -15.21 -49.77 52.07
CA ILE P 119 -15.15 -50.10 53.50
C ILE P 119 -15.64 -51.53 53.78
N SER P 120 -15.11 -52.47 52.99
CA SER P 120 -15.44 -53.87 53.06
C SER P 120 -14.52 -54.59 54.05
N LYS P 121 -14.99 -55.74 54.52
CA LYS P 121 -14.25 -56.59 55.47
C LYS P 121 -12.78 -56.80 55.09
N ASP P 122 -12.49 -56.85 53.78
CA ASP P 122 -11.13 -57.11 53.30
C ASP P 122 -10.28 -55.87 53.21
N LYS P 123 -10.81 -54.85 52.55
CA LYS P 123 -10.04 -53.66 52.25
C LYS P 123 -9.88 -52.69 53.44
N SER P 124 -10.79 -52.77 54.41
CA SER P 124 -10.73 -51.90 55.59
C SER P 124 -11.40 -52.52 56.85
N PRO P 125 -10.77 -53.54 57.47
CA PRO P 125 -11.43 -54.36 58.50
C PRO P 125 -12.04 -53.62 59.70
N GLY P 126 -11.32 -52.64 60.25
CA GLY P 126 -11.73 -51.95 61.47
C GLY P 126 -12.85 -50.95 61.26
N LEU P 127 -12.75 -50.24 60.14
CA LEU P 127 -13.83 -49.36 59.74
C LEU P 127 -15.06 -50.16 59.35
N ASN P 128 -14.88 -51.29 58.66
CA ASN P 128 -15.99 -52.18 58.33
C ASN P 128 -16.67 -52.77 59.59
N ALA P 129 -15.85 -53.21 60.53
CA ALA P 129 -16.34 -53.65 61.82
C ALA P 129 -17.30 -52.64 62.46
N GLY P 130 -16.85 -51.40 62.68
CA GLY P 130 -17.68 -50.36 63.31
C GLY P 130 -19.00 -50.10 62.59
N LEU P 131 -18.93 -50.09 61.26
CA LEU P 131 -20.08 -49.87 60.38
C LEU P 131 -21.21 -50.89 60.57
N SER P 132 -20.96 -52.13 60.16
CA SER P 132 -21.92 -53.23 60.23
C SER P 132 -22.66 -53.42 61.59
N SER P 133 -22.03 -53.02 62.69
CA SER P 133 -22.67 -53.10 64.03
C SER P 133 -22.98 -51.71 64.60
N ALA P 134 -23.54 -50.86 63.75
CA ALA P 134 -24.12 -49.62 64.23
C ALA P 134 -25.58 -49.91 64.54
N THR P 135 -26.14 -49.10 65.43
CA THR P 135 -27.53 -49.25 65.80
C THR P 135 -28.18 -47.87 66.04
N TYR P 136 -29.27 -47.62 65.31
CA TYR P 136 -30.08 -46.41 65.48
C TYR P 136 -30.79 -46.41 66.85
N SER P 137 -30.81 -45.26 67.55
CA SER P 137 -31.41 -45.16 68.88
C SER P 137 -32.23 -43.87 69.13
N GLY P 138 -33.16 -43.95 70.06
CA GLY P 138 -34.07 -42.83 70.38
C GLY P 138 -35.26 -42.73 69.44
N PRO P 139 -35.91 -41.55 69.41
CA PRO P 139 -37.24 -41.44 68.78
C PRO P 139 -37.23 -41.69 67.23
N ALA P 140 -38.16 -42.52 66.74
CA ALA P 140 -38.27 -42.83 65.30
C ALA P 140 -38.18 -41.55 64.47
N PRO P 141 -37.47 -41.61 63.32
CA PRO P 141 -37.13 -40.45 62.51
C PRO P 141 -38.34 -39.71 61.94
N ARG P 142 -38.43 -38.41 62.18
CA ARG P 142 -39.47 -37.59 61.55
C ARG P 142 -39.11 -36.95 60.18
N TYR P 143 -37.88 -37.13 59.67
CA TYR P 143 -37.52 -36.44 58.43
C TYR P 143 -36.69 -37.30 57.43
N VAL P 144 -36.84 -36.99 56.14
CA VAL P 144 -36.05 -37.65 55.07
C VAL P 144 -35.19 -36.69 54.23
N ILE P 145 -33.96 -37.09 53.93
CA ILE P 145 -33.09 -36.31 53.06
C ILE P 145 -32.58 -37.18 51.91
N VAL P 146 -32.71 -36.67 50.68
CA VAL P 146 -32.12 -37.28 49.50
C VAL P 146 -31.15 -36.29 48.87
N ILE P 147 -29.92 -36.74 48.67
CA ILE P 147 -28.92 -35.92 48.03
C ILE P 147 -28.32 -36.73 46.90
N PRO P 148 -28.51 -36.25 45.66
CA PRO P 148 -27.74 -36.82 44.54
C PRO P 148 -26.31 -36.25 44.49
N VAL P 149 -25.33 -37.15 44.43
CA VAL P 149 -23.91 -36.77 44.43
C VAL P 149 -23.23 -37.13 43.10
N LYS P 150 -22.30 -36.28 42.64
CA LYS P 150 -21.54 -36.55 41.42
C LYS P 150 -20.09 -36.07 41.50
N LYS P 151 -19.17 -37.02 41.44
CA LYS P 151 -17.78 -36.65 41.53
C LYS P 151 -17.17 -36.43 40.12
N ASN P 152 -16.17 -35.54 39.98
CA ASN P 152 -15.50 -35.30 38.67
C ASN P 152 -14.53 -36.39 38.19
N ALA P 153 -14.04 -36.22 36.96
CA ALA P 153 -13.16 -37.20 36.36
C ALA P 153 -11.87 -37.39 37.17
N GLU P 154 -11.38 -36.28 37.70
CA GLU P 154 -10.21 -36.24 38.57
C GLU P 154 -10.30 -37.28 39.67
N TRP P 155 -11.49 -37.38 40.26
CA TRP P 155 -11.75 -38.36 41.31
C TRP P 155 -11.66 -39.75 40.72
N TRP P 156 -12.43 -40.00 39.67
CA TRP P 156 -12.51 -41.32 39.12
C TRP P 156 -11.16 -41.73 38.54
N ASN P 157 -10.31 -40.75 38.20
CA ASN P 157 -8.99 -41.08 37.70
C ASN P 157 -7.92 -41.44 38.73
N MET P 158 -8.16 -41.11 40.00
CA MET P 158 -7.30 -41.54 41.11
C MET P 158 -7.28 -43.05 41.22
N SER P 159 -6.14 -43.62 41.59
CA SER P 159 -6.02 -45.06 41.74
C SER P 159 -6.96 -45.52 42.86
N PRO P 160 -7.51 -46.75 42.75
CA PRO P 160 -8.45 -47.27 43.76
C PRO P 160 -7.91 -47.20 45.21
N GLU P 161 -6.59 -47.10 45.35
CA GLU P 161 -5.93 -46.99 46.64
C GLU P 161 -6.17 -45.60 47.19
N GLU P 162 -5.76 -44.59 46.42
CA GLU P 162 -5.96 -43.18 46.76
C GLU P 162 -7.43 -42.91 47.10
N ARG P 163 -8.35 -43.53 46.36
CA ARG P 163 -9.79 -43.38 46.64
C ARG P 163 -10.19 -44.10 47.91
N LEU P 164 -9.64 -45.29 48.15
CA LEU P 164 -9.88 -46.03 49.40
C LEU P 164 -9.49 -45.21 50.61
N LYS P 165 -8.34 -44.53 50.52
CA LYS P 165 -7.87 -43.72 51.61
C LYS P 165 -8.84 -42.60 51.92
N GLU P 166 -9.37 -41.95 50.89
CA GLU P 166 -10.33 -40.86 51.09
C GLU P 166 -11.69 -41.34 51.58
N MET P 167 -12.05 -42.58 51.24
CA MET P 167 -13.30 -43.15 51.68
C MET P 167 -13.25 -43.64 53.11
N GLU P 168 -12.05 -44.00 53.56
CA GLU P 168 -11.77 -44.18 54.98
C GLU P 168 -11.80 -42.82 55.70
N VAL P 169 -11.38 -41.73 55.06
CA VAL P 169 -11.51 -40.43 55.72
C VAL P 169 -12.98 -39.98 55.83
N HIS P 170 -13.80 -40.34 54.84
CA HIS P 170 -15.26 -40.18 54.86
C HIS P 170 -15.92 -40.91 56.03
N THR P 171 -15.44 -42.10 56.32
CA THR P 171 -16.11 -43.01 57.24
C THR P 171 -15.87 -42.71 58.72
N THR P 172 -14.69 -42.20 59.03
CA THR P 172 -14.22 -42.05 60.41
C THR P 172 -15.07 -41.08 61.23
N PRO P 173 -15.29 -39.85 60.71
CA PRO P 173 -16.13 -38.92 61.47
C PRO P 173 -17.63 -39.24 61.35
N THR P 174 -18.04 -40.01 60.33
CA THR P 174 -19.46 -40.28 60.08
C THR P 174 -20.01 -41.42 60.92
N LEU P 175 -19.17 -42.38 61.29
CA LEU P 175 -19.63 -43.47 62.16
C LEU P 175 -20.45 -43.00 63.38
N ALA P 176 -19.87 -42.11 64.18
CA ALA P 176 -20.56 -41.58 65.37
C ALA P 176 -22.04 -41.23 65.14
N TYR P 177 -22.40 -40.77 63.93
CA TYR P 177 -23.76 -40.29 63.62
C TYR P 177 -24.75 -41.43 63.31
N LEU P 178 -24.29 -42.67 63.32
CA LEU P 178 -25.19 -43.75 63.01
C LEU P 178 -26.25 -44.00 64.10
N VAL P 179 -26.09 -43.39 65.28
CA VAL P 179 -27.05 -43.53 66.39
C VAL P 179 -28.24 -42.59 66.15
N ASN P 180 -28.08 -41.70 65.18
CA ASN P 180 -28.90 -40.52 64.98
C ASN P 180 -29.58 -40.49 63.63
N VAL P 181 -28.96 -41.23 62.70
CA VAL P 181 -29.11 -41.08 61.25
C VAL P 181 -29.01 -42.46 60.58
N LYS P 182 -29.99 -42.78 59.75
CA LYS P 182 -29.99 -44.01 58.97
C LYS P 182 -29.67 -43.61 57.55
N ARG P 183 -28.86 -44.44 56.88
CA ARG P 183 -28.37 -44.14 55.53
C ARG P 183 -28.62 -45.27 54.51
N LYS P 184 -28.81 -44.93 53.25
CA LYS P 184 -28.71 -45.94 52.20
C LYS P 184 -28.08 -45.31 50.99
N LEU P 185 -27.27 -46.11 50.28
CA LEU P 185 -26.54 -45.60 49.12
C LEU P 185 -26.80 -46.41 47.86
N TYR P 186 -27.36 -45.73 46.87
CA TYR P 186 -27.49 -46.28 45.52
C TYR P 186 -26.49 -45.64 44.54
N HIS P 187 -26.04 -46.45 43.56
CA HIS P 187 -25.09 -46.01 42.51
C HIS P 187 -25.80 -45.74 41.19
N SER P 188 -25.45 -44.62 40.55
CA SER P 188 -26.20 -44.18 39.37
C SER P 188 -25.39 -43.92 38.10
N THR P 189 -24.05 -43.93 38.22
CA THR P 189 -23.14 -43.64 37.09
C THR P 189 -23.51 -44.34 35.77
N GLY P 190 -24.10 -43.59 34.83
CA GLY P 190 -24.47 -44.15 33.53
C GLY P 190 -25.93 -44.51 33.44
N LEU P 191 -26.60 -44.55 34.59
CA LEU P 191 -28.03 -44.80 34.60
C LEU P 191 -28.84 -43.51 34.68
N ASP P 192 -28.23 -42.48 35.27
CA ASP P 192 -28.80 -41.14 35.35
C ASP P 192 -27.70 -40.08 35.62
N ASP P 193 -28.15 -38.83 35.67
CA ASP P 193 -27.30 -37.66 35.81
C ASP P 193 -26.81 -37.44 37.25
N THR P 194 -26.18 -38.48 37.82
CA THR P 194 -25.56 -38.41 39.14
C THR P 194 -24.71 -39.67 39.28
N ASP P 195 -23.65 -39.59 40.08
CA ASP P 195 -22.85 -40.77 40.38
C ASP P 195 -23.56 -41.69 41.41
N PHE P 196 -24.36 -41.07 42.28
CA PHE P 196 -24.93 -41.68 43.48
C PHE P 196 -26.26 -41.06 43.84
N ILE P 197 -27.12 -41.84 44.49
CA ILE P 197 -28.28 -41.28 45.19
C ILE P 197 -28.14 -41.68 46.63
N THR P 198 -28.01 -40.70 47.51
CA THR P 198 -27.91 -41.00 48.94
C THR P 198 -29.25 -40.74 49.61
N TYR P 199 -29.53 -41.53 50.64
CA TYR P 199 -30.81 -41.50 51.33
C TYR P 199 -30.55 -41.50 52.82
N PHE P 200 -31.34 -40.70 53.51
CA PHE P 200 -31.16 -40.46 54.94
C PHE P 200 -32.51 -40.38 55.70
N GLU P 201 -32.57 -41.01 56.85
CA GLU P 201 -33.62 -40.71 57.79
C GLU P 201 -32.99 -40.21 59.09
N THR P 202 -33.61 -39.19 59.69
CA THR P 202 -33.17 -38.68 60.98
C THR P 202 -34.27 -37.99 61.81
N ASP P 203 -33.94 -37.64 63.06
CA ASP P 203 -34.79 -36.77 63.86
C ASP P 203 -34.13 -35.43 64.22
N ASP P 204 -32.84 -35.51 64.55
CA ASP P 204 -32.01 -34.35 64.90
C ASP P 204 -31.46 -33.67 63.61
N LEU P 205 -32.18 -32.63 63.15
CA LEU P 205 -31.76 -31.86 61.99
C LEU P 205 -30.50 -31.01 62.29
N THR P 206 -30.36 -30.52 63.53
CA THR P 206 -29.08 -29.91 63.98
C THR P 206 -27.93 -30.93 63.84
N ALA P 207 -28.20 -32.19 64.18
CA ALA P 207 -27.20 -33.26 63.99
C ALA P 207 -26.85 -33.55 62.51
N PHE P 208 -27.87 -33.61 61.64
CA PHE P 208 -27.63 -33.87 60.22
C PHE P 208 -26.78 -32.77 59.52
N ASN P 209 -27.11 -31.50 59.79
CA ASN P 209 -26.28 -30.36 59.40
C ASN P 209 -24.85 -30.57 59.85
N ASN P 210 -24.69 -30.97 61.12
CA ASN P 210 -23.38 -31.25 61.67
C ASN P 210 -22.60 -32.37 60.98
N LEU P 211 -23.33 -33.37 60.50
CA LEU P 211 -22.74 -34.49 59.75
C LEU P 211 -22.25 -34.06 58.37
N MET P 212 -23.15 -33.50 57.56
CA MET P 212 -22.72 -32.96 56.28
C MET P 212 -21.58 -31.97 56.45
N LEU P 213 -21.63 -31.15 57.52
CA LEU P 213 -20.54 -30.21 57.81
C LEU P 213 -19.18 -30.93 57.99
N SER P 214 -19.23 -32.11 58.58
CA SER P 214 -18.02 -32.90 58.75
C SER P 214 -17.46 -33.38 57.44
N LEU P 215 -18.36 -33.79 56.53
CA LEU P 215 -17.98 -34.31 55.21
C LEU P 215 -17.54 -33.21 54.25
N ALA P 216 -18.08 -32.00 54.43
CA ALA P 216 -17.64 -30.89 53.59
C ALA P 216 -16.17 -30.69 53.88
N GLN P 217 -15.80 -30.98 55.13
CA GLN P 217 -14.49 -30.57 55.64
C GLN P 217 -13.37 -31.50 55.28
N VAL P 218 -13.64 -32.53 54.47
CA VAL P 218 -12.61 -33.48 54.10
C VAL P 218 -12.37 -33.47 52.61
N LYS P 219 -11.17 -33.90 52.22
CA LYS P 219 -10.65 -33.84 50.86
C LYS P 219 -11.59 -34.38 49.77
N GLU P 220 -12.31 -35.46 50.07
CA GLU P 220 -13.30 -36.03 49.14
C GLU P 220 -14.30 -34.97 48.60
N ASN P 221 -14.81 -34.11 49.50
CA ASN P 221 -15.69 -33.02 49.08
C ASN P 221 -15.10 -32.19 47.96
N LYS P 222 -13.77 -32.02 47.95
CA LYS P 222 -13.09 -31.27 46.85
C LYS P 222 -13.49 -31.73 45.42
N PHE P 223 -13.89 -33.00 45.28
CA PHE P 223 -14.12 -33.65 43.99
C PHE P 223 -15.55 -33.60 43.53
N HIS P 224 -16.42 -33.10 44.39
CA HIS P 224 -17.83 -33.00 44.08
C HIS P 224 -18.10 -31.89 43.10
N VAL P 225 -18.85 -32.23 42.04
CA VAL P 225 -19.52 -31.26 41.14
C VAL P 225 -21.07 -31.23 41.27
N ARG P 226 -21.63 -32.23 41.95
CA ARG P 226 -23.02 -32.18 42.34
C ARG P 226 -23.12 -32.87 43.70
N TRP P 227 -23.74 -32.16 44.64
CA TRP P 227 -23.79 -32.57 46.02
C TRP P 227 -25.08 -31.95 46.57
N GLY P 228 -26.23 -32.42 46.05
CA GLY P 228 -27.58 -31.85 46.29
C GLY P 228 -28.14 -31.40 44.96
N SER P 229 -28.82 -30.25 44.93
CA SER P 229 -29.34 -29.62 43.68
C SER P 229 -30.26 -30.57 42.92
N PRO P 230 -31.35 -30.98 43.56
CA PRO P 230 -31.80 -30.46 44.86
C PRO P 230 -31.48 -31.32 46.09
N THR P 231 -31.15 -30.63 47.18
CA THR P 231 -31.15 -31.24 48.52
C THR P 231 -32.61 -31.25 48.97
N THR P 232 -33.12 -32.46 49.16
CA THR P 232 -34.54 -32.66 49.35
C THR P 232 -34.83 -33.14 50.75
N LEU P 233 -35.47 -32.29 51.52
CA LEU P 233 -35.77 -32.56 52.90
C LEU P 233 -37.26 -32.48 53.07
N GLY P 234 -37.85 -33.64 53.36
CA GLY P 234 -39.25 -33.74 53.68
C GLY P 234 -39.50 -34.56 54.93
N THR P 235 -40.77 -34.87 55.13
CA THR P 235 -41.21 -35.30 56.42
C THR P 235 -41.84 -36.71 56.24
N ILE P 236 -41.38 -37.72 57.00
CA ILE P 236 -41.76 -39.12 56.73
C ILE P 236 -43.17 -39.43 57.22
N HIS P 237 -44.00 -39.99 56.34
CA HIS P 237 -45.34 -40.49 56.72
C HIS P 237 -45.71 -41.72 55.91
N SER P 238 -46.74 -42.42 56.38
CA SER P 238 -47.29 -43.58 55.69
C SER P 238 -47.92 -43.13 54.38
N PRO P 239 -47.81 -43.95 53.30
CA PRO P 239 -48.29 -43.59 51.96
C PRO P 239 -49.62 -42.82 51.96
N GLU P 240 -50.62 -43.33 52.67
CA GLU P 240 -51.91 -42.65 52.76
C GLU P 240 -51.84 -41.26 53.40
N ASP P 241 -51.38 -41.18 54.66
CA ASP P 241 -51.29 -39.91 55.41
C ASP P 241 -50.76 -38.70 54.62
N VAL P 242 -49.74 -38.93 53.76
CA VAL P 242 -49.15 -37.88 52.91
C VAL P 242 -50.17 -37.34 51.92
N ILE P 243 -50.90 -38.23 51.26
CA ILE P 243 -51.89 -37.79 50.30
C ILE P 243 -53.05 -37.08 51.02
N LYS P 244 -53.47 -37.62 52.19
CA LYS P 244 -54.47 -36.99 53.09
C LYS P 244 -54.08 -35.57 53.47
N ALA P 245 -52.82 -35.41 53.89
CA ALA P 245 -52.23 -34.10 54.12
C ALA P 245 -52.13 -33.19 52.86
N LEU P 246 -52.21 -33.75 51.65
CA LEU P 246 -52.23 -32.95 50.41
C LEU P 246 -53.62 -32.43 50.07
N ALA P 247 -54.62 -33.16 50.55
CA ALA P 247 -56.03 -32.89 50.25
C ALA P 247 -56.48 -31.43 50.48
N ASP P 248 -56.33 -30.94 51.72
CA ASP P 248 -56.75 -29.57 52.09
C ASP P 248 -55.60 -28.79 52.71
N LYS Q 8 -39.92 18.14 45.50
CA LYS Q 8 -40.02 18.27 44.03
C LYS Q 8 -38.88 17.51 43.34
N ILE Q 9 -39.09 17.21 42.05
CA ILE Q 9 -38.21 16.31 41.28
C ILE Q 9 -38.08 16.80 39.84
N GLU Q 10 -36.83 17.09 39.45
CA GLU Q 10 -36.56 17.50 38.06
C GLU Q 10 -35.53 16.62 37.37
N ARG Q 11 -35.84 16.27 36.12
CA ARG Q 11 -35.02 15.37 35.31
C ARG Q 11 -33.54 15.77 35.30
N GLY Q 12 -33.25 17.02 34.91
CA GLY Q 12 -31.89 17.56 34.94
C GLY Q 12 -31.09 17.35 36.24
N THR Q 13 -31.81 17.20 37.35
CA THR Q 13 -31.22 17.18 38.69
C THR Q 13 -31.08 15.76 39.23
N ILE Q 14 -32.17 15.00 39.16
CA ILE Q 14 -32.14 13.62 39.67
C ILE Q 14 -31.24 12.68 38.90
N LEU Q 15 -31.00 12.91 37.61
CA LEU Q 15 -30.08 12.07 36.81
C LEU Q 15 -28.58 12.40 36.96
N THR Q 16 -28.28 13.26 37.93
CA THR Q 16 -27.02 13.95 38.00
C THR Q 16 -26.42 13.77 39.39
N GLN Q 17 -27.19 13.17 40.29
CA GLN Q 17 -26.86 13.19 41.69
C GLN Q 17 -26.61 11.84 42.31
N PRO Q 18 -25.70 11.81 43.31
CA PRO Q 18 -25.44 10.62 44.09
C PRO Q 18 -26.67 10.32 44.96
N GLY Q 19 -26.77 9.09 45.44
CA GLY Q 19 -27.84 8.68 46.34
C GLY Q 19 -29.16 8.35 45.65
N VAL Q 20 -29.16 8.31 44.32
CA VAL Q 20 -30.39 8.09 43.56
C VAL Q 20 -30.58 6.62 43.23
N PHE Q 21 -31.75 6.10 43.58
CA PHE Q 21 -32.10 4.71 43.29
C PHE Q 21 -32.63 4.57 41.86
N GLY Q 22 -32.05 3.63 41.12
CA GLY Q 22 -32.58 3.27 39.82
C GLY Q 22 -33.24 1.92 39.97
N VAL Q 23 -34.37 1.72 39.29
CA VAL Q 23 -35.04 0.42 39.28
C VAL Q 23 -35.45 0.00 37.87
N PHE Q 24 -34.70 -0.96 37.29
CA PHE Q 24 -34.92 -1.39 35.91
C PHE Q 24 -35.77 -2.62 35.92
N THR Q 25 -36.89 -2.60 35.18
CA THR Q 25 -37.82 -3.73 35.17
C THR Q 25 -38.20 -4.05 33.73
N MET Q 26 -37.85 -5.24 33.27
CA MET Q 26 -38.23 -5.70 31.95
C MET Q 26 -39.51 -6.44 32.09
N PHE Q 27 -40.38 -6.31 31.09
CA PHE Q 27 -41.72 -6.92 31.12
C PHE Q 27 -42.10 -7.67 29.84
N LYS Q 28 -42.59 -8.90 30.00
CA LYS Q 28 -43.11 -9.63 28.85
C LYS Q 28 -44.65 -9.69 28.78
N LEU Q 29 -45.18 -9.23 27.65
CA LEU Q 29 -46.60 -9.26 27.40
C LEU Q 29 -47.11 -10.67 27.11
N ARG Q 30 -47.98 -11.14 28.01
CA ARG Q 30 -48.59 -12.47 27.93
C ARG Q 30 -49.51 -12.62 26.72
N PRO Q 31 -49.57 -13.85 26.18
CA PRO Q 31 -50.41 -14.18 25.05
C PRO Q 31 -51.81 -13.55 25.15
N ASP Q 32 -52.54 -13.84 26.22
CA ASP Q 32 -53.93 -13.34 26.37
C ASP Q 32 -54.02 -11.80 26.58
N TRP Q 33 -52.98 -11.10 26.12
CA TRP Q 33 -52.90 -9.59 26.02
C TRP Q 33 -53.38 -9.10 24.61
N ASN Q 34 -53.44 -10.06 23.63
CA ASN Q 34 -53.98 -9.83 22.27
C ASN Q 34 -55.51 -10.10 22.20
N LYS Q 35 -56.08 -10.45 23.34
CA LYS Q 35 -57.46 -10.81 23.40
C LYS Q 35 -58.24 -9.86 24.31
N VAL Q 36 -57.52 -8.86 24.83
CA VAL Q 36 -58.13 -7.78 25.62
C VAL Q 36 -58.73 -6.74 24.64
N PRO Q 37 -60.07 -6.46 24.75
CA PRO Q 37 -60.82 -5.75 23.67
C PRO Q 37 -60.16 -4.44 23.23
N VAL Q 38 -59.88 -4.33 21.92
CA VAL Q 38 -59.37 -3.09 21.35
C VAL Q 38 -60.30 -1.90 21.69
N ALA Q 39 -59.95 -1.22 22.79
CA ALA Q 39 -60.74 -0.15 23.43
C ALA Q 39 -60.06 0.04 24.78
N GLU Q 40 -60.13 -1.05 25.58
CA GLU Q 40 -59.40 -1.25 26.82
C GLU Q 40 -57.87 -1.29 26.63
N ARG Q 41 -57.42 -1.79 25.46
CA ARG Q 41 -56.01 -1.73 25.03
C ARG Q 41 -55.59 -0.33 24.51
N LYS Q 42 -56.52 0.37 23.87
CA LYS Q 42 -56.21 1.70 23.32
C LYS Q 42 -56.17 2.79 24.40
N GLY Q 43 -56.92 2.59 25.47
CA GLY Q 43 -56.83 3.44 26.65
C GLY Q 43 -55.76 3.04 27.67
N ALA Q 44 -54.95 2.03 27.37
CA ALA Q 44 -53.88 1.63 28.32
C ALA Q 44 -52.74 2.66 28.35
N ALA Q 45 -52.50 3.30 27.21
CA ALA Q 45 -51.42 4.27 27.08
C ALA Q 45 -51.68 5.57 27.83
N GLU Q 46 -52.94 6.00 27.84
CA GLU Q 46 -53.36 7.19 28.60
C GLU Q 46 -53.29 6.94 30.13
N GLU Q 47 -53.63 5.72 30.55
CA GLU Q 47 -53.56 5.34 31.94
C GLU Q 47 -52.14 5.51 32.49
N VAL Q 48 -51.16 5.13 31.67
CA VAL Q 48 -49.71 5.19 32.01
C VAL Q 48 -49.15 6.62 32.08
N LYS Q 49 -49.67 7.51 31.23
CA LYS Q 49 -49.29 8.91 31.31
C LYS Q 49 -49.86 9.55 32.60
N LYS Q 50 -51.10 9.17 32.95
CA LYS Q 50 -51.83 9.59 34.17
C LYS Q 50 -51.13 9.18 35.46
N LEU Q 51 -50.59 7.95 35.46
CA LEU Q 51 -49.88 7.38 36.62
C LEU Q 51 -48.51 8.02 36.83
N ILE Q 52 -47.90 8.41 35.70
CA ILE Q 52 -46.57 9.01 35.71
C ILE Q 52 -46.69 10.47 36.09
N GLU Q 53 -47.82 11.08 35.73
CA GLU Q 53 -48.10 12.45 36.18
C GLU Q 53 -48.53 12.46 37.66
N LYS Q 54 -49.09 11.34 38.12
CA LYS Q 54 -49.53 11.18 39.52
C LYS Q 54 -48.34 11.08 40.49
N HIS Q 55 -47.27 10.42 40.04
CA HIS Q 55 -45.99 10.43 40.78
C HIS Q 55 -45.01 11.46 40.17
N LYS Q 56 -45.55 12.66 39.86
CA LYS Q 56 -44.77 13.80 39.37
C LYS Q 56 -43.60 14.03 40.32
N ASP Q 57 -43.89 13.90 41.60
CA ASP Q 57 -42.96 14.26 42.67
C ASP Q 57 -42.44 13.05 43.45
N ASN Q 58 -42.89 11.85 43.10
CA ASN Q 58 -42.38 10.65 43.78
C ASN Q 58 -41.22 9.98 43.00
N VAL Q 59 -41.42 9.73 41.72
CA VAL Q 59 -40.37 9.13 40.90
C VAL Q 59 -40.16 9.87 39.58
N LEU Q 60 -39.16 9.40 38.83
CA LEU Q 60 -38.94 9.78 37.44
C LEU Q 60 -39.07 8.52 36.58
N VAL Q 61 -39.94 8.57 35.57
CA VAL Q 61 -40.18 7.40 34.77
C VAL Q 61 -39.58 7.54 33.37
N ASP Q 62 -38.91 6.49 32.90
CA ASP Q 62 -38.49 6.36 31.51
C ASP Q 62 -39.02 5.05 30.97
N LEU Q 63 -39.63 5.10 29.78
CA LEU Q 63 -40.22 3.89 29.24
C LEU Q 63 -39.62 3.57 27.88
N TYR Q 64 -39.27 2.30 27.66
CA TYR Q 64 -38.59 1.88 26.42
C TYR Q 64 -39.24 0.68 25.80
N LEU Q 65 -39.06 0.57 24.49
CA LEU Q 65 -39.70 -0.45 23.72
C LEU Q 65 -38.70 -1.51 23.24
N THR Q 66 -38.83 -2.75 23.70
CA THR Q 66 -37.91 -3.84 23.32
C THR Q 66 -38.53 -4.96 22.47
N ARG Q 67 -39.85 -4.89 22.24
CA ARG Q 67 -40.60 -5.88 21.45
C ARG Q 67 -40.03 -6.00 20.06
N GLY Q 68 -39.86 -7.24 19.61
CA GLY Q 68 -39.29 -7.52 18.30
C GLY Q 68 -37.77 -7.54 18.33
N LEU Q 69 -37.15 -7.13 19.45
CA LEU Q 69 -35.67 -7.08 19.60
C LEU Q 69 -35.11 -7.87 20.79
N GLU Q 70 -35.99 -8.31 21.70
CA GLU Q 70 -35.56 -9.05 22.87
C GLU Q 70 -36.47 -10.21 23.16
N THR Q 71 -35.86 -11.38 23.41
CA THR Q 71 -36.57 -12.60 23.71
C THR Q 71 -37.41 -12.38 24.95
N ASN Q 72 -36.74 -11.84 25.97
CA ASN Q 72 -37.23 -11.77 27.33
C ASN Q 72 -37.78 -10.41 27.77
N SER Q 73 -38.38 -9.68 26.84
CA SER Q 73 -39.14 -8.49 27.19
C SER Q 73 -39.84 -7.88 25.98
N ASP Q 74 -40.83 -7.06 26.27
CA ASP Q 74 -41.45 -6.33 25.21
C ASP Q 74 -41.21 -4.85 25.46
N PHE Q 75 -41.19 -4.45 26.73
CA PHE Q 75 -40.86 -3.08 27.08
C PHE Q 75 -40.02 -3.08 28.34
N PHE Q 76 -39.46 -1.95 28.74
CA PHE Q 76 -38.97 -1.87 30.11
C PHE Q 76 -38.96 -0.50 30.70
N PHE Q 77 -39.10 -0.45 32.03
CA PHE Q 77 -39.02 0.81 32.78
C PHE Q 77 -37.64 1.11 33.36
N ARG Q 78 -37.31 2.41 33.41
CA ARG Q 78 -36.26 2.92 34.29
C ARG Q 78 -36.83 4.00 35.16
N ILE Q 79 -36.87 3.70 36.43
CA ILE Q 79 -37.43 4.57 37.42
C ILE Q 79 -36.27 5.23 38.10
N ASN Q 80 -36.39 6.49 38.46
CA ASN Q 80 -35.41 7.05 39.37
C ASN Q 80 -36.06 7.73 40.57
N ALA Q 81 -35.66 7.34 41.79
CA ALA Q 81 -36.24 7.92 42.99
C ALA Q 81 -35.18 8.18 44.05
N TYR Q 82 -35.41 9.19 44.88
CA TYR Q 82 -34.54 9.42 46.04
C TYR Q 82 -34.73 8.33 47.09
N ASP Q 83 -35.91 7.71 47.08
CA ASP Q 83 -36.30 6.74 48.08
C ASP Q 83 -36.70 5.43 47.40
N LEU Q 84 -36.10 4.28 47.80
CA LEU Q 84 -36.34 3.04 47.04
C LEU Q 84 -37.78 2.56 47.15
N ALA Q 85 -38.36 2.84 48.33
CA ALA Q 85 -39.75 2.60 48.64
C ALA Q 85 -40.70 3.24 47.62
N LYS Q 86 -40.49 4.52 47.34
CA LYS Q 86 -41.38 5.18 46.41
C LYS Q 86 -41.29 4.55 45.03
N ALA Q 87 -40.11 4.06 44.69
CA ALA Q 87 -39.89 3.36 43.42
C ALA Q 87 -40.70 2.08 43.39
N GLN Q 88 -40.67 1.34 44.49
CA GLN Q 88 -41.49 0.16 44.63
C GLN Q 88 -42.96 0.51 44.36
N THR Q 89 -43.50 1.44 45.16
CA THR Q 89 -44.92 1.86 45.10
C THR Q 89 -45.39 2.03 43.65
N PHE Q 90 -44.65 2.87 42.90
CA PHE Q 90 -44.92 3.09 41.49
C PHE Q 90 -44.95 1.82 40.66
N MET Q 91 -43.89 1.03 40.72
CA MET Q 91 -43.84 -0.22 40.00
C MET Q 91 -45.08 -1.01 40.32
N ARG Q 92 -45.30 -1.12 41.62
CA ARG Q 92 -46.41 -1.84 42.17
C ARG Q 92 -47.75 -1.27 41.68
N GLU Q 93 -47.79 0.04 41.37
CA GLU Q 93 -49.03 0.69 40.84
C GLU Q 93 -49.21 0.54 39.31
N PHE Q 94 -48.08 0.36 38.62
CA PHE Q 94 -48.07 0.01 37.21
C PHE Q 94 -48.61 -1.39 37.04
N ARG Q 95 -48.10 -2.32 37.83
CA ARG Q 95 -48.51 -3.71 37.73
C ARG Q 95 -50.01 -3.97 38.02
N SER Q 96 -50.73 -2.98 38.57
CA SER Q 96 -52.20 -3.02 38.67
C SER Q 96 -52.85 -2.20 37.57
N THR Q 97 -52.00 -1.76 36.64
CA THR Q 97 -52.43 -1.06 35.46
C THR Q 97 -52.83 -2.10 34.41
N THR Q 98 -53.68 -1.69 33.44
CA THR Q 98 -54.14 -2.60 32.36
C THR Q 98 -52.96 -3.33 31.66
N VAL Q 99 -51.90 -2.59 31.39
CA VAL Q 99 -50.71 -3.19 30.83
C VAL Q 99 -49.99 -4.04 31.88
N GLY Q 100 -49.93 -3.49 33.10
CA GLY Q 100 -49.35 -4.21 34.23
C GLY Q 100 -50.16 -5.44 34.63
N LYS Q 101 -51.49 -5.40 34.42
CA LYS Q 101 -52.36 -6.58 34.65
C LYS Q 101 -52.10 -7.68 33.63
N ASN Q 102 -51.61 -7.28 32.45
CA ASN Q 102 -51.37 -8.24 31.36
C ASN Q 102 -49.92 -8.51 30.93
N ALA Q 103 -48.97 -8.29 31.84
CA ALA Q 103 -47.58 -8.70 31.59
C ALA Q 103 -46.82 -9.32 32.78
N ASP Q 104 -45.96 -10.30 32.47
CA ASP Q 104 -45.02 -10.91 33.43
C ASP Q 104 -43.63 -10.25 33.41
N VAL Q 105 -43.10 -9.95 34.62
CA VAL Q 105 -41.75 -9.38 34.79
C VAL Q 105 -40.73 -10.46 34.45
N PHE Q 106 -39.70 -10.14 33.67
CA PHE Q 106 -38.64 -11.13 33.35
C PHE Q 106 -37.24 -10.77 33.88
N GLU Q 107 -37.09 -9.51 34.29
CA GLU Q 107 -35.83 -8.99 34.78
C GLU Q 107 -36.07 -7.76 35.63
N THR Q 108 -35.36 -7.67 36.75
CA THR Q 108 -35.41 -6.49 37.61
C THR Q 108 -34.04 -6.25 38.22
N LEU Q 109 -33.69 -4.97 38.27
CA LEU Q 109 -32.36 -4.57 38.65
C LEU Q 109 -32.50 -3.34 39.52
N VAL Q 110 -31.98 -3.45 40.74
CA VAL Q 110 -31.95 -2.33 41.67
C VAL Q 110 -30.52 -1.83 41.75
N GLY Q 111 -30.34 -0.51 41.72
CA GLY Q 111 -29.04 0.07 41.98
C GLY Q 111 -29.11 1.44 42.64
N VAL Q 112 -28.01 1.81 43.29
CA VAL Q 112 -27.86 3.16 43.81
C VAL Q 112 -26.78 3.88 43.04
N THR Q 113 -26.96 5.17 42.97
CA THR Q 113 -26.09 6.08 42.27
C THR Q 113 -25.06 6.52 43.32
N LYS Q 114 -23.79 6.67 42.93
CA LYS Q 114 -22.73 6.98 43.89
C LYS Q 114 -21.73 7.97 43.32
N PRO Q 115 -20.91 8.62 44.18
CA PRO Q 115 -19.87 9.49 43.64
C PRO Q 115 -18.84 8.73 42.81
N LEU Q 116 -17.86 9.44 42.25
CA LEU Q 116 -16.81 8.79 41.49
C LEU Q 116 -15.82 8.05 42.42
N ASN Q 117 -15.64 6.75 42.18
CA ASN Q 117 -14.76 5.94 43.02
C ASN Q 117 -13.32 5.97 42.58
N TYR Q 118 -13.10 6.05 41.26
CA TYR Q 118 -11.80 5.99 40.66
C TYR Q 118 -11.39 7.23 39.88
N ILE Q 119 -12.14 7.61 38.85
CA ILE Q 119 -11.68 8.70 38.03
C ILE Q 119 -12.19 10.07 38.52
N SER Q 120 -11.85 10.41 39.76
CA SER Q 120 -12.27 11.69 40.36
C SER Q 120 -11.19 12.76 40.19
N LYS Q 121 -11.49 13.98 40.54
CA LYS Q 121 -10.48 15.04 40.49
C LYS Q 121 -9.27 14.75 41.40
N ASP Q 122 -9.48 14.09 42.54
CA ASP Q 122 -8.35 13.84 43.45
C ASP Q 122 -7.50 12.71 42.98
N LYS Q 123 -8.13 11.64 42.53
CA LYS Q 123 -7.44 10.38 42.28
C LYS Q 123 -6.88 10.28 40.90
N SER Q 124 -7.59 10.80 39.91
CA SER Q 124 -7.13 10.75 38.54
C SER Q 124 -7.49 12.03 37.77
N PRO Q 125 -6.76 13.13 38.07
CA PRO Q 125 -7.28 14.42 37.61
C PRO Q 125 -7.34 14.55 36.11
N GLY Q 126 -6.32 14.08 35.42
CA GLY Q 126 -6.22 14.33 34.00
C GLY Q 126 -7.26 13.57 33.22
N LEU Q 127 -7.50 12.32 33.56
CA LEU Q 127 -8.58 11.62 32.89
C LEU Q 127 -9.93 12.22 33.31
N ASN Q 128 -10.04 12.71 34.55
CA ASN Q 128 -11.28 13.31 35.02
C ASN Q 128 -11.63 14.46 34.09
N ALA Q 129 -10.64 15.31 33.84
CA ALA Q 129 -10.82 16.40 32.91
C ALA Q 129 -11.18 15.90 31.50
N GLY Q 130 -10.46 14.95 30.93
CA GLY Q 130 -10.81 14.44 29.59
C GLY Q 130 -12.28 14.02 29.51
N LEU Q 131 -12.70 13.37 30.57
CA LEU Q 131 -14.02 12.82 30.76
C LEU Q 131 -15.06 13.92 30.71
N SER Q 132 -15.07 14.77 31.71
CA SER Q 132 -16.00 15.93 31.72
C SER Q 132 -15.54 17.06 30.76
N SER Q 133 -15.23 16.73 29.50
CA SER Q 133 -14.75 17.75 28.54
C SER Q 133 -14.81 17.43 27.05
N ALA Q 134 -16.01 17.10 26.62
CA ALA Q 134 -16.43 16.94 25.24
C ALA Q 134 -17.76 16.27 25.50
N THR Q 135 -18.77 16.61 24.71
CA THR Q 135 -20.13 16.36 25.14
C THR Q 135 -20.95 15.84 23.96
N TYR Q 136 -22.06 15.17 24.26
CA TYR Q 136 -22.85 14.50 23.22
C TYR Q 136 -23.12 15.31 21.93
N SER Q 137 -23.10 14.64 20.76
CA SER Q 137 -23.32 15.31 19.45
C SER Q 137 -24.30 14.62 18.52
N GLY Q 138 -24.64 15.35 17.46
CA GLY Q 138 -25.60 14.86 16.47
C GLY Q 138 -26.95 14.32 17.00
N PRO Q 139 -27.50 13.29 16.32
CA PRO Q 139 -28.95 13.06 16.38
C PRO Q 139 -29.41 12.57 17.77
N ALA Q 140 -30.64 12.92 18.13
CA ALA Q 140 -31.22 12.49 19.39
C ALA Q 140 -31.15 10.96 19.41
N PRO Q 141 -30.54 10.37 20.47
CA PRO Q 141 -30.35 8.92 20.46
C PRO Q 141 -31.66 8.18 20.26
N ARG Q 142 -31.65 7.17 19.41
CA ARG Q 142 -32.81 6.32 19.17
C ARG Q 142 -32.82 5.02 19.98
N TYR Q 143 -31.64 4.59 20.41
CA TYR Q 143 -31.47 3.26 21.02
C TYR Q 143 -31.06 3.28 22.48
N VAL Q 144 -31.63 2.37 23.28
CA VAL Q 144 -31.22 2.21 24.67
C VAL Q 144 -30.58 0.83 24.86
N ILE Q 145 -29.46 0.77 25.60
CA ILE Q 145 -28.82 -0.47 25.97
C ILE Q 145 -28.67 -0.46 27.48
N VAL Q 146 -29.12 -1.52 28.15
CA VAL Q 146 -28.87 -1.64 29.58
C VAL Q 146 -28.07 -2.91 29.77
N ILE Q 147 -26.89 -2.80 30.39
CA ILE Q 147 -26.01 -3.95 30.67
C ILE Q 147 -25.62 -4.06 32.15
N PRO Q 148 -26.06 -5.14 32.83
CA PRO Q 148 -25.59 -5.41 34.19
C PRO Q 148 -24.19 -6.04 34.16
N VAL Q 149 -23.31 -5.56 35.05
CA VAL Q 149 -21.94 -6.05 35.15
C VAL Q 149 -21.64 -6.50 36.56
N LYS Q 150 -21.03 -7.68 36.67
CA LYS Q 150 -20.57 -8.25 37.95
C LYS Q 150 -19.12 -8.73 37.80
N LYS Q 151 -18.27 -8.29 38.73
CA LYS Q 151 -16.86 -8.60 38.72
C LYS Q 151 -16.59 -9.66 39.78
N ASN Q 152 -15.65 -10.58 39.54
CA ASN Q 152 -15.33 -11.62 40.51
C ASN Q 152 -14.68 -11.10 41.82
N ALA Q 153 -14.65 -11.96 42.83
CA ALA Q 153 -13.91 -11.69 44.07
C ALA Q 153 -12.42 -11.41 43.85
N GLU Q 154 -11.87 -11.99 42.80
CA GLU Q 154 -10.49 -11.69 42.47
C GLU Q 154 -10.32 -10.25 42.20
N TRP Q 155 -11.24 -9.67 41.44
CA TRP Q 155 -11.22 -8.24 41.21
C TRP Q 155 -11.27 -7.50 42.52
N TRP Q 156 -12.25 -7.82 43.34
CA TRP Q 156 -12.54 -7.07 44.54
C TRP Q 156 -11.47 -7.20 45.60
N ASN Q 157 -10.57 -8.18 45.48
CA ASN Q 157 -9.47 -8.35 46.42
C ASN Q 157 -8.15 -7.67 45.98
N MET Q 158 -8.24 -6.91 44.89
CA MET Q 158 -7.13 -6.12 44.46
C MET Q 158 -7.13 -4.84 45.31
N SER Q 159 -5.99 -4.18 45.44
CA SER Q 159 -5.94 -2.97 46.24
C SER Q 159 -6.70 -1.86 45.51
N PRO Q 160 -7.20 -0.85 46.25
CA PRO Q 160 -7.78 0.32 45.62
C PRO Q 160 -6.89 0.94 44.53
N GLU Q 161 -5.55 0.80 44.64
CA GLU Q 161 -4.62 1.38 43.63
C GLU Q 161 -4.60 0.52 42.41
N GLU Q 162 -4.60 -0.80 42.62
CA GLU Q 162 -4.59 -1.78 41.54
C GLU Q 162 -5.87 -1.64 40.71
N ARG Q 163 -7.00 -1.47 41.40
CA ARG Q 163 -8.27 -1.26 40.71
C ARG Q 163 -8.28 0.10 40.01
N LEU Q 164 -7.69 1.12 40.63
CA LEU Q 164 -7.52 2.42 39.98
C LEU Q 164 -6.71 2.39 38.66
N LYS Q 165 -5.53 1.77 38.70
CA LYS Q 165 -4.74 1.54 37.50
C LYS Q 165 -5.64 0.89 36.45
N GLU Q 166 -6.47 -0.05 36.87
CA GLU Q 166 -7.27 -0.78 35.93
C GLU Q 166 -8.41 0.01 35.34
N MET Q 167 -8.94 0.92 36.15
CA MET Q 167 -10.05 1.76 35.74
C MET Q 167 -9.61 2.93 34.87
N GLU Q 168 -8.37 3.40 35.05
CA GLU Q 168 -7.84 4.36 34.10
C GLU Q 168 -7.80 3.75 32.68
N VAL Q 169 -7.40 2.48 32.61
CA VAL Q 169 -7.31 1.80 31.34
C VAL Q 169 -8.70 1.67 30.67
N HIS Q 170 -9.75 1.42 31.45
CA HIS Q 170 -11.15 1.51 31.00
C HIS Q 170 -11.46 2.86 30.33
N THR Q 171 -11.11 3.93 31.02
CA THR Q 171 -11.47 5.27 30.60
C THR Q 171 -10.84 5.76 29.29
N THR Q 172 -9.56 5.47 29.07
CA THR Q 172 -8.86 6.04 27.89
C THR Q 172 -9.62 5.80 26.59
N PRO Q 173 -9.78 4.52 26.14
CA PRO Q 173 -10.47 4.36 24.84
C PRO Q 173 -11.86 5.00 24.79
N THR Q 174 -12.53 5.15 25.94
CA THR Q 174 -13.96 5.54 25.97
C THR Q 174 -14.19 7.01 25.67
N LEU Q 175 -13.26 7.85 26.09
CA LEU Q 175 -13.36 9.31 25.92
C LEU Q 175 -13.70 9.70 24.49
N ALA Q 176 -13.43 8.76 23.58
CA ALA Q 176 -13.67 8.97 22.16
C ALA Q 176 -15.15 8.92 21.80
N TYR Q 177 -15.91 8.16 22.58
CA TYR Q 177 -17.33 7.99 22.34
C TYR Q 177 -18.25 8.96 23.14
N LEU Q 178 -17.66 10.00 23.73
CA LEU Q 178 -18.39 11.01 24.49
C LEU Q 178 -19.31 11.81 23.63
N VAL Q 179 -18.99 11.92 22.34
CA VAL Q 179 -19.83 12.63 21.34
C VAL Q 179 -20.98 11.75 20.83
N ASN Q 180 -20.81 10.44 21.00
CA ASN Q 180 -21.57 9.36 20.40
C ASN Q 180 -22.56 8.71 21.31
N VAL Q 181 -22.14 8.53 22.57
CA VAL Q 181 -22.79 7.65 23.55
C VAL Q 181 -23.02 8.37 24.87
N LYS Q 182 -24.26 8.31 25.41
CA LYS Q 182 -24.57 8.73 26.78
C LYS Q 182 -24.54 7.52 27.72
N ARG Q 183 -24.08 7.77 28.94
CA ARG Q 183 -23.68 6.72 29.91
C ARG Q 183 -24.23 7.06 31.31
N LYS Q 184 -24.63 6.04 32.05
CA LYS Q 184 -24.90 6.22 33.47
C LYS Q 184 -24.48 4.93 34.15
N LEU Q 185 -24.13 5.08 35.42
CA LEU Q 185 -23.62 3.97 36.22
C LEU Q 185 -24.33 3.84 37.59
N TYR Q 186 -25.13 2.78 37.74
CA TYR Q 186 -25.67 2.47 39.07
C TYR Q 186 -24.87 1.34 39.71
N HIS Q 187 -25.01 1.25 41.03
CA HIS Q 187 -24.21 0.38 41.87
C HIS Q 187 -25.15 -0.50 42.69
N SER Q 188 -24.81 -1.79 42.76
CA SER Q 188 -25.75 -2.79 43.24
C SER Q 188 -25.28 -3.86 44.22
N THR Q 189 -24.00 -3.91 44.54
CA THR Q 189 -23.49 -5.04 45.32
C THR Q 189 -24.31 -5.14 46.62
N GLY Q 190 -24.91 -6.31 46.88
CA GLY Q 190 -25.84 -6.49 48.02
C GLY Q 190 -27.27 -5.93 47.88
N LEU Q 191 -27.47 -5.02 46.94
CA LEU Q 191 -28.83 -4.60 46.68
C LEU Q 191 -29.53 -5.64 45.77
N ASP Q 192 -28.83 -6.07 44.71
CA ASP Q 192 -29.32 -7.06 43.77
C ASP Q 192 -28.20 -7.98 43.24
N ASP Q 193 -28.54 -8.88 42.33
CA ASP Q 193 -27.55 -9.85 41.85
C ASP Q 193 -26.66 -9.34 40.74
N THR Q 194 -26.05 -8.18 41.00
CA THR Q 194 -25.08 -7.58 40.08
C THR Q 194 -24.25 -6.58 40.88
N ASP Q 195 -23.09 -6.24 40.36
CA ASP Q 195 -22.27 -5.23 41.01
C ASP Q 195 -22.68 -3.88 40.47
N PHE Q 196 -23.08 -3.84 39.19
CA PHE Q 196 -23.41 -2.56 38.52
C PHE Q 196 -24.50 -2.70 37.49
N ILE Q 197 -25.28 -1.64 37.36
CA ILE Q 197 -26.19 -1.54 36.24
C ILE Q 197 -25.70 -0.35 35.41
N THR Q 198 -25.44 -0.61 34.12
CA THR Q 198 -25.02 0.43 33.20
C THR Q 198 -26.12 0.65 32.16
N TYR Q 199 -26.24 1.90 31.74
CA TYR Q 199 -27.34 2.38 30.95
C TYR Q 199 -26.78 3.32 29.88
N PHE Q 200 -27.16 3.07 28.63
CA PHE Q 200 -26.60 3.79 27.51
C PHE Q 200 -27.67 4.22 26.54
N GLU Q 201 -27.53 5.44 26.05
CA GLU Q 201 -28.34 5.93 24.96
C GLU Q 201 -27.34 6.21 23.86
N THR Q 202 -27.69 5.78 22.66
CA THR Q 202 -26.90 6.12 21.49
C THR Q 202 -27.71 6.02 20.23
N ASP Q 203 -27.21 6.66 19.15
CA ASP Q 203 -27.86 6.54 17.86
C ASP Q 203 -27.07 5.64 16.93
N ASP Q 204 -25.79 5.54 17.20
CA ASP Q 204 -24.88 4.84 16.29
C ASP Q 204 -24.43 3.51 16.93
N LEU Q 205 -25.12 2.43 16.54
CA LEU Q 205 -24.83 1.10 17.09
C LEU Q 205 -23.44 0.54 16.74
N THR Q 206 -22.98 0.73 15.50
CA THR Q 206 -21.64 0.28 15.09
C THR Q 206 -20.53 0.90 15.99
N ALA Q 207 -20.70 2.18 16.31
CA ALA Q 207 -19.85 2.85 17.28
C ALA Q 207 -19.92 2.13 18.63
N PHE Q 208 -21.13 1.83 19.10
CA PHE Q 208 -21.28 1.15 20.36
C PHE Q 208 -20.59 -0.20 20.31
N ASN Q 209 -20.69 -0.90 19.18
CA ASN Q 209 -19.99 -2.18 19.04
C ASN Q 209 -18.49 -1.97 19.26
N ASN Q 210 -17.93 -0.96 18.61
CA ASN Q 210 -16.51 -0.70 18.71
C ASN Q 210 -16.10 -0.26 20.09
N LEU Q 211 -16.98 0.48 20.75
CA LEU Q 211 -16.79 0.83 22.14
C LEU Q 211 -16.62 -0.41 23.06
N MET Q 212 -17.62 -1.31 23.05
CA MET Q 212 -17.56 -2.56 23.81
C MET Q 212 -16.37 -3.41 23.43
N LEU Q 213 -16.02 -3.44 22.14
CA LEU Q 213 -14.83 -4.18 21.74
C LEU Q 213 -13.62 -3.57 22.42
N SER Q 214 -13.52 -2.23 22.44
CA SER Q 214 -12.43 -1.57 23.15
C SER Q 214 -12.27 -1.95 24.61
N LEU Q 215 -13.39 -2.11 25.29
CA LEU Q 215 -13.40 -2.47 26.67
C LEU Q 215 -13.18 -3.98 26.83
N ALA Q 216 -13.60 -4.79 25.86
CA ALA Q 216 -13.40 -6.23 25.97
C ALA Q 216 -11.94 -6.54 25.98
N GLN Q 217 -11.19 -5.67 25.32
CA GLN Q 217 -9.79 -5.90 25.03
C GLN Q 217 -8.84 -5.36 26.08
N VAL Q 218 -9.35 -4.99 27.26
CA VAL Q 218 -8.48 -4.57 28.34
C VAL Q 218 -8.50 -5.55 29.50
N LYS Q 219 -7.57 -5.39 30.44
CA LYS Q 219 -7.44 -6.34 31.53
C LYS Q 219 -8.71 -6.44 32.37
N GLU Q 220 -9.34 -5.28 32.62
CA GLU Q 220 -10.58 -5.24 33.39
C GLU Q 220 -11.54 -6.32 32.97
N ASN Q 221 -11.67 -6.53 31.65
CA ASN Q 221 -12.62 -7.55 31.17
C ASN Q 221 -12.37 -8.92 31.80
N LYS Q 222 -11.11 -9.21 32.15
CA LYS Q 222 -10.76 -10.53 32.65
C LYS Q 222 -11.47 -10.90 33.97
N PHE Q 223 -12.07 -9.93 34.65
CA PHE Q 223 -12.74 -10.23 35.90
C PHE Q 223 -14.25 -10.29 35.78
N HIS Q 224 -14.78 -10.13 34.57
CA HIS Q 224 -16.20 -10.02 34.43
C HIS Q 224 -16.79 -11.40 34.58
N VAL Q 225 -17.73 -11.58 35.50
CA VAL Q 225 -18.52 -12.85 35.57
C VAL Q 225 -19.93 -12.68 35.08
N ARG Q 226 -20.39 -11.44 35.07
CA ARG Q 226 -21.56 -11.06 34.32
C ARG Q 226 -21.24 -9.81 33.55
N TRP Q 227 -21.61 -9.78 32.27
CA TRP Q 227 -21.38 -8.62 31.38
C TRP Q 227 -22.48 -8.59 30.31
N GLY Q 228 -23.72 -8.48 30.76
CA GLY Q 228 -24.85 -8.75 29.93
C GLY Q 228 -25.71 -9.75 30.68
N SER Q 229 -26.27 -10.72 29.95
CA SER Q 229 -27.14 -11.78 30.48
C SER Q 229 -28.23 -11.28 31.46
N PRO Q 230 -29.22 -10.53 30.93
CA PRO Q 230 -29.30 -10.13 29.51
C PRO Q 230 -28.54 -8.84 29.11
N THR Q 231 -28.14 -8.73 27.85
CA THR Q 231 -27.81 -7.43 27.26
C THR Q 231 -29.11 -6.94 26.60
N THR Q 232 -29.66 -5.83 27.09
CA THR Q 232 -30.98 -5.36 26.60
C THR Q 232 -30.83 -4.21 25.63
N LEU Q 233 -31.06 -4.48 24.35
CA LEU Q 233 -31.02 -3.39 23.37
C LEU Q 233 -32.39 -3.16 22.80
N GLY Q 234 -32.88 -1.96 23.08
CA GLY Q 234 -34.23 -1.52 22.78
C GLY Q 234 -34.26 -0.09 22.28
N THR Q 235 -35.46 0.43 22.11
CA THR Q 235 -35.63 1.64 21.35
C THR Q 235 -36.26 2.74 22.20
N ILE Q 236 -35.91 4.01 21.91
CA ILE Q 236 -36.30 5.15 22.76
C ILE Q 236 -37.59 5.87 22.30
N HIS Q 237 -38.60 5.95 23.18
CA HIS Q 237 -39.82 6.77 22.92
C HIS Q 237 -40.43 7.36 24.18
N SER Q 238 -41.30 8.35 24.00
CA SER Q 238 -42.03 8.90 25.12
C SER Q 238 -42.92 7.80 25.70
N PRO Q 239 -43.03 7.74 27.05
CA PRO Q 239 -43.88 6.73 27.71
C PRO Q 239 -45.12 6.32 26.89
N GLU Q 240 -46.02 7.28 26.66
CA GLU Q 240 -47.29 6.95 26.04
C GLU Q 240 -47.14 6.33 24.65
N ASP Q 241 -46.16 6.79 23.89
CA ASP Q 241 -45.92 6.22 22.58
C ASP Q 241 -45.51 4.76 22.66
N VAL Q 242 -44.78 4.41 23.72
CA VAL Q 242 -44.32 3.03 23.92
C VAL Q 242 -45.51 2.09 24.07
N ILE Q 243 -46.41 2.42 25.00
CA ILE Q 243 -47.61 1.62 25.24
C ILE Q 243 -48.47 1.59 23.97
N LYS Q 244 -48.54 2.74 23.27
CA LYS Q 244 -49.24 2.88 21.98
C LYS Q 244 -48.72 1.90 20.95
N ALA Q 245 -47.42 1.62 21.00
CA ALA Q 245 -46.79 0.75 20.02
C ALA Q 245 -47.08 -0.70 20.35
N LEU Q 246 -47.40 -0.96 21.63
CA LEU Q 246 -47.71 -2.30 22.09
C LEU Q 246 -49.19 -2.67 21.89
N ALA Q 247 -50.02 -1.64 21.73
CA ALA Q 247 -51.49 -1.75 21.67
C ALA Q 247 -52.03 -2.76 20.64
N ASP Q 248 -51.33 -2.90 19.52
CA ASP Q 248 -51.73 -3.83 18.45
C ASP Q 248 -50.55 -4.67 17.97
N LYS R 8 -34.71 1.91 -1.51
CA LYS R 8 -34.78 0.51 -2.03
C LYS R 8 -33.65 -0.40 -1.48
N ILE R 9 -34.00 -1.69 -1.37
CA ILE R 9 -33.20 -2.74 -0.73
C ILE R 9 -32.90 -3.91 -1.69
N GLU R 10 -31.63 -4.03 -2.09
CA GLU R 10 -31.16 -5.02 -3.08
C GLU R 10 -30.63 -6.27 -2.39
N ARG R 11 -31.11 -7.45 -2.77
CA ARG R 11 -30.69 -8.69 -2.08
C ARG R 11 -29.22 -9.06 -2.28
N GLY R 12 -28.71 -8.81 -3.49
CA GLY R 12 -27.32 -9.09 -3.81
C GLY R 12 -26.36 -8.11 -3.16
N THR R 13 -26.89 -6.93 -2.79
CA THR R 13 -26.08 -5.84 -2.27
C THR R 13 -26.05 -5.74 -0.74
N ILE R 14 -27.20 -5.91 -0.10
CA ILE R 14 -27.34 -5.81 1.35
C ILE R 14 -26.62 -6.95 2.08
N LEU R 15 -26.43 -8.08 1.41
CA LEU R 15 -25.68 -9.18 2.03
C LEU R 15 -24.17 -9.02 1.80
N THR R 16 -23.85 -8.28 0.75
CA THR R 16 -22.49 -7.86 0.41
C THR R 16 -21.86 -6.83 1.36
N GLN R 17 -22.68 -5.88 1.83
CA GLN R 17 -22.19 -4.62 2.40
C GLN R 17 -21.86 -4.64 3.89
N PRO R 18 -21.07 -3.64 4.35
CA PRO R 18 -20.83 -3.44 5.77
C PRO R 18 -21.90 -2.52 6.38
N GLY R 19 -22.05 -2.54 7.70
CA GLY R 19 -23.01 -1.66 8.39
C GLY R 19 -24.47 -2.08 8.29
N VAL R 20 -24.67 -3.38 8.04
CA VAL R 20 -26.01 -3.95 7.91
C VAL R 20 -26.43 -4.82 9.09
N PHE R 21 -27.50 -4.43 9.78
CA PHE R 21 -28.01 -5.18 10.93
C PHE R 21 -28.72 -6.46 10.55
N GLY R 22 -28.38 -7.53 11.26
CA GLY R 22 -29.13 -8.78 11.22
C GLY R 22 -29.84 -9.06 12.53
N VAL R 23 -31.14 -9.36 12.43
CA VAL R 23 -31.95 -9.69 13.59
C VAL R 23 -32.57 -11.06 13.36
N PHE R 24 -32.00 -12.04 14.05
CA PHE R 24 -32.45 -13.42 14.02
C PHE R 24 -33.45 -13.72 15.17
N THR R 25 -34.72 -13.95 14.86
CA THR R 25 -35.65 -14.27 15.95
C THR R 25 -36.22 -15.68 15.77
N MET R 26 -36.08 -16.55 16.77
CA MET R 26 -36.61 -17.90 16.71
C MET R 26 -37.95 -17.99 17.43
N PHE R 27 -38.95 -18.55 16.76
CA PHE R 27 -40.25 -18.59 17.35
C PHE R 27 -40.63 -20.02 17.54
N LYS R 28 -41.51 -20.24 18.51
CA LYS R 28 -42.07 -21.56 18.80
C LYS R 28 -43.58 -21.41 18.91
N LEU R 29 -44.28 -22.17 18.09
CA LEU R 29 -45.73 -22.16 18.06
C LEU R 29 -46.28 -22.73 19.34
N ARG R 30 -47.38 -22.15 19.80
CA ARG R 30 -48.07 -22.66 20.98
C ARG R 30 -49.11 -23.74 20.63
N PRO R 31 -49.33 -24.69 21.57
CA PRO R 31 -50.34 -25.76 21.42
C PRO R 31 -51.76 -25.28 21.07
N ASP R 32 -52.08 -24.03 21.35
CA ASP R 32 -53.39 -23.48 20.96
C ASP R 32 -53.38 -22.89 19.53
N TRP R 33 -52.22 -23.06 18.85
CA TRP R 33 -52.06 -22.70 17.41
C TRP R 33 -52.76 -23.73 16.52
N ASN R 34 -52.50 -25.03 16.76
CA ASN R 34 -53.26 -26.14 16.15
C ASN R 34 -54.78 -25.95 16.25
N LYS R 35 -55.19 -25.04 17.13
CA LYS R 35 -56.59 -24.83 17.51
C LYS R 35 -57.37 -23.67 16.85
N VAL R 36 -56.67 -22.77 16.16
CA VAL R 36 -57.34 -21.70 15.41
C VAL R 36 -57.94 -22.26 14.10
N PRO R 37 -59.20 -21.87 13.76
CA PRO R 37 -59.88 -22.22 12.52
C PRO R 37 -58.99 -22.40 11.27
N VAL R 38 -58.84 -23.66 10.84
CA VAL R 38 -58.12 -24.00 9.60
C VAL R 38 -58.81 -23.32 8.40
N ALA R 39 -58.10 -22.39 7.78
CA ALA R 39 -58.63 -21.44 6.78
C ALA R 39 -58.06 -20.08 7.17
N GLU R 40 -58.26 -19.73 8.46
CA GLU R 40 -57.55 -18.61 9.10
C GLU R 40 -56.10 -19.02 9.44
N ARG R 41 -55.87 -20.32 9.68
CA ARG R 41 -54.50 -20.88 9.75
C ARG R 41 -53.96 -21.08 8.33
N LYS R 42 -54.80 -21.56 7.40
CA LYS R 42 -54.36 -21.78 6.02
C LYS R 42 -53.99 -20.48 5.28
N GLY R 43 -54.86 -19.47 5.40
CA GLY R 43 -54.61 -18.17 4.76
C GLY R 43 -53.54 -17.35 5.42
N ALA R 44 -52.86 -17.94 6.41
CA ALA R 44 -51.85 -17.23 7.20
C ALA R 44 -50.49 -17.03 6.49
N ALA R 45 -50.19 -17.88 5.50
CA ALA R 45 -48.97 -17.73 4.69
C ALA R 45 -49.03 -16.51 3.77
N GLU R 46 -50.24 -16.18 3.33
CA GLU R 46 -50.50 -14.99 2.51
C GLU R 46 -50.17 -13.73 3.32
N GLU R 47 -50.75 -13.62 4.52
CA GLU R 47 -50.59 -12.45 5.39
C GLU R 47 -49.15 -12.06 5.59
N VAL R 48 -48.30 -13.07 5.64
CA VAL R 48 -46.87 -12.88 5.88
C VAL R 48 -46.18 -12.40 4.59
N LYS R 49 -46.46 -13.08 3.48
CA LYS R 49 -45.92 -12.69 2.18
C LYS R 49 -46.30 -11.22 1.95
N LYS R 50 -47.52 -10.88 2.36
CA LYS R 50 -48.06 -9.50 2.27
C LYS R 50 -47.40 -8.52 3.25
N LEU R 51 -47.06 -8.98 4.46
CA LEU R 51 -46.24 -8.17 5.37
C LEU R 51 -44.82 -7.96 4.82
N ILE R 52 -44.30 -8.98 4.13
CA ILE R 52 -42.99 -8.90 3.48
C ILE R 52 -43.00 -7.92 2.30
N GLU R 53 -44.00 -7.98 1.42
CA GLU R 53 -44.04 -7.08 0.26
C GLU R 53 -44.34 -5.62 0.66
N LYS R 54 -45.15 -5.41 1.71
CA LYS R 54 -45.38 -4.07 2.25
C LYS R 54 -44.05 -3.41 2.73
N HIS R 55 -43.10 -4.21 3.23
CA HIS R 55 -41.78 -3.70 3.64
C HIS R 55 -40.64 -3.99 2.63
N LYS R 56 -40.96 -3.91 1.34
CA LYS R 56 -39.98 -3.98 0.24
C LYS R 56 -38.66 -3.25 0.58
N ASP R 57 -38.83 -1.98 0.90
CA ASP R 57 -37.76 -0.99 0.93
C ASP R 57 -37.32 -0.64 2.34
N ASN R 58 -37.84 -1.39 3.31
CA ASN R 58 -37.48 -1.24 4.72
C ASN R 58 -36.46 -2.32 5.15
N VAL R 59 -36.77 -3.59 4.86
CA VAL R 59 -35.92 -4.71 5.30
C VAL R 59 -35.83 -5.80 4.24
N LEU R 60 -35.04 -6.83 4.55
CA LEU R 60 -34.94 -8.02 3.72
C LEU R 60 -35.23 -9.26 4.59
N VAL R 61 -36.35 -9.91 4.28
CA VAL R 61 -36.95 -11.00 5.06
C VAL R 61 -36.51 -12.44 4.63
N ASP R 62 -36.16 -13.28 5.60
CA ASP R 62 -35.83 -14.69 5.38
C ASP R 62 -36.51 -15.52 6.45
N LEU R 63 -37.30 -16.51 6.00
CA LEU R 63 -37.93 -17.46 6.93
C LEU R 63 -37.29 -18.85 6.80
N TYR R 64 -37.17 -19.58 7.92
CA TYR R 64 -36.64 -20.95 7.91
C TYR R 64 -37.46 -21.92 8.75
N LEU R 65 -37.55 -23.16 8.27
CA LEU R 65 -38.33 -24.16 8.95
C LEU R 65 -37.43 -24.96 9.86
N THR R 66 -37.62 -24.83 11.17
CA THR R 66 -36.95 -25.71 12.13
C THR R 66 -37.83 -26.81 12.81
N ARG R 67 -39.17 -26.69 12.74
CA ARG R 67 -40.07 -27.65 13.42
C ARG R 67 -39.70 -29.12 13.14
N GLY R 68 -39.57 -29.91 14.21
CA GLY R 68 -39.25 -31.34 14.10
C GLY R 68 -37.77 -31.63 13.93
N LEU R 69 -36.96 -30.57 13.97
CA LEU R 69 -35.50 -30.68 13.99
C LEU R 69 -34.88 -29.91 15.16
N GLU R 70 -35.67 -29.08 15.83
CA GLU R 70 -35.19 -28.26 16.95
C GLU R 70 -36.13 -28.34 18.14
N THR R 71 -35.58 -28.27 19.35
CA THR R 71 -36.42 -28.24 20.53
C THR R 71 -37.08 -26.86 20.67
N ASN R 72 -36.28 -25.80 20.56
CA ASN R 72 -36.75 -24.44 20.88
C ASN R 72 -37.02 -23.49 19.73
N SER R 73 -37.47 -24.02 18.59
CA SER R 73 -38.05 -23.20 17.53
C SER R 73 -38.79 -24.05 16.52
N ASP R 74 -39.98 -23.61 16.12
CA ASP R 74 -40.65 -24.24 14.99
C ASP R 74 -40.20 -23.51 13.72
N PHE R 75 -39.71 -22.28 13.88
CA PHE R 75 -39.21 -21.51 12.75
C PHE R 75 -38.48 -20.27 13.23
N PHE R 76 -37.70 -19.67 12.34
CA PHE R 76 -37.00 -18.42 12.65
C PHE R 76 -36.80 -17.43 11.49
N PHE R 77 -36.81 -16.14 11.81
CA PHE R 77 -36.51 -15.10 10.82
C PHE R 77 -35.03 -14.71 10.83
N ARG R 78 -34.57 -14.28 9.66
CA ARG R 78 -33.34 -13.51 9.54
C ARG R 78 -33.75 -12.26 8.80
N ILE R 79 -33.75 -11.13 9.51
CA ILE R 79 -34.10 -9.85 8.91
C ILE R 79 -32.85 -9.01 8.73
N ASN R 80 -32.60 -8.58 7.48
CA ASN R 80 -31.50 -7.63 7.19
C ASN R 80 -32.01 -6.20 6.96
N ALA R 81 -31.32 -5.21 7.49
CA ALA R 81 -31.78 -3.82 7.41
C ALA R 81 -30.62 -2.86 7.59
N TYR R 82 -30.77 -1.63 7.08
CA TYR R 82 -29.78 -0.56 7.27
C TYR R 82 -30.06 0.28 8.53
N ASP R 83 -31.30 0.16 9.02
CA ASP R 83 -31.79 0.87 10.20
C ASP R 83 -32.33 -0.16 11.19
N LEU R 84 -31.68 -0.32 12.33
CA LEU R 84 -32.15 -1.34 13.28
C LEU R 84 -33.62 -1.08 13.63
N ALA R 85 -33.94 0.19 13.87
CA ALA R 85 -35.31 0.64 14.13
C ALA R 85 -36.30 -0.01 13.18
N LYS R 86 -35.91 -0.12 11.91
CA LYS R 86 -36.82 -0.66 10.90
C LYS R 86 -37.00 -2.18 11.02
N ALA R 87 -35.93 -2.89 11.38
CA ALA R 87 -36.03 -4.31 11.61
C ALA R 87 -37.02 -4.57 12.76
N GLN R 88 -36.88 -3.80 13.84
CA GLN R 88 -37.80 -3.87 14.98
C GLN R 88 -39.29 -3.71 14.56
N THR R 89 -39.65 -2.54 14.04
CA THR R 89 -41.00 -2.30 13.51
C THR R 89 -41.49 -3.42 12.60
N PHE R 90 -40.59 -4.06 11.85
CA PHE R 90 -41.02 -5.16 11.00
C PHE R 90 -41.43 -6.36 11.85
N MET R 91 -40.48 -6.83 12.66
CA MET R 91 -40.71 -7.94 13.58
C MET R 91 -41.94 -7.69 14.44
N ARG R 92 -42.03 -6.48 14.99
CA ARG R 92 -43.12 -6.05 15.84
C ARG R 92 -44.49 -6.32 15.20
N GLU R 93 -44.54 -6.14 13.88
CA GLU R 93 -45.76 -6.23 13.10
C GLU R 93 -46.03 -7.66 12.65
N PHE R 94 -44.96 -8.44 12.46
CA PHE R 94 -45.15 -9.87 12.28
C PHE R 94 -45.83 -10.49 13.50
N ARG R 95 -45.44 -10.10 14.70
CA ARG R 95 -46.10 -10.62 15.92
C ARG R 95 -47.58 -10.17 16.10
N SER R 96 -48.06 -9.32 15.18
CA SER R 96 -49.47 -8.94 15.07
C SER R 96 -50.17 -9.74 13.96
N THR R 97 -49.36 -10.45 13.18
CA THR R 97 -49.87 -11.39 12.20
C THR R 97 -50.64 -12.51 12.95
N THR R 98 -51.44 -13.33 12.26
CA THR R 98 -52.09 -14.45 12.95
C THR R 98 -51.06 -15.43 13.51
N VAL R 99 -50.03 -15.76 12.72
CA VAL R 99 -48.90 -16.64 13.16
C VAL R 99 -48.27 -16.07 14.41
N GLY R 100 -47.92 -14.80 14.36
CA GLY R 100 -47.36 -14.08 15.49
C GLY R 100 -48.13 -14.21 16.79
N LYS R 101 -49.44 -14.04 16.72
CA LYS R 101 -50.32 -14.14 17.88
C LYS R 101 -50.39 -15.56 18.45
N ASN R 102 -49.62 -16.49 17.89
CA ASN R 102 -49.68 -17.90 18.31
C ASN R 102 -48.34 -18.57 18.54
N ALA R 103 -47.29 -17.76 18.52
CA ALA R 103 -45.94 -18.25 18.71
C ALA R 103 -45.21 -17.36 19.69
N ASP R 104 -44.41 -17.99 20.56
CA ASP R 104 -43.52 -17.27 21.47
C ASP R 104 -42.11 -17.10 20.91
N VAL R 105 -41.43 -16.07 21.41
CA VAL R 105 -40.05 -15.84 21.07
C VAL R 105 -39.18 -16.61 22.03
N PHE R 106 -38.39 -17.56 21.50
CA PHE R 106 -37.42 -18.34 22.30
C PHE R 106 -35.94 -18.00 22.08
N GLU R 107 -35.66 -17.12 21.12
CA GLU R 107 -34.30 -16.58 20.86
C GLU R 107 -34.30 -15.30 20.01
N THR R 108 -33.49 -14.31 20.39
CA THR R 108 -33.33 -13.13 19.55
C THR R 108 -31.87 -12.69 19.49
N LEU R 109 -31.30 -12.77 18.30
CA LEU R 109 -29.89 -12.41 18.13
C LEU R 109 -29.70 -11.11 17.31
N VAL R 110 -29.06 -10.11 17.89
CA VAL R 110 -28.84 -8.84 17.18
C VAL R 110 -27.38 -8.67 16.81
N GLY R 111 -27.12 -8.24 15.57
CA GLY R 111 -25.74 -8.05 15.15
C GLY R 111 -25.55 -7.14 13.95
N VAL R 112 -24.32 -6.63 13.77
CA VAL R 112 -24.01 -5.78 12.63
C VAL R 112 -22.83 -6.26 11.79
N THR R 113 -22.89 -5.95 10.52
CA THR R 113 -21.92 -6.38 9.54
C THR R 113 -20.82 -5.34 9.57
N LYS R 114 -19.56 -5.79 9.42
CA LYS R 114 -18.41 -4.89 9.50
C LYS R 114 -17.39 -5.26 8.43
N PRO R 115 -16.42 -4.36 8.14
CA PRO R 115 -15.31 -4.79 7.28
C PRO R 115 -14.48 -5.84 7.99
N LEU R 116 -13.66 -6.51 7.18
CA LEU R 116 -12.81 -7.57 7.64
C LEU R 116 -11.81 -7.01 8.63
N ASN R 117 -11.69 -7.66 9.78
CA ASN R 117 -10.80 -7.24 10.86
C ASN R 117 -9.42 -7.85 10.74
N TYR R 118 -9.38 -9.07 10.22
CA TYR R 118 -8.15 -9.83 10.16
C TYR R 118 -7.74 -10.23 8.74
N ILE R 119 -8.67 -10.83 8.02
CA ILE R 119 -8.25 -11.40 6.74
C ILE R 119 -8.47 -10.44 5.56
N SER R 120 -7.86 -9.26 5.65
CA SER R 120 -8.07 -8.18 4.69
C SER R 120 -6.93 -8.13 3.69
N LYS R 121 -7.09 -7.36 2.62
CA LYS R 121 -6.01 -7.20 1.64
C LYS R 121 -4.73 -6.70 2.29
N ASP R 122 -4.82 -5.74 3.22
CA ASP R 122 -3.63 -5.17 3.90
C ASP R 122 -2.98 -6.07 4.98
N LYS R 123 -3.79 -6.78 5.77
CA LYS R 123 -3.26 -7.52 6.90
C LYS R 123 -2.85 -8.95 6.53
N SER R 124 -3.50 -9.53 5.51
CA SER R 124 -3.32 -10.95 5.16
C SER R 124 -3.58 -11.22 3.67
N PRO R 125 -2.80 -10.57 2.78
CA PRO R 125 -3.10 -10.51 1.33
C PRO R 125 -3.22 -11.88 0.68
N GLY R 126 -2.48 -12.84 1.24
CA GLY R 126 -2.46 -14.20 0.73
C GLY R 126 -3.72 -15.01 1.03
N LEU R 127 -4.13 -15.05 2.29
CA LEU R 127 -5.36 -15.76 2.59
C LEU R 127 -6.61 -15.03 2.10
N ASN R 128 -6.49 -13.73 1.81
CA ASN R 128 -7.62 -12.89 1.39
C ASN R 128 -7.92 -13.09 -0.08
N ALA R 129 -6.87 -13.34 -0.86
CA ALA R 129 -7.03 -13.69 -2.27
C ALA R 129 -7.90 -14.94 -2.40
N GLY R 130 -7.71 -15.92 -1.55
CA GLY R 130 -8.46 -17.15 -1.67
C GLY R 130 -9.88 -17.08 -1.17
N LEU R 131 -10.16 -16.05 -0.40
CA LEU R 131 -11.46 -15.88 0.25
C LEU R 131 -12.43 -15.27 -0.76
N SER R 132 -11.86 -14.43 -1.61
CA SER R 132 -12.61 -13.59 -2.55
C SER R 132 -12.48 -14.10 -3.99
N SER R 133 -12.11 -15.39 -4.13
CA SER R 133 -12.05 -16.12 -5.42
C SER R 133 -11.97 -17.62 -5.22
N ALA R 134 -13.15 -18.19 -4.98
CA ALA R 134 -13.44 -19.65 -4.95
C ALA R 134 -14.92 -19.73 -4.57
N THR R 135 -15.71 -20.37 -5.44
CA THR R 135 -17.14 -20.10 -5.45
C THR R 135 -18.00 -21.36 -5.23
N TYR R 136 -19.21 -21.16 -4.71
CA TYR R 136 -20.11 -22.26 -4.31
C TYR R 136 -20.38 -23.20 -5.46
N SER R 137 -20.22 -24.50 -5.22
CA SER R 137 -20.55 -25.52 -6.22
C SER R 137 -21.56 -26.58 -5.76
N GLY R 138 -22.12 -27.32 -6.71
CA GLY R 138 -23.14 -28.28 -6.37
C GLY R 138 -24.47 -27.58 -6.14
N PRO R 139 -25.45 -28.34 -5.59
CA PRO R 139 -26.90 -28.03 -5.61
C PRO R 139 -27.30 -26.93 -4.62
N ALA R 140 -28.33 -26.16 -4.96
CA ALA R 140 -28.80 -25.05 -4.12
C ALA R 140 -29.09 -25.55 -2.71
N PRO R 141 -28.57 -24.84 -1.69
CA PRO R 141 -28.58 -25.28 -0.28
C PRO R 141 -29.97 -25.59 0.26
N ARG R 142 -30.12 -26.76 0.89
CA ARG R 142 -31.39 -27.12 1.51
C ARG R 142 -31.45 -26.77 3.00
N TYR R 143 -30.28 -26.68 3.65
CA TYR R 143 -30.18 -26.50 5.11
C TYR R 143 -29.52 -25.17 5.54
N VAL R 144 -29.97 -24.62 6.66
CA VAL R 144 -29.41 -23.38 7.24
C VAL R 144 -28.89 -23.66 8.65
N ILE R 145 -27.72 -23.09 9.00
CA ILE R 145 -27.16 -23.22 10.35
C ILE R 145 -26.86 -21.85 10.98
N VAL R 146 -27.49 -21.54 12.11
CA VAL R 146 -27.16 -20.31 12.83
C VAL R 146 -26.45 -20.62 14.15
N ILE R 147 -25.22 -20.13 14.30
CA ILE R 147 -24.42 -20.40 15.48
C ILE R 147 -23.92 -19.10 16.08
N PRO R 148 -24.28 -18.80 17.35
CA PRO R 148 -23.72 -17.62 17.99
C PRO R 148 -22.37 -17.94 18.63
N VAL R 149 -21.39 -17.06 18.44
CA VAL R 149 -20.07 -17.29 18.98
C VAL R 149 -19.65 -16.14 19.92
N LYS R 150 -19.18 -16.53 21.11
CA LYS R 150 -18.62 -15.64 22.13
C LYS R 150 -17.26 -16.16 22.60
N LYS R 151 -16.27 -15.27 22.58
CA LYS R 151 -14.91 -15.58 23.00
C LYS R 151 -14.64 -14.88 24.32
N ASN R 152 -13.83 -15.50 25.18
CA ASN R 152 -13.52 -15.01 26.52
C ASN R 152 -12.61 -13.81 26.57
N ALA R 153 -12.55 -13.18 27.74
CA ALA R 153 -11.69 -12.02 27.98
C ALA R 153 -10.21 -12.24 27.58
N GLU R 154 -9.75 -13.49 27.65
CA GLU R 154 -8.38 -13.85 27.34
C GLU R 154 -8.09 -13.65 25.86
N TRP R 155 -9.07 -14.01 25.02
CA TRP R 155 -8.95 -13.78 23.58
C TRP R 155 -8.81 -12.31 23.32
N TRP R 156 -9.79 -11.54 23.78
CA TRP R 156 -9.84 -10.08 23.57
C TRP R 156 -8.63 -9.32 24.15
N ASN R 157 -7.84 -9.99 25.00
CA ASN R 157 -6.64 -9.38 25.54
C ASN R 157 -5.36 -9.80 24.85
N MET R 158 -5.41 -10.78 23.95
CA MET R 158 -4.22 -11.02 23.16
C MET R 158 -4.09 -9.82 22.24
N SER R 159 -2.88 -9.57 21.75
CA SER R 159 -2.66 -8.41 20.89
C SER R 159 -3.29 -8.69 19.53
N PRO R 160 -3.53 -7.60 18.74
CA PRO R 160 -3.97 -7.78 17.35
C PRO R 160 -3.07 -8.74 16.56
N GLU R 161 -1.77 -8.77 16.89
CA GLU R 161 -0.82 -9.66 16.21
C GLU R 161 -1.21 -11.12 16.44
N GLU R 162 -1.46 -11.45 17.70
CA GLU R 162 -1.69 -12.81 18.14
C GLU R 162 -3.01 -13.33 17.60
N ARG R 163 -3.98 -12.42 17.55
CA ARG R 163 -5.33 -12.73 17.14
C ARG R 163 -5.43 -12.85 15.63
N LEU R 164 -4.71 -12.01 14.90
CA LEU R 164 -4.59 -12.23 13.48
C LEU R 164 -3.93 -13.57 13.24
N LYS R 165 -2.85 -13.88 13.98
CA LYS R 165 -2.15 -15.16 13.81
C LYS R 165 -3.11 -16.37 13.88
N GLU R 166 -4.03 -16.34 14.85
CA GLU R 166 -4.97 -17.42 15.13
C GLU R 166 -6.07 -17.47 14.12
N MET R 167 -6.41 -16.30 13.61
CA MET R 167 -7.44 -16.15 12.62
C MET R 167 -6.93 -16.59 11.28
N GLU R 168 -5.63 -16.46 11.07
CA GLU R 168 -5.03 -17.01 9.88
C GLU R 168 -5.10 -18.54 9.97
N VAL R 169 -4.96 -19.02 11.19
CA VAL R 169 -5.08 -20.44 11.44
C VAL R 169 -6.53 -20.89 11.27
N HIS R 170 -7.49 -20.02 11.60
CA HIS R 170 -8.94 -20.26 11.37
C HIS R 170 -9.22 -20.38 9.92
N THR R 171 -8.72 -19.43 9.15
CA THR R 171 -8.96 -19.42 7.71
C THR R 171 -8.40 -20.65 6.97
N THR R 172 -7.19 -21.11 7.36
CA THR R 172 -6.41 -22.08 6.54
C THR R 172 -7.15 -23.36 6.17
N PRO R 173 -7.83 -24.02 7.14
CA PRO R 173 -8.52 -25.30 6.81
C PRO R 173 -9.93 -25.16 6.21
N THR R 174 -10.47 -23.94 6.30
CA THR R 174 -11.88 -23.68 5.99
C THR R 174 -12.11 -23.21 4.56
N LEU R 175 -11.07 -22.70 3.90
CA LEU R 175 -11.22 -22.17 2.55
C LEU R 175 -11.76 -23.22 1.59
N ALA R 176 -11.50 -24.47 1.92
CA ALA R 176 -11.82 -25.63 1.09
C ALA R 176 -13.31 -25.95 1.11
N TYR R 177 -13.98 -25.48 2.15
CA TYR R 177 -15.42 -25.65 2.32
C TYR R 177 -16.30 -24.58 1.61
N LEU R 178 -15.64 -23.62 0.96
CA LEU R 178 -16.33 -22.54 0.28
C LEU R 178 -17.01 -22.99 -0.99
N VAL R 179 -16.77 -24.25 -1.35
CA VAL R 179 -17.43 -24.90 -2.46
C VAL R 179 -18.66 -25.65 -1.97
N ASN R 180 -18.79 -25.76 -0.65
CA ASN R 180 -19.79 -26.60 0.01
C ASN R 180 -20.77 -25.80 0.82
N VAL R 181 -20.24 -24.72 1.39
CA VAL R 181 -20.87 -23.96 2.47
C VAL R 181 -20.74 -22.44 2.24
N LYS R 182 -21.88 -21.75 2.33
CA LYS R 182 -21.93 -20.29 2.32
C LYS R 182 -21.84 -19.76 3.72
N ARG R 183 -21.16 -18.62 3.88
CA ARG R 183 -20.85 -18.08 5.21
C ARG R 183 -21.25 -16.62 5.32
N LYS R 184 -21.75 -16.22 6.48
CA LYS R 184 -21.90 -14.77 6.76
C LYS R 184 -21.62 -14.46 8.22
N LEU R 185 -20.82 -13.44 8.47
CA LEU R 185 -20.53 -13.06 9.85
C LEU R 185 -21.12 -11.70 10.26
N TYR R 186 -21.91 -11.68 11.33
CA TYR R 186 -22.34 -10.43 11.93
C TYR R 186 -21.51 -10.24 13.19
N HIS R 187 -21.52 -9.03 13.73
CA HIS R 187 -20.73 -8.73 14.92
C HIS R 187 -21.64 -8.24 15.98
N SER R 188 -21.44 -8.71 17.21
CA SER R 188 -22.45 -8.47 18.25
C SER R 188 -22.03 -7.82 19.58
N THR R 189 -20.76 -7.84 19.93
CA THR R 189 -20.33 -7.43 21.25
C THR R 189 -20.98 -6.10 21.70
N GLY R 190 -21.62 -6.08 22.88
CA GLY R 190 -22.31 -4.88 23.35
C GLY R 190 -23.70 -4.60 22.75
N LEU R 191 -24.07 -5.31 21.70
CA LEU R 191 -25.39 -5.18 21.10
C LEU R 191 -26.36 -6.30 21.50
N ASP R 192 -25.86 -7.53 21.69
CA ASP R 192 -26.65 -8.63 22.27
C ASP R 192 -25.75 -9.52 23.15
N ASP R 193 -26.24 -10.70 23.52
CA ASP R 193 -25.44 -11.56 24.36
C ASP R 193 -24.64 -12.56 23.56
N THR R 194 -23.99 -12.11 22.50
CA THR R 194 -22.95 -12.90 21.86
C THR R 194 -21.86 -11.97 21.25
N ASP R 195 -20.62 -12.44 21.03
CA ASP R 195 -19.59 -11.66 20.27
C ASP R 195 -19.88 -11.62 18.77
N PHE R 196 -20.42 -12.72 18.25
CA PHE R 196 -20.74 -12.84 16.84
C PHE R 196 -22.03 -13.63 16.65
N ILE R 197 -22.63 -13.46 15.46
CA ILE R 197 -23.67 -14.36 14.94
C ILE R 197 -23.10 -14.91 13.65
N THR R 198 -22.95 -16.23 13.55
CA THR R 198 -22.53 -16.85 12.29
C THR R 198 -23.69 -17.54 11.60
N TYR R 199 -23.64 -17.50 10.26
CA TYR R 199 -24.75 -17.94 9.42
C TYR R 199 -24.23 -18.79 8.26
N PHE R 200 -24.81 -19.99 8.13
CA PHE R 200 -24.38 -20.91 7.10
C PHE R 200 -25.51 -21.50 6.30
N GLU R 201 -25.20 -21.79 5.04
CA GLU R 201 -26.07 -22.49 4.12
C GLU R 201 -25.25 -23.62 3.47
N THR R 202 -25.75 -24.85 3.57
CA THR R 202 -25.14 -25.97 2.87
C THR R 202 -26.15 -27.07 2.56
N ASP R 203 -25.70 -28.03 1.78
CA ASP R 203 -26.47 -29.22 1.49
C ASP R 203 -25.72 -30.47 2.01
N ASP R 204 -24.42 -30.29 2.26
CA ASP R 204 -23.53 -31.39 2.65
C ASP R 204 -23.23 -31.32 4.14
N LEU R 205 -24.23 -31.67 4.93
CA LEU R 205 -24.10 -31.66 6.38
C LEU R 205 -22.90 -32.46 6.91
N THR R 206 -22.57 -33.59 6.28
CA THR R 206 -21.37 -34.40 6.62
C THR R 206 -20.09 -33.55 6.47
N ALA R 207 -20.01 -32.80 5.37
CA ALA R 207 -18.91 -31.85 5.16
C ALA R 207 -18.97 -30.70 6.19
N PHE R 208 -20.19 -30.21 6.47
CA PHE R 208 -20.41 -29.20 7.52
C PHE R 208 -19.91 -29.62 8.94
N ASN R 209 -20.04 -30.90 9.28
CA ASN R 209 -19.54 -31.47 10.54
C ASN R 209 -18.01 -31.52 10.50
N ASN R 210 -17.44 -31.99 9.39
CA ASN R 210 -15.99 -32.03 9.25
C ASN R 210 -15.44 -30.62 9.35
N LEU R 211 -16.22 -29.68 8.86
CA LEU R 211 -15.84 -28.29 8.84
C LEU R 211 -15.66 -27.74 10.23
N MET R 212 -16.62 -28.00 11.12
CA MET R 212 -16.52 -27.59 12.53
C MET R 212 -15.41 -28.35 13.25
N LEU R 213 -15.33 -29.68 13.07
CA LEU R 213 -14.24 -30.43 13.68
C LEU R 213 -12.89 -29.74 13.41
N SER R 214 -12.63 -29.40 12.16
CA SER R 214 -11.46 -28.62 11.75
C SER R 214 -11.22 -27.37 12.56
N LEU R 215 -12.28 -26.60 12.79
CA LEU R 215 -12.24 -25.41 13.63
C LEU R 215 -12.11 -25.71 15.12
N ALA R 216 -12.73 -26.80 15.59
CA ALA R 216 -12.62 -27.21 16.97
C ALA R 216 -11.18 -27.58 17.25
N GLN R 217 -10.47 -28.04 16.21
CA GLN R 217 -9.09 -28.57 16.37
C GLN R 217 -7.96 -27.50 16.44
N VAL R 218 -8.32 -26.22 16.41
CA VAL R 218 -7.31 -25.18 16.38
C VAL R 218 -7.36 -24.36 17.66
N LYS R 219 -6.32 -23.55 17.90
CA LYS R 219 -6.13 -22.85 19.20
C LYS R 219 -7.27 -21.91 19.51
N GLU R 220 -7.80 -21.27 18.47
CA GLU R 220 -8.94 -20.37 18.62
C GLU R 220 -10.05 -20.98 19.52
N ASN R 221 -10.39 -22.25 19.27
CA ASN R 221 -11.54 -22.88 19.89
C ASN R 221 -11.40 -22.89 21.42
N LYS R 222 -10.17 -22.89 21.90
CA LYS R 222 -9.89 -22.78 23.35
C LYS R 222 -10.46 -21.53 24.04
N PHE R 223 -10.92 -20.55 23.29
CA PHE R 223 -11.33 -19.27 23.89
C PHE R 223 -12.82 -19.06 23.82
N HIS R 224 -13.51 -20.01 23.20
CA HIS R 224 -14.95 -19.98 23.06
C HIS R 224 -15.60 -20.22 24.40
N VAL R 225 -16.51 -19.34 24.76
CA VAL R 225 -17.44 -19.61 25.87
C VAL R 225 -18.86 -19.82 25.36
N ARG R 226 -19.12 -19.49 24.09
CA ARG R 226 -20.37 -19.84 23.41
C ARG R 226 -20.02 -20.15 21.96
N TRP R 227 -20.56 -21.25 21.46
CA TRP R 227 -20.22 -21.78 20.15
C TRP R 227 -21.40 -22.65 19.73
N GLY R 228 -22.58 -22.03 19.76
CA GLY R 228 -23.87 -22.71 19.68
C GLY R 228 -24.77 -22.20 20.80
N SER R 229 -25.44 -23.14 21.49
CA SER R 229 -26.39 -22.88 22.63
C SER R 229 -27.40 -21.72 22.40
N PRO R 230 -28.30 -21.88 21.42
CA PRO R 230 -28.45 -23.04 20.55
C PRO R 230 -27.60 -23.07 19.25
N THR R 231 -27.17 -24.26 18.84
CA THR R 231 -26.77 -24.49 17.44
C THR R 231 -28.03 -24.79 16.64
N THR R 232 -28.48 -23.84 15.83
CA THR R 232 -29.79 -23.99 15.16
C THR R 232 -29.66 -24.38 13.71
N LEU R 233 -29.94 -25.65 13.43
CA LEU R 233 -29.94 -26.17 12.07
C LEU R 233 -31.38 -26.49 11.66
N GLY R 234 -31.78 -25.88 10.55
CA GLY R 234 -33.09 -26.09 10.00
C GLY R 234 -33.00 -26.18 8.49
N THR R 235 -34.13 -25.94 7.83
CA THR R 235 -34.33 -26.29 6.44
C THR R 235 -34.83 -25.04 5.65
N ILE R 236 -34.35 -24.86 4.42
CA ILE R 236 -34.64 -23.61 3.66
C ILE R 236 -35.74 -23.76 2.62
N HIS R 237 -36.72 -22.86 2.67
CA HIS R 237 -37.82 -22.81 1.70
C HIS R 237 -38.25 -21.36 1.46
N SER R 238 -39.19 -21.11 0.54
CA SER R 238 -39.74 -19.77 0.37
C SER R 238 -40.52 -19.39 1.64
N PRO R 239 -40.61 -18.09 1.96
CA PRO R 239 -41.33 -17.65 3.18
C PRO R 239 -42.79 -18.08 3.31
N GLU R 240 -43.53 -18.22 2.19
CA GLU R 240 -44.91 -18.76 2.27
C GLU R 240 -44.89 -20.27 2.53
N ASP R 241 -44.02 -20.98 1.80
CA ASP R 241 -43.74 -22.41 2.02
C ASP R 241 -43.38 -22.82 3.46
N VAL R 242 -42.77 -21.92 4.21
CA VAL R 242 -42.51 -22.22 5.61
C VAL R 242 -43.86 -22.18 6.34
N ILE R 243 -44.55 -21.04 6.28
CA ILE R 243 -45.86 -20.86 6.94
C ILE R 243 -46.92 -21.86 6.43
N LYS R 244 -46.84 -22.20 5.14
CA LYS R 244 -47.67 -23.25 4.57
C LYS R 244 -47.39 -24.61 5.21
N ALA R 245 -46.12 -24.90 5.49
CA ALA R 245 -45.70 -26.15 6.16
C ALA R 245 -45.89 -26.20 7.71
N LEU R 246 -46.43 -25.12 8.29
CA LEU R 246 -46.77 -25.10 9.72
C LEU R 246 -48.27 -24.95 9.93
N ALA R 247 -49.03 -25.02 8.84
CA ALA R 247 -50.48 -24.89 8.86
C ALA R 247 -51.18 -26.12 9.48
N ASP R 248 -50.59 -27.29 9.31
CA ASP R 248 -51.24 -28.55 9.67
C ASP R 248 -50.27 -29.51 10.32
N LYS S 8 -35.71 -47.38 -0.64
CA LYS S 8 -35.99 -48.57 0.22
C LYS S 8 -35.06 -48.53 1.42
N ILE S 9 -35.55 -49.01 2.56
CA ILE S 9 -34.80 -49.03 3.83
C ILE S 9 -34.97 -50.35 4.59
N GLU S 10 -33.88 -51.09 4.73
CA GLU S 10 -33.86 -52.33 5.50
C GLU S 10 -33.01 -52.14 6.75
N ARG S 11 -33.54 -52.61 7.87
CA ARG S 11 -32.98 -52.31 9.18
C ARG S 11 -31.52 -52.75 9.34
N GLY S 12 -31.21 -53.96 8.88
CA GLY S 12 -29.84 -54.50 8.92
C GLY S 12 -28.77 -53.67 8.22
N THR S 13 -29.17 -52.93 7.18
CA THR S 13 -28.25 -52.14 6.34
C THR S 13 -28.08 -50.66 6.79
N ILE S 14 -29.17 -49.95 7.02
CA ILE S 14 -29.09 -48.54 7.45
C ILE S 14 -28.40 -48.36 8.81
N LEU S 15 -28.63 -49.29 9.75
CA LEU S 15 -28.01 -49.24 11.08
C LEU S 15 -26.50 -49.60 11.10
N THR S 16 -25.99 -50.17 10.00
CA THR S 16 -24.57 -50.57 9.84
C THR S 16 -23.71 -49.57 9.07
N GLN S 17 -24.35 -48.83 8.15
CA GLN S 17 -23.64 -47.93 7.24
C GLN S 17 -23.26 -46.61 7.88
N PRO S 18 -22.19 -45.98 7.34
CA PRO S 18 -21.78 -44.59 7.57
C PRO S 18 -22.81 -43.64 6.96
N GLY S 19 -22.56 -42.34 7.02
CA GLY S 19 -23.44 -41.33 6.40
C GLY S 19 -24.93 -41.31 6.78
N VAL S 20 -25.32 -42.07 7.80
CA VAL S 20 -26.74 -42.16 8.22
C VAL S 20 -27.12 -41.17 9.35
N PHE S 21 -28.16 -40.34 9.13
CA PHE S 21 -28.58 -39.31 10.10
C PHE S 21 -29.46 -39.84 11.24
N GLY S 22 -29.05 -39.64 12.48
CA GLY S 22 -29.91 -40.03 13.59
C GLY S 22 -30.63 -38.81 14.14
N VAL S 23 -31.95 -38.93 14.32
CA VAL S 23 -32.73 -37.87 15.00
C VAL S 23 -33.49 -38.33 16.27
N PHE S 24 -32.95 -37.87 17.40
CA PHE S 24 -33.46 -38.21 18.71
C PHE S 24 -34.30 -37.09 19.27
N THR S 25 -35.53 -37.41 19.62
CA THR S 25 -36.52 -36.42 20.06
C THR S 25 -37.33 -36.89 21.29
N MET S 26 -37.10 -36.24 22.42
CA MET S 26 -37.74 -36.60 23.69
C MET S 26 -38.98 -35.76 23.89
N PHE S 27 -40.12 -36.43 24.14
CA PHE S 27 -41.41 -35.77 24.28
C PHE S 27 -42.07 -35.93 25.65
N LYS S 28 -42.79 -34.88 26.07
CA LYS S 28 -43.56 -34.91 27.33
C LYS S 28 -45.00 -34.47 27.10
N LEU S 29 -45.92 -35.45 27.19
CA LEU S 29 -47.37 -35.22 27.09
C LEU S 29 -47.82 -34.16 28.08
N ARG S 30 -48.85 -33.42 27.71
CA ARG S 30 -49.35 -32.34 28.54
C ARG S 30 -50.61 -32.77 29.32
N PRO S 31 -50.80 -32.17 30.52
CA PRO S 31 -51.90 -32.43 31.46
C PRO S 31 -53.31 -32.58 30.86
N ASP S 32 -53.62 -31.82 29.80
CA ASP S 32 -54.92 -31.94 29.13
C ASP S 32 -54.89 -32.97 27.98
N TRP S 33 -53.81 -33.77 27.96
CA TRP S 33 -53.78 -35.07 27.25
C TRP S 33 -54.70 -36.09 28.02
N ASN S 34 -54.68 -36.00 29.37
CA ASN S 34 -55.63 -36.72 30.24
C ASN S 34 -57.07 -36.37 29.92
N LYS S 35 -57.24 -35.29 29.15
CA LYS S 35 -58.57 -34.70 28.85
C LYS S 35 -59.06 -35.06 27.44
N VAL S 36 -58.23 -35.76 26.67
CA VAL S 36 -58.62 -36.35 25.39
C VAL S 36 -59.49 -37.60 25.65
N PRO S 37 -60.71 -37.67 25.04
CA PRO S 37 -61.65 -38.76 25.36
C PRO S 37 -61.04 -40.17 25.23
N VAL S 38 -61.05 -40.95 26.35
CA VAL S 38 -60.63 -42.36 26.33
C VAL S 38 -61.44 -43.07 25.23
N ALA S 39 -60.83 -43.23 24.04
CA ALA S 39 -61.48 -43.70 22.79
C ALA S 39 -60.84 -43.07 21.55
N GLU S 40 -60.16 -41.91 21.80
CA GLU S 40 -59.41 -41.17 20.80
C GLU S 40 -57.91 -41.26 21.09
N ARG S 41 -57.57 -41.43 22.37
CA ARG S 41 -56.21 -41.77 22.76
C ARG S 41 -55.88 -43.20 22.31
N LYS S 42 -56.85 -44.12 22.38
CA LYS S 42 -56.58 -45.52 22.05
C LYS S 42 -56.30 -45.74 20.57
N GLY S 43 -57.06 -45.01 19.71
CA GLY S 43 -56.88 -45.09 18.27
C GLY S 43 -55.68 -44.27 17.86
N ALA S 44 -54.91 -43.84 18.87
CA ALA S 44 -53.72 -43.04 18.69
C ALA S 44 -52.53 -43.92 18.31
N ALA S 45 -52.49 -45.12 18.91
CA ALA S 45 -51.46 -46.11 18.61
C ALA S 45 -51.56 -46.57 17.17
N GLU S 46 -52.80 -46.81 16.74
CA GLU S 46 -53.10 -47.15 15.36
C GLU S 46 -52.64 -46.05 14.39
N GLU S 47 -52.82 -44.79 14.80
CA GLU S 47 -52.47 -43.63 13.95
C GLU S 47 -51.00 -43.58 13.58
N VAL S 48 -50.15 -43.80 14.59
CA VAL S 48 -48.69 -43.80 14.47
C VAL S 48 -48.13 -44.99 13.65
N LYS S 49 -48.76 -46.17 13.86
CA LYS S 49 -48.37 -47.43 13.17
C LYS S 49 -48.64 -47.41 11.64
N LYS S 50 -49.65 -46.63 11.26
CA LYS S 50 -49.95 -46.33 9.85
C LYS S 50 -49.06 -45.25 9.25
N LEU S 51 -48.71 -44.24 10.06
CA LEU S 51 -47.74 -43.21 9.67
C LEU S 51 -46.36 -43.82 9.45
N ILE S 52 -46.05 -44.88 10.20
CA ILE S 52 -44.76 -45.61 10.04
C ILE S 52 -44.70 -46.37 8.68
N GLU S 53 -45.77 -47.11 8.38
CA GLU S 53 -45.97 -47.82 7.10
C GLU S 53 -46.08 -46.89 5.86
N LYS S 54 -46.76 -45.75 6.01
CA LYS S 54 -46.78 -44.70 4.97
C LYS S 54 -45.37 -44.25 4.58
N HIS S 55 -44.42 -44.27 5.52
CA HIS S 55 -43.07 -43.83 5.32
C HIS S 55 -41.99 -44.92 5.18
N LYS S 56 -42.43 -46.22 5.10
CA LYS S 56 -41.53 -47.36 4.86
C LYS S 56 -40.22 -46.96 4.17
N ASP S 57 -40.34 -46.14 3.13
CA ASP S 57 -39.26 -45.84 2.19
C ASP S 57 -38.47 -44.55 2.47
N ASN S 58 -38.92 -43.76 3.47
CA ASN S 58 -38.34 -42.43 3.76
C ASN S 58 -37.39 -42.38 4.98
N VAL S 59 -37.77 -43.08 6.06
CA VAL S 59 -37.06 -43.11 7.38
C VAL S 59 -37.24 -44.45 8.12
N LEU S 60 -36.41 -44.69 9.13
CA LEU S 60 -36.60 -45.82 10.05
C LEU S 60 -36.91 -45.32 11.44
N VAL S 61 -38.00 -45.83 12.00
CA VAL S 61 -38.51 -45.36 13.29
C VAL S 61 -38.36 -46.37 14.41
N ASP S 62 -38.14 -45.85 15.60
CA ASP S 62 -38.10 -46.64 16.78
C ASP S 62 -38.76 -45.74 17.79
N LEU S 63 -39.33 -46.35 18.82
CA LEU S 63 -40.02 -45.59 19.84
C LEU S 63 -39.76 -46.20 21.23
N TYR S 64 -39.57 -45.34 22.23
CA TYR S 64 -39.21 -45.84 23.56
C TYR S 64 -39.94 -45.16 24.70
N LEU S 65 -40.27 -45.97 25.71
CA LEU S 65 -41.10 -45.54 26.84
C LEU S 65 -40.21 -45.10 28.01
N THR S 66 -40.45 -43.87 28.50
CA THR S 66 -39.64 -43.28 29.56
C THR S 66 -40.50 -42.62 30.64
N ARG S 67 -41.82 -42.65 30.44
CA ARG S 67 -42.76 -42.12 31.43
C ARG S 67 -42.53 -42.89 32.72
N GLY S 68 -42.29 -42.14 33.80
CA GLY S 68 -42.09 -42.68 35.15
C GLY S 68 -40.65 -42.99 35.47
N LEU S 69 -39.80 -42.87 34.46
CA LEU S 69 -38.36 -43.15 34.57
C LEU S 69 -37.54 -41.87 34.34
N GLU S 70 -38.23 -40.84 33.83
CA GLU S 70 -37.57 -39.61 33.34
C GLU S 70 -38.36 -38.35 33.66
N THR S 71 -37.69 -37.32 34.14
CA THR S 71 -38.40 -36.09 34.44
C THR S 71 -38.87 -35.46 33.15
N ASN S 72 -37.95 -35.35 32.20
CA ASN S 72 -38.16 -34.52 31.02
C ASN S 72 -38.45 -35.30 29.76
N SER S 73 -39.20 -36.39 29.93
CA SER S 73 -39.79 -37.13 28.81
C SER S 73 -40.81 -38.18 29.26
N ASP S 74 -41.73 -38.52 28.36
CA ASP S 74 -42.59 -39.66 28.54
C ASP S 74 -42.27 -40.72 27.48
N PHE S 75 -41.46 -40.34 26.47
CA PHE S 75 -41.17 -41.21 25.31
C PHE S 75 -40.35 -40.52 24.26
N PHE S 76 -39.40 -41.23 23.69
CA PHE S 76 -38.56 -40.62 22.65
C PHE S 76 -38.52 -41.49 21.39
N PHE S 77 -38.10 -40.86 20.28
CA PHE S 77 -37.95 -41.51 18.98
C PHE S 77 -36.49 -41.59 18.60
N ARG S 78 -36.10 -42.66 17.91
CA ARG S 78 -34.87 -42.60 17.11
C ARG S 78 -35.29 -42.69 15.67
N ILE S 79 -35.08 -41.59 14.92
CA ILE S 79 -35.30 -41.60 13.46
C ILE S 79 -33.94 -41.73 12.78
N ASN S 80 -33.79 -42.74 11.94
CA ASN S 80 -32.65 -42.82 11.02
C ASN S 80 -33.10 -42.58 9.59
N ALA S 81 -32.46 -41.62 8.93
CA ALA S 81 -32.80 -41.32 7.55
C ALA S 81 -31.51 -41.26 6.76
N TYR S 82 -31.62 -41.32 5.44
CA TYR S 82 -30.47 -41.11 4.55
C TYR S 82 -30.38 -39.63 4.21
N ASP S 83 -31.29 -38.86 4.79
CA ASP S 83 -31.65 -37.53 4.31
C ASP S 83 -32.36 -36.83 5.46
N LEU S 84 -31.71 -35.82 6.04
CA LEU S 84 -32.23 -35.12 7.22
C LEU S 84 -33.56 -34.44 6.95
N ALA S 85 -33.72 -33.91 5.73
CA ALA S 85 -34.97 -33.30 5.32
C ALA S 85 -36.12 -34.33 5.51
N LYS S 86 -35.87 -35.58 5.10
CA LYS S 86 -36.88 -36.64 5.21
C LYS S 86 -37.18 -37.04 6.66
N ALA S 87 -36.20 -36.82 7.53
CA ALA S 87 -36.36 -37.08 8.96
C ALA S 87 -37.21 -36.00 9.63
N GLN S 88 -36.92 -34.75 9.30
CA GLN S 88 -37.79 -33.64 9.68
C GLN S 88 -39.22 -33.81 9.11
N THR S 89 -39.35 -34.18 7.82
CA THR S 89 -40.66 -34.48 7.22
C THR S 89 -41.45 -35.38 8.17
N PHE S 90 -40.86 -36.53 8.48
CA PHE S 90 -41.50 -37.47 9.39
C PHE S 90 -41.93 -36.85 10.71
N MET S 91 -41.01 -36.07 11.31
CA MET S 91 -41.24 -35.56 12.66
C MET S 91 -42.35 -34.50 12.77
N ARG S 92 -42.47 -33.65 11.74
CA ARG S 92 -43.50 -32.61 11.66
C ARG S 92 -44.87 -33.23 11.59
N GLU S 93 -44.94 -34.34 10.86
CA GLU S 93 -46.20 -35.02 10.64
C GLU S 93 -46.62 -35.76 11.87
N PHE S 94 -45.69 -36.39 12.58
CA PHE S 94 -46.02 -37.02 13.85
C PHE S 94 -46.60 -36.02 14.83
N ARG S 95 -46.12 -34.78 14.82
CA ARG S 95 -46.61 -33.78 15.76
C ARG S 95 -48.01 -33.28 15.39
N SER S 96 -48.50 -33.69 14.21
CA SER S 96 -49.92 -33.53 13.85
C SER S 96 -50.79 -34.71 14.31
N THR S 97 -50.14 -35.82 14.69
CA THR S 97 -50.79 -37.03 15.23
C THR S 97 -51.56 -36.70 16.52
N THR S 98 -52.48 -37.56 16.94
CA THR S 98 -53.25 -37.28 18.16
C THR S 98 -52.31 -37.08 19.35
N VAL S 99 -51.46 -38.08 19.63
CA VAL S 99 -50.48 -37.96 20.70
C VAL S 99 -49.50 -36.82 20.43
N GLY S 100 -49.11 -36.65 19.18
CA GLY S 100 -48.29 -35.53 18.77
C GLY S 100 -48.84 -34.17 19.18
N LYS S 101 -50.14 -33.97 18.98
CA LYS S 101 -50.82 -32.71 19.37
C LYS S 101 -50.72 -32.38 20.87
N ASN S 102 -50.84 -33.41 21.73
CA ASN S 102 -50.85 -33.24 23.19
C ASN S 102 -49.51 -33.53 23.86
N ALA S 103 -48.44 -33.44 23.06
CA ALA S 103 -47.10 -33.63 23.59
C ALA S 103 -46.19 -32.47 23.20
N ASP S 104 -45.31 -32.08 24.12
CA ASP S 104 -44.28 -31.06 23.84
C ASP S 104 -42.92 -31.74 23.61
N VAL S 105 -42.11 -31.09 22.76
CA VAL S 105 -40.70 -31.44 22.54
C VAL S 105 -39.84 -30.85 23.63
N PHE S 106 -39.10 -31.71 24.32
CA PHE S 106 -38.25 -31.28 25.44
C PHE S 106 -36.74 -31.43 25.17
N GLU S 107 -36.38 -32.40 24.31
CA GLU S 107 -35.00 -32.55 23.83
C GLU S 107 -34.99 -33.01 22.38
N THR S 108 -34.06 -32.46 21.60
CA THR S 108 -33.85 -32.82 20.20
C THR S 108 -32.35 -32.94 19.91
N LEU S 109 -31.96 -34.06 19.33
CA LEU S 109 -30.56 -34.30 19.05
C LEU S 109 -30.42 -34.70 17.59
N VAL S 110 -29.54 -34.01 16.87
CA VAL S 110 -29.30 -34.36 15.48
C VAL S 110 -27.89 -34.83 15.35
N GLY S 111 -27.72 -35.89 14.57
CA GLY S 111 -26.40 -36.47 14.37
C GLY S 111 -26.30 -37.32 13.12
N VAL S 112 -25.06 -37.60 12.73
CA VAL S 112 -24.78 -38.41 11.57
C VAL S 112 -23.72 -39.48 11.88
N THR S 113 -23.85 -40.61 11.19
CA THR S 113 -22.97 -41.76 11.29
C THR S 113 -21.72 -41.53 10.41
N LYS S 114 -20.55 -42.04 10.84
CA LYS S 114 -19.29 -41.83 10.07
C LYS S 114 -18.43 -43.09 10.03
N PRO S 115 -17.46 -43.16 9.09
CA PRO S 115 -16.48 -44.26 9.14
C PRO S 115 -15.69 -44.18 10.44
N LEU S 116 -14.96 -45.23 10.79
CA LEU S 116 -14.20 -45.24 12.05
C LEU S 116 -13.04 -44.24 12.00
N ASN S 117 -12.81 -43.57 13.13
CA ASN S 117 -11.86 -42.46 13.26
C ASN S 117 -10.57 -42.87 13.94
N TYR S 118 -10.68 -43.83 14.85
CA TYR S 118 -9.54 -44.23 15.67
C TYR S 118 -9.32 -45.74 15.67
N ILE S 119 -10.35 -46.52 15.99
CA ILE S 119 -10.15 -47.95 16.12
C ILE S 119 -10.52 -48.67 14.83
N SER S 120 -9.78 -48.35 13.76
CA SER S 120 -10.01 -48.90 12.43
C SER S 120 -8.91 -49.89 12.08
N LYS S 121 -9.11 -50.61 10.96
CA LYS S 121 -8.21 -51.68 10.54
C LYS S 121 -6.80 -51.18 10.25
N ASP S 122 -6.71 -49.95 9.74
CA ASP S 122 -5.43 -49.35 9.37
C ASP S 122 -4.67 -48.76 10.54
N LYS S 123 -5.42 -48.20 11.50
CA LYS S 123 -4.83 -47.42 12.60
C LYS S 123 -4.68 -48.17 13.94
N SER S 124 -5.61 -49.06 14.24
CA SER S 124 -5.50 -49.83 15.47
C SER S 124 -5.74 -51.32 15.21
N PRO S 125 -4.75 -52.02 14.59
CA PRO S 125 -5.03 -53.35 14.03
C PRO S 125 -5.62 -54.35 15.06
N GLY S 126 -5.06 -54.38 16.26
CA GLY S 126 -5.44 -55.37 17.29
C GLY S 126 -6.83 -55.22 17.91
N LEU S 127 -7.14 -54.00 18.36
CA LEU S 127 -8.44 -53.69 18.97
C LEU S 127 -9.61 -53.64 17.95
N ASN S 128 -9.27 -53.46 16.66
CA ASN S 128 -10.23 -53.55 15.55
C ASN S 128 -10.58 -55.00 15.15
N ALA S 129 -9.66 -55.93 15.44
CA ALA S 129 -9.96 -57.35 15.31
C ALA S 129 -10.87 -57.79 16.46
N GLY S 130 -10.69 -57.16 17.62
CA GLY S 130 -11.49 -57.41 18.82
C GLY S 130 -12.85 -56.71 18.83
N LEU S 131 -12.96 -55.59 18.14
CA LEU S 131 -14.22 -54.85 18.04
C LEU S 131 -15.22 -55.54 17.09
N SER S 132 -14.79 -55.82 15.87
CA SER S 132 -15.68 -56.35 14.82
C SER S 132 -15.83 -57.88 14.86
N SER S 133 -15.14 -58.52 15.81
CA SER S 133 -15.33 -59.97 16.08
C SER S 133 -15.68 -60.25 17.56
N ALA S 134 -16.69 -59.53 18.06
CA ALA S 134 -17.32 -59.79 19.36
C ALA S 134 -18.84 -59.69 19.17
N THR S 135 -19.61 -60.43 19.96
CA THR S 135 -21.03 -60.63 19.64
C THR S 135 -21.98 -60.75 20.84
N TYR S 136 -23.18 -60.16 20.71
CA TYR S 136 -24.18 -60.10 21.81
C TYR S 136 -24.71 -61.46 22.28
N SER S 137 -24.32 -61.86 23.49
CA SER S 137 -24.91 -63.03 24.15
C SER S 137 -25.94 -62.58 25.18
N GLY S 138 -26.90 -63.45 25.51
CA GLY S 138 -27.88 -63.14 26.53
C GLY S 138 -29.18 -62.50 26.02
N PRO S 139 -30.16 -62.34 26.93
CA PRO S 139 -31.53 -61.99 26.53
C PRO S 139 -31.64 -60.72 25.70
N ALA S 140 -32.63 -60.72 24.80
CA ALA S 140 -33.06 -59.54 24.06
C ALA S 140 -33.20 -58.30 24.97
N PRO S 141 -32.63 -57.15 24.57
CA PRO S 141 -32.47 -56.03 25.49
C PRO S 141 -33.78 -55.32 25.88
N ARG S 142 -34.03 -55.21 27.19
CA ARG S 142 -35.23 -54.54 27.72
C ARG S 142 -35.08 -53.02 27.84
N TYR S 143 -33.87 -52.56 28.14
CA TYR S 143 -33.62 -51.16 28.43
C TYR S 143 -32.83 -50.42 27.35
N VAL S 144 -33.05 -49.10 27.26
CA VAL S 144 -32.37 -48.23 26.32
C VAL S 144 -31.70 -47.03 27.06
N ILE S 145 -30.50 -46.63 26.64
CA ILE S 145 -29.81 -45.45 27.20
C ILE S 145 -29.35 -44.52 26.09
N VAL S 146 -29.75 -43.24 26.15
CA VAL S 146 -29.20 -42.23 25.22
C VAL S 146 -28.35 -41.17 25.94
N ILE S 147 -27.08 -41.05 25.52
CA ILE S 147 -26.13 -40.11 26.17
C ILE S 147 -25.41 -39.15 25.21
N PRO S 148 -25.79 -37.86 25.26
CA PRO S 148 -25.04 -36.89 24.49
C PRO S 148 -23.66 -36.72 25.13
N VAL S 149 -22.60 -36.63 24.34
CA VAL S 149 -21.24 -36.40 24.84
C VAL S 149 -20.60 -35.22 24.15
N LYS S 150 -20.12 -34.25 24.89
CA LYS S 150 -19.35 -33.13 24.29
C LYS S 150 -17.96 -33.03 24.91
N LYS S 151 -16.94 -32.90 24.08
CA LYS S 151 -15.54 -32.78 24.54
C LYS S 151 -15.03 -31.34 24.38
N ASN S 152 -14.16 -30.92 25.27
CA ASN S 152 -13.73 -29.52 25.30
C ASN S 152 -12.60 -29.21 24.33
N ALA S 153 -12.28 -27.92 24.21
CA ALA S 153 -11.29 -27.48 23.22
C ALA S 153 -9.90 -28.07 23.45
N GLU S 154 -9.61 -28.43 24.69
CA GLU S 154 -8.33 -29.07 25.02
C GLU S 154 -8.18 -30.38 24.30
N TRP S 155 -9.25 -31.15 24.21
CA TRP S 155 -9.23 -32.44 23.55
C TRP S 155 -8.99 -32.34 22.06
N TRP S 156 -9.73 -31.45 21.41
CA TRP S 156 -9.68 -31.34 19.96
C TRP S 156 -8.32 -30.83 19.54
N ASN S 157 -7.67 -30.12 20.45
CA ASN S 157 -6.37 -29.52 20.12
C ASN S 157 -5.21 -30.47 20.33
N MET S 158 -5.51 -31.62 20.90
CA MET S 158 -4.54 -32.68 21.08
C MET S 158 -4.26 -33.26 19.70
N SER S 159 -3.10 -33.86 19.51
CA SER S 159 -2.73 -34.38 18.20
C SER S 159 -3.60 -35.59 17.81
N PRO S 160 -3.69 -35.93 16.49
CA PRO S 160 -4.36 -37.17 16.12
C PRO S 160 -3.83 -38.36 16.95
N GLU S 161 -2.51 -38.47 17.07
CA GLU S 161 -1.84 -39.57 17.79
C GLU S 161 -2.20 -39.62 19.28
N GLU S 162 -2.13 -38.45 19.94
CA GLU S 162 -2.48 -38.31 21.37
C GLU S 162 -3.93 -38.71 21.62
N ARG S 163 -4.82 -38.31 20.70
CA ARG S 163 -6.24 -38.61 20.79
C ARG S 163 -6.49 -40.11 20.51
N LEU S 164 -5.69 -40.68 19.59
CA LEU S 164 -5.77 -42.09 19.26
C LEU S 164 -5.35 -42.95 20.45
N LYS S 165 -4.21 -42.63 21.06
CA LYS S 165 -3.79 -43.32 22.28
C LYS S 165 -4.92 -43.36 23.33
N GLU S 166 -5.65 -42.24 23.49
CA GLU S 166 -6.74 -42.14 24.48
C GLU S 166 -8.02 -42.91 24.11
N MET S 167 -8.25 -43.06 22.81
CA MET S 167 -9.36 -43.90 22.33
C MET S 167 -9.01 -45.39 22.32
N GLU S 168 -7.74 -45.71 22.12
CA GLU S 168 -7.28 -47.08 22.34
C GLU S 168 -7.50 -47.48 23.78
N VAL S 169 -7.40 -46.51 24.69
CA VAL S 169 -7.64 -46.75 26.12
C VAL S 169 -9.14 -46.87 26.44
N HIS S 170 -9.96 -45.97 25.88
CA HIS S 170 -11.43 -46.10 25.92
C HIS S 170 -11.87 -47.55 25.66
N THR S 171 -11.44 -48.08 24.52
CA THR S 171 -11.89 -49.38 24.03
C THR S 171 -11.36 -50.60 24.81
N THR S 172 -10.18 -50.50 25.40
CA THR S 172 -9.56 -51.67 26.06
C THR S 172 -10.45 -52.38 27.13
N PRO S 173 -10.94 -51.63 28.15
CA PRO S 173 -11.86 -52.26 29.13
C PRO S 173 -13.34 -52.47 28.67
N THR S 174 -13.71 -51.97 27.49
CA THR S 174 -15.14 -51.96 27.07
C THR S 174 -15.55 -53.10 26.11
N LEU S 175 -14.57 -53.61 25.39
CA LEU S 175 -14.75 -54.82 24.55
C LEU S 175 -15.48 -55.95 25.27
N ALA S 176 -15.07 -56.22 26.50
CA ALA S 176 -15.73 -57.22 27.33
C ALA S 176 -17.26 -57.03 27.40
N TYR S 177 -17.72 -55.78 27.30
CA TYR S 177 -19.14 -55.48 27.54
C TYR S 177 -20.08 -55.58 26.32
N LEU S 178 -19.52 -55.89 25.14
CA LEU S 178 -20.34 -56.11 23.93
C LEU S 178 -21.20 -57.39 24.00
N VAL S 179 -20.88 -58.27 24.97
CA VAL S 179 -21.72 -59.43 25.28
C VAL S 179 -22.94 -58.99 26.09
N ASN S 180 -22.80 -57.93 26.88
CA ASN S 180 -23.88 -57.38 27.71
C ASN S 180 -24.67 -56.24 27.06
N VAL S 181 -24.03 -55.50 26.14
CA VAL S 181 -24.52 -54.21 25.64
C VAL S 181 -24.36 -54.06 24.11
N LYS S 182 -25.35 -53.43 23.47
CA LYS S 182 -25.18 -52.93 22.10
C LYS S 182 -24.90 -51.40 22.07
N ARG S 183 -24.16 -50.96 21.05
CA ARG S 183 -23.80 -49.55 20.91
C ARG S 183 -24.10 -48.99 19.52
N LYS S 184 -24.19 -47.66 19.42
CA LYS S 184 -24.06 -46.98 18.13
C LYS S 184 -23.58 -45.56 18.38
N LEU S 185 -22.77 -45.02 17.46
CA LEU S 185 -22.21 -43.69 17.61
C LEU S 185 -22.61 -42.69 16.52
N TYR S 186 -23.28 -41.61 16.93
CA TYR S 186 -23.61 -40.51 16.03
C TYR S 186 -22.69 -39.28 16.26
N HIS S 187 -22.26 -38.63 15.18
CA HIS S 187 -21.37 -37.45 15.24
C HIS S 187 -22.14 -36.11 15.01
N SER S 188 -21.96 -35.15 15.92
CA SER S 188 -22.85 -33.99 15.96
C SER S 188 -22.20 -32.61 15.93
N THR S 189 -20.89 -32.53 16.23
CA THR S 189 -20.16 -31.24 16.23
C THR S 189 -20.63 -30.32 15.08
N GLY S 190 -21.17 -29.16 15.44
CA GLY S 190 -21.64 -28.20 14.44
C GLY S 190 -23.00 -28.46 13.82
N LEU S 191 -23.62 -29.61 14.10
CA LEU S 191 -25.01 -29.90 13.64
C LEU S 191 -26.07 -29.72 14.75
N ASP S 192 -25.63 -29.87 16.00
CA ASP S 192 -26.44 -29.63 17.20
C ASP S 192 -25.49 -29.45 18.35
N ASP S 193 -26.04 -29.13 19.52
CA ASP S 193 -25.24 -28.78 20.69
C ASP S 193 -24.65 -29.98 21.43
N THR S 194 -23.89 -30.78 20.71
CA THR S 194 -23.16 -31.88 21.30
C THR S 194 -22.17 -32.38 20.28
N ASP S 195 -21.08 -32.98 20.75
CA ASP S 195 -20.08 -33.55 19.85
C ASP S 195 -20.53 -34.89 19.28
N PHE S 196 -21.22 -35.71 20.11
CA PHE S 196 -21.72 -37.02 19.72
C PHE S 196 -23.05 -37.30 20.36
N ILE S 197 -23.81 -38.24 19.77
CA ILE S 197 -24.99 -38.85 20.41
C ILE S 197 -24.68 -40.33 20.54
N THR S 198 -24.70 -40.85 21.78
CA THR S 198 -24.52 -42.30 22.03
C THR S 198 -25.79 -43.04 22.42
N TYR S 199 -25.90 -44.25 21.90
CA TYR S 199 -27.11 -45.02 21.90
C TYR S 199 -26.79 -46.40 22.37
N PHE S 200 -27.56 -46.89 23.35
CA PHE S 200 -27.30 -48.19 23.96
C PHE S 200 -28.58 -48.96 24.25
N GLU S 201 -28.48 -50.27 24.04
CA GLU S 201 -29.51 -51.23 24.44
C GLU S 201 -28.83 -52.29 25.33
N THR S 202 -29.47 -52.59 26.48
CA THR S 202 -28.99 -53.63 27.40
C THR S 202 -30.11 -54.28 28.21
N ASP S 203 -29.84 -55.50 28.68
CA ASP S 203 -30.68 -56.16 29.68
C ASP S 203 -30.13 -56.10 31.12
N ASP S 204 -28.85 -55.83 31.27
CA ASP S 204 -28.20 -55.81 32.58
C ASP S 204 -27.69 -54.41 32.96
N LEU S 205 -28.53 -53.69 33.66
CA LEU S 205 -28.23 -52.33 34.07
C LEU S 205 -27.11 -52.22 35.11
N THR S 206 -26.96 -53.24 35.97
CA THR S 206 -25.81 -53.27 36.89
C THR S 206 -24.52 -53.35 36.05
N ALA S 207 -24.51 -54.22 35.04
CA ALA S 207 -23.37 -54.31 34.12
C ALA S 207 -23.08 -52.99 33.38
N PHE S 208 -24.12 -52.26 33.00
CA PHE S 208 -23.95 -50.96 32.34
C PHE S 208 -23.48 -49.86 33.28
N ASN S 209 -23.96 -49.88 34.52
CA ASN S 209 -23.39 -49.02 35.57
C ASN S 209 -21.88 -49.24 35.72
N ASN S 210 -21.45 -50.48 35.93
CA ASN S 210 -20.02 -50.82 35.92
C ASN S 210 -19.30 -50.51 34.62
N LEU S 211 -20.03 -50.40 33.50
CA LEU S 211 -19.41 -50.01 32.24
C LEU S 211 -19.02 -48.52 32.26
N MET S 212 -19.99 -47.63 32.49
CA MET S 212 -19.73 -46.19 32.55
C MET S 212 -18.63 -45.92 33.54
N LEU S 213 -18.64 -46.64 34.64
CA LEU S 213 -17.59 -46.51 35.61
C LEU S 213 -16.20 -46.79 34.99
N SER S 214 -16.09 -47.81 34.12
CA SER S 214 -14.83 -48.12 33.42
C SER S 214 -14.23 -46.92 32.71
N LEU S 215 -15.12 -46.07 32.17
CA LEU S 215 -14.79 -44.95 31.27
C LEU S 215 -14.72 -43.61 31.98
N ALA S 216 -15.39 -43.51 33.12
CA ALA S 216 -15.23 -42.34 33.99
C ALA S 216 -13.81 -42.36 34.56
N GLN S 217 -13.27 -43.57 34.64
CA GLN S 217 -12.03 -43.86 35.30
C GLN S 217 -10.79 -43.68 34.42
N VAL S 218 -10.96 -43.29 33.16
CA VAL S 218 -9.81 -43.07 32.26
C VAL S 218 -9.59 -41.61 31.94
N LYS S 219 -8.35 -41.29 31.56
CA LYS S 219 -7.96 -39.93 31.18
C LYS S 219 -8.98 -39.26 30.28
N GLU S 220 -9.53 -39.99 29.31
CA GLU S 220 -10.48 -39.39 28.35
C GLU S 220 -11.68 -38.66 29.01
N ASN S 221 -12.18 -39.14 30.15
CA ASN S 221 -13.30 -38.50 30.88
C ASN S 221 -12.95 -37.06 31.35
N LYS S 222 -11.66 -36.80 31.50
CA LYS S 222 -11.18 -35.50 31.96
C LYS S 222 -11.60 -34.37 31.03
N PHE S 223 -12.00 -34.71 29.79
CA PHE S 223 -12.26 -33.73 28.71
C PHE S 223 -13.72 -33.51 28.38
N HIS S 224 -14.59 -34.30 29.01
CA HIS S 224 -16.03 -34.20 28.85
C HIS S 224 -16.56 -32.96 29.49
N VAL S 225 -17.36 -32.20 28.74
CA VAL S 225 -18.06 -31.03 29.29
C VAL S 225 -19.56 -31.27 29.22
N ARG S 226 -19.97 -32.18 28.34
CA ARG S 226 -21.31 -32.79 28.41
C ARG S 226 -21.18 -34.34 28.38
N TRP S 227 -21.85 -35.03 29.32
CA TRP S 227 -21.77 -36.48 29.38
C TRP S 227 -23.10 -37.02 29.85
N GLY S 228 -24.15 -36.69 29.10
CA GLY S 228 -25.53 -36.81 29.56
C GLY S 228 -26.22 -35.46 29.53
N SER S 229 -26.85 -35.09 30.64
CA SER S 229 -27.68 -33.85 30.77
C SER S 229 -28.54 -33.52 29.53
N PRO S 230 -29.54 -34.36 29.21
CA PRO S 230 -29.95 -35.53 29.98
C PRO S 230 -29.28 -36.88 29.57
N THR S 231 -29.05 -37.73 30.58
CA THR S 231 -28.91 -39.19 30.43
C THR S 231 -30.33 -39.81 30.45
N THR S 232 -30.78 -40.33 29.30
CA THR S 232 -32.16 -40.82 29.12
C THR S 232 -32.21 -42.33 29.17
N LEU S 233 -32.96 -42.86 30.13
CA LEU S 233 -33.05 -44.28 30.35
C LEU S 233 -34.50 -44.66 30.34
N GLY S 234 -34.88 -45.31 29.24
CA GLY S 234 -36.23 -45.79 29.01
C GLY S 234 -36.17 -47.20 28.51
N THR S 235 -37.27 -47.66 27.91
CA THR S 235 -37.53 -49.09 27.79
C THR S 235 -37.97 -49.48 26.37
N ILE S 236 -37.41 -50.58 25.87
CA ILE S 236 -37.58 -51.03 24.48
C ILE S 236 -38.85 -51.84 24.28
N HIS S 237 -39.65 -51.45 23.28
CA HIS S 237 -40.91 -52.10 22.92
C HIS S 237 -41.16 -51.91 21.44
N SER S 238 -42.21 -52.52 20.91
CA SER S 238 -42.67 -52.12 19.58
C SER S 238 -43.21 -50.66 19.68
N PRO S 239 -42.94 -49.81 18.65
CA PRO S 239 -43.39 -48.43 18.80
C PRO S 239 -44.92 -48.35 19.11
N GLU S 240 -45.74 -49.21 18.46
CA GLU S 240 -47.17 -49.26 18.77
C GLU S 240 -47.47 -49.48 20.29
N ASP S 241 -46.74 -50.43 20.91
CA ASP S 241 -46.91 -50.71 22.34
C ASP S 241 -46.54 -49.51 23.20
N VAL S 242 -45.73 -48.61 22.67
CA VAL S 242 -45.37 -47.43 23.46
C VAL S 242 -46.58 -46.52 23.62
N ILE S 243 -47.24 -46.20 22.50
CA ILE S 243 -48.43 -45.35 22.50
C ILE S 243 -49.56 -46.02 23.27
N LYS S 244 -49.72 -47.33 23.08
CA LYS S 244 -50.68 -48.12 23.88
C LYS S 244 -50.55 -47.86 25.38
N ALA S 245 -49.35 -47.99 25.93
CA ALA S 245 -49.15 -47.81 27.38
C ALA S 245 -49.07 -46.35 27.85
N LEU S 246 -49.12 -45.41 26.90
CA LEU S 246 -49.24 -43.99 27.21
C LEU S 246 -50.69 -43.55 27.16
N ALA S 247 -51.59 -44.49 26.86
CA ALA S 247 -52.99 -44.19 26.62
C ALA S 247 -53.77 -44.06 27.93
N ASP S 248 -53.98 -45.19 28.60
CA ASP S 248 -54.86 -45.31 29.78
C ASP S 248 -54.38 -44.56 31.04
N LYS T 8 -45.47 -21.33 74.79
CA LYS T 8 -45.43 -19.85 74.57
C LYS T 8 -44.20 -19.48 73.77
N ILE T 9 -44.32 -18.47 72.91
CA ILE T 9 -43.22 -18.09 71.97
C ILE T 9 -42.95 -16.58 71.91
N GLU T 10 -41.99 -16.14 72.72
CA GLU T 10 -41.66 -14.71 72.79
C GLU T 10 -40.75 -14.33 71.64
N ARG T 11 -41.15 -13.28 70.94
CA ARG T 11 -40.43 -12.75 69.79
C ARG T 11 -38.97 -12.45 70.13
N GLY T 12 -38.75 -11.62 71.15
CA GLY T 12 -37.41 -11.26 71.61
C GLY T 12 -36.54 -12.42 72.05
N THR T 13 -37.16 -13.48 72.57
CA THR T 13 -36.43 -14.68 72.96
C THR T 13 -36.05 -15.59 71.77
N ILE T 14 -37.02 -15.92 70.91
CA ILE T 14 -36.80 -16.89 69.80
C ILE T 14 -35.80 -16.45 68.70
N LEU T 15 -35.60 -15.15 68.52
CA LEU T 15 -34.66 -14.66 67.50
C LEU T 15 -33.23 -14.57 68.02
N THR T 16 -33.05 -14.96 69.28
CA THR T 16 -31.80 -14.77 70.02
C THR T 16 -31.05 -16.09 70.35
N GLN T 17 -31.79 -17.20 70.25
CA GLN T 17 -31.38 -18.52 70.73
C GLN T 17 -31.01 -19.50 69.61
N PRO T 18 -30.10 -20.45 69.93
CA PRO T 18 -29.68 -21.53 69.02
C PRO T 18 -30.74 -22.62 68.88
N GLY T 19 -30.59 -23.44 67.83
CA GLY T 19 -31.52 -24.52 67.51
C GLY T 19 -32.88 -24.03 67.07
N VAL T 20 -32.93 -22.84 66.46
CA VAL T 20 -34.18 -22.25 65.96
C VAL T 20 -34.22 -22.40 64.44
N PHE T 21 -35.22 -23.12 63.92
CA PHE T 21 -35.30 -23.29 62.48
C PHE T 21 -35.93 -22.03 61.90
N GLY T 22 -35.36 -21.58 60.78
CA GLY T 22 -35.92 -20.52 59.94
C GLY T 22 -36.37 -21.07 58.60
N VAL T 23 -37.60 -20.75 58.18
CA VAL T 23 -38.04 -21.12 56.83
C VAL T 23 -38.45 -19.91 56.00
N PHE T 24 -37.63 -19.61 54.99
CA PHE T 24 -37.85 -18.51 54.04
C PHE T 24 -38.44 -19.02 52.73
N THR T 25 -39.66 -18.56 52.45
CA THR T 25 -40.41 -18.95 51.27
C THR T 25 -40.87 -17.71 50.53
N MET T 26 -40.55 -17.69 49.25
CA MET T 26 -40.82 -16.55 48.39
C MET T 26 -41.85 -16.94 47.38
N PHE T 27 -42.81 -16.04 47.21
CA PHE T 27 -43.97 -16.34 46.43
C PHE T 27 -44.06 -15.32 45.33
N LYS T 28 -44.51 -15.78 44.16
CA LYS T 28 -45.04 -14.93 43.09
C LYS T 28 -46.53 -15.26 42.85
N LEU T 29 -47.40 -14.23 42.98
CA LEU T 29 -48.82 -14.27 42.61
C LEU T 29 -49.07 -14.71 41.16
N ARG T 30 -49.96 -15.69 40.97
CA ARG T 30 -50.23 -16.17 39.63
C ARG T 30 -51.17 -15.22 38.88
N PRO T 31 -50.95 -15.10 37.55
CA PRO T 31 -51.77 -14.22 36.70
C PRO T 31 -53.24 -14.07 37.17
N ASP T 32 -53.95 -15.17 37.35
CA ASP T 32 -55.38 -15.05 37.66
C ASP T 32 -55.63 -14.81 39.15
N TRP T 33 -54.69 -14.13 39.80
CA TRP T 33 -54.91 -13.57 41.16
C TRP T 33 -55.61 -12.21 41.04
N ASN T 34 -55.39 -11.53 39.92
CA ASN T 34 -56.14 -10.30 39.63
C ASN T 34 -57.64 -10.59 39.40
N LYS T 35 -57.98 -11.86 39.15
CA LYS T 35 -59.34 -12.27 38.73
C LYS T 35 -60.24 -12.79 39.84
N VAL T 36 -59.64 -13.15 40.98
CA VAL T 36 -60.38 -13.43 42.21
C VAL T 36 -61.18 -12.18 42.62
N PRO T 37 -62.49 -12.30 42.85
CA PRO T 37 -63.26 -11.11 43.23
C PRO T 37 -62.50 -10.13 44.15
N VAL T 38 -62.83 -8.80 43.95
CA VAL T 38 -62.37 -7.72 44.85
C VAL T 38 -63.35 -7.51 46.03
N ALA T 39 -62.82 -7.70 47.25
CA ALA T 39 -63.58 -7.82 48.53
C ALA T 39 -63.14 -9.13 49.21
N GLU T 40 -63.13 -10.18 48.36
CA GLU T 40 -62.55 -11.50 48.63
C GLU T 40 -61.01 -11.47 48.57
N ARG T 41 -60.46 -10.62 47.67
CA ARG T 41 -59.00 -10.36 47.60
C ARG T 41 -58.50 -9.57 48.81
N LYS T 42 -59.27 -8.51 49.17
CA LYS T 42 -59.02 -7.62 50.34
C LYS T 42 -59.12 -8.34 51.72
N GLY T 43 -59.96 -9.38 51.85
CA GLY T 43 -60.16 -10.14 53.11
C GLY T 43 -59.16 -11.16 53.32
N ALA T 44 -58.15 -11.26 52.29
CA ALA T 44 -57.01 -12.05 52.38
C ALA T 44 -56.08 -11.60 53.52
N ALA T 45 -56.00 -10.26 53.67
CA ALA T 45 -55.16 -9.68 54.78
C ALA T 45 -55.53 -10.18 56.12
N GLU T 46 -56.82 -10.08 56.32
CA GLU T 46 -57.40 -10.58 57.54
C GLU T 46 -57.10 -12.08 57.67
N GLU T 47 -57.22 -12.81 56.54
CA GLU T 47 -57.20 -14.28 56.56
C GLU T 47 -55.91 -14.80 57.20
N VAL T 48 -54.81 -14.19 56.77
CA VAL T 48 -53.46 -14.52 57.19
C VAL T 48 -53.20 -14.15 58.66
N LYS T 49 -53.66 -12.95 59.05
CA LYS T 49 -53.64 -12.48 60.44
C LYS T 49 -54.27 -13.47 61.46
N LYS T 50 -55.29 -14.22 61.02
CA LYS T 50 -55.93 -15.30 61.82
C LYS T 50 -55.21 -16.67 61.74
N LEU T 51 -54.53 -16.92 60.61
CA LEU T 51 -53.69 -18.12 60.46
C LEU T 51 -52.37 -18.02 61.23
N ILE T 52 -51.97 -16.76 61.47
CA ILE T 52 -50.80 -16.53 62.32
C ILE T 52 -51.17 -16.50 63.79
N GLU T 53 -52.27 -15.81 64.14
CA GLU T 53 -52.77 -15.92 65.50
C GLU T 53 -52.93 -17.42 65.81
N LYS T 54 -53.43 -18.19 64.82
CA LYS T 54 -53.72 -19.59 65.06
C LYS T 54 -52.37 -20.14 65.59
N HIS T 55 -51.24 -19.88 64.94
CA HIS T 55 -49.91 -20.31 65.37
C HIS T 55 -48.92 -19.32 66.14
N LYS T 56 -49.66 -18.80 67.23
CA LYS T 56 -49.00 -17.96 68.28
C LYS T 56 -47.88 -18.78 68.90
N ASP T 57 -48.27 -19.98 69.38
CA ASP T 57 -47.42 -20.84 70.21
C ASP T 57 -46.73 -21.97 69.39
N ASN T 58 -46.81 -21.91 68.07
CA ASN T 58 -46.11 -22.88 67.19
C ASN T 58 -44.95 -22.25 66.43
N VAL T 59 -45.22 -21.10 65.81
CA VAL T 59 -44.25 -20.43 64.96
C VAL T 59 -44.28 -18.92 65.23
N LEU T 60 -43.31 -18.21 64.63
CA LEU T 60 -43.23 -16.74 64.65
C LEU T 60 -43.20 -16.24 63.20
N VAL T 61 -44.07 -15.29 62.89
CA VAL T 61 -44.23 -14.90 61.50
C VAL T 61 -43.73 -13.48 61.20
N ASP T 62 -43.02 -13.35 60.09
CA ASP T 62 -42.62 -12.08 59.51
C ASP T 62 -42.92 -12.13 58.04
N LEU T 63 -43.53 -11.07 57.55
CA LEU T 63 -43.86 -11.00 56.14
C LEU T 63 -43.27 -9.73 55.51
N TYR T 64 -42.74 -9.90 54.31
CA TYR T 64 -41.95 -8.85 53.61
C TYR T 64 -42.39 -8.68 52.15
N LEU T 65 -42.68 -7.40 51.81
CA LEU T 65 -43.20 -7.05 50.49
C LEU T 65 -42.06 -6.80 49.54
N THR T 66 -42.08 -7.52 48.42
CA THR T 66 -41.09 -7.34 47.38
C THR T 66 -41.63 -7.13 45.94
N ARG T 67 -42.95 -7.02 45.74
CA ARG T 67 -43.48 -6.86 44.39
C ARG T 67 -42.88 -5.60 43.76
N GLY T 68 -42.65 -5.62 42.44
CA GLY T 68 -42.12 -4.44 41.79
C GLY T 68 -40.66 -4.07 42.14
N LEU T 69 -40.03 -4.91 42.97
CA LEU T 69 -38.62 -4.79 43.35
C LEU T 69 -37.83 -6.10 43.16
N GLU T 70 -38.52 -7.15 42.69
CA GLU T 70 -37.92 -8.47 42.39
C GLU T 70 -38.64 -9.10 41.21
N THR T 71 -37.99 -10.00 40.50
CA THR T 71 -38.61 -10.70 39.37
C THR T 71 -39.41 -11.89 39.83
N ASN T 72 -38.94 -12.51 40.92
CA ASN T 72 -39.44 -13.82 41.34
C ASN T 72 -40.02 -13.90 42.76
N SER T 73 -40.72 -12.83 43.15
CA SER T 73 -41.29 -12.72 44.47
C SER T 73 -42.06 -11.41 44.69
N ASP T 74 -43.32 -11.54 45.11
CA ASP T 74 -44.12 -10.38 45.41
C ASP T 74 -44.14 -10.20 46.93
N PHE T 75 -43.79 -11.30 47.61
CA PHE T 75 -43.67 -11.37 49.07
C PHE T 75 -42.96 -12.63 49.49
N PHE T 76 -42.46 -12.65 50.72
CA PHE T 76 -41.88 -13.86 51.31
C PHE T 76 -41.99 -13.92 52.85
N PHE T 77 -42.25 -15.12 53.40
CA PHE T 77 -42.30 -15.35 54.85
C PHE T 77 -40.91 -15.62 55.44
N ARG T 78 -40.74 -15.28 56.72
CA ARG T 78 -39.73 -15.90 57.55
C ARG T 78 -40.48 -16.53 58.69
N ILE T 79 -40.26 -17.83 58.83
CA ILE T 79 -40.82 -18.64 59.91
C ILE T 79 -39.67 -19.03 60.84
N ASN T 80 -39.76 -18.60 62.10
CA ASN T 80 -38.89 -19.11 63.17
C ASN T 80 -39.64 -20.12 64.05
N ALA T 81 -39.05 -21.30 64.22
CA ALA T 81 -39.71 -22.41 64.96
C ALA T 81 -38.73 -23.27 65.76
N TYR T 82 -39.28 -23.95 66.78
CA TYR T 82 -38.58 -24.94 67.61
C TYR T 82 -38.57 -26.34 66.98
N ASP T 83 -39.59 -26.59 66.15
CA ASP T 83 -39.79 -27.86 65.48
C ASP T 83 -39.95 -27.57 63.98
N LEU T 84 -39.11 -28.16 63.10
CA LEU T 84 -39.28 -27.84 61.67
C LEU T 84 -40.63 -28.30 61.13
N ALA T 85 -41.09 -29.47 61.58
CA ALA T 85 -42.45 -30.01 61.32
C ALA T 85 -43.62 -28.99 61.47
N LYS T 86 -43.53 -28.16 62.51
CA LYS T 86 -44.50 -27.05 62.75
C LYS T 86 -44.37 -25.87 61.78
N ALA T 87 -43.16 -25.64 61.25
CA ALA T 87 -42.98 -24.66 60.19
C ALA T 87 -43.61 -25.20 58.90
N GLN T 88 -43.45 -26.50 58.66
CA GLN T 88 -44.01 -27.12 57.47
C GLN T 88 -45.52 -27.03 57.54
N THR T 89 -46.08 -27.26 58.74
CA THR T 89 -47.49 -27.01 58.96
C THR T 89 -47.83 -25.58 58.53
N PHE T 90 -47.36 -24.57 59.26
CA PHE T 90 -47.73 -23.16 58.95
C PHE T 90 -47.77 -22.87 57.44
N MET T 91 -46.72 -23.31 56.78
CA MET T 91 -46.54 -23.06 55.39
C MET T 91 -47.56 -23.80 54.52
N ARG T 92 -47.96 -24.98 54.95
CA ARG T 92 -48.84 -25.81 54.15
C ARG T 92 -50.30 -25.32 54.15
N GLU T 93 -50.66 -24.70 55.28
CA GLU T 93 -51.99 -24.15 55.51
C GLU T 93 -52.02 -22.69 55.10
N PHE T 94 -50.84 -22.11 54.88
CA PHE T 94 -50.81 -20.83 54.19
C PHE T 94 -51.04 -21.06 52.70
N ARG T 95 -50.42 -22.09 52.15
CA ARG T 95 -50.58 -22.41 50.73
C ARG T 95 -52.00 -22.89 50.37
N SER T 96 -52.74 -23.32 51.38
CA SER T 96 -54.16 -23.54 51.23
C SER T 96 -54.95 -22.22 51.23
N THR T 97 -54.34 -21.11 51.71
CA THR T 97 -55.11 -19.86 51.96
C THR T 97 -55.55 -19.12 50.66
N THR T 98 -56.41 -18.07 50.79
CA THR T 98 -56.91 -17.29 49.63
C THR T 98 -55.76 -16.78 48.72
N VAL T 99 -54.85 -15.98 49.30
CA VAL T 99 -53.58 -15.58 48.62
C VAL T 99 -52.73 -16.80 48.23
N GLY T 100 -52.66 -17.78 49.13
CA GLY T 100 -51.87 -19.01 48.93
C GLY T 100 -52.35 -19.89 47.78
N LYS T 101 -53.67 -20.03 47.63
CA LYS T 101 -54.25 -20.71 46.47
C LYS T 101 -53.72 -20.04 45.19
N ASN T 102 -53.60 -18.71 45.25
CA ASN T 102 -53.27 -17.89 44.10
C ASN T 102 -51.80 -17.53 43.93
N ALA T 103 -50.94 -18.15 44.71
CA ALA T 103 -49.51 -17.87 44.59
C ALA T 103 -48.74 -19.11 44.18
N ASP T 104 -47.53 -18.90 43.63
CA ASP T 104 -46.56 -19.98 43.34
C ASP T 104 -45.26 -19.73 44.09
N VAL T 105 -44.75 -20.78 44.73
CA VAL T 105 -43.48 -20.73 45.47
C VAL T 105 -42.23 -20.80 44.56
N PHE T 106 -41.33 -19.81 44.66
CA PHE T 106 -40.19 -19.75 43.76
C PHE T 106 -38.85 -20.03 44.45
N GLU T 107 -38.82 -19.86 45.77
CA GLU T 107 -37.65 -20.16 46.56
C GLU T 107 -37.99 -20.72 47.93
N THR T 108 -37.31 -21.78 48.36
CA THR T 108 -37.41 -22.24 49.76
C THR T 108 -36.05 -22.52 50.38
N LEU T 109 -35.81 -21.87 51.51
CA LEU T 109 -34.53 -21.97 52.18
C LEU T 109 -34.77 -22.37 53.61
N VAL T 110 -34.23 -23.53 53.98
CA VAL T 110 -34.40 -24.06 55.32
C VAL T 110 -33.04 -24.01 56.04
N GLY T 111 -33.03 -23.49 57.26
CA GLY T 111 -31.77 -23.28 57.97
C GLY T 111 -32.00 -23.35 59.45
N VAL T 112 -30.92 -23.46 60.21
CA VAL T 112 -31.03 -23.54 61.66
C VAL T 112 -30.06 -22.61 62.40
N THR T 113 -30.51 -22.09 63.53
CA THR T 113 -29.69 -21.21 64.34
C THR T 113 -28.76 -22.06 65.21
N LYS T 114 -27.52 -21.62 65.31
CA LYS T 114 -26.50 -22.38 66.05
C LYS T 114 -25.68 -21.44 66.92
N PRO T 115 -24.92 -21.98 67.88
CA PRO T 115 -23.99 -21.09 68.60
C PRO T 115 -22.94 -20.48 67.67
N LEU T 116 -22.29 -19.44 68.22
CA LEU T 116 -21.15 -18.79 67.58
C LEU T 116 -20.03 -19.82 67.30
N ASN T 117 -19.61 -19.94 66.03
CA ASN T 117 -18.55 -20.88 65.62
C ASN T 117 -17.18 -20.25 65.66
N TYR T 118 -17.15 -18.95 65.40
CA TYR T 118 -15.89 -18.29 65.27
C TYR T 118 -15.76 -17.18 66.29
N ILE T 119 -16.61 -16.15 66.18
CA ILE T 119 -16.37 -14.94 66.95
C ILE T 119 -17.02 -15.03 68.33
N SER T 120 -16.56 -16.02 69.09
CA SER T 120 -17.09 -16.34 70.40
C SER T 120 -16.20 -15.76 71.47
N LYS T 121 -16.71 -15.81 72.71
CA LYS T 121 -15.96 -15.40 73.89
C LYS T 121 -14.69 -16.23 74.02
N ASP T 122 -14.81 -17.54 73.82
CA ASP T 122 -13.67 -18.47 73.91
C ASP T 122 -12.60 -18.27 72.86
N LYS T 123 -13.02 -17.96 71.63
CA LYS T 123 -12.12 -17.97 70.49
C LYS T 123 -11.56 -16.61 70.09
N SER T 124 -12.41 -15.57 70.18
CA SER T 124 -12.03 -14.24 69.71
C SER T 124 -12.66 -13.23 70.66
N PRO T 125 -12.06 -13.07 71.85
CA PRO T 125 -12.80 -12.43 72.94
C PRO T 125 -12.96 -10.93 72.67
N GLY T 126 -11.93 -10.33 72.06
CA GLY T 126 -11.88 -8.89 71.75
C GLY T 126 -12.86 -8.40 70.70
N LEU T 127 -13.09 -9.20 69.66
CA LEU T 127 -14.10 -8.92 68.66
C LEU T 127 -15.50 -9.33 69.15
N ASN T 128 -15.56 -10.37 69.99
CA ASN T 128 -16.84 -10.79 70.57
C ASN T 128 -17.40 -9.71 71.46
N ALA T 129 -16.52 -9.07 72.23
CA ALA T 129 -16.86 -7.93 73.09
C ALA T 129 -17.33 -6.66 72.34
N GLY T 130 -16.79 -6.42 71.14
CA GLY T 130 -17.30 -5.36 70.27
C GLY T 130 -18.67 -5.78 69.74
N LEU T 131 -18.71 -6.97 69.13
CA LEU T 131 -19.91 -7.60 68.54
C LEU T 131 -21.17 -7.58 69.41
N SER T 132 -21.09 -8.20 70.59
CA SER T 132 -22.28 -8.32 71.44
C SER T 132 -22.68 -7.00 72.13
N SER T 133 -21.79 -6.01 72.13
CA SER T 133 -22.10 -4.68 72.69
C SER T 133 -21.98 -3.57 71.63
N ALA T 134 -22.67 -3.80 70.52
CA ALA T 134 -22.97 -2.77 69.57
C ALA T 134 -24.49 -2.72 69.51
N THR T 135 -25.03 -1.54 69.22
CA THR T 135 -26.44 -1.28 69.41
C THR T 135 -27.00 -0.36 68.34
N TYR T 136 -28.09 -0.81 67.72
CA TYR T 136 -28.69 -0.15 66.56
C TYR T 136 -29.29 1.23 66.86
N SER T 137 -28.89 2.24 66.06
CA SER T 137 -29.31 3.65 66.21
C SER T 137 -30.39 4.11 65.21
N GLY T 138 -30.77 5.38 65.34
CA GLY T 138 -31.62 6.05 64.37
C GLY T 138 -32.98 5.41 64.10
N PRO T 139 -33.44 5.48 62.83
CA PRO T 139 -34.83 5.19 62.47
C PRO T 139 -35.13 3.69 62.33
N ALA T 140 -36.41 3.35 62.48
CA ALA T 140 -36.88 1.97 62.32
C ALA T 140 -36.61 1.45 60.90
N PRO T 141 -36.03 0.24 60.81
CA PRO T 141 -35.75 -0.40 59.51
C PRO T 141 -37.00 -0.54 58.63
N ARG T 142 -36.86 -0.16 57.36
CA ARG T 142 -37.93 -0.25 56.37
C ARG T 142 -37.62 -1.30 55.29
N TYR T 143 -36.36 -1.66 55.14
CA TYR T 143 -35.91 -2.51 54.05
C TYR T 143 -35.25 -3.79 54.54
N VAL T 144 -35.57 -4.90 53.88
CA VAL T 144 -35.03 -6.22 54.25
C VAL T 144 -34.24 -6.88 53.15
N ILE T 145 -33.11 -7.46 53.53
CA ILE T 145 -32.31 -8.26 52.62
C ILE T 145 -32.14 -9.72 53.09
N VAL T 146 -32.30 -10.65 52.15
CA VAL T 146 -32.05 -12.06 52.44
C VAL T 146 -31.19 -12.73 51.38
N ILE T 147 -30.01 -13.18 51.82
CA ILE T 147 -28.94 -13.62 50.94
C ILE T 147 -28.48 -15.03 51.31
N PRO T 148 -28.77 -16.02 50.45
CA PRO T 148 -28.17 -17.34 50.64
C PRO T 148 -26.70 -17.23 50.35
N VAL T 149 -25.88 -17.96 51.09
CA VAL T 149 -24.45 -17.99 50.91
C VAL T 149 -23.98 -19.43 50.94
N LYS T 150 -23.42 -19.90 49.82
CA LYS T 150 -22.67 -21.15 49.79
C LYS T 150 -21.13 -20.92 49.59
N LYS T 151 -20.31 -21.56 50.44
CA LYS T 151 -18.87 -21.57 50.27
C LYS T 151 -18.38 -22.89 49.67
N ASN T 152 -17.21 -22.88 48.99
CA ASN T 152 -16.73 -24.07 48.24
C ASN T 152 -15.96 -25.08 49.09
N ALA T 153 -15.73 -26.27 48.55
CA ALA T 153 -14.95 -27.30 49.24
C ALA T 153 -13.55 -26.82 49.78
N GLU T 154 -12.85 -26.01 48.98
CA GLU T 154 -11.60 -25.45 49.45
C GLU T 154 -11.77 -24.75 50.79
N TRP T 155 -12.80 -23.92 50.92
CA TRP T 155 -13.07 -23.24 52.18
C TRP T 155 -13.17 -24.23 53.34
N TRP T 156 -14.05 -25.22 53.20
CA TRP T 156 -14.33 -26.17 54.28
C TRP T 156 -13.12 -27.01 54.61
N ASN T 157 -12.17 -27.08 53.69
CA ASN T 157 -10.95 -27.85 53.94
C ASN T 157 -9.80 -27.10 54.64
N MET T 158 -9.90 -25.78 54.77
CA MET T 158 -8.94 -25.04 55.55
C MET T 158 -9.19 -25.37 57.02
N SER T 159 -8.13 -25.46 57.80
CA SER T 159 -8.20 -25.74 59.21
C SER T 159 -9.08 -24.69 59.88
N PRO T 160 -9.70 -25.03 61.04
CA PRO T 160 -10.47 -24.04 61.82
C PRO T 160 -9.64 -22.81 62.17
N GLU T 161 -8.34 -23.02 62.37
CA GLU T 161 -7.39 -21.96 62.68
C GLU T 161 -7.29 -21.00 61.51
N GLU T 162 -7.37 -21.52 60.28
CA GLU T 162 -7.32 -20.68 59.08
C GLU T 162 -8.70 -20.01 58.88
N ARG T 163 -9.77 -20.74 59.15
CA ARG T 163 -11.12 -20.20 58.97
C ARG T 163 -11.51 -19.11 59.98
N LEU T 164 -11.05 -19.25 61.22
CA LEU T 164 -11.24 -18.20 62.23
C LEU T 164 -10.54 -16.91 61.82
N LYS T 165 -9.29 -17.01 61.33
CA LYS T 165 -8.59 -15.79 60.89
C LYS T 165 -9.44 -15.07 59.84
N GLU T 166 -9.89 -15.80 58.84
CA GLU T 166 -10.76 -15.24 57.82
C GLU T 166 -12.00 -14.59 58.39
N MET T 167 -12.60 -15.25 59.36
CA MET T 167 -13.85 -14.79 60.01
C MET T 167 -13.67 -13.59 60.93
N GLU T 168 -12.49 -13.50 61.55
CA GLU T 168 -12.03 -12.28 62.20
C GLU T 168 -11.94 -11.09 61.22
N VAL T 169 -11.48 -11.34 60.00
CA VAL T 169 -11.42 -10.33 58.92
C VAL T 169 -12.80 -9.94 58.38
N HIS T 170 -13.72 -10.91 58.32
CA HIS T 170 -15.12 -10.66 58.00
C HIS T 170 -15.65 -9.66 59.01
N THR T 171 -15.36 -9.92 60.27
CA THR T 171 -15.95 -9.21 61.39
C THR T 171 -15.44 -7.78 61.66
N THR T 172 -14.14 -7.55 61.51
CA THR T 172 -13.57 -6.21 61.84
C THR T 172 -14.29 -5.04 61.11
N PRO T 173 -14.26 -5.02 59.75
CA PRO T 173 -14.90 -3.91 58.99
C PRO T 173 -16.41 -3.79 59.16
N THR T 174 -17.09 -4.90 59.44
CA THR T 174 -18.54 -4.92 59.52
C THR T 174 -19.07 -4.52 60.87
N LEU T 175 -18.18 -4.46 61.87
CA LEU T 175 -18.60 -4.07 63.22
C LEU T 175 -19.17 -2.65 63.31
N ALA T 176 -18.61 -1.72 62.54
CA ALA T 176 -19.02 -0.32 62.59
C ALA T 176 -20.39 -0.07 61.95
N TYR T 177 -20.86 -1.02 61.12
CA TYR T 177 -22.17 -0.92 60.45
C TYR T 177 -23.33 -1.48 61.27
N LEU T 178 -23.06 -1.95 62.48
CA LEU T 178 -24.13 -2.49 63.35
C LEU T 178 -25.12 -1.42 63.82
N VAL T 179 -24.66 -0.17 63.82
CA VAL T 179 -25.49 1.00 64.15
C VAL T 179 -26.58 1.26 63.10
N ASN T 180 -26.38 0.67 61.91
CA ASN T 180 -27.20 0.92 60.71
C ASN T 180 -28.00 -0.28 60.26
N VAL T 181 -27.46 -1.47 60.56
CA VAL T 181 -27.96 -2.74 60.05
C VAL T 181 -28.11 -3.77 61.18
N LYS T 182 -29.20 -4.55 61.13
CA LYS T 182 -29.43 -5.65 62.08
C LYS T 182 -29.28 -6.93 61.27
N ARG T 183 -28.68 -7.94 61.90
CA ARG T 183 -28.26 -9.19 61.22
C ARG T 183 -28.81 -10.44 61.91
N LYS T 184 -29.08 -11.49 61.11
CA LYS T 184 -29.33 -12.82 61.64
C LYS T 184 -28.71 -13.89 60.74
N LEU T 185 -28.11 -14.91 61.36
CA LEU T 185 -27.42 -15.98 60.65
C LEU T 185 -28.07 -17.36 60.86
N TYR T 186 -28.54 -17.98 59.78
CA TYR T 186 -29.03 -19.36 59.82
C TYR T 186 -28.00 -20.24 59.13
N HIS T 187 -27.87 -21.48 59.61
CA HIS T 187 -26.98 -22.50 59.04
C HIS T 187 -27.77 -23.61 58.32
N SER T 188 -27.33 -23.99 57.12
CA SER T 188 -28.17 -24.81 56.24
C SER T 188 -27.49 -26.05 55.67
N THR T 189 -26.18 -26.13 55.81
CA THR T 189 -25.46 -27.18 55.10
C THR T 189 -26.09 -28.55 55.36
N GLY T 190 -26.44 -29.25 54.30
CA GLY T 190 -27.06 -30.57 54.43
C GLY T 190 -28.57 -30.52 54.54
N LEU T 191 -29.10 -29.32 54.75
CA LEU T 191 -30.53 -29.14 54.98
C LEU T 191 -31.21 -28.58 53.73
N ASP T 192 -30.50 -27.68 53.03
CA ASP T 192 -30.94 -27.10 51.77
C ASP T 192 -29.68 -26.72 50.98
N ASP T 193 -29.90 -26.22 49.77
CA ASP T 193 -28.82 -25.96 48.81
C ASP T 193 -28.06 -24.66 49.05
N THR T 194 -27.34 -24.64 50.17
CA THR T 194 -26.64 -23.46 50.65
C THR T 194 -25.92 -23.79 51.96
N ASP T 195 -24.91 -23.02 52.32
CA ASP T 195 -24.30 -23.24 53.61
C ASP T 195 -24.94 -22.34 54.65
N PHE T 196 -25.38 -21.15 54.24
CA PHE T 196 -26.01 -20.19 55.14
C PHE T 196 -27.16 -19.47 54.50
N ILE T 197 -28.04 -18.94 55.34
CA ILE T 197 -29.04 -18.01 54.93
C ILE T 197 -28.81 -16.78 55.76
N THR T 198 -28.55 -15.64 55.12
CA THR T 198 -28.33 -14.40 55.89
C THR T 198 -29.50 -13.40 55.80
N TYR T 199 -29.76 -12.71 56.91
CA TYR T 199 -30.97 -11.91 57.12
C TYR T 199 -30.67 -10.48 57.62
N PHE T 200 -31.03 -9.47 56.85
CA PHE T 200 -30.72 -8.09 57.24
C PHE T 200 -31.91 -7.12 57.30
N GLU T 201 -31.91 -6.29 58.31
CA GLU T 201 -32.82 -5.19 58.31
C GLU T 201 -31.97 -3.95 58.30
N THR T 202 -32.36 -2.97 57.48
CA THR T 202 -31.73 -1.63 57.50
C THR T 202 -32.58 -0.51 56.89
N ASP T 203 -32.19 0.72 57.16
CA ASP T 203 -32.81 1.87 56.50
C ASP T 203 -31.92 2.62 55.49
N ASP T 204 -30.60 2.54 55.66
CA ASP T 204 -29.65 3.13 54.73
C ASP T 204 -29.16 2.05 53.76
N LEU T 205 -29.79 1.97 52.59
CA LEU T 205 -29.39 0.98 51.56
C LEU T 205 -27.99 1.24 50.99
N THR T 206 -27.62 2.52 50.90
CA THR T 206 -26.27 2.96 50.55
C THR T 206 -25.22 2.35 51.53
N ALA T 207 -25.39 2.59 52.83
CA ALA T 207 -24.53 1.95 53.82
C ALA T 207 -24.50 0.44 53.60
N PHE T 208 -25.67 -0.16 53.28
CA PHE T 208 -25.72 -1.62 53.05
C PHE T 208 -24.82 -2.02 51.89
N ASN T 209 -24.93 -1.28 50.79
CA ASN T 209 -24.02 -1.42 49.69
C ASN T 209 -22.57 -1.30 50.16
N ASN T 210 -22.24 -0.20 50.83
CA ASN T 210 -20.87 0.01 51.29
C ASN T 210 -20.32 -1.15 52.11
N LEU T 211 -21.22 -1.81 52.86
CA LEU T 211 -20.90 -2.97 53.68
C LEU T 211 -20.61 -4.21 52.84
N MET T 212 -21.43 -4.50 51.81
CA MET T 212 -21.18 -5.67 50.95
C MET T 212 -19.91 -5.46 50.16
N LEU T 213 -19.65 -4.22 49.85
CA LEU T 213 -18.45 -3.87 49.14
C LEU T 213 -17.21 -4.11 50.02
N SER T 214 -17.36 -3.97 51.34
CA SER T 214 -16.26 -4.19 52.30
C SER T 214 -15.92 -5.66 52.38
N LEU T 215 -16.99 -6.46 52.27
CA LEU T 215 -16.94 -7.88 52.48
C LEU T 215 -16.58 -8.58 51.21
N ALA T 216 -16.96 -7.98 50.08
CA ALA T 216 -16.55 -8.49 48.79
C ALA T 216 -15.03 -8.33 48.61
N GLN T 217 -14.46 -7.35 49.31
CA GLN T 217 -13.05 -7.01 49.23
C GLN T 217 -12.16 -7.72 50.25
N VAL T 218 -12.65 -8.81 50.86
CA VAL T 218 -11.77 -9.61 51.71
C VAL T 218 -11.57 -11.00 51.13
N LYS T 219 -10.56 -11.71 51.65
CA LYS T 219 -10.19 -13.04 51.19
C LYS T 219 -11.34 -14.06 51.26
N GLU T 220 -12.16 -13.98 52.32
CA GLU T 220 -13.26 -14.94 52.52
C GLU T 220 -14.16 -14.98 51.29
N ASN T 221 -14.39 -13.82 50.68
CA ASN T 221 -15.22 -13.67 49.47
C ASN T 221 -14.79 -14.59 48.32
N LYS T 222 -13.50 -14.91 48.30
CA LYS T 222 -12.89 -15.75 47.26
C LYS T 222 -13.49 -17.14 47.19
N PHE T 223 -14.08 -17.60 48.30
CA PHE T 223 -14.56 -18.97 48.41
C PHE T 223 -16.06 -19.14 48.13
N HIS T 224 -16.77 -18.05 47.88
CA HIS T 224 -18.23 -18.13 47.63
C HIS T 224 -18.51 -18.76 46.27
N VAL T 225 -19.39 -19.75 46.25
CA VAL T 225 -19.97 -20.20 44.98
C VAL T 225 -21.41 -19.73 44.85
N ARG T 226 -21.98 -19.24 45.94
CA ARG T 226 -23.31 -18.66 45.94
C ARG T 226 -23.29 -17.52 46.94
N TRP T 227 -23.62 -16.32 46.47
CA TRP T 227 -23.59 -15.10 47.31
C TRP T 227 -24.82 -14.24 46.98
N GLY T 228 -25.99 -14.86 47.11
CA GLY T 228 -27.21 -14.32 46.56
C GLY T 228 -27.86 -15.40 45.71
N SER T 229 -28.33 -15.02 44.52
CA SER T 229 -28.99 -15.89 43.53
C SER T 229 -30.15 -16.74 44.09
N PRO T 230 -31.19 -16.07 44.62
CA PRO T 230 -31.44 -14.64 44.50
C PRO T 230 -30.98 -13.82 45.69
N THR T 231 -30.37 -12.68 45.43
CA THR T 231 -30.31 -11.64 46.43
C THR T 231 -31.70 -11.02 46.48
N THR T 232 -32.32 -10.99 47.66
CA THR T 232 -33.71 -10.54 47.78
C THR T 232 -33.85 -9.34 48.72
N LEU T 233 -34.29 -8.22 48.15
CA LEU T 233 -34.43 -6.96 48.83
C LEU T 233 -35.88 -6.68 48.75
N GLY T 234 -36.51 -6.53 49.90
CA GLY T 234 -37.91 -6.15 49.99
C GLY T 234 -38.12 -5.11 51.06
N THR T 235 -39.37 -5.02 51.52
CA THR T 235 -39.77 -3.91 52.37
C THR T 235 -40.62 -4.40 53.56
N ILE T 236 -40.27 -3.95 54.77
CA ILE T 236 -40.86 -4.45 56.01
C ILE T 236 -42.11 -3.66 56.35
N HIS T 237 -43.20 -4.38 56.62
CA HIS T 237 -44.46 -3.87 57.18
C HIS T 237 -45.01 -4.94 58.11
N SER T 238 -46.14 -4.68 58.74
CA SER T 238 -46.87 -5.76 59.40
C SER T 238 -47.44 -6.68 58.29
N PRO T 239 -47.42 -8.03 58.48
CA PRO T 239 -47.93 -8.94 57.44
C PRO T 239 -49.34 -8.56 56.85
N GLU T 240 -50.24 -8.00 57.69
CA GLU T 240 -51.58 -7.59 57.25
C GLU T 240 -51.54 -6.41 56.25
N ASP T 241 -50.60 -5.49 56.45
CA ASP T 241 -50.36 -4.43 55.47
C ASP T 241 -49.80 -5.02 54.18
N VAL T 242 -48.97 -6.05 54.32
CA VAL T 242 -48.37 -6.69 53.15
C VAL T 242 -49.45 -7.30 52.24
N ILE T 243 -50.34 -8.10 52.80
CA ILE T 243 -51.36 -8.73 51.95
C ILE T 243 -52.33 -7.68 51.42
N LYS T 244 -52.79 -6.79 52.34
CA LYS T 244 -53.68 -5.66 52.03
C LYS T 244 -53.12 -4.84 50.86
N ALA T 245 -51.78 -4.77 50.81
CA ALA T 245 -51.10 -4.12 49.72
C ALA T 245 -51.14 -5.00 48.48
N LEU T 246 -51.10 -6.31 48.67
CA LEU T 246 -51.14 -7.29 47.58
C LEU T 246 -52.48 -7.40 46.89
N ALA T 247 -53.51 -6.84 47.56
CA ALA T 247 -54.91 -6.85 47.11
C ALA T 247 -55.20 -6.18 45.76
N ASP T 248 -55.04 -4.85 45.69
CA ASP T 248 -55.34 -4.08 44.46
C ASP T 248 -54.43 -4.48 43.29
CHA HEM U . 34.12 -27.61 33.10
CHB HEM U . 37.32 -30.76 31.40
CHC HEM U . 39.54 -27.30 28.95
CHD HEM U . 36.18 -24.14 30.44
C1A HEM U . 34.82 -28.77 32.83
C2A HEM U . 34.54 -30.05 33.42
C3A HEM U . 35.42 -30.91 32.96
C4A HEM U . 36.28 -30.20 32.07
CMA HEM U . 35.54 -32.40 33.29
CAA HEM U . 33.37 -30.34 34.41
CBA HEM U . 33.86 -30.20 35.82
CGA HEM U . 32.68 -30.36 36.73
O1A HEM U . 32.80 -30.69 37.89
O2A HEM U . 31.53 -30.12 36.36
C1B HEM U . 38.23 -30.08 30.67
C2B HEM U . 39.47 -30.64 30.15
C3B HEM U . 40.07 -29.66 29.48
C4B HEM U . 39.24 -28.48 29.53
CMB HEM U . 40.03 -32.05 30.32
CAB HEM U . 41.43 -29.75 28.80
CBB HEM U . 41.53 -30.14 27.54
C1C HEM U . 38.78 -26.17 29.04
C2C HEM U . 38.97 -24.92 28.31
C3C HEM U . 38.04 -24.08 28.72
C4C HEM U . 37.20 -24.74 29.73
CMC HEM U . 40.00 -24.57 27.25
CAC HEM U . 37.90 -22.65 28.13
CBC HEM U . 38.14 -21.60 28.93
C1D HEM U . 35.35 -24.70 31.36
C2D HEM U . 34.27 -24.09 32.06
C3D HEM U . 33.61 -25.18 32.91
C4D HEM U . 34.35 -26.35 32.60
CMD HEM U . 33.87 -22.61 31.96
CAD HEM U . 32.38 -25.10 33.83
CBD HEM U . 31.11 -25.43 33.00
CGD HEM U . 29.94 -25.29 33.88
O1D HEM U . 28.95 -26.00 33.85
O2D HEM U . 29.89 -24.39 34.73
NA HEM U . 35.92 -28.91 31.98
NB HEM U . 38.11 -28.74 30.28
NC HEM U . 37.70 -26.02 29.86
ND HEM U . 35.36 -26.02 31.70
FE HEM U . 36.89 -27.43 30.89
N NO2 V . 38.95 -26.56 32.66
O1 NO2 V . 39.09 -25.60 33.69
O2 NO2 V . 37.55 -26.97 32.83
CA CA W . 45.18 -11.07 25.35
CHA HEM X . 22.95 6.82 -0.12
CHB HEM X . 20.15 10.65 -1.23
CHC HEM X . 20.19 12.37 3.26
CHD HEM X . 22.61 8.38 4.44
C1A HEM X . 22.19 7.73 -0.83
C2A HEM X . 21.88 7.68 -2.24
C3A HEM X . 21.08 8.76 -2.52
C4A HEM X . 20.89 9.50 -1.33
CMA HEM X . 20.46 9.22 -3.85
CAA HEM X . 22.35 6.55 -3.19
CBA HEM X . 23.70 6.90 -3.76
CGA HEM X . 24.30 5.73 -4.49
O1A HEM X . 25.24 5.94 -5.26
O2A HEM X . 23.95 4.54 -4.37
C1B HEM X . 20.03 11.48 -0.13
C2B HEM X . 19.55 12.88 -0.17
C3B HEM X . 19.59 13.33 1.04
C4B HEM X . 20.06 12.27 1.91
CMB HEM X . 19.09 13.74 -1.35
CAB HEM X . 19.19 14.75 1.46
CBB HEM X . 18.46 14.74 2.58
C1C HEM X . 20.72 11.38 4.02
C2C HEM X . 20.78 11.32 5.45
C3C HEM X . 21.42 10.20 5.76
C4C HEM X . 21.83 9.53 4.51
CMC HEM X . 20.19 12.34 6.44
CAC HEM X . 21.68 9.69 7.20
CBC HEM X . 22.79 10.10 7.77
C1D HEM X . 23.03 7.63 3.38
C2D HEM X . 23.86 6.44 3.43
C3D HEM X . 23.96 5.96 1.98
C4D HEM X . 23.17 6.87 1.23
CMD HEM X . 24.50 5.84 4.71
CAD HEM X . 24.69 4.72 1.43
CBD HEM X . 23.63 3.59 1.23
CGD HEM X . 24.24 2.29 0.82
O1D HEM X . 23.71 1.37 0.16
O2D HEM X . 25.38 2.03 1.16
NA HEM X . 21.56 8.85 -0.32
NB HEM X . 20.31 11.15 1.18
NC HEM X . 21.35 10.27 3.48
ND HEM X . 22.65 7.83 2.09
FE HEM X . 21.47 9.65 1.68
N NO2 Y . 24.05 11.63 1.30
O1 NO2 Y . 25.25 11.43 2.06
O2 NO2 Y . 23.46 10.27 1.50
CA CA Z . 26.77 14.78 19.50
CHA HEM AA . 5.98 11.61 24.80
CHB HEM AA . 3.05 12.48 28.51
CHC HEM AA . 6.36 11.03 31.65
CHD HEM AA . 9.21 10.01 27.96
C1A HEM AA . 4.89 11.98 25.56
C2A HEM AA . 3.63 12.54 25.04
C3A HEM AA . 2.82 12.80 26.10
C4A HEM AA . 3.56 12.38 27.27
CMA HEM AA . 1.40 13.38 26.18
CAA HEM AA . 3.32 12.79 23.54
CBA HEM AA . 3.79 14.17 23.16
CGA HEM AA . 3.60 14.35 21.69
O1A HEM AA . 3.53 15.46 21.19
O2A HEM AA . 3.53 13.44 20.88
C1B HEM AA . 3.77 12.23 29.66
C2B HEM AA . 3.29 12.63 30.98
C3B HEM AA . 4.21 12.26 31.82
C4B HEM AA . 5.26 11.57 31.07
CMB HEM AA . 2.03 13.36 31.36
CAB HEM AA . 4.18 12.53 33.32
CBB HEM AA . 4.20 11.51 34.15
C1C HEM AA . 7.35 10.51 30.93
C2C HEM AA . 8.45 9.78 31.47
C3C HEM AA . 9.24 9.48 30.47
C4C HEM AA . 8.67 10.07 29.23
CMC HEM AA . 8.69 9.37 32.92
CAC HEM AA . 10.54 8.62 30.61
CBC HEM AA . 11.73 9.20 30.38
C1D HEM AA . 8.70 10.35 26.75
C2D HEM AA . 9.33 10.24 25.44
C3D HEM AA . 8.28 10.76 24.45
C4D HEM AA . 7.16 11.11 25.25
CMD HEM AA . 10.75 9.71 25.09
CAD HEM AA . 8.38 10.85 22.90
CBD HEM AA . 7.75 9.55 22.35
CGD HEM AA . 7.84 9.56 20.85
O1D HEM AA . 7.01 9.17 20.03
O2D HEM AA . 8.83 10.01 20.34
NA HEM AA . 4.81 11.88 26.95
NB HEM AA . 5.00 11.56 29.72
NC HEM AA . 7.50 10.65 29.58
ND HEM AA . 7.45 10.86 26.57
FE HEM AA . 6.17 11.27 28.27
N NO2 BA . 7.48 13.76 28.98
O1 NO2 BA . 8.77 14.09 28.40
O2 NO2 BA . 6.58 13.38 27.88
CA CA CA . 22.55 8.35 37.87
CA CA DA . 40.80 2.79 11.60
CHA HEM EA . 40.60 -17.39 5.18
CHB HEM EA . 41.75 -16.24 0.65
CHC HEM EA . 40.95 -11.62 1.60
CHD HEM EA . 39.48 -12.77 6.03
C1A HEM EA . 40.99 -17.48 3.87
C2A HEM EA . 41.32 -18.73 3.19
C3A HEM EA . 41.64 -18.40 1.92
C4A HEM EA . 41.51 -16.96 1.79
CMA HEM EA . 42.08 -19.36 0.75
CAA HEM EA . 41.26 -20.13 3.85
CBA HEM EA . 42.67 -20.59 4.19
CGA HEM EA . 42.58 -21.77 5.10
O1A HEM EA . 43.63 -22.29 5.53
O2A HEM EA . 41.50 -22.22 5.49
C1B HEM EA . 41.68 -14.89 0.59
C2B HEM EA . 42.14 -14.13 -0.56
C3B HEM EA . 41.92 -12.86 -0.27
C4B HEM EA . 41.32 -12.77 1.02
CMB HEM EA . 42.77 -14.66 -1.85
CAB HEM EA . 42.29 -11.65 -1.14
CBB HEM EA . 41.35 -10.92 -1.70
C1C HEM EA . 40.41 -11.53 2.83
C2C HEM EA . 39.84 -10.33 3.43
C3C HEM EA . 39.43 -10.68 4.63
C4C HEM EA . 39.74 -12.08 4.85
CMC HEM EA . 39.71 -8.92 2.81
CAC HEM EA . 38.72 -9.73 5.63
CBC HEM EA . 39.27 -9.52 6.85
C1D HEM EA . 39.69 -14.07 6.28
C2D HEM EA . 39.46 -14.78 7.52
C3D HEM EA . 39.82 -16.24 7.22
C4D HEM EA . 40.21 -16.26 5.84
CMD HEM EA . 38.95 -14.25 8.87
CAD HEM EA . 39.71 -17.45 8.18
CBD HEM EA . 38.25 -18.05 8.03
CGD HEM EA . 38.16 -19.10 9.09
O1D HEM EA . 37.63 -20.21 8.92
O2D HEM EA . 38.73 -18.82 10.16
NA HEM EA . 41.09 -16.41 2.98
NB HEM EA . 41.17 -14.03 1.56
NC HEM EA . 40.31 -12.59 3.71
ND HEM EA . 40.11 -14.97 5.33
FE HEM EA . 40.67 -14.41 3.38
N NO2 FA . 43.23 -13.51 4.13
O1 NO2 FA . 43.73 -13.31 5.47
O2 NO2 FA . 42.51 -14.77 4.10
CA CA GA . 33.79 -7.63 41.57
CHA HEM HA . 12.83 -9.52 45.24
CHB HEM HA . 13.41 -12.94 48.60
CHC HEM HA . 18.13 -13.35 47.56
CHD HEM HA . 17.41 -10.31 43.88
C1A HEM HA . 12.57 -10.44 46.23
C2A HEM HA . 11.31 -10.70 46.88
C3A HEM HA . 11.50 -11.63 47.83
C4A HEM HA . 12.87 -11.99 47.80
CMA HEM HA . 10.52 -12.27 48.81
CAA HEM HA . 9.99 -9.98 46.51
CBA HEM HA . 9.88 -8.78 47.40
CGA HEM HA . 8.82 -7.86 46.89
O1A HEM HA . 8.19 -7.15 47.65
O2A HEM HA . 8.58 -7.73 45.70
C1B HEM HA . 14.74 -13.27 48.62
C2B HEM HA . 15.34 -14.15 49.66
C3B HEM HA . 16.63 -14.23 49.38
C4B HEM HA . 16.90 -13.45 48.17
CMB HEM HA . 14.63 -14.84 50.85
CAB HEM HA . 17.67 -15.00 50.21
CBB HEM HA . 18.49 -15.80 49.59
C1C HEM HA . 18.31 -12.65 46.41
C2C HEM HA . 19.50 -12.60 45.59
C3C HEM HA . 19.27 -11.76 44.58
C4C HEM HA . 17.93 -11.25 44.73
CMC HEM HA . 20.83 -13.37 45.76
CAC HEM HA . 20.25 -11.40 43.45
CBC HEM HA . 20.67 -10.13 43.47
C1D HEM HA . 16.16 -9.77 43.93
C2D HEM HA . 15.68 -8.71 43.04
C3D HEM HA . 14.25 -8.44 43.49
C4D HEM HA . 14.02 -9.38 44.58
CMD HEM HA . 16.43 -7.98 41.91
CAD HEM HA . 13.26 -7.45 42.83
CBD HEM HA . 12.50 -8.30 41.77
CGD HEM HA . 11.44 -7.50 41.13
O1D HEM HA . 10.30 -7.86 40.87
O2D HEM HA . 11.68 -6.35 40.85
NA HEM HA . 13.51 -11.30 46.81
NB HEM HA . 15.73 -12.89 47.72
NC HEM HA . 17.35 -11.81 45.83
ND HEM HA . 15.17 -10.14 44.80
FE HEM HA . 15.52 -11.54 46.28
N NO2 IA . 16.90 -9.83 47.90
O1 NO2 IA . 17.30 -8.48 47.83
O2 NO2 IA . 15.62 -9.77 47.19
CHA HEM JA . 16.26 39.47 -8.65
CHB HEM JA . 19.53 43.01 -8.22
CHC HEM JA . 16.35 46.43 -9.64
CHD HEM JA . 13.20 42.80 -10.38
C1A HEM JA . 17.43 40.14 -8.39
C2A HEM JA . 18.64 39.57 -7.82
C3A HEM JA . 19.52 40.58 -7.72
C4A HEM JA . 18.93 41.80 -8.18
CMA HEM JA . 20.95 40.49 -7.19
CAA HEM JA . 18.87 38.10 -7.46
CBA HEM JA . 18.22 37.75 -6.14
CGA HEM JA . 18.41 36.26 -5.89
O1A HEM JA . 18.95 35.85 -4.86
O2A HEM JA . 17.98 35.40 -6.68
C1B HEM JA . 18.92 44.22 -8.49
C2B HEM JA . 19.52 45.54 -8.23
C3B HEM JA . 18.66 46.46 -8.61
C4B HEM JA . 17.47 45.81 -9.14
CMB HEM JA . 20.90 45.87 -7.64
CAB HEM JA . 18.95 47.98 -8.46
CBB HEM JA . 18.79 48.81 -9.49
C1C HEM JA . 15.27 45.75 -10.09
C2C HEM JA . 14.16 46.26 -10.86
C3C HEM JA . 13.29 45.23 -11.07
C4C HEM JA . 13.82 44.03 -10.43
CMC HEM JA . 14.01 47.72 -11.34
CAC HEM JA . 11.96 45.29 -11.86
CBC HEM JA . 10.81 45.10 -11.21
C1D HEM JA . 13.67 41.57 -9.96
C2D HEM JA . 12.96 40.29 -10.01
C3D HEM JA . 13.92 39.25 -9.49
C4D HEM JA . 15.10 40.01 -9.17
CMD HEM JA . 11.52 40.03 -10.51
CAD HEM JA . 13.69 37.74 -9.33
CBD HEM JA . 14.50 36.97 -10.39
CGD HEM JA . 14.23 35.47 -10.29
O1D HEM JA . 15.05 34.57 -10.51
O2D HEM JA . 13.12 35.06 -9.97
NA HEM JA . 17.64 41.52 -8.59
NB HEM JA . 17.66 44.43 -9.05
NC HEM JA . 15.02 44.39 -9.85
ND HEM JA . 14.90 41.34 -9.45
FE HEM JA . 16.27 42.96 -9.24
N NO2 KA . 15.22 43.98 -6.84
O1 NO2 KA . 13.97 43.51 -6.29
O2 NO2 KA . 16.11 42.87 -7.20
CA CA LA . 0.51 53.43 -11.92
CHA HEM MA . 9.16 58.61 -30.77
CHB HEM MA . 8.21 61.52 -34.53
CHC HEM MA . 3.49 60.53 -34.18
CHD HEM MA . 4.52 57.36 -30.65
C1A HEM MA . 9.33 59.52 -31.81
C2A HEM MA . 10.55 60.25 -32.20
C3A HEM MA . 10.22 61.04 -33.24
C4A HEM MA . 8.84 60.86 -33.52
CMA HEM MA . 11.08 62.01 -34.07
CAA HEM MA . 11.98 60.18 -31.65
CBA HEM MA . 12.22 60.99 -30.40
CGA HEM MA . 13.45 60.46 -29.66
O1A HEM MA . 13.98 61.13 -28.78
O2A HEM MA . 13.94 59.33 -29.81
C1B HEM MA . 6.86 61.52 -34.64
C2B HEM MA . 6.20 62.56 -35.39
C3B HEM MA . 4.92 62.33 -35.28
C4B HEM MA . 4.71 61.10 -34.48
CMB HEM MA . 6.85 63.74 -36.14
CAB HEM MA . 3.88 63.30 -35.96
CBB HEM MA . 2.95 62.78 -36.76
C1C HEM MA . 3.38 59.50 -33.29
C2C HEM MA . 2.21 58.70 -33.11
C3C HEM MA . 2.48 57.81 -32.17
C4C HEM MA . 3.86 58.02 -31.68
CMC HEM MA . 0.92 58.88 -33.91
CAC HEM MA . 1.45 56.75 -31.70
CBC HEM MA . 0.98 56.97 -30.48
C1D HEM MA . 5.84 57.37 -30.32
C2D HEM MA . 6.47 56.49 -29.39
C3D HEM MA . 7.96 56.87 -29.42
C4D HEM MA . 8.03 57.95 -30.37
CMD HEM MA . 5.69 55.39 -28.57
CAD HEM MA . 9.16 56.24 -28.64
CBD HEM MA . 9.93 55.18 -29.48
CGD HEM MA . 11.05 54.64 -28.61
O1D HEM MA . 12.11 54.15 -29.08
O2D HEM MA . 10.99 54.61 -27.34
NA HEM MA . 8.30 59.94 -32.67
NB HEM MA . 5.95 60.62 -34.07
NC HEM MA . 4.36 59.06 -32.42
ND HEM MA . 6.78 58.19 -30.83
FE HEM MA . 6.26 59.48 -32.50
N NO2 NA . 5.26 61.58 -31.31
O1 NO2 NA . 5.20 61.67 -29.86
O2 NO2 NA . 6.65 61.28 -31.64
CA CA OA . -11.80 56.42 -27.40
CHA HEM PA . -13.78 46.85 -46.61
CHB HEM PA . -17.24 45.10 -49.42
CHC HEM PA . -19.41 42.85 -45.77
CHD HEM PA . -15.81 44.37 -43.03
C1A HEM PA . -14.54 46.58 -47.72
C2A HEM PA . -14.30 46.97 -49.08
C3A HEM PA . -15.28 46.44 -49.84
C4A HEM PA . -16.16 45.73 -48.98
CMA HEM PA . -15.58 46.53 -51.36
CAA HEM PA . -13.14 47.84 -49.58
CBA HEM PA . -13.44 49.30 -49.34
CGA HEM PA . -12.22 50.17 -49.57
O1A HEM PA . -12.36 51.38 -49.69
O2A HEM PA . -11.05 49.77 -49.61
C1B HEM PA . -18.14 44.40 -48.66
C2B HEM PA . -19.41 43.87 -49.18
C3B HEM PA . -20.01 43.27 -48.16
C4B HEM PA . -19.15 43.37 -46.98
CMB HEM PA . -20.01 43.96 -50.61
CAB HEM PA . -21.39 42.61 -48.23
CBB HEM PA . -21.62 41.69 -47.25
C1C HEM PA . -18.56 43.00 -44.73
C2C HEM PA . -18.72 42.39 -43.41
C3C HEM PA . -17.72 42.81 -42.66
C4C HEM PA . -16.89 43.70 -43.49
CMC HEM PA . -19.86 41.45 -42.98
CAC HEM PA . -17.44 42.42 -41.19
CBC HEM PA . -17.41 43.38 -40.29
C1D HEM PA . -14.98 45.22 -43.68
C2D HEM PA . -13.84 45.89 -43.05
C3D HEM PA . -13.18 46.65 -44.21
C4D HEM PA . -14.01 46.35 -45.36
CMD HEM PA . -13.40 45.77 -41.55
CAD HEM PA . -11.89 47.51 -44.18
CBD HEM PA . -10.69 46.62 -44.65
CGD HEM PA . -9.38 47.39 -44.64
O1D HEM PA . -8.50 47.39 -45.50
O2D HEM PA . -9.08 48.12 -43.68
NA HEM PA . -15.68 45.79 -47.71
NB HEM PA . -18.01 44.06 -47.30
NC HEM PA . -17.40 43.78 -44.75
ND HEM PA . -15.05 45.49 -45.02
FE HEM PA . -16.61 44.71 -46.08
N NO2 QA . -18.54 46.58 -45.24
O1 NO2 QA . -18.11 47.40 -44.13
O2 NO2 QA . -17.36 46.54 -46.08
CA CA RA . -23.99 41.02 -28.68
CHA HEM SA . -21.17 20.01 -33.98
CHB HEM SA . -22.33 15.62 -32.25
CHC HEM SA . -21.38 16.95 -27.78
CHD HEM SA . -19.88 21.24 -29.44
C1A HEM SA . -21.61 18.68 -33.88
C2A HEM SA . -22.10 17.86 -34.98
C3A HEM SA . -22.42 16.65 -34.50
C4A HEM SA . -22.14 16.68 -33.08
CMA HEM SA . -22.97 15.41 -35.28
CAA HEM SA . -22.18 18.29 -36.47
CBA HEM SA . -23.41 19.13 -36.69
CGA HEM SA . -23.38 19.57 -38.16
O1A HEM SA . -24.37 19.94 -38.73
O2A HEM SA . -22.34 19.61 -38.83
C1B HEM SA . -22.26 15.69 -30.90
C2B HEM SA . -22.83 14.67 -30.06
C3B HEM SA . -22.61 15.04 -28.81
C4B HEM SA . -21.86 16.28 -28.85
CMB HEM SA . -23.63 13.43 -30.50
CAB HEM SA . -23.12 14.25 -27.60
CBB HEM SA . -22.40 14.11 -26.51
C1C HEM SA . -20.76 18.16 -27.84
C2C HEM SA . -20.07 18.85 -26.75
C3C HEM SA . -19.66 20.03 -27.23
C4C HEM SA . -20.09 20.14 -28.63
CMC HEM SA . -19.82 18.38 -25.29
CAC HEM SA . -18.86 21.08 -26.42
CBC HEM SA . -19.48 22.26 -26.23
C1D HEM SA . -20.10 21.38 -30.78
C2D HEM SA . -19.83 22.53 -31.60
C3D HEM SA . -20.21 22.14 -33.05
C4D HEM SA . -20.71 20.80 -32.95
CMD HEM SA . -19.24 23.86 -31.09
CAD HEM SA . -20.07 23.01 -34.33
CBD HEM SA . -18.78 22.57 -35.07
CGD HEM SA . -18.64 23.44 -36.29
O1D HEM SA . -18.09 23.14 -37.38
O2D HEM SA . -19.07 24.60 -36.24
NA HEM SA . -21.64 17.89 -32.71
NB HEM SA . -21.65 16.69 -30.16
NC HEM SA . -20.72 18.95 -28.97
ND HEM SA . -20.61 20.40 -31.60
FE HEM SA . -21.19 18.42 -30.76
N NO2 TA . -23.65 19.50 -29.84
O1 NO2 TA . -24.16 20.76 -29.46
O2 NO2 TA . -22.76 19.93 -30.91
CA CA UA . -19.53 28.08 -14.24
CA CA VA . -4.40 35.74 -3.78
CHA HEM WA . -2.28 15.54 -10.57
CHB HEM WA . 0.67 14.41 -6.94
CHC HEM WA . 1.10 19.01 -5.57
CHD HEM WA . -1.62 20.21 -9.42
C1A HEM WA . -1.51 14.83 -9.66
C2A HEM WA . -1.42 13.38 -9.59
C3A HEM WA . -0.59 13.09 -8.59
C4A HEM WA . -0.16 14.34 -8.00
CMA HEM WA . -0.10 11.70 -8.09
CAA HEM WA . -2.07 12.37 -10.56
CBA HEM WA . -3.46 11.99 -10.12
CGA HEM WA . -4.09 11.10 -11.17
O1A HEM WA . -4.98 10.34 -10.84
O2A HEM WA . -3.80 11.12 -12.39
C1B HEM WA . 0.96 15.57 -6.25
C2B HEM WA . 1.69 15.57 -4.96
C3B HEM WA . 1.77 16.83 -4.61
C4B HEM WA . 1.15 17.66 -5.63
CMB HEM WA . 2.23 14.36 -4.17
CAB HEM WA . 2.40 17.35 -3.30
CBB HEM WA . 3.48 18.10 -3.40
C1C HEM WA . 0.50 19.76 -6.52
C2C HEM WA . 0.53 21.18 -6.65
C3C HEM WA . -0.22 21.49 -7.72
C4C HEM WA . -0.76 20.28 -8.31
CMC HEM WA . 1.27 22.18 -5.76
CAC HEM WA . -0.50 22.91 -8.28
CBC HEM WA . -1.77 23.31 -8.31
C1D HEM WA . -2.11 19.12 -10.09
C2D HEM WA . -2.97 19.09 -11.23
C3D HEM WA . -3.17 17.59 -11.60
C4D HEM WA . -2.41 16.90 -10.62
CMD HEM WA . -3.54 20.32 -11.96
CAD HEM WA . -3.96 16.89 -12.74
CBD HEM WA . -3.06 16.69 -13.99
CGD HEM WA . -3.86 16.08 -15.13
O1D HEM WA . -3.49 15.17 -15.87
O2D HEM WA . -5.00 16.46 -15.39
NA HEM WA . -0.73 15.38 -8.66
NB HEM WA . 0.64 16.87 -6.64
NC HEM WA . -0.25 19.23 -7.53
ND HEM WA . -1.82 17.82 -9.77
FE HEM WA . -0.50 17.33 -8.07
N NO2 XA . -2.42 17.54 -6.02
O1 NO2 XA . -3.69 18.22 -6.18
O2 NO2 XA . -2.29 16.66 -7.17
CHA HEM YA . 30.33 -20.00 -22.68
CHB HEM YA . 30.11 -22.29 -18.39
CHC HEM YA . 25.95 -24.40 -19.50
CHD HEM YA . 25.86 -21.81 -23.53
C1A HEM YA . 30.64 -20.48 -21.44
C2A HEM YA . 31.89 -20.25 -20.72
C3A HEM YA . 31.79 -20.89 -19.55
C4A HEM YA . 30.51 -21.55 -19.49
CMA HEM YA . 32.79 -20.95 -18.41
CAA HEM YA . 33.08 -19.36 -21.12
CBA HEM YA . 33.96 -19.97 -22.17
CGA HEM YA . 34.93 -18.92 -22.72
O1A HEM YA . 36.08 -19.22 -23.07
O2A HEM YA . 34.63 -17.74 -22.88
C1B HEM YA . 29.02 -23.12 -18.38
C2B HEM YA . 28.85 -24.23 -17.45
C3B HEM YA . 27.72 -24.83 -17.76
C4B HEM YA . 27.14 -24.10 -18.89
CMB HEM YA . 29.81 -24.69 -16.32
CAB HEM YA . 27.19 -26.10 -17.02
CBB HEM YA . 25.87 -26.30 -16.95
C1C HEM YA . 25.48 -23.80 -20.63
C2C HEM YA . 24.16 -23.92 -21.16
C3C HEM YA . 24.12 -23.18 -22.28
C4C HEM YA . 25.45 -22.60 -22.48
CMC HEM YA . 23.02 -24.73 -20.51
CAC HEM YA . 22.92 -22.97 -23.22
CBC HEM YA . 23.08 -23.39 -24.47
C1D HEM YA . 27.03 -21.10 -23.70
C2D HEM YA . 27.31 -20.19 -24.80
C3D HEM YA . 28.72 -19.59 -24.56
C4D HEM YA . 29.13 -20.23 -23.31
CMD HEM YA . 26.36 -19.89 -25.99
CAD HEM YA . 29.49 -18.56 -25.41
CBD HEM YA . 29.60 -17.13 -24.67
CGD HEM YA . 30.09 -16.07 -25.64
O1D HEM YA . 30.55 -14.94 -25.40
O2D HEM YA . 30.02 -16.36 -26.85
NA HEM YA . 29.79 -21.28 -20.65
NB HEM YA . 27.95 -23.05 -19.27
NC HEM YA . 26.23 -22.99 -21.45
ND HEM YA . 28.12 -21.09 -22.85
FE HEM YA . 28.02 -22.12 -21.07
N NO2 ZA . 28.83 -24.48 -22.06
O1 NO2 ZA . 28.75 -24.69 -23.49
O2 NO2 ZA . 29.47 -23.15 -22.01
CA CA AB . 13.59 -30.82 -29.91
CHA HEM BB . 1.07 -21.78 -14.80
CHB HEM BB . -3.40 -21.86 -12.98
CHC HEM BB . -4.97 -21.93 -17.53
CHD HEM BB . -0.54 -21.29 -19.39
C1A HEM BB . -0.02 -21.84 -13.95
C2A HEM BB . 0.10 -21.97 -12.50
C3A HEM BB . -1.14 -22.00 -12.00
C4A HEM BB . -2.06 -21.90 -13.10
CMA HEM BB . -1.59 -22.09 -10.55
CAA HEM BB . 1.42 -21.98 -11.73
CBA HEM BB . 1.88 -23.36 -11.43
CGA HEM BB . 3.20 -23.25 -10.73
O1A HEM BB . 3.65 -24.29 -10.27
O2A HEM BB . 3.86 -22.22 -10.60
C1B HEM BB . -4.18 -21.94 -14.09
C2B HEM BB . -5.61 -22.22 -14.04
C3B HEM BB . -6.05 -22.27 -15.28
C4B HEM BB . -4.90 -21.99 -16.16
CMB HEM BB . -6.52 -22.48 -12.80
CAB HEM BB . -7.55 -22.58 -15.64
CBB HEM BB . -7.90 -22.35 -16.95
C1C HEM BB . -3.95 -21.69 -18.43
C2C HEM BB . -4.10 -21.46 -19.84
C3C HEM BB . -2.88 -21.26 -20.34
C4C HEM BB . -1.91 -21.37 -19.27
CMC HEM BB . -5.46 -21.41 -20.60
CAC HEM BB . -2.53 -20.93 -21.79
CBC HEM BB . -1.83 -21.83 -22.48
C1D HEM BB . 0.33 -21.41 -18.33
C2D HEM BB . 1.78 -21.35 -18.38
C3D HEM BB . 2.28 -21.50 -16.94
C4D HEM BB . 1.08 -21.64 -16.17
CMD HEM BB . 2.62 -21.20 -19.65
CAD HEM BB . 3.72 -21.48 -16.38
CBD HEM BB . 4.09 -19.98 -16.11
CGD HEM BB . 5.55 -19.84 -15.69
O1D HEM BB . 5.94 -19.17 -14.72
O2D HEM BB . 6.44 -20.44 -16.31
NA HEM BB . -1.36 -21.77 -14.28
NB HEM BB . -3.77 -21.79 -15.42
NC HEM BB . -2.61 -21.63 -18.11
ND HEM BB . -0.03 -21.58 -17.01
FE HEM BB . -2.00 -21.70 -16.25
N NO2 CB . -2.33 -24.57 -17.00
O1 NO2 CB . -1.20 -25.25 -17.59
O2 NO2 CB . -1.86 -23.88 -15.81
CA CA DB . -5.06 -25.44 -34.84
CHA HEM EB . -14.90 -6.29 -35.21
CHB HEM EB . -17.67 -3.70 -38.25
CHC HEM EB . -14.91 -4.79 -42.14
CHD HEM EB . -11.93 -6.97 -38.99
C1A HEM EB . -15.92 -5.50 -35.70
C2A HEM EB . -17.05 -4.94 -34.97
C3A HEM EB . -17.79 -4.23 -35.85
C4A HEM EB . -17.16 -4.30 -37.14
CMA HEM EB . -19.07 -3.43 -35.59
CAA HEM EB . -17.35 -5.07 -33.47
CBA HEM EB . -17.97 -6.41 -33.23
CGA HEM EB . -18.10 -6.65 -31.75
O1A HEM EB . -18.95 -7.42 -31.31
O2A HEM EB . -17.35 -6.09 -30.92
C1B HEM EB . -17.23 -3.90 -39.53
C2B HEM EB . -18.02 -3.62 -40.75
C3B HEM EB . -17.28 -3.93 -41.81
C4B HEM EB . -15.96 -4.40 -41.34
CMB HEM EB . -19.45 -3.04 -40.87
CAB HEM EB . -17.72 -3.76 -43.29
CBB HEM EB . -16.74 -3.18 -43.99
C1C HEM EB . -13.80 -5.39 -41.61
C2C HEM EB . -12.55 -5.72 -42.27
C3C HEM EB . -11.74 -6.28 -41.37
C4C HEM EB . -12.44 -6.37 -40.10
CMC HEM EB . -12.15 -5.45 -43.73
CAC HEM EB . -10.30 -6.78 -41.56
CBC HEM EB . -10.12 -8.01 -42.02
C1D HEM EB . -12.43 -7.06 -37.73
C2D HEM EB . -11.83 -7.74 -36.61
C3D HEM EB . -12.76 -7.52 -35.40
C4D HEM EB . -13.83 -6.73 -35.93
CMD HEM EB . -10.49 -8.53 -36.61
CAD HEM EB . -12.56 -7.99 -33.94
CBD HEM EB . -11.93 -6.75 -33.17
CGD HEM EB . -11.63 -7.06 -31.72
O1D HEM EB . -11.47 -6.25 -30.79
O2D HEM EB . -11.53 -8.25 -31.40
NA HEM EB . -16.02 -5.04 -37.02
NB HEM EB . -15.97 -4.36 -39.92
NC HEM EB . -13.67 -5.79 -40.28
ND HEM EB . -13.59 -6.48 -37.28
FE HEM EB . -14.79 -5.48 -38.70
N NO2 FB . -16.97 -8.09 -39.28
O1 NO2 FB . -15.83 -8.97 -39.84
O2 NO2 FB . -16.21 -7.07 -38.65
CA CA GB . -3.92 -14.36 -51.68
CHA HEM HB . 4.38 5.28 -55.85
CHB HEM HB . 7.24 7.26 -59.11
CHC HEM HB . 10.19 3.51 -59.10
CHD HEM HB . 7.51 1.56 -55.59
C1A HEM HB . 4.88 6.16 -56.79
C2A HEM HB . 4.23 7.36 -57.28
C3A HEM HB . 5.04 7.92 -58.19
C4A HEM HB . 6.19 7.06 -58.30
CMA HEM HB . 4.82 9.22 -59.00
CAA HEM HB . 2.87 7.91 -56.78
CBA HEM HB . 1.67 7.44 -57.57
CGA HEM HB . 0.46 7.78 -56.75
O1A HEM HB . -0.62 8.00 -57.25
O2A HEM HB . 0.52 7.86 -55.53
C1B HEM HB . 8.22 6.37 -59.45
C2B HEM HB . 9.08 6.54 -60.64
C3B HEM HB . 9.88 5.48 -60.64
C4B HEM HB . 9.56 4.66 -59.47
CMB HEM HB . 9.06 7.67 -61.72
CAB HEM HB . 10.91 5.24 -61.76
CBB HEM HB . 12.18 5.06 -61.40
C1C HEM HB . 9.81 2.70 -58.06
C2C HEM HB . 10.55 1.61 -57.46
C3C HEM HB . 9.81 1.10 -56.48
C4C HEM HB . 8.56 1.83 -56.44
CMC HEM HB . 11.98 1.12 -57.84
CAC HEM HB . 10.25 -0.06 -55.58
CBC HEM HB . 9.57 -1.19 -55.61
C1D HEM HB . 6.39 2.31 -55.34
C2D HEM HB . 5.30 1.98 -54.42
C3D HEM HB . 4.32 3.14 -54.50
C4D HEM HB . 4.91 4.07 -55.45
CMD HEM HB . 5.19 0.72 -53.53
CAD HEM HB . 2.99 3.31 -53.69
CBD HEM HB . 3.30 4.00 -52.36
CGD HEM HB . 2.01 4.43 -51.69
O1D HEM HB . 1.66 5.55 -51.38
O2D HEM HB . 1.23 3.59 -51.37
NA HEM HB . 6.10 6.00 -57.43
NB HEM HB . 8.53 5.24 -58.76
NC HEM HB . 8.62 2.81 -57.40
ND HEM HB . 6.11 3.54 -55.91
FE HEM HB . 7.41 4.37 -57.43
N NO2 IB . 6.48 2.69 -59.12
O1 NO2 IB . 5.57 1.63 -59.46
O2 NO2 IB . 5.66 3.76 -58.53
CA CA JB . 15.46 -13.11 -56.95
CA CA KB . 26.11 -23.30 -43.46
CHA HEM LB . 32.40 -3.39 -47.80
CHB HEM LB . 36.98 -4.35 -46.63
CHC HEM LB . 35.71 -8.70 -44.95
CHD HEM LB . 31.08 -7.54 -45.75
C1A HEM LB . 33.75 -3.29 -47.64
C2A HEM LB . 34.55 -2.15 -48.09
C3A HEM LB . 35.81 -2.44 -47.77
C4A HEM LB . 35.85 -3.74 -47.12
CMA HEM LB . 37.04 -1.56 -48.00
CAA HEM LB . 34.02 -0.86 -48.77
CBA HEM LB . 34.00 -1.06 -50.26
CGA HEM LB . 33.30 0.08 -50.92
O1A HEM LB . 33.57 0.38 -52.10
O2A HEM LB . 32.43 0.73 -50.32
C1B HEM LB . 37.01 -5.63 -46.15
C2B HEM LB . 38.23 -6.39 -45.96
C3B HEM LB . 37.91 -7.59 -45.51
C4B HEM LB . 36.45 -7.64 -45.41
CMB HEM LB . 39.65 -5.90 -46.24
CAB HEM LB . 38.92 -8.72 -45.23
CBB HEM LB . 38.93 -9.35 -44.06
C1C HEM LB . 34.36 -8.71 -44.90
C2C HEM LB . 33.53 -9.69 -44.22
C3C HEM LB . 32.24 -9.35 -44.45
C4C HEM LB . 32.23 -8.16 -45.29
CMC HEM LB . 34.05 -10.89 -43.36
CAC HEM LB . 30.94 -10.05 -43.94
CBC HEM LB . 30.34 -10.86 -44.82
C1D HEM LB . 30.99 -6.38 -46.43
C2D HEM LB . 29.77 -5.75 -46.92
C3D HEM LB . 30.19 -4.43 -47.58
C4D HEM LB . 31.62 -4.42 -47.37
CMD HEM LB . 28.33 -6.29 -46.82
CAD HEM LB . 29.32 -3.33 -48.26
CBD HEM LB . 29.10 -2.17 -47.25
CGD HEM LB . 27.93 -1.27 -47.65
O1D HEM LB . 27.89 -0.02 -47.59
O2D HEM LB . 26.93 -1.79 -48.09
NA HEM LB . 34.57 -4.24 -47.04
NB HEM LB . 35.91 -6.43 -45.82
NC HEM LB . 33.55 -7.78 -45.52
ND HEM LB . 32.05 -5.57 -46.72
FE HEM LB . 34.05 -6.07 -46.25
N NO2 MB . 34.40 -7.67 -48.49
O1 NO2 MB . 33.46 -8.15 -49.46
O2 NO2 MB . 33.97 -6.34 -48.13
CHA HEM NB . -20.11 -43.98 50.50
CHB HEM NB . -20.29 -44.05 55.31
CHC HEM NB . -22.92 -40.01 55.37
CHD HEM NB . -22.46 -39.73 50.57
C1A HEM NB . -19.98 -44.33 51.81
C2A HEM NB . -19.34 -45.56 52.24
C3A HEM NB . -19.39 -45.56 53.58
C4A HEM NB . -20.07 -44.37 54.00
CMA HEM NB . -18.83 -46.64 54.53
CAA HEM NB . -18.65 -46.60 51.34
CBA HEM NB . -19.48 -47.81 51.02
CGA HEM NB . -18.74 -48.47 49.86
O1A HEM NB . -18.95 -49.64 49.53
O2A HEM NB . -17.92 -47.84 49.21
C1B HEM NB . -21.12 -43.05 55.68
C2B HEM NB . -21.78 -43.04 56.98
C3B HEM NB . -22.52 -41.93 57.05
C4B HEM NB . -22.33 -41.21 55.76
CMB HEM NB . -21.61 -44.13 58.08
CAB HEM NB . -23.38 -41.61 58.31
CBB HEM NB . -23.64 -40.36 58.72
C1C HEM NB . -22.96 -39.50 54.08
C2C HEM NB . -23.43 -38.20 53.68
C3C HEM NB . -23.28 -38.14 52.36
C4C HEM NB . -22.73 -39.37 51.87
CMC HEM NB . -24.00 -37.08 54.59
CAC HEM NB . -23.64 -36.91 51.51
CBC HEM NB . -24.34 -37.15 50.40
C1D HEM NB . -21.81 -40.85 50.07
C2D HEM NB . -21.47 -41.10 48.68
C3D HEM NB . -20.72 -42.46 48.65
C4D HEM NB . -20.70 -42.84 50.04
CMD HEM NB . -21.80 -40.17 47.49
CAD HEM NB . -20.09 -43.28 47.46
CBD HEM NB . -18.59 -42.91 47.36
CGD HEM NB . -17.88 -43.43 46.09
O1D HEM NB . -16.58 -43.58 46.01
O2D HEM NB . -18.59 -43.71 45.07
NA HEM NB . -20.43 -43.61 52.90
NB HEM NB . -21.46 -41.93 54.94
NC HEM NB . -22.53 -40.17 52.96
ND HEM NB . -21.32 -41.89 50.84
FE HEM NB . -21.42 -41.90 52.91
N NO2 OB . -23.91 -42.89 53.01
O1 NO2 OB . -24.90 -43.09 51.95
O2 NO2 OB . -22.73 -43.74 52.87
CA CA PB . -34.42 -28.22 49.53
CHA HEM QB . -16.77 2.62 35.53
CHB HEM QB . -16.11 5.73 31.85
CHC HEM QB . -18.61 2.87 28.90
CHD HEM QB . -18.89 -0.48 32.44
C1A HEM QB . -16.30 3.72 34.79
C2A HEM QB . -15.65 4.92 35.33
C3A HEM QB . -15.44 5.73 34.28
C4A HEM QB . -15.97 5.11 33.07
CMA HEM QB . -14.76 7.12 34.33
CAA HEM QB . -15.24 5.21 36.84
CBA HEM QB . -16.35 5.85 37.65
CGA HEM QB . -16.06 5.76 39.14
O1A HEM QB . -16.49 6.62 39.93
O2A HEM QB . -15.37 4.85 39.64
C1B HEM QB . -16.70 5.22 30.79
C2B HEM QB . -17.21 6.06 29.65
C3B HEM QB . -17.97 5.28 28.87
C4B HEM QB . -17.95 3.93 29.46
CMB HEM QB . -16.94 7.57 29.33
CAB HEM QB . -18.69 5.73 27.54
CBB HEM QB . -18.16 5.07 26.46
C1C HEM QB . -18.82 1.67 29.55
C2C HEM QB . -19.36 0.45 28.95
C3C HEM QB . -19.40 -0.44 29.94
C4C HEM QB . -18.92 0.15 31.19
CMC HEM QB . -19.76 0.19 27.47
CAC HEM QB . -19.86 -1.89 29.77
CBC HEM QB . -21.11 -2.15 30.11
C1D HEM QB . -18.46 0.02 33.64
C2D HEM QB . -18.57 -0.59 34.94
C3D HEM QB . -17.91 0.39 35.95
C4D HEM QB . -17.47 1.51 35.11
CMD HEM QB . -19.23 -1.95 35.24
CAD HEM QB . -17.68 0.24 37.51
CBD HEM QB . -16.20 -0.17 37.70
CGD HEM QB . -15.85 -0.53 39.12
O1D HEM QB . -14.73 -0.41 39.68
O2D HEM QB . -16.73 -0.99 39.79
NA HEM QB . -16.49 3.90 33.39
NB HEM QB . -17.17 3.92 30.66
NC HEM QB . -18.56 1.45 30.90
ND HEM QB . -17.82 1.24 33.77
FE HEM QB . -17.60 2.67 32.13
N NO2 RB . -20.90 4.12 32.01
O1 NO2 RB . -21.66 3.64 33.15
O2 NO2 RB . -19.60 3.75 32.50
CA CA SB . -30.48 -8.83 23.76
CHA HEM TB . -14.00 -15.01 11.18
CHB HEM TB . -13.23 -17.62 7.15
CHC HEM TB . -16.38 -20.96 8.74
CHD HEM TB . -16.93 -18.51 12.93
C1A HEM TB . -13.54 -15.41 9.94
C2A HEM TB . -12.65 -14.68 9.05
C3A HEM TB . -12.45 -15.41 7.95
C4A HEM TB . -13.21 -16.61 8.09
CMA HEM TB . -11.60 -15.08 6.72
CAA HEM TB . -12.03 -13.32 9.32
CBA HEM TB . -12.96 -12.17 8.94
CGA HEM TB . -12.39 -10.92 9.59
O1A HEM TB . -12.53 -9.80 9.11
O2A HEM TB . -11.77 -11.03 10.66
C1B HEM TB . -14.10 -18.69 7.18
C2B HEM TB . -14.47 -19.54 6.06
C3B HEM TB . -15.35 -20.44 6.49
C4B HEM TB . -15.55 -20.23 7.92
CMB HEM TB . -13.96 -19.42 4.61
CAB HEM TB . -16.01 -21.52 5.61
CBB HEM TB . -15.98 -22.79 6.03
C1C HEM TB . -16.71 -20.66 10.04
C2C HEM TB . -17.35 -21.55 10.99
C3C HEM TB . -17.49 -20.88 12.15
C4C HEM TB . -16.96 -19.53 11.99
CMC HEM TB . -17.77 -23.02 10.75
CAC HEM TB . -18.09 -21.46 13.46
CBC HEM TB . -19.20 -20.91 13.99
C1D HEM TB . -16.25 -17.33 12.86
C2D HEM TB . -16.25 -16.30 13.87
C3D HEM TB . -15.33 -15.20 13.35
C4D HEM TB . -14.85 -15.68 12.07
CMD HEM TB . -17.00 -16.32 15.21
CAD HEM TB . -14.98 -13.89 14.10
CBD HEM TB . -13.61 -14.07 14.71
CGD HEM TB . -13.14 -12.79 15.38
O1D HEM TB . -12.00 -12.33 15.29
O2D HEM TB . -13.88 -12.15 16.10
NA HEM TB . -13.84 -16.60 9.32
NB HEM TB . -14.78 -19.16 8.32
NC HEM TB . -16.47 -19.45 10.69
ND HEM TB . -15.43 -16.92 11.83
FE HEM TB . -15.16 -18.01 10.09
N NO2 UB . -18.23 -17.40 8.99
O1 NO2 UB . -19.05 -16.29 9.50
O2 NO2 UB . -16.78 -17.10 9.12
CA CA VB . -30.05 -27.71 17.49
CA CA WB . -32.36 -40.07 33.43
CHA HEM XB . -15.78 -44.05 20.29
CHB HEM XB . -15.70 -48.76 21.49
CHC HEM XB . -18.97 -47.87 24.99
CHD HEM XB . -18.52 -43.02 24.28
C1A HEM XB . -15.51 -45.42 20.29
C2A HEM XB . -14.66 -46.17 19.36
C3A HEM XB . -14.65 -47.46 19.73
C4A HEM XB . -15.48 -47.58 20.88
CMA HEM XB . -13.94 -48.70 19.12
CAA HEM XB . -13.85 -45.57 18.18
CBA HEM XB . -14.74 -45.40 16.92
CGA HEM XB . -13.89 -44.60 15.93
O1A HEM XB . -14.20 -44.66 14.76
O2A HEM XB . -12.92 -43.87 16.26
C1B HEM XB . -16.63 -48.92 22.50
C2B HEM XB . -17.11 -50.23 22.99
C3B HEM XB . -18.03 -49.99 23.94
C4B HEM XB . -18.15 -48.54 24.10
CMB HEM XB . -16.67 -51.64 22.48
CAB HEM XB . -18.82 -51.10 24.71
CBB HEM XB . -18.83 -51.10 26.04
C1C HEM XB . -19.09 -46.49 25.14
C2C HEM XB . -19.81 -45.80 26.20
C3C HEM XB . -19.68 -44.48 26.00
C4C HEM XB . -18.86 -44.26 24.80
CMC HEM XB . -20.61 -46.48 27.38
CAC HEM XB . -20.28 -43.38 26.93
CBC HEM XB . -21.03 -42.36 26.46
C1D HEM XB . -17.81 -42.83 23.10
C2D HEM XB . -17.64 -41.56 22.41
C3D HEM XB . -16.77 -41.87 21.15
C4D HEM XB . -16.52 -43.31 21.22
CMD HEM XB . -18.20 -40.20 22.86
CAD HEM XB . -16.28 -40.86 20.05
CBD HEM XB . -14.87 -40.45 20.54
CGD HEM XB . -14.25 -39.45 19.56
O1D HEM XB . -12.97 -39.37 19.37
O2D HEM XB . -15.06 -38.67 18.97
NA HEM XB . -15.99 -46.35 21.21
NB HEM XB . -17.28 -47.91 23.20
NC HEM XB . -18.51 -45.51 24.30
ND HEM XB . -17.15 -43.83 22.38
FE HEM XB . -17.24 -45.94 22.84
N NO2 YB . -20.34 -46.16 21.96
O1 NO2 YB . -21.01 -44.95 21.50
O2 NO2 YB . -18.99 -46.23 21.40
CA CA ZB . -33.09 -9.03 43.70
CHA HEM AC . -20.61 -15.00 59.93
CHB HEM AC . -20.57 -10.51 61.73
CHC HEM AC . -22.64 -8.64 57.79
CHD HEM AC . -22.45 -13.08 55.84
C1A HEM AC . -20.44 -13.93 60.78
C2A HEM AC . -19.92 -13.99 62.14
C3A HEM AC . -19.93 -12.75 62.63
C4A HEM AC . -20.44 -11.88 61.61
CMA HEM AC . -19.47 -12.31 64.03
CAA HEM AC . -19.44 -15.27 62.85
CBA HEM AC . -20.62 -16.14 63.34
CGA HEM AC . -20.04 -17.34 64.05
O1A HEM AC . -20.54 -17.67 65.10
O2A HEM AC . -19.09 -18.03 63.62
C1B HEM AC . -21.19 -9.63 60.85
C2B HEM AC . -21.55 -8.27 61.16
C3B HEM AC . -22.14 -7.73 60.12
C4B HEM AC . -22.16 -8.74 59.07
CMB HEM AC . -21.29 -7.57 62.53
CAB HEM AC . -22.67 -6.30 60.10
CBB HEM AC . -22.39 -5.48 59.10
C1C HEM AC . -22.69 -9.67 56.87
C2C HEM AC . -23.04 -9.57 55.45
C3C HEM AC . -22.97 -10.80 54.95
C4C HEM AC . -22.58 -11.72 56.00
CMC HEM AC . -23.43 -8.30 54.65
CAC HEM AC . -23.26 -11.16 53.48
CBC HEM AC . -24.37 -11.86 53.22
C1D HEM AC . -22.01 -14.01 56.75
C2D HEM AC . -21.92 -15.43 56.53
C3D HEM AC . -21.33 -16.04 57.82
C4D HEM AC . -21.13 -14.92 58.67
CMD HEM AC . -22.31 -16.17 55.23
CAD HEM AC . -20.95 -17.50 58.16
CBD HEM AC . -19.42 -17.67 57.95
CGD HEM AC . -18.98 -19.13 58.00
O1D HEM AC . -17.86 -19.54 58.34
O2D HEM AC . -19.80 -20.02 57.68
NA HEM AC . -20.72 -12.61 60.48
NB HEM AC . -21.56 -9.88 59.54
NC HEM AC . -22.39 -11.00 57.14
ND HEM AC . -21.53 -13.73 58.01
FE HEM AC . -21.58 -11.78 58.74
N NO2 BC . -24.52 -12.25 59.24
O1 NO2 BC . -25.37 -13.05 60.07
O2 NO2 BC . -23.29 -13.03 59.11
#